data_8K8V
#
_entry.id   8K8V
#
_cell.length_a   1.00
_cell.length_b   1.00
_cell.length_c   1.00
_cell.angle_alpha   90.00
_cell.angle_beta   90.00
_cell.angle_gamma   90.00
#
_symmetry.space_group_name_H-M   'P 1'
#
loop_
_entity.id
_entity.type
_entity.pdbx_description
1 polymer 'endopeptidase La'
2 non-polymer 'PHOSPHATE ION'
#
_entity_poly.entity_id   1
_entity_poly.type   'polypeptide(L)'
_entity_poly.pdbx_seq_one_letter_code
;MRLSYEALEWRTPIENSTEPVSLPPPPPFFGQERAREALELAIRGGFHAYLVGPPSLGKHEALLAYLSTQSVETPPDLLY
VPLSERKVAVLTLPSGQEIHLAEAVEGLLLEVNRLDELFRQGSFLREKTQLEARFKEAREQQLEALRREAQEAGFALSTN
GERLELTGPGPVPAELSARLEEVTLGSLAASAELEVALRRLRRDWALHYLNNRFEPLFQRFPQARAYLEALRARLARYAE
TGEPLDPAQWRPNLLTSSSSGTPPPIVYEPYATAPRLFGRLDYLVDRGVWSTNVSLIRPGAVHRAQGGYLILDALSLKRE
GTWEAFKRALRNGQVEPVTEPQAPAGLEVEPFPIQMQVILVGTPEAFEGLEEDPAFSELFRIRAEFSPTLPASPENCTAL
GGWLLAQGFQLTQGGLTRLYDEARRMAEQRDRMDARLVEIRALAEEAAVLGGGLLTAESVEQAIAAREHRSFLSEEEFLR
AVQEGVIRLRTTGRAVGEVNSLVVVEAAPYWGRPARLTARAAPGRDHLISIDREAGLGGQIFHKAVLTLAGYLRSRYIEH
GSLPVTISLAFEQNYVSIEGDSAGLAELVAALSAIGNLPLRQDLAVTGAVDQTGKVLAVGAINAKVEGFFRVCKALGLSG
TQGVILPEANLANLTLRAEVLEAVRAGQFHIYAVETAEQALEILAGARMEGFRGLQEKIRAGLEAFARLEEGHDKEDREK
LAAALEHHHHHH
;
_entity_poly.pdbx_strand_id   A,G,F,E,D,B,C
#
loop_
_chem_comp.id
_chem_comp.type
_chem_comp.name
_chem_comp.formula
PO4 non-polymer 'PHOSPHATE ION' 'O4 P -3'
#
# COMPACT_ATOMS: atom_id res chain seq x y z
N MET A 1 35.03 -29.93 -44.46
CA MET A 1 36.44 -30.21 -44.68
C MET A 1 37.16 -30.44 -43.36
N ARG A 2 38.18 -31.30 -43.39
CA ARG A 2 38.96 -31.62 -42.21
C ARG A 2 40.10 -30.62 -42.08
N LEU A 3 40.07 -29.80 -41.03
CA LEU A 3 41.09 -28.79 -40.84
C LEU A 3 42.40 -29.44 -40.40
N SER A 4 43.50 -28.97 -40.97
CA SER A 4 44.81 -29.42 -40.55
C SER A 4 45.23 -28.69 -39.28
N TYR A 5 46.36 -29.13 -38.71
CA TYR A 5 46.86 -28.48 -37.50
C TYR A 5 47.28 -27.04 -37.79
N GLU A 6 47.94 -26.81 -38.92
CA GLU A 6 48.38 -25.46 -39.26
C GLU A 6 47.19 -24.54 -39.52
N ALA A 7 46.10 -25.07 -40.09
CA ALA A 7 44.90 -24.28 -40.26
C ALA A 7 44.20 -24.02 -38.93
N LEU A 8 44.58 -24.73 -37.87
CA LEU A 8 43.99 -24.55 -36.56
C LEU A 8 44.92 -23.91 -35.55
N GLU A 9 46.22 -23.92 -35.80
CA GLU A 9 47.18 -23.35 -34.86
C GLU A 9 47.05 -21.83 -34.84
N TRP A 10 46.96 -21.27 -33.63
CA TRP A 10 46.72 -19.85 -33.46
C TRP A 10 47.75 -19.18 -32.55
N ARG A 11 48.45 -19.94 -31.71
CA ARG A 11 49.35 -19.36 -30.73
C ARG A 11 50.56 -18.73 -31.42
N THR A 12 50.98 -17.58 -30.89
CA THR A 12 52.15 -16.91 -31.44
C THR A 12 53.39 -17.77 -31.22
N PRO A 13 54.19 -18.03 -32.25
CA PRO A 13 55.37 -18.89 -32.08
C PRO A 13 56.37 -18.33 -31.09
N ILE A 14 56.62 -19.08 -30.01
CA ILE A 14 57.60 -18.64 -29.02
C ILE A 14 59.00 -18.94 -29.55
N GLU A 15 59.84 -17.91 -29.62
CA GLU A 15 61.20 -18.04 -30.11
C GLU A 15 62.23 -18.05 -28.99
N ASN A 16 61.97 -17.39 -27.87
CA ASN A 16 62.84 -17.44 -26.71
C ASN A 16 62.04 -17.04 -25.48
N SER A 17 62.45 -17.56 -24.32
CA SER A 17 61.76 -17.28 -23.07
C SER A 17 62.73 -17.02 -21.92
N THR A 18 63.99 -16.75 -22.21
CA THR A 18 65.00 -16.59 -21.15
C THR A 18 65.17 -15.14 -20.72
N GLU A 19 65.54 -14.27 -21.67
CA GLU A 19 65.84 -12.90 -21.26
C GLU A 19 64.55 -12.11 -21.02
N PRO A 20 64.55 -11.23 -20.03
CA PRO A 20 63.38 -10.36 -19.82
C PRO A 20 63.25 -9.34 -20.95
N VAL A 21 62.02 -8.90 -21.16
CA VAL A 21 61.74 -7.93 -22.21
C VAL A 21 61.91 -6.52 -21.67
N SER A 22 62.41 -5.64 -22.54
CA SER A 22 62.52 -4.21 -22.24
C SER A 22 61.67 -3.46 -23.25
N LEU A 23 60.51 -2.99 -22.81
CA LEU A 23 59.55 -2.35 -23.70
C LEU A 23 59.14 -1.01 -23.12
N PRO A 24 59.14 0.06 -23.92
CA PRO A 24 58.67 1.35 -23.42
C PRO A 24 57.19 1.30 -23.10
N PRO A 25 56.72 2.10 -22.15
CA PRO A 25 55.29 2.10 -21.83
C PRO A 25 54.49 2.53 -23.04
N PRO A 26 53.32 1.93 -23.25
CA PRO A 26 52.49 2.30 -24.40
C PRO A 26 51.83 3.64 -24.17
N PRO A 27 51.43 4.33 -25.24
CA PRO A 27 50.65 5.55 -25.06
C PRO A 27 49.29 5.22 -24.47
N PRO A 28 48.69 6.16 -23.73
CA PRO A 28 47.35 5.90 -23.18
C PRO A 28 46.36 5.62 -24.30
N PHE A 29 45.45 4.68 -24.01
CA PHE A 29 44.51 4.16 -25.01
C PHE A 29 45.27 3.56 -26.21
N PHE A 30 46.09 2.56 -25.91
CA PHE A 30 46.74 1.80 -26.98
C PHE A 30 45.79 0.76 -27.53
N GLY A 31 45.70 0.69 -28.86
CA GLY A 31 44.69 -0.13 -29.49
C GLY A 31 43.29 0.42 -29.37
N GLN A 32 43.13 1.63 -28.83
CA GLN A 32 41.84 2.28 -28.64
C GLN A 32 41.86 3.65 -29.31
N GLU A 33 42.28 3.67 -30.58
CA GLU A 33 42.47 4.93 -31.29
C GLU A 33 41.17 5.73 -31.39
N ARG A 34 40.03 5.06 -31.45
CA ARG A 34 38.76 5.78 -31.51
C ARG A 34 38.52 6.59 -30.24
N ALA A 35 38.65 5.95 -29.08
CA ALA A 35 38.47 6.66 -27.81
C ALA A 35 39.53 7.72 -27.62
N ARG A 36 40.78 7.42 -28.00
CA ARG A 36 41.85 8.41 -27.85
C ARG A 36 41.59 9.64 -28.71
N GLU A 37 41.16 9.44 -29.95
CA GLU A 37 40.85 10.58 -30.82
C GLU A 37 39.64 11.36 -30.32
N ALA A 38 38.63 10.65 -29.81
CA ALA A 38 37.46 11.33 -29.26
C ALA A 38 37.85 12.20 -28.07
N LEU A 39 38.70 11.68 -27.19
CA LEU A 39 39.16 12.46 -26.05
C LEU A 39 40.07 13.61 -26.48
N GLU A 40 40.88 13.40 -27.52
CA GLU A 40 41.66 14.51 -28.07
C GLU A 40 40.76 15.63 -28.55
N LEU A 41 39.67 15.29 -29.24
CA LEU A 41 38.72 16.30 -29.68
C LEU A 41 38.04 16.97 -28.50
N ALA A 42 37.64 16.19 -27.49
CA ALA A 42 36.96 16.74 -26.33
C ALA A 42 37.88 17.63 -25.48
N ILE A 43 39.19 17.42 -25.55
CA ILE A 43 40.14 18.25 -24.81
C ILE A 43 40.52 19.49 -25.61
N ARG A 44 40.73 19.35 -26.92
CA ARG A 44 41.03 20.50 -27.76
C ARG A 44 39.88 21.49 -27.77
N GLY A 45 38.65 20.99 -27.85
CA GLY A 45 37.49 21.85 -27.93
C GLY A 45 36.85 22.17 -26.60
N GLY A 46 37.23 21.44 -25.57
CA GLY A 46 36.65 21.66 -24.25
C GLY A 46 35.25 21.14 -24.07
N PHE A 47 34.80 20.24 -24.94
CA PHE A 47 33.48 19.66 -24.78
C PHE A 47 33.46 18.65 -23.63
N HIS A 48 32.27 18.36 -23.13
CA HIS A 48 32.09 17.27 -22.20
C HIS A 48 31.97 15.96 -22.97
N ALA A 49 32.73 14.96 -22.54
CA ALA A 49 32.75 13.67 -23.18
C ALA A 49 32.25 12.61 -22.21
N TYR A 50 32.01 11.41 -22.74
CA TYR A 50 31.64 10.27 -21.91
C TYR A 50 32.33 9.03 -22.44
N LEU A 51 32.99 8.29 -21.55
CA LEU A 51 33.71 7.09 -21.90
C LEU A 51 32.79 5.88 -21.81
N VAL A 52 32.69 5.12 -22.88
CA VAL A 52 31.79 3.98 -22.98
C VAL A 52 32.62 2.74 -23.28
N GLY A 53 32.37 1.67 -22.53
CA GLY A 53 33.05 0.42 -22.74
C GLY A 53 32.68 -0.63 -21.72
N PRO A 54 32.94 -1.89 -22.04
CA PRO A 54 32.67 -2.98 -21.10
C PRO A 54 33.50 -2.84 -19.84
N PRO A 55 33.03 -3.36 -18.71
CA PRO A 55 33.80 -3.25 -17.47
C PRO A 55 35.11 -4.02 -17.56
N SER A 56 35.96 -3.80 -16.56
CA SER A 56 37.28 -4.39 -16.46
C SER A 56 38.19 -3.97 -17.60
N LEU A 57 37.91 -2.82 -18.22
CA LEU A 57 38.76 -2.29 -19.28
C LEU A 57 39.90 -1.43 -18.75
N GLY A 58 39.86 -1.05 -17.48
CA GLY A 58 40.78 -0.06 -16.98
C GLY A 58 40.56 1.31 -17.59
N LYS A 59 39.30 1.67 -17.83
CA LYS A 59 38.99 2.96 -18.44
C LYS A 59 39.42 4.11 -17.57
N HIS A 60 39.16 4.03 -16.26
CA HIS A 60 39.54 5.11 -15.36
C HIS A 60 41.04 5.27 -15.28
N GLU A 61 41.78 4.16 -15.19
CA GLU A 61 43.24 4.23 -15.10
C GLU A 61 43.83 4.90 -16.33
N ALA A 62 43.41 4.44 -17.52
CA ALA A 62 43.92 5.01 -18.76
C ALA A 62 43.51 6.47 -18.90
N LEU A 63 42.28 6.80 -18.50
CA LEU A 63 41.80 8.18 -18.59
C LEU A 63 42.63 9.11 -17.71
N LEU A 64 42.89 8.69 -16.47
CA LEU A 64 43.71 9.52 -15.58
C LEU A 64 45.14 9.64 -16.10
N ALA A 65 45.70 8.54 -16.60
CA ALA A 65 47.05 8.59 -17.15
C ALA A 65 47.13 9.51 -18.36
N TYR A 66 46.08 9.55 -19.18
CA TYR A 66 46.07 10.42 -20.34
C TYR A 66 45.88 11.88 -19.94
N LEU A 67 44.98 12.15 -18.99
CA LEU A 67 44.75 13.52 -18.56
C LEU A 67 45.91 14.08 -17.77
N SER A 68 46.74 13.24 -17.16
CA SER A 68 47.90 13.72 -16.42
C SER A 68 48.93 14.37 -17.33
N THR A 69 48.90 14.11 -18.63
CA THR A 69 49.85 14.68 -19.58
C THR A 69 49.31 15.89 -20.31
N GLN A 70 48.09 16.34 -19.97
CA GLN A 70 47.46 17.47 -20.67
C GLN A 70 47.88 18.76 -19.99
N SER A 71 48.81 19.48 -20.62
CA SER A 71 49.25 20.78 -20.10
C SER A 71 48.22 21.83 -20.48
N VAL A 72 47.46 22.29 -19.50
CA VAL A 72 46.40 23.27 -19.74
C VAL A 72 46.89 24.61 -19.19
N GLU A 73 46.25 25.69 -19.64
CA GLU A 73 46.52 27.00 -19.07
C GLU A 73 46.22 26.98 -17.58
N THR A 74 47.05 27.66 -16.81
CA THR A 74 46.93 27.62 -15.35
C THR A 74 45.58 28.17 -14.91
N PRO A 75 44.81 27.43 -14.11
CA PRO A 75 43.49 27.90 -13.73
C PRO A 75 43.60 29.06 -12.74
N PRO A 76 42.65 30.00 -12.79
CA PRO A 76 42.66 31.09 -11.81
C PRO A 76 42.26 30.58 -10.43
N ASP A 77 42.59 31.38 -9.42
CA ASP A 77 42.23 31.09 -8.05
C ASP A 77 40.80 31.54 -7.80
N LEU A 78 39.87 30.61 -7.71
CA LEU A 78 38.50 30.90 -7.37
C LEU A 78 38.23 30.57 -5.91
N LEU A 79 37.62 31.52 -5.20
CA LEU A 79 37.39 31.36 -3.77
C LEU A 79 36.11 32.08 -3.39
N TYR A 80 35.66 31.83 -2.16
CA TYR A 80 34.45 32.43 -1.64
C TYR A 80 34.84 33.58 -0.70
N VAL A 81 34.33 34.77 -0.97
CA VAL A 81 34.63 35.93 -0.13
C VAL A 81 33.33 36.52 0.41
N PRO A 82 33.24 36.78 1.72
CA PRO A 82 32.02 37.36 2.28
C PRO A 82 31.98 38.87 2.06
N LEU A 83 31.06 39.32 1.22
CA LEU A 83 30.80 40.75 1.07
C LEU A 83 29.98 41.31 2.21
N SER A 84 29.38 40.44 3.03
CA SER A 84 28.66 40.84 4.22
C SER A 84 28.62 39.65 5.16
N GLU A 85 27.83 39.73 6.22
CA GLU A 85 27.67 38.61 7.13
C GLU A 85 26.80 37.51 6.55
N ARG A 86 26.08 37.78 5.47
CA ARG A 86 25.17 36.82 4.86
C ARG A 86 25.36 36.63 3.37
N LYS A 87 25.93 37.60 2.67
CA LYS A 87 26.10 37.50 1.22
C LYS A 87 27.56 37.17 0.91
N VAL A 88 27.78 36.01 0.28
CA VAL A 88 29.11 35.51 -0.05
C VAL A 88 29.21 35.41 -1.56
N ALA A 89 30.18 36.10 -2.14
CA ALA A 89 30.38 36.08 -3.58
C ALA A 89 31.57 35.19 -3.94
N VAL A 90 31.73 34.99 -5.24
CA VAL A 90 32.83 34.20 -5.80
C VAL A 90 33.85 35.19 -6.36
N LEU A 91 35.09 35.07 -5.91
CA LEU A 91 36.17 35.92 -6.35
C LEU A 91 37.19 35.12 -7.16
N THR A 92 37.60 35.67 -8.29
CA THR A 92 38.59 35.06 -9.16
C THR A 92 39.84 35.94 -9.17
N LEU A 93 40.97 35.36 -8.84
CA LEU A 93 42.26 36.03 -8.80
C LEU A 93 43.25 35.32 -9.70
N PRO A 94 44.34 35.98 -10.08
CA PRO A 94 45.42 35.28 -10.79
C PRO A 94 45.95 34.12 -9.96
N SER A 95 46.43 33.09 -10.65
CA SER A 95 46.88 31.88 -9.98
C SER A 95 47.98 32.19 -8.98
N GLY A 96 47.85 31.62 -7.78
CA GLY A 96 48.80 31.83 -6.71
C GLY A 96 48.57 33.07 -5.88
N GLN A 97 47.51 33.82 -6.12
CA GLN A 97 47.25 35.05 -5.38
C GLN A 97 46.29 34.87 -4.23
N GLU A 98 45.56 33.75 -4.16
CA GLU A 98 44.58 33.58 -3.09
C GLU A 98 45.24 33.41 -1.73
N ILE A 99 46.43 32.80 -1.66
CA ILE A 99 47.13 32.69 -0.38
C ILE A 99 47.61 34.06 0.09
N HIS A 100 48.07 34.89 -0.84
CA HIS A 100 48.45 36.26 -0.50
C HIS A 100 47.23 37.05 -0.02
N LEU A 101 46.09 36.86 -0.69
CA LEU A 101 44.87 37.52 -0.24
C LEU A 101 44.48 37.05 1.15
N ALA A 102 44.60 35.76 1.42
CA ALA A 102 44.26 35.24 2.73
C ALA A 102 45.13 35.83 3.82
N GLU A 103 46.45 35.91 3.58
CA GLU A 103 47.33 36.47 4.61
C GLU A 103 47.10 37.97 4.78
N ALA A 104 46.82 38.68 3.69
CA ALA A 104 46.49 40.10 3.80
C ALA A 104 45.21 40.30 4.60
N VAL A 105 44.20 39.45 4.36
CA VAL A 105 42.96 39.56 5.12
C VAL A 105 43.18 39.21 6.58
N GLU A 106 44.07 38.26 6.86
CA GLU A 106 44.42 37.98 8.25
C GLU A 106 45.04 39.20 8.92
N GLY A 107 45.94 39.89 8.22
CA GLY A 107 46.48 41.14 8.75
C GLY A 107 45.40 42.18 8.99
N LEU A 108 44.46 42.30 8.05
CA LEU A 108 43.38 43.26 8.20
C LEU A 108 42.49 42.91 9.39
N LEU A 109 42.25 41.62 9.61
CA LEU A 109 41.48 41.20 10.78
C LEU A 109 42.19 41.51 12.07
N LEU A 110 43.52 41.31 12.11
CA LEU A 110 44.28 41.70 13.29
C LEU A 110 44.40 43.22 13.44
N GLU A 111 44.08 43.98 12.38
CA GLU A 111 44.08 45.44 12.49
C GLU A 111 43.07 45.98 13.50
N VAL A 112 42.23 45.14 14.09
CA VAL A 112 41.30 45.62 15.12
C VAL A 112 42.07 46.13 16.33
N ASN A 113 43.14 45.42 16.71
CA ASN A 113 43.99 45.89 17.80
C ASN A 113 44.67 47.20 17.43
N ARG A 114 45.10 47.34 16.17
CA ARG A 114 45.66 48.61 15.72
C ARG A 114 44.66 49.74 15.87
N LEU A 115 43.40 49.48 15.50
CA LEU A 115 42.34 50.49 15.65
C LEU A 115 42.13 50.83 17.12
N ASP A 116 42.14 49.83 17.99
CA ASP A 116 41.95 50.08 19.42
C ASP A 116 43.07 50.96 19.96
N GLU A 117 44.32 50.64 19.62
CA GLU A 117 45.44 51.47 20.07
C GLU A 117 45.37 52.87 19.47
N LEU A 118 44.90 53.00 18.23
CA LEU A 118 44.68 54.32 17.66
C LEU A 118 43.66 55.11 18.46
N PHE A 119 42.61 54.45 18.91
CA PHE A 119 41.61 55.10 19.76
C PHE A 119 42.11 55.36 21.17
N ARG A 120 43.20 54.70 21.58
CA ARG A 120 43.89 55.07 22.81
C ARG A 120 45.02 56.07 22.58
N GLN A 121 45.26 56.46 21.33
CA GLN A 121 46.38 57.34 21.02
C GLN A 121 46.09 58.78 21.43
N GLY A 122 47.06 59.65 21.14
CA GLY A 122 46.95 61.03 21.58
C GLY A 122 45.96 61.86 20.78
N SER A 123 46.18 61.94 19.45
CA SER A 123 45.41 62.87 18.63
C SER A 123 43.92 62.56 18.66
N PHE A 124 43.56 61.27 18.56
CA PHE A 124 42.15 60.92 18.58
C PHE A 124 41.51 61.32 19.91
N LEU A 125 42.21 61.11 21.02
CA LEU A 125 41.64 61.45 22.31
C LEU A 125 41.58 62.97 22.51
N ARG A 126 42.53 63.71 21.96
CA ARG A 126 42.42 65.17 22.00
C ARG A 126 41.19 65.64 21.22
N GLU A 127 40.96 65.07 20.05
CA GLU A 127 39.76 65.45 19.28
C GLU A 127 38.48 65.05 20.01
N LYS A 128 38.48 63.85 20.62
CA LYS A 128 37.31 63.40 21.37
C LYS A 128 37.02 64.30 22.56
N THR A 129 38.07 64.70 23.29
CA THR A 129 37.87 65.59 24.42
C THR A 129 37.46 66.98 23.98
N GLN A 130 37.94 67.45 22.82
CA GLN A 130 37.46 68.72 22.29
C GLN A 130 35.99 68.66 21.94
N LEU A 131 35.55 67.55 21.34
CA LEU A 131 34.13 67.36 21.04
C LEU A 131 33.30 67.35 22.31
N GLU A 132 33.73 66.58 23.31
CA GLU A 132 33.01 66.51 24.56
C GLU A 132 33.01 67.85 25.28
N ALA A 133 34.11 68.60 25.18
CA ALA A 133 34.17 69.92 25.81
C ALA A 133 33.23 70.90 25.12
N ARG A 134 33.12 70.83 23.80
CA ARG A 134 32.17 71.68 23.10
C ARG A 134 30.74 71.36 23.51
N PHE A 135 30.41 70.07 23.58
CA PHE A 135 29.06 69.69 24.00
C PHE A 135 28.79 70.12 25.44
N LYS A 136 29.76 69.92 26.34
CA LYS A 136 29.58 70.31 27.73
C LYS A 136 29.47 71.82 27.88
N GLU A 137 30.24 72.57 27.08
CA GLU A 137 30.13 74.02 27.12
C GLU A 137 28.76 74.49 26.65
N ALA A 138 28.24 73.88 25.58
CA ALA A 138 26.89 74.22 25.13
C ALA A 138 25.86 73.91 26.21
N ARG A 139 25.98 72.73 26.83
CA ARG A 139 25.04 72.36 27.88
C ARG A 139 25.13 73.34 29.06
N GLU A 140 26.35 73.67 29.48
CA GLU A 140 26.52 74.58 30.62
C GLU A 140 25.98 75.97 30.29
N GLN A 141 26.18 76.43 29.05
CA GLN A 141 25.63 77.71 28.64
C GLN A 141 24.10 77.69 28.70
N GLN A 142 23.49 76.60 28.23
CA GLN A 142 22.03 76.50 28.26
C GLN A 142 21.52 76.48 29.70
N LEU A 143 22.19 75.70 30.57
CA LEU A 143 21.81 75.66 31.98
C LEU A 143 21.96 77.02 32.66
N GLU A 144 23.07 77.73 32.40
CA GLU A 144 23.26 79.02 33.05
C GLU A 144 22.28 80.06 32.52
N ALA A 145 21.93 80.00 31.23
CA ALA A 145 20.91 80.89 30.70
C ALA A 145 19.56 80.62 31.34
N LEU A 146 19.20 79.33 31.50
CA LEU A 146 17.94 78.98 32.15
C LEU A 146 17.93 79.46 33.60
N ARG A 147 19.05 79.29 34.30
CA ARG A 147 19.12 79.73 35.69
C ARG A 147 19.04 81.25 35.81
N ARG A 148 19.69 81.96 34.88
CA ARG A 148 19.62 83.42 34.88
C ARG A 148 18.19 83.89 34.63
N GLU A 149 17.50 83.24 33.70
CA GLU A 149 16.11 83.59 33.43
C GLU A 149 15.18 83.21 34.58
N ALA A 150 15.51 82.16 35.33
CA ALA A 150 14.71 81.74 36.48
C ALA A 150 14.89 82.67 37.67
N GLN A 151 16.12 83.08 37.96
CA GLN A 151 16.36 84.01 39.05
C GLN A 151 15.84 85.41 38.73
N GLU A 152 15.50 85.69 37.47
CA GLU A 152 14.85 86.94 37.13
C GLU A 152 13.49 87.04 37.80
N ALA A 153 12.75 85.93 37.85
CA ALA A 153 11.47 85.86 38.53
C ALA A 153 11.60 85.44 39.99
N GLY A 154 12.81 85.16 40.46
CA GLY A 154 13.03 84.81 41.85
C GLY A 154 12.96 83.32 42.10
N PHE A 155 13.73 82.54 41.34
CA PHE A 155 13.76 81.09 41.51
C PHE A 155 15.20 80.61 41.42
N ALA A 156 15.49 79.53 42.15
CA ALA A 156 16.78 78.88 42.12
C ALA A 156 16.67 77.57 41.35
N LEU A 157 17.60 77.36 40.43
CA LEU A 157 17.60 76.16 39.58
C LEU A 157 18.44 75.08 40.25
N SER A 158 17.77 74.10 40.86
CA SER A 158 18.47 72.97 41.46
C SER A 158 18.61 71.86 40.44
N THR A 159 19.86 71.54 40.09
CA THR A 159 20.17 70.50 39.11
C THR A 159 20.57 69.24 39.88
N ASN A 160 19.60 68.36 40.11
CA ASN A 160 19.82 67.14 40.88
C ASN A 160 20.11 66.01 39.91
N GLY A 161 21.33 65.50 39.95
CA GLY A 161 21.71 64.41 39.08
C GLY A 161 21.53 64.78 37.62
N GLU A 162 20.52 64.19 36.98
CA GLU A 162 20.16 64.55 35.62
C GLU A 162 18.95 65.48 35.54
N ARG A 163 18.01 65.39 36.48
CA ARG A 163 16.81 66.20 36.39
C ARG A 163 17.03 67.56 37.04
N LEU A 164 16.07 68.46 36.80
CA LEU A 164 16.14 69.83 37.27
C LEU A 164 14.83 70.22 37.93
N GLU A 165 14.92 71.12 38.91
CA GLU A 165 13.75 71.66 39.59
C GLU A 165 13.97 73.15 39.85
N LEU A 166 12.86 73.86 40.06
CA LEU A 166 12.89 75.28 40.39
C LEU A 166 12.34 75.46 41.80
N THR A 167 13.11 76.12 42.67
CA THR A 167 12.71 76.38 44.03
C THR A 167 12.49 77.88 44.20
N GLY A 168 11.30 78.26 44.66
CA GLY A 168 10.97 79.65 44.81
C GLY A 168 9.93 79.90 45.89
N PRO A 169 9.45 81.14 45.99
CA PRO A 169 8.42 81.44 47.00
C PRO A 169 7.12 80.67 46.78
N GLY A 170 6.76 80.38 45.54
CA GLY A 170 5.54 79.68 45.24
C GLY A 170 5.62 78.90 43.95
N PRO A 171 4.47 78.74 43.28
CA PRO A 171 4.45 77.99 42.02
C PRO A 171 5.25 78.70 40.94
N VAL A 172 5.86 77.88 40.07
CA VAL A 172 6.70 78.38 38.98
C VAL A 172 5.81 78.93 37.87
N PRO A 173 6.29 79.93 37.10
CA PRO A 173 5.50 80.41 35.97
C PRO A 173 5.41 79.37 34.87
N ALA A 174 4.36 79.50 34.06
CA ALA A 174 4.16 78.56 32.95
C ALA A 174 5.30 78.64 31.94
N GLU A 175 5.71 79.86 31.59
CA GLU A 175 6.82 80.01 30.64
C GLU A 175 8.13 79.51 31.22
N LEU A 176 8.35 79.71 32.53
CA LEU A 176 9.55 79.19 33.15
C LEU A 176 9.55 77.67 33.20
N SER A 177 8.40 77.06 33.46
CA SER A 177 8.31 75.60 33.40
C SER A 177 8.56 75.09 31.99
N ALA A 178 8.03 75.81 30.99
CA ALA A 178 8.30 75.44 29.59
C ALA A 178 9.77 75.50 29.28
N ARG A 179 10.45 76.58 29.71
CA ARG A 179 11.89 76.68 29.50
C ARG A 179 12.65 75.58 30.23
N LEU A 180 12.22 75.24 31.44
CA LEU A 180 12.86 74.18 32.20
C LEU A 180 12.75 72.84 31.49
N GLU A 181 11.54 72.51 31.02
CA GLU A 181 11.35 71.25 30.30
C GLU A 181 12.11 71.25 28.98
N GLU A 182 12.16 72.40 28.31
CA GLU A 182 12.93 72.51 27.08
C GLU A 182 14.40 72.25 27.34
N VAL A 183 14.94 72.82 28.42
CA VAL A 183 16.35 72.62 28.75
C VAL A 183 16.62 71.16 29.08
N THR A 184 15.73 70.52 29.83
CA THR A 184 15.92 69.10 30.15
C THR A 184 15.91 68.24 28.90
N LEU A 185 14.91 68.45 28.02
CA LEU A 185 14.82 67.67 26.79
C LEU A 185 16.02 67.94 25.88
N GLY A 186 16.46 69.20 25.80
CA GLY A 186 17.63 69.52 25.01
C GLY A 186 18.89 68.91 25.57
N SER A 187 19.00 68.80 26.89
CA SER A 187 20.14 68.13 27.49
C SER A 187 20.16 66.65 27.14
N LEU A 188 18.99 65.99 27.20
CA LEU A 188 18.93 64.59 26.80
C LEU A 188 19.28 64.42 25.32
N ALA A 189 18.74 65.31 24.46
CA ALA A 189 19.05 65.24 23.04
C ALA A 189 20.52 65.53 22.78
N ALA A 190 21.13 66.42 23.56
CA ALA A 190 22.54 66.72 23.41
C ALA A 190 23.40 65.55 23.85
N SER A 191 22.98 64.81 24.89
CA SER A 191 23.70 63.59 25.24
C SER A 191 23.62 62.57 24.11
N ALA A 192 22.43 62.38 23.53
CA ALA A 192 22.30 61.45 22.41
C ALA A 192 23.15 61.90 21.22
N GLU A 193 23.15 63.20 20.93
CA GLU A 193 23.95 63.74 19.84
C GLU A 193 25.44 63.61 20.13
N LEU A 194 25.84 63.74 21.39
CA LEU A 194 27.22 63.50 21.76
C LEU A 194 27.61 62.06 21.51
N GLU A 195 26.72 61.12 21.84
CA GLU A 195 27.02 59.71 21.57
C GLU A 195 27.16 59.44 20.08
N VAL A 196 26.22 59.96 19.27
CA VAL A 196 26.29 59.70 17.84
C VAL A 196 27.49 60.42 17.21
N ALA A 197 27.87 61.59 17.74
CA ALA A 197 29.04 62.29 17.24
C ALA A 197 30.33 61.57 17.62
N LEU A 198 30.38 60.96 18.80
CA LEU A 198 31.52 60.14 19.16
C LEU A 198 31.64 58.95 18.23
N ARG A 199 30.51 58.30 17.92
CA ARG A 199 30.55 57.19 16.99
C ARG A 199 30.99 57.64 15.60
N ARG A 200 30.50 58.80 15.15
CA ARG A 200 30.90 59.33 13.85
C ARG A 200 32.38 59.65 13.82
N LEU A 201 32.91 60.26 14.89
CA LEU A 201 34.33 60.57 14.94
C LEU A 201 35.18 59.30 14.95
N ARG A 202 34.75 58.29 15.70
CA ARG A 202 35.47 57.01 15.71
C ARG A 202 35.48 56.39 14.33
N ARG A 203 34.34 56.38 13.65
CA ARG A 203 34.28 55.80 12.31
C ARG A 203 35.13 56.58 11.33
N ASP A 204 35.12 57.92 11.42
CA ASP A 204 35.91 58.73 10.52
C ASP A 204 37.41 58.50 10.73
N TRP A 205 37.85 58.45 12.00
CA TRP A 205 39.25 58.20 12.28
C TRP A 205 39.66 56.80 11.82
N ALA A 206 38.80 55.80 12.05
CA ALA A 206 39.10 54.45 11.59
C ALA A 206 39.21 54.40 10.07
N LEU A 207 38.29 55.07 9.37
CA LEU A 207 38.35 55.07 7.91
C LEU A 207 39.60 55.76 7.41
N HIS A 208 39.97 56.89 8.02
CA HIS A 208 41.20 57.58 7.63
C HIS A 208 42.42 56.72 7.87
N TYR A 209 42.48 56.00 8.99
CA TYR A 209 43.62 55.14 9.26
C TYR A 209 43.65 53.94 8.33
N LEU A 210 42.48 53.38 8.00
CA LEU A 210 42.41 52.17 7.19
C LEU A 210 42.53 52.45 5.70
N ASN A 211 42.37 53.69 5.26
CA ASN A 211 42.58 54.00 3.85
C ASN A 211 44.02 53.70 3.44
N ASN A 212 44.98 54.11 4.25
CA ASN A 212 46.39 53.86 3.94
C ASN A 212 46.77 52.40 4.08
N ARG A 213 46.02 51.62 4.87
CA ARG A 213 46.27 50.20 5.00
C ARG A 213 45.55 49.37 3.94
N PHE A 214 44.52 49.92 3.31
CA PHE A 214 43.75 49.20 2.31
C PHE A 214 44.11 49.56 0.89
N GLU A 215 44.64 50.76 0.65
CA GLU A 215 45.05 51.10 -0.72
C GLU A 215 46.16 50.19 -1.25
N PRO A 216 47.19 49.81 -0.49
CA PRO A 216 48.18 48.88 -1.06
C PRO A 216 47.56 47.55 -1.43
N LEU A 217 46.59 47.09 -0.65
CA LEU A 217 45.86 45.87 -1.01
C LEU A 217 44.85 46.13 -2.13
N PHE A 218 44.35 47.36 -2.25
CA PHE A 218 43.49 47.70 -3.37
C PHE A 218 44.23 47.60 -4.70
N GLN A 219 45.47 48.08 -4.75
CA GLN A 219 46.27 47.89 -5.95
C GLN A 219 46.83 46.47 -6.08
N ARG A 220 47.12 45.80 -4.96
CA ARG A 220 47.65 44.44 -5.02
C ARG A 220 46.61 43.43 -5.47
N PHE A 221 45.34 43.63 -5.09
CA PHE A 221 44.25 42.73 -5.46
C PHE A 221 43.12 43.55 -6.06
N PRO A 222 43.26 44.00 -7.31
CA PRO A 222 42.18 44.77 -7.94
C PRO A 222 40.88 44.00 -8.06
N GLN A 223 40.94 42.68 -8.20
CA GLN A 223 39.72 41.88 -8.31
C GLN A 223 38.94 41.84 -7.00
N ALA A 224 39.64 41.83 -5.87
CA ALA A 224 39.01 41.80 -4.56
C ALA A 224 38.55 43.17 -4.08
N ARG A 225 38.61 44.18 -4.96
CA ARG A 225 38.31 45.56 -4.56
C ARG A 225 36.99 45.66 -3.83
N ALA A 226 35.97 44.91 -4.30
CA ALA A 226 34.70 44.89 -3.58
C ALA A 226 34.86 44.28 -2.20
N TYR A 227 35.34 43.04 -2.13
CA TYR A 227 35.38 42.32 -0.86
C TYR A 227 36.18 43.08 0.18
N LEU A 228 37.40 43.49 -0.19
CA LEU A 228 38.22 44.29 0.72
C LEU A 228 37.45 45.51 1.22
N GLU A 229 36.80 46.23 0.30
CA GLU A 229 35.97 47.36 0.70
C GLU A 229 34.94 46.95 1.73
N ALA A 230 34.23 45.85 1.46
CA ALA A 230 33.27 45.34 2.43
C ALA A 230 33.94 45.07 3.77
N LEU A 231 35.12 44.43 3.72
CA LEU A 231 35.85 44.17 4.96
C LEU A 231 36.18 45.48 5.66
N ARG A 232 36.60 46.49 4.90
CA ARG A 232 36.82 47.81 5.49
C ARG A 232 35.53 48.35 6.09
N ALA A 233 34.42 48.20 5.37
CA ALA A 233 33.14 48.63 5.91
C ALA A 233 32.77 47.87 7.17
N ARG A 234 33.33 46.67 7.36
CA ARG A 234 33.13 45.93 8.59
C ARG A 234 34.09 46.35 9.68
N LEU A 235 35.28 46.81 9.32
CA LEU A 235 36.22 47.30 10.32
C LEU A 235 35.78 48.64 10.88
N ALA A 236 35.37 49.56 10.00
CA ALA A 236 35.02 50.91 10.43
C ALA A 236 33.83 50.89 11.39
N ARG A 237 32.82 50.08 11.10
CA ARG A 237 31.69 49.97 12.02
C ARG A 237 32.14 49.39 13.36
N TYR A 238 33.12 48.48 13.35
CA TYR A 238 33.67 47.97 14.59
C TYR A 238 34.23 49.11 15.43
N ALA A 239 34.71 50.17 14.78
CA ALA A 239 35.17 51.34 15.50
C ALA A 239 34.04 52.03 16.25
N GLU A 240 32.85 52.13 15.64
CA GLU A 240 31.77 52.89 16.23
C GLU A 240 30.85 52.02 17.08
N THR A 241 30.32 50.94 16.51
CA THR A 241 29.45 50.05 17.27
C THR A 241 30.20 49.25 18.33
N GLY A 242 31.44 48.85 18.03
CA GLY A 242 32.22 48.10 19.00
C GLY A 242 31.89 46.62 19.08
N GLU A 243 30.98 46.12 18.24
CA GLU A 243 30.67 44.70 18.26
C GLU A 243 31.89 43.89 17.79
N PRO A 244 32.16 42.75 18.43
CA PRO A 244 33.36 41.99 18.07
C PRO A 244 33.30 41.49 16.64
N LEU A 245 34.47 41.44 16.00
CA LEU A 245 34.61 40.98 14.63
C LEU A 245 35.00 39.50 14.65
N ASP A 246 34.16 38.66 14.09
CA ASP A 246 34.45 37.23 14.03
C ASP A 246 35.38 36.96 12.85
N PRO A 247 36.62 36.51 13.09
CA PRO A 247 37.51 36.23 11.96
C PRO A 247 37.00 35.14 11.04
N ALA A 248 36.29 34.15 11.58
CA ALA A 248 35.78 33.06 10.77
C ALA A 248 34.63 33.48 9.86
N GLN A 249 34.00 34.63 10.11
CA GLN A 249 32.92 35.11 9.28
C GLN A 249 33.38 36.05 8.17
N TRP A 250 34.65 36.49 8.20
CA TRP A 250 35.16 37.41 7.20
C TRP A 250 36.47 36.94 6.57
N ARG A 251 36.88 35.71 6.87
CA ARG A 251 38.04 35.14 6.20
C ARG A 251 37.65 34.67 4.80
N PRO A 252 38.52 34.88 3.80
CA PRO A 252 38.20 34.38 2.45
C PRO A 252 38.33 32.87 2.41
N ASN A 253 37.29 32.21 1.91
CA ASN A 253 37.25 30.75 1.90
C ASN A 253 38.03 30.24 0.70
N LEU A 254 39.30 29.91 0.93
CA LEU A 254 40.12 29.28 -0.10
C LEU A 254 39.66 27.85 -0.29
N LEU A 255 38.77 27.63 -1.27
CA LEU A 255 38.14 26.33 -1.42
C LEU A 255 39.17 25.24 -1.70
N THR A 256 40.01 25.45 -2.73
CA THR A 256 41.03 24.49 -3.10
C THR A 256 42.33 25.23 -3.39
N SER A 257 43.44 24.51 -3.22
CA SER A 257 44.75 25.09 -3.47
C SER A 257 44.93 25.38 -4.95
N SER A 258 45.86 26.29 -5.25
CA SER A 258 46.14 26.66 -6.63
C SER A 258 46.72 25.48 -7.39
N SER A 259 46.40 25.40 -8.67
CA SER A 259 46.88 24.35 -9.54
C SER A 259 47.82 24.93 -10.59
N SER A 260 48.94 24.24 -10.80
CA SER A 260 49.94 24.71 -11.76
C SER A 260 49.46 24.57 -13.20
N GLY A 261 48.44 23.73 -13.43
CA GLY A 261 47.97 23.46 -14.76
C GLY A 261 48.70 22.34 -15.49
N THR A 262 49.75 21.79 -14.89
CA THR A 262 50.49 20.68 -15.47
C THR A 262 51.06 19.86 -14.33
N PRO A 263 50.38 18.79 -13.92
CA PRO A 263 49.13 18.26 -14.47
C PRO A 263 47.90 19.10 -14.10
N PRO A 264 46.85 19.02 -14.91
CA PRO A 264 45.64 19.81 -14.65
C PRO A 264 44.87 19.24 -13.48
N PRO A 265 43.92 20.00 -12.92
CA PRO A 265 43.07 19.44 -11.88
C PRO A 265 42.27 18.25 -12.39
N ILE A 266 42.57 17.07 -11.89
CA ILE A 266 41.92 15.83 -12.29
C ILE A 266 41.21 15.28 -11.06
N VAL A 267 39.88 15.29 -11.10
CA VAL A 267 39.07 14.90 -9.96
C VAL A 267 38.20 13.73 -10.40
N TYR A 268 38.55 12.53 -9.96
CA TYR A 268 37.71 11.35 -10.15
C TYR A 268 36.87 11.17 -8.89
N GLU A 269 35.57 11.44 -8.99
CA GLU A 269 34.64 11.26 -7.88
C GLU A 269 33.79 10.03 -8.17
N PRO A 270 34.19 8.86 -7.68
CA PRO A 270 33.43 7.63 -7.99
C PRO A 270 32.03 7.62 -7.42
N TYR A 271 31.73 8.49 -6.45
CA TYR A 271 30.45 8.49 -5.76
C TYR A 271 29.83 9.88 -5.96
N ALA A 272 28.98 9.99 -6.99
CA ALA A 272 28.45 11.28 -7.42
C ALA A 272 27.28 11.68 -6.52
N THR A 273 27.60 11.90 -5.25
CA THR A 273 26.63 12.35 -4.26
C THR A 273 26.69 13.88 -4.20
N ALA A 274 25.53 14.50 -4.04
CA ALA A 274 25.43 15.96 -4.17
C ALA A 274 26.38 16.74 -3.26
N PRO A 275 26.49 16.46 -1.94
CA PRO A 275 27.52 17.15 -1.15
C PRO A 275 28.93 16.86 -1.62
N ARG A 276 29.17 15.63 -2.11
CA ARG A 276 30.50 15.27 -2.58
C ARG A 276 30.87 15.97 -3.89
N LEU A 277 29.90 16.24 -4.75
CA LEU A 277 30.17 16.90 -6.02
C LEU A 277 30.16 18.42 -5.88
N PHE A 278 29.05 18.97 -5.41
CA PHE A 278 28.83 20.42 -5.42
C PHE A 278 29.30 21.10 -4.15
N GLY A 279 29.80 20.34 -3.18
CA GLY A 279 30.20 20.91 -1.90
C GLY A 279 29.02 21.12 -0.98
N ARG A 280 29.23 20.93 0.32
CA ARG A 280 28.17 21.06 1.30
C ARG A 280 28.37 22.33 2.11
N LEU A 281 27.27 23.05 2.34
CA LEU A 281 27.28 24.25 3.17
C LEU A 281 27.07 23.81 4.61
N ASP A 282 28.18 23.64 5.34
CA ASP A 282 28.11 23.18 6.71
C ASP A 282 27.45 24.23 7.60
N TYR A 283 26.75 23.74 8.63
CA TYR A 283 26.02 24.60 9.55
C TYR A 283 26.51 24.39 10.97
N LEU A 284 26.30 25.40 11.80
CA LEU A 284 26.68 25.37 13.20
C LEU A 284 25.49 25.69 14.07
N VAL A 285 25.50 25.15 15.29
CA VAL A 285 24.40 25.30 16.24
C VAL A 285 24.89 26.07 17.46
N ASP A 286 24.19 27.15 17.78
CA ASP A 286 24.45 27.95 18.98
C ASP A 286 23.21 27.81 19.86
N ARG A 287 23.28 26.89 20.82
CA ARG A 287 22.24 26.69 21.82
C ARG A 287 20.90 26.30 21.21
N GLY A 288 20.89 25.99 19.91
CA GLY A 288 19.67 25.63 19.22
C GLY A 288 19.39 26.48 18.00
N VAL A 289 20.17 27.54 17.81
CA VAL A 289 20.01 28.44 16.67
C VAL A 289 21.00 28.03 15.59
N TRP A 290 20.50 27.83 14.38
CA TRP A 290 21.34 27.39 13.27
C TRP A 290 21.90 28.60 12.53
N SER A 291 23.23 28.65 12.40
CA SER A 291 23.89 29.74 11.70
C SER A 291 25.17 29.20 11.08
N THR A 292 25.59 29.85 9.99
CA THR A 292 26.79 29.44 9.28
C THR A 292 27.47 30.67 8.69
N ASN A 293 28.75 30.51 8.38
CA ASN A 293 29.55 31.58 7.80
C ASN A 293 30.25 31.07 6.54
N VAL A 294 31.08 31.93 5.96
CA VAL A 294 31.76 31.59 4.71
C VAL A 294 32.76 30.46 4.92
N SER A 295 33.40 30.40 6.08
CA SER A 295 34.47 29.45 6.32
C SER A 295 33.98 28.01 6.46
N LEU A 296 32.67 27.78 6.56
CA LEU A 296 32.15 26.43 6.66
C LEU A 296 31.72 25.84 5.32
N ILE A 297 31.86 26.59 4.22
CA ILE A 297 31.52 26.05 2.91
C ILE A 297 32.58 25.02 2.54
N ARG A 298 32.15 23.76 2.39
CA ARG A 298 33.12 22.71 2.07
C ARG A 298 33.27 22.59 0.56
N PRO A 299 34.49 22.37 0.07
CA PRO A 299 34.69 22.20 -1.36
C PRO A 299 34.36 20.78 -1.80
N GLY A 300 33.57 20.68 -2.86
CA GLY A 300 33.19 19.41 -3.45
C GLY A 300 34.09 19.00 -4.58
N ALA A 301 33.58 18.11 -5.43
CA ALA A 301 34.33 17.69 -6.61
C ALA A 301 34.37 18.76 -7.70
N VAL A 302 33.31 19.54 -7.84
CA VAL A 302 33.30 20.62 -8.83
C VAL A 302 34.34 21.67 -8.48
N HIS A 303 34.43 22.05 -7.20
CA HIS A 303 35.42 23.04 -6.78
C HIS A 303 36.84 22.56 -7.01
N ARG A 304 37.12 21.29 -6.73
CA ARG A 304 38.45 20.73 -6.93
C ARG A 304 38.80 20.58 -8.40
N ALA A 305 37.83 20.61 -9.31
CA ALA A 305 38.06 20.38 -10.72
C ALA A 305 37.98 21.68 -11.54
N GLN A 306 38.09 22.82 -10.89
CA GLN A 306 38.04 24.09 -11.62
C GLN A 306 39.23 24.19 -12.56
N GLY A 307 38.95 24.57 -13.80
CA GLY A 307 40.00 24.62 -14.81
C GLY A 307 40.59 23.28 -15.16
N GLY A 308 39.90 22.19 -14.83
CA GLY A 308 40.41 20.86 -15.08
C GLY A 308 39.36 19.89 -15.57
N TYR A 309 39.44 18.64 -15.14
CA TYR A 309 38.55 17.58 -15.60
C TYR A 309 37.90 16.89 -14.41
N LEU A 310 36.59 16.69 -14.49
CA LEU A 310 35.84 15.98 -13.46
C LEU A 310 35.37 14.65 -14.04
N ILE A 311 36.05 13.58 -13.64
CA ILE A 311 35.73 12.23 -14.13
C ILE A 311 34.65 11.65 -13.22
N LEU A 312 33.46 11.44 -13.77
CA LEU A 312 32.34 10.89 -13.02
C LEU A 312 31.96 9.53 -13.58
N ASP A 313 31.06 8.85 -12.88
CA ASP A 313 30.55 7.55 -13.29
C ASP A 313 29.05 7.65 -13.47
N ALA A 314 28.57 7.25 -14.66
CA ALA A 314 27.13 7.30 -14.93
C ALA A 314 26.35 6.42 -13.96
N LEU A 315 26.94 5.30 -13.53
CA LEU A 315 26.31 4.49 -12.49
C LEU A 315 26.12 5.29 -11.20
N SER A 316 27.12 6.10 -10.83
CA SER A 316 26.97 6.96 -9.68
C SER A 316 26.00 8.10 -9.94
N LEU A 317 25.94 8.62 -11.16
CA LEU A 317 24.98 9.67 -11.49
C LEU A 317 23.54 9.19 -11.37
N LYS A 318 23.25 7.96 -11.77
CA LYS A 318 21.90 7.43 -11.68
C LYS A 318 21.58 6.78 -10.34
N ARG A 319 22.59 6.26 -9.64
CA ARG A 319 22.37 5.61 -8.35
C ARG A 319 22.01 6.59 -7.25
N GLU A 320 22.63 7.77 -7.24
CA GLU A 320 22.35 8.80 -6.24
C GLU A 320 21.31 9.81 -6.71
N GLY A 321 20.76 9.61 -7.90
CA GLY A 321 19.78 10.54 -8.42
C GLY A 321 20.30 11.94 -8.65
N THR A 322 21.63 12.09 -8.77
CA THR A 322 22.24 13.41 -8.92
C THR A 322 22.13 13.92 -10.35
N TRP A 323 21.81 13.06 -11.32
CA TRP A 323 21.89 13.43 -12.72
C TRP A 323 21.05 14.66 -13.05
N GLU A 324 19.89 14.81 -12.42
CA GLU A 324 19.07 15.98 -12.69
C GLU A 324 19.74 17.26 -12.19
N ALA A 325 20.21 17.27 -10.95
CA ALA A 325 20.88 18.43 -10.41
C ALA A 325 22.19 18.72 -11.15
N PHE A 326 22.93 17.65 -11.48
CA PHE A 326 24.19 17.84 -12.20
C PHE A 326 23.95 18.41 -13.59
N LYS A 327 22.90 17.94 -14.28
CA LYS A 327 22.52 18.51 -15.56
C LYS A 327 22.12 19.97 -15.43
N ARG A 328 21.38 20.30 -14.37
CA ARG A 328 21.01 21.69 -14.14
C ARG A 328 22.24 22.56 -13.96
N ALA A 329 23.21 22.08 -13.18
CA ALA A 329 24.44 22.83 -12.95
C ALA A 329 25.23 23.00 -14.25
N LEU A 330 25.32 21.94 -15.05
CA LEU A 330 26.07 22.03 -16.30
C LEU A 330 25.41 22.99 -17.28
N ARG A 331 24.09 22.91 -17.43
CA ARG A 331 23.41 23.78 -18.38
C ARG A 331 23.40 25.24 -17.93
N ASN A 332 23.22 25.48 -16.63
CA ASN A 332 23.23 26.85 -16.12
C ASN A 332 24.64 27.44 -16.13
N GLY A 333 25.67 26.60 -16.07
CA GLY A 333 27.03 27.09 -15.95
C GLY A 333 27.40 27.58 -14.58
N GLN A 334 26.51 27.40 -13.60
CA GLN A 334 26.75 27.84 -12.23
C GLN A 334 26.09 26.85 -11.29
N VAL A 335 26.58 26.80 -10.06
CA VAL A 335 26.01 25.93 -9.04
C VAL A 335 26.37 26.49 -7.67
N GLU A 336 25.47 26.30 -6.71
CA GLU A 336 25.72 26.68 -5.33
C GLU A 336 25.86 25.44 -4.46
N PRO A 337 26.64 25.50 -3.38
CA PRO A 337 26.75 24.33 -2.49
C PRO A 337 25.39 23.98 -1.90
N VAL A 338 25.20 22.67 -1.67
CA VAL A 338 23.90 22.19 -1.21
C VAL A 338 23.58 22.79 0.14
N THR A 339 22.38 23.34 0.27
CA THR A 339 21.93 23.96 1.52
C THR A 339 20.91 23.04 2.20
N GLU A 340 21.14 22.74 3.47
CA GLU A 340 20.22 21.89 4.21
C GLU A 340 18.95 22.67 4.55
N PRO A 341 17.78 22.14 4.18
CA PRO A 341 16.53 22.86 4.46
C PRO A 341 16.18 22.97 5.93
N GLN A 342 16.81 22.16 6.80
CA GLN A 342 16.49 22.20 8.22
C GLN A 342 16.94 23.50 8.87
N ALA A 343 17.90 24.22 8.27
CA ALA A 343 18.40 25.46 8.84
C ALA A 343 17.61 26.63 8.28
N PRO A 344 16.89 27.39 9.10
CA PRO A 344 16.12 28.52 8.55
C PRO A 344 17.00 29.68 8.14
N ALA A 345 18.02 30.02 8.92
CA ALA A 345 18.94 31.10 8.61
C ALA A 345 20.16 30.54 7.92
N GLY A 346 20.51 31.11 6.77
CA GLY A 346 21.63 30.62 6.00
C GLY A 346 22.36 31.70 5.23
N LEU A 347 23.11 31.30 4.21
CA LEU A 347 23.92 32.21 3.41
C LEU A 347 23.37 32.31 1.99
N GLU A 348 23.41 33.53 1.46
CA GLU A 348 23.06 33.76 0.06
C GLU A 348 24.33 33.67 -0.79
N VAL A 349 24.79 32.43 -0.92
CA VAL A 349 26.06 32.16 -1.62
C VAL A 349 25.87 32.40 -3.10
N GLU A 350 26.76 33.19 -3.69
CA GLU A 350 26.76 33.36 -5.14
C GLU A 350 27.09 32.03 -5.80
N PRO A 351 26.36 31.65 -6.85
CA PRO A 351 26.62 30.35 -7.49
C PRO A 351 28.05 30.26 -8.02
N PHE A 352 28.69 29.12 -7.78
CA PHE A 352 30.07 28.94 -8.19
C PHE A 352 30.12 28.68 -9.70
N PRO A 353 30.85 29.47 -10.46
CA PRO A 353 30.96 29.22 -11.90
C PRO A 353 31.70 27.92 -12.18
N ILE A 354 31.35 27.30 -13.30
CA ILE A 354 31.91 26.01 -13.70
C ILE A 354 32.81 26.23 -14.90
N GLN A 355 34.11 25.98 -14.73
CA GLN A 355 35.09 26.00 -15.81
C GLN A 355 35.79 24.66 -15.96
N MET A 356 35.05 23.57 -15.78
CA MET A 356 35.61 22.22 -15.85
C MET A 356 35.08 21.50 -17.08
N GLN A 357 35.72 20.37 -17.38
CA GLN A 357 35.26 19.46 -18.41
C GLN A 357 34.82 18.16 -17.72
N VAL A 358 33.60 17.75 -17.97
CA VAL A 358 33.06 16.53 -17.37
C VAL A 358 33.30 15.37 -18.32
N ILE A 359 33.84 14.28 -17.78
CA ILE A 359 34.12 13.07 -18.56
C ILE A 359 33.43 11.92 -17.83
N LEU A 360 32.21 11.61 -18.23
CA LEU A 360 31.50 10.47 -17.66
C LEU A 360 32.16 9.17 -18.10
N VAL A 361 32.20 8.20 -17.19
CA VAL A 361 32.76 6.89 -17.48
C VAL A 361 31.77 5.83 -17.05
N GLY A 362 31.56 4.84 -17.91
CA GLY A 362 30.66 3.75 -17.57
C GLY A 362 30.54 2.78 -18.71
N THR A 363 29.71 1.77 -18.50
CA THR A 363 29.40 0.73 -19.46
C THR A 363 28.35 1.21 -20.45
N PRO A 364 28.25 0.58 -21.62
CA PRO A 364 27.20 0.97 -22.56
C PRO A 364 25.81 0.90 -21.97
N GLU A 365 25.51 -0.12 -21.15
CA GLU A 365 24.21 -0.20 -20.50
C GLU A 365 24.05 0.87 -19.41
N ALA A 366 25.16 1.38 -18.86
CA ALA A 366 25.06 2.48 -17.90
C ALA A 366 24.60 3.77 -18.56
N PHE A 367 24.99 3.98 -19.82
CA PHE A 367 24.62 5.19 -20.55
C PHE A 367 23.30 5.06 -21.29
N GLU A 368 22.72 3.85 -21.33
CA GLU A 368 21.38 3.71 -21.90
C GLU A 368 20.35 4.53 -21.14
N GLY A 369 20.42 4.54 -19.81
CA GLY A 369 19.44 5.26 -19.02
C GLY A 369 19.60 6.77 -19.05
N LEU A 370 20.73 7.26 -19.55
CA LEU A 370 21.01 8.69 -19.54
C LEU A 370 20.86 9.35 -20.91
N GLU A 371 21.05 8.61 -22.00
CA GLU A 371 21.05 9.23 -23.32
C GLU A 371 19.66 9.35 -23.94
N GLU A 372 18.61 8.90 -23.25
CA GLU A 372 17.26 9.20 -23.73
C GLU A 372 16.99 10.69 -23.70
N ASP A 373 17.54 11.39 -22.71
CA ASP A 373 17.33 12.81 -22.55
C ASP A 373 17.95 13.58 -23.72
N PRO A 374 17.20 14.47 -24.38
CA PRO A 374 17.83 15.31 -25.42
C PRO A 374 18.90 16.23 -24.89
N ALA A 375 18.90 16.53 -23.59
CA ALA A 375 19.91 17.39 -22.99
C ALA A 375 21.24 16.68 -22.80
N PHE A 376 21.24 15.38 -22.54
CA PHE A 376 22.49 14.64 -22.42
C PHE A 376 23.26 14.68 -23.73
N SER A 377 22.57 14.48 -24.85
CA SER A 377 23.21 14.59 -26.15
C SER A 377 23.60 16.01 -26.49
N GLU A 378 23.08 17.00 -25.77
CA GLU A 378 23.44 18.40 -25.97
C GLU A 378 24.61 18.84 -25.11
N LEU A 379 24.73 18.28 -23.90
CA LEU A 379 25.88 18.59 -23.05
C LEU A 379 27.07 17.73 -23.40
N PHE A 380 26.89 16.41 -23.39
CA PHE A 380 27.95 15.46 -23.71
C PHE A 380 27.79 15.08 -25.18
N ARG A 381 28.55 15.73 -26.06
CA ARG A 381 28.47 15.50 -27.48
C ARG A 381 29.55 14.57 -28.01
N ILE A 382 30.67 14.45 -27.31
CA ILE A 382 31.76 13.58 -27.73
C ILE A 382 31.62 12.24 -27.03
N ARG A 383 31.65 11.16 -27.81
CA ARG A 383 31.53 9.80 -27.29
C ARG A 383 32.86 9.09 -27.50
N ALA A 384 33.56 8.82 -26.40
CA ALA A 384 34.83 8.09 -26.44
C ALA A 384 34.56 6.64 -26.10
N GLU A 385 34.06 5.91 -27.10
CA GLU A 385 33.68 4.51 -26.92
C GLU A 385 34.91 3.62 -26.97
N PHE A 386 34.95 2.63 -26.08
CA PHE A 386 36.08 1.72 -25.95
C PHE A 386 35.75 0.40 -26.62
N SER A 387 36.60 -0.03 -27.54
CA SER A 387 36.43 -1.34 -28.16
C SER A 387 36.68 -2.43 -27.13
N PRO A 388 35.83 -3.45 -27.04
CA PRO A 388 36.09 -4.55 -26.11
C PRO A 388 37.29 -5.39 -26.50
N THR A 389 37.82 -5.23 -27.71
CA THR A 389 39.00 -5.96 -28.16
C THR A 389 39.94 -4.99 -28.87
N LEU A 390 41.16 -5.45 -29.10
CA LEU A 390 42.19 -4.75 -29.86
C LEU A 390 42.69 -5.65 -30.97
N PRO A 391 43.19 -5.08 -32.06
CA PRO A 391 43.75 -5.91 -33.13
C PRO A 391 44.92 -6.74 -32.60
N ALA A 392 44.97 -8.00 -33.02
CA ALA A 392 46.05 -8.90 -32.63
C ALA A 392 47.22 -8.67 -33.58
N SER A 393 48.12 -7.78 -33.20
CA SER A 393 49.28 -7.43 -34.00
C SER A 393 50.50 -7.42 -33.10
N PRO A 394 51.70 -7.58 -33.67
CA PRO A 394 52.92 -7.46 -32.85
C PRO A 394 53.03 -6.12 -32.15
N GLU A 395 52.50 -5.05 -32.75
CA GLU A 395 52.47 -3.75 -32.09
C GLU A 395 51.64 -3.81 -30.83
N ASN A 396 50.48 -4.47 -30.88
CA ASN A 396 49.63 -4.59 -29.70
C ASN A 396 50.26 -5.49 -28.64
N CYS A 397 50.96 -6.54 -29.05
CA CYS A 397 51.67 -7.38 -28.09
C CYS A 397 52.78 -6.59 -27.39
N THR A 398 53.54 -5.80 -28.16
CA THR A 398 54.57 -4.96 -27.57
C THR A 398 53.97 -3.92 -26.62
N ALA A 399 52.84 -3.33 -27.01
CA ALA A 399 52.18 -2.37 -26.13
C ALA A 399 51.69 -3.02 -24.85
N LEU A 400 51.16 -4.24 -24.95
CA LEU A 400 50.74 -4.97 -23.75
C LEU A 400 51.92 -5.29 -22.86
N GLY A 401 53.05 -5.68 -23.45
CA GLY A 401 54.24 -5.92 -22.66
C GLY A 401 54.73 -4.67 -21.94
N GLY A 402 54.74 -3.54 -22.64
CA GLY A 402 55.11 -2.30 -22.00
C GLY A 402 54.15 -1.90 -20.89
N TRP A 403 52.84 -2.12 -21.12
CA TRP A 403 51.85 -1.83 -20.09
C TRP A 403 52.07 -2.69 -18.86
N LEU A 404 52.34 -3.98 -19.06
CA LEU A 404 52.58 -4.86 -17.93
C LEU A 404 53.85 -4.49 -17.18
N LEU A 405 54.91 -4.10 -17.92
CA LEU A 405 56.13 -3.64 -17.27
C LEU A 405 55.86 -2.37 -16.46
N ALA A 406 55.07 -1.46 -17.01
CA ALA A 406 54.67 -0.26 -16.27
C ALA A 406 53.83 -0.59 -15.05
N GLN A 407 53.09 -1.70 -15.08
CA GLN A 407 52.31 -2.14 -13.93
C GLN A 407 53.17 -2.75 -12.83
N GLY A 408 54.45 -2.99 -13.09
CA GLY A 408 55.35 -3.54 -12.10
C GLY A 408 55.69 -5.01 -12.26
N PHE A 409 55.29 -5.64 -13.36
CA PHE A 409 55.54 -7.06 -13.57
C PHE A 409 56.90 -7.29 -14.22
N GLN A 410 57.46 -8.45 -13.96
CA GLN A 410 58.71 -8.89 -14.58
C GLN A 410 58.36 -9.92 -15.64
N LEU A 411 58.54 -9.56 -16.90
CA LEU A 411 58.14 -10.37 -18.04
C LEU A 411 59.34 -10.99 -18.72
N THR A 412 59.06 -12.04 -19.48
CA THR A 412 59.97 -12.61 -20.47
C THR A 412 59.26 -12.61 -21.82
N GLN A 413 60.02 -12.90 -22.88
CA GLN A 413 59.40 -12.95 -24.20
C GLN A 413 58.36 -14.05 -24.28
N GLY A 414 58.65 -15.23 -23.74
CA GLY A 414 57.68 -16.31 -23.72
C GLY A 414 56.48 -16.01 -22.86
N GLY A 415 56.72 -15.39 -21.70
CA GLY A 415 55.60 -15.02 -20.83
C GLY A 415 54.70 -13.97 -21.46
N LEU A 416 55.29 -12.97 -22.11
CA LEU A 416 54.50 -11.97 -22.83
C LEU A 416 53.72 -12.62 -23.96
N THR A 417 54.36 -13.53 -24.70
CA THR A 417 53.66 -14.24 -25.76
C THR A 417 52.48 -15.03 -25.23
N ARG A 418 52.67 -15.72 -24.11
CA ARG A 418 51.59 -16.50 -23.53
C ARG A 418 50.45 -15.62 -23.04
N LEU A 419 50.78 -14.49 -22.41
CA LEU A 419 49.74 -13.56 -21.98
C LEU A 419 48.98 -12.98 -23.17
N TYR A 420 49.70 -12.66 -24.24
CA TYR A 420 49.05 -12.15 -25.45
C TYR A 420 48.12 -13.18 -26.06
N ASP A 421 48.58 -14.45 -26.13
CA ASP A 421 47.73 -15.52 -26.64
C ASP A 421 46.51 -15.73 -25.76
N GLU A 422 46.68 -15.66 -24.44
CA GLU A 422 45.54 -15.82 -23.55
C GLU A 422 44.57 -14.65 -23.68
N ALA A 423 45.07 -13.45 -23.93
CA ALA A 423 44.18 -12.33 -24.20
C ALA A 423 43.39 -12.54 -25.49
N ARG A 424 44.05 -13.05 -26.53
CA ARG A 424 43.34 -13.38 -27.77
C ARG A 424 42.28 -14.44 -27.52
N ARG A 425 42.60 -15.45 -26.72
CA ARG A 425 41.64 -16.49 -26.38
C ARG A 425 40.46 -15.94 -25.57
N MET A 426 40.73 -15.03 -24.64
CA MET A 426 39.65 -14.39 -23.88
C MET A 426 38.75 -13.60 -24.81
N ALA A 427 39.32 -12.92 -25.80
CA ALA A 427 38.52 -12.27 -26.82
C ALA A 427 37.80 -13.28 -27.70
N GLU A 428 38.20 -14.55 -27.65
CA GLU A 428 37.59 -15.63 -28.44
C GLU A 428 37.67 -15.33 -29.93
N GLN A 429 38.77 -14.71 -30.35
CA GLN A 429 38.99 -14.39 -31.75
C GLN A 429 40.46 -14.59 -32.09
N ARG A 430 40.71 -15.18 -33.26
CA ARG A 430 42.08 -15.44 -33.69
C ARG A 430 42.87 -14.14 -33.85
N ASP A 431 42.25 -13.12 -34.45
CA ASP A 431 42.94 -11.90 -34.83
C ASP A 431 42.54 -10.72 -33.94
N ARG A 432 41.97 -10.97 -32.78
CA ARG A 432 41.64 -9.91 -31.83
C ARG A 432 42.03 -10.35 -30.43
N MET A 433 42.81 -9.54 -29.75
CA MET A 433 43.13 -9.77 -28.35
C MET A 433 42.15 -9.02 -27.46
N ASP A 434 41.95 -9.53 -26.25
CA ASP A 434 41.03 -8.88 -25.34
C ASP A 434 41.57 -7.51 -24.92
N ALA A 435 40.69 -6.52 -24.93
CA ALA A 435 41.06 -5.18 -24.49
C ALA A 435 40.92 -5.00 -22.98
N ARG A 436 40.32 -5.95 -22.28
CA ARG A 436 40.16 -5.85 -20.84
C ARG A 436 41.52 -6.02 -20.20
N LEU A 437 42.22 -4.91 -19.97
CA LEU A 437 43.55 -4.97 -19.38
C LEU A 437 43.51 -5.34 -17.90
N VAL A 438 42.38 -5.12 -17.24
CA VAL A 438 42.27 -5.48 -15.83
C VAL A 438 42.31 -7.00 -15.65
N GLU A 439 41.60 -7.73 -16.50
CA GLU A 439 41.62 -9.19 -16.43
C GLU A 439 43.00 -9.75 -16.78
N ILE A 440 43.66 -9.16 -17.78
CA ILE A 440 45.01 -9.59 -18.12
C ILE A 440 45.97 -9.27 -16.97
N ARG A 441 45.76 -8.16 -16.28
CA ARG A 441 46.59 -7.83 -15.13
C ARG A 441 46.37 -8.81 -13.99
N ALA A 442 45.13 -9.23 -13.77
CA ALA A 442 44.85 -10.24 -12.75
C ALA A 442 45.52 -11.56 -13.08
N LEU A 443 45.43 -11.98 -14.35
CA LEU A 443 46.11 -13.19 -14.77
C LEU A 443 47.62 -13.07 -14.62
N ALA A 444 48.17 -11.89 -14.94
CA ALA A 444 49.60 -11.66 -14.75
C ALA A 444 50.00 -11.71 -13.29
N GLU A 445 49.14 -11.20 -12.40
CA GLU A 445 49.40 -11.31 -10.97
C GLU A 445 49.45 -12.77 -10.55
N GLU A 446 48.45 -13.55 -10.95
CA GLU A 446 48.42 -14.97 -10.58
C GLU A 446 49.60 -15.73 -11.17
N ALA A 447 50.09 -15.31 -12.33
CA ALA A 447 51.28 -15.89 -12.91
C ALA A 447 52.55 -15.49 -12.17
N ALA A 448 52.62 -14.24 -11.69
CA ALA A 448 53.75 -13.80 -10.89
C ALA A 448 53.83 -14.56 -9.57
N VAL A 449 52.68 -14.82 -8.96
CA VAL A 449 52.66 -15.59 -7.71
C VAL A 449 53.18 -17.00 -7.94
N LEU A 450 52.76 -17.62 -9.04
CA LEU A 450 53.17 -18.98 -9.36
C LEU A 450 54.52 -19.06 -10.02
N GLY A 451 55.19 -17.94 -10.28
CA GLY A 451 56.47 -17.95 -10.94
C GLY A 451 57.55 -17.22 -10.17
N GLY A 452 57.21 -16.72 -8.98
CA GLY A 452 58.17 -15.99 -8.18
C GLY A 452 58.34 -14.54 -8.54
N GLY A 453 57.36 -13.93 -9.21
CA GLY A 453 57.41 -12.56 -9.64
C GLY A 453 57.82 -12.37 -11.09
N LEU A 454 58.41 -13.39 -11.70
CA LEU A 454 58.80 -13.34 -13.10
C LEU A 454 57.75 -14.07 -13.93
N LEU A 455 57.34 -13.44 -15.03
CA LEU A 455 56.29 -13.98 -15.88
C LEU A 455 56.93 -14.68 -17.07
N THR A 456 57.24 -15.96 -16.89
CA THR A 456 57.75 -16.78 -17.99
C THR A 456 56.58 -17.53 -18.63
N ALA A 457 56.88 -18.24 -19.73
CA ALA A 457 55.84 -18.98 -20.42
C ALA A 457 55.25 -20.06 -19.52
N GLU A 458 56.11 -20.77 -18.78
CA GLU A 458 55.62 -21.79 -17.86
C GLU A 458 54.76 -21.19 -16.75
N SER A 459 55.15 -20.03 -16.24
CA SER A 459 54.37 -19.40 -15.17
C SER A 459 52.97 -19.03 -15.66
N VAL A 460 52.87 -18.45 -16.86
CA VAL A 460 51.56 -18.09 -17.40
C VAL A 460 50.74 -19.32 -17.72
N GLU A 461 51.38 -20.36 -18.24
CA GLU A 461 50.66 -21.61 -18.50
C GLU A 461 50.11 -22.19 -17.21
N GLN A 462 50.91 -22.17 -16.14
CA GLN A 462 50.46 -22.67 -14.85
C GLN A 462 49.32 -21.82 -14.30
N ALA A 463 49.40 -20.49 -14.48
CA ALA A 463 48.33 -19.62 -14.01
C ALA A 463 47.02 -19.91 -14.74
N ILE A 464 47.09 -20.11 -16.06
CA ILE A 464 45.88 -20.41 -16.83
C ILE A 464 45.33 -21.77 -16.45
N ALA A 465 46.21 -22.76 -16.26
CA ALA A 465 45.77 -24.09 -15.84
C ALA A 465 45.11 -24.04 -14.48
N ALA A 466 45.67 -23.26 -13.54
CA ALA A 466 45.06 -23.11 -12.23
C ALA A 466 43.71 -22.40 -12.32
N ARG A 467 43.59 -21.40 -13.18
CA ARG A 467 42.31 -20.74 -13.37
C ARG A 467 41.26 -21.73 -13.88
N GLU A 468 41.64 -22.58 -14.84
CA GLU A 468 40.71 -23.62 -15.30
C GLU A 468 40.38 -24.59 -14.18
N HIS A 469 41.37 -24.98 -13.38
CA HIS A 469 41.16 -25.98 -12.35
C HIS A 469 40.24 -25.47 -11.24
N ARG A 470 40.37 -24.19 -10.88
CA ARG A 470 39.60 -23.67 -9.75
C ARG A 470 38.10 -23.66 -10.03
N SER A 471 37.69 -23.74 -11.29
CA SER A 471 36.28 -23.80 -11.65
C SER A 471 35.94 -25.08 -12.40
N PHE A 472 36.74 -26.13 -12.22
CA PHE A 472 36.59 -27.38 -12.95
C PHE A 472 35.80 -28.43 -12.16
N LEU A 473 35.24 -28.07 -11.01
CA LEU A 473 34.57 -29.06 -10.18
C LEU A 473 33.36 -29.66 -10.90
N SER A 474 32.54 -28.81 -11.52
CA SER A 474 31.35 -29.30 -12.20
C SER A 474 31.73 -30.22 -13.36
N GLU A 475 32.73 -29.83 -14.16
CA GLU A 475 33.17 -30.68 -15.24
C GLU A 475 33.87 -31.92 -14.74
N GLU A 476 34.58 -31.85 -13.62
CA GLU A 476 35.16 -33.06 -13.05
C GLU A 476 34.09 -34.05 -12.62
N GLU A 477 33.01 -33.55 -12.00
CA GLU A 477 31.89 -34.42 -11.65
C GLU A 477 31.25 -35.01 -12.90
N PHE A 478 31.06 -34.19 -13.94
CA PHE A 478 30.46 -34.69 -15.17
C PHE A 478 31.32 -35.77 -15.82
N LEU A 479 32.63 -35.54 -15.88
CA LEU A 479 33.53 -36.54 -16.47
C LEU A 479 33.56 -37.81 -15.63
N ARG A 480 33.52 -37.68 -14.30
CA ARG A 480 33.46 -38.85 -13.44
C ARG A 480 32.18 -39.64 -13.67
N ALA A 481 31.05 -38.94 -13.83
CA ALA A 481 29.79 -39.62 -14.12
C ALA A 481 29.86 -40.33 -15.47
N VAL A 482 30.48 -39.69 -16.46
CA VAL A 482 30.60 -40.31 -17.79
C VAL A 482 31.48 -41.55 -17.71
N GLN A 483 32.60 -41.47 -17.00
CA GLN A 483 33.52 -42.60 -16.89
C GLN A 483 32.89 -43.76 -16.11
N GLU A 484 32.19 -43.46 -15.02
CA GLU A 484 31.53 -44.50 -14.25
C GLU A 484 30.43 -45.17 -15.08
N GLY A 485 29.69 -44.40 -15.86
CA GLY A 485 28.56 -44.90 -16.62
C GLY A 485 27.24 -44.27 -16.23
N VAL A 486 27.24 -43.33 -15.28
CA VAL A 486 25.99 -42.65 -14.92
C VAL A 486 25.46 -41.88 -16.13
N ILE A 487 26.33 -41.15 -16.80
CA ILE A 487 26.00 -40.47 -18.05
C ILE A 487 26.69 -41.23 -19.16
N ARG A 488 25.91 -41.82 -20.06
CA ARG A 488 26.45 -42.67 -21.12
C ARG A 488 26.35 -41.92 -22.44
N LEU A 489 27.49 -41.52 -22.99
CA LEU A 489 27.58 -40.86 -24.27
C LEU A 489 28.31 -41.77 -25.25
N ARG A 490 27.80 -41.86 -26.47
CA ARG A 490 28.46 -42.64 -27.50
C ARG A 490 29.59 -41.83 -28.12
N THR A 491 30.80 -42.36 -27.99
CA THR A 491 32.00 -41.73 -28.55
C THR A 491 32.57 -42.58 -29.68
N THR A 492 32.06 -43.79 -29.87
CA THR A 492 32.49 -44.68 -30.93
C THR A 492 31.27 -45.27 -31.62
N GLY A 493 31.48 -45.79 -32.82
CA GLY A 493 30.41 -46.47 -33.54
C GLY A 493 29.44 -45.50 -34.19
N ARG A 494 28.34 -46.08 -34.66
CA ARG A 494 27.30 -45.36 -35.37
C ARG A 494 25.95 -45.59 -34.70
N ALA A 495 25.06 -44.61 -34.83
CA ALA A 495 23.72 -44.70 -34.26
C ALA A 495 22.75 -44.01 -35.19
N VAL A 496 21.54 -44.56 -35.30
CA VAL A 496 20.52 -44.02 -36.20
C VAL A 496 19.63 -43.06 -35.42
N GLY A 497 19.72 -41.78 -35.75
CA GLY A 497 18.91 -40.76 -35.11
C GLY A 497 19.53 -40.14 -33.87
N GLU A 498 20.70 -40.59 -33.45
CA GLU A 498 21.39 -40.01 -32.31
C GLU A 498 22.64 -39.27 -32.76
N VAL A 499 22.90 -38.14 -32.12
CA VAL A 499 24.08 -37.32 -32.43
C VAL A 499 24.61 -36.77 -31.12
N ASN A 500 25.85 -36.27 -31.16
CA ASN A 500 26.48 -35.67 -29.98
C ASN A 500 26.47 -34.16 -30.16
N SER A 501 25.42 -33.52 -29.67
CA SER A 501 25.39 -32.07 -29.66
C SER A 501 26.42 -31.53 -28.66
N LEU A 502 26.84 -30.29 -28.86
CA LEU A 502 27.78 -29.65 -27.96
C LEU A 502 27.10 -28.45 -27.31
N VAL A 503 26.91 -28.52 -26.00
CA VAL A 503 26.14 -27.50 -25.30
C VAL A 503 27.04 -26.81 -24.28
N VAL A 504 26.64 -25.60 -23.91
CA VAL A 504 27.29 -24.84 -22.85
C VAL A 504 26.33 -24.82 -21.68
N VAL A 505 26.75 -25.41 -20.56
CA VAL A 505 25.87 -25.56 -19.41
C VAL A 505 25.78 -24.23 -18.67
N GLU A 506 24.55 -23.78 -18.43
CA GLU A 506 24.30 -22.57 -17.65
C GLU A 506 23.50 -22.85 -16.39
N ALA A 507 22.83 -24.00 -16.30
CA ALA A 507 22.34 -24.48 -15.02
C ALA A 507 23.48 -24.90 -14.10
N ALA A 508 24.68 -25.02 -14.65
CA ALA A 508 25.92 -25.30 -13.95
C ALA A 508 26.88 -24.16 -14.31
N PRO A 509 28.08 -24.10 -13.72
CA PRO A 509 29.05 -23.09 -14.14
C PRO A 509 29.37 -23.21 -15.62
N TYR A 510 29.70 -22.07 -16.23
CA TYR A 510 30.00 -21.99 -17.66
C TYR A 510 31.06 -23.01 -18.06
N TRP A 511 30.68 -23.89 -18.99
CA TRP A 511 31.57 -24.94 -19.51
C TRP A 511 30.91 -25.61 -20.70
N GLY A 512 31.70 -26.12 -21.63
CA GLY A 512 31.16 -26.86 -22.76
C GLY A 512 31.27 -28.35 -22.55
N ARG A 513 30.26 -29.08 -23.03
CA ARG A 513 30.25 -30.52 -22.88
C ARG A 513 29.25 -31.12 -23.86
N PRO A 514 29.42 -32.38 -24.24
CA PRO A 514 28.49 -33.02 -25.17
C PRO A 514 27.19 -33.44 -24.50
N ALA A 515 26.16 -33.58 -25.33
CA ALA A 515 24.85 -34.04 -24.92
C ALA A 515 24.31 -34.95 -26.01
N ARG A 516 23.78 -36.11 -25.62
CA ARG A 516 23.25 -37.05 -26.60
C ARG A 516 21.88 -36.57 -27.07
N LEU A 517 21.82 -36.09 -28.30
CA LEU A 517 20.59 -35.60 -28.91
C LEU A 517 19.95 -36.77 -29.65
N THR A 518 18.67 -37.02 -29.37
CA THR A 518 17.94 -38.11 -29.98
C THR A 518 16.84 -37.55 -30.86
N ALA A 519 16.69 -38.13 -32.05
CA ALA A 519 15.59 -37.80 -32.95
C ALA A 519 14.87 -39.08 -33.34
N ARG A 520 13.56 -39.09 -33.15
CA ARG A 520 12.73 -40.24 -33.45
C ARG A 520 11.70 -39.86 -34.51
N ALA A 521 11.69 -40.59 -35.62
CA ALA A 521 10.80 -40.30 -36.74
C ALA A 521 9.68 -41.31 -36.77
N ALA A 522 8.44 -40.82 -36.84
CA ALA A 522 7.28 -41.67 -36.90
C ALA A 522 6.35 -41.22 -38.03
N PRO A 523 5.58 -42.14 -38.61
CA PRO A 523 4.58 -41.71 -39.61
C PRO A 523 3.52 -40.84 -38.94
N GLY A 524 3.17 -39.73 -39.59
CA GLY A 524 2.23 -38.82 -39.00
C GLY A 524 2.14 -37.49 -39.71
N ARG A 525 1.82 -36.43 -38.96
CA ARG A 525 1.64 -35.10 -39.51
C ARG A 525 2.98 -34.50 -39.92
N ASP A 526 2.96 -33.27 -40.40
CA ASP A 526 4.18 -32.50 -40.64
C ASP A 526 4.70 -31.83 -39.39
N HIS A 527 4.10 -32.13 -38.24
CA HIS A 527 4.46 -31.46 -36.99
C HIS A 527 5.80 -31.98 -36.48
N LEU A 528 6.56 -31.08 -35.87
CA LEU A 528 7.91 -31.38 -35.36
C LEU A 528 7.92 -31.09 -33.87
N ILE A 529 8.04 -32.14 -33.06
CA ILE A 529 8.04 -32.00 -31.61
C ILE A 529 9.47 -31.74 -31.15
N SER A 530 9.65 -30.69 -30.37
CA SER A 530 10.90 -30.44 -29.65
C SER A 530 10.59 -30.65 -28.17
N ILE A 531 10.85 -31.85 -27.68
CA ILE A 531 10.41 -32.29 -26.36
C ILE A 531 10.98 -31.38 -25.29
N ASP A 532 12.21 -30.93 -25.47
CA ASP A 532 12.84 -30.04 -24.48
C ASP A 532 12.28 -28.62 -24.52
N ARG A 533 11.72 -28.20 -25.65
CA ARG A 533 11.12 -26.87 -25.74
C ARG A 533 9.62 -26.89 -25.41
N GLU A 534 8.90 -27.87 -25.93
CA GLU A 534 7.47 -28.02 -25.63
C GLU A 534 7.24 -28.90 -24.41
N ALA A 535 7.88 -28.56 -23.29
CA ALA A 535 7.80 -29.37 -22.08
C ALA A 535 7.10 -28.64 -20.96
N GLY A 536 5.98 -27.98 -21.28
CA GLY A 536 5.28 -27.17 -20.31
C GLY A 536 5.68 -25.71 -20.44
N LEU A 537 4.70 -24.83 -20.58
CA LEU A 537 4.91 -23.41 -20.84
C LEU A 537 5.70 -23.18 -22.13
N GLY A 538 5.76 -24.18 -23.00
CA GLY A 538 6.45 -24.04 -24.27
C GLY A 538 5.66 -24.64 -25.42
N GLY A 539 4.56 -25.31 -25.10
CA GLY A 539 3.68 -25.85 -26.11
C GLY A 539 2.70 -24.80 -26.61
N GLN A 540 2.59 -23.70 -25.88
CA GLN A 540 1.78 -22.56 -26.27
C GLN A 540 2.61 -21.48 -26.95
N ILE A 541 3.88 -21.76 -27.23
CA ILE A 541 4.81 -20.79 -27.80
C ILE A 541 5.44 -21.40 -29.05
N PHE A 542 5.46 -20.62 -30.14
CA PHE A 542 6.18 -21.02 -31.34
C PHE A 542 7.66 -20.72 -31.15
N HIS A 543 8.49 -21.72 -31.40
CA HIS A 543 9.92 -21.59 -31.18
C HIS A 543 10.62 -21.37 -32.51
N LYS A 544 11.54 -20.39 -32.54
CA LYS A 544 12.25 -20.08 -33.76
C LYS A 544 13.07 -21.26 -34.26
N ALA A 545 13.63 -22.05 -33.33
CA ALA A 545 14.37 -23.24 -33.74
C ALA A 545 13.44 -24.27 -34.38
N VAL A 546 12.29 -24.51 -33.76
CA VAL A 546 11.34 -25.48 -34.31
C VAL A 546 10.81 -25.00 -35.66
N LEU A 547 10.49 -23.70 -35.76
CA LEU A 547 10.02 -23.15 -37.03
C LEU A 547 11.09 -23.27 -38.11
N THR A 548 12.35 -23.00 -37.76
CA THR A 548 13.43 -23.12 -38.73
C THR A 548 13.61 -24.55 -39.21
N LEU A 549 13.61 -25.52 -38.28
CA LEU A 549 13.76 -26.91 -38.66
C LEU A 549 12.58 -27.38 -39.51
N ALA A 550 11.36 -26.99 -39.13
CA ALA A 550 10.19 -27.36 -39.91
C ALA A 550 10.23 -26.75 -41.30
N GLY A 551 10.67 -25.49 -41.40
CA GLY A 551 10.78 -24.87 -42.71
C GLY A 551 11.79 -25.57 -43.59
N TYR A 552 12.96 -25.90 -43.04
CA TYR A 552 13.95 -26.63 -43.81
C TYR A 552 13.41 -27.97 -44.29
N LEU A 553 12.83 -28.75 -43.38
CA LEU A 553 12.37 -30.08 -43.75
C LEU A 553 11.22 -30.03 -44.75
N ARG A 554 10.30 -29.09 -44.56
CA ARG A 554 9.17 -28.95 -45.49
C ARG A 554 9.63 -28.52 -46.87
N SER A 555 10.53 -27.54 -46.94
CA SER A 555 10.91 -26.99 -48.23
C SER A 555 11.87 -27.88 -48.99
N ARG A 556 12.83 -28.51 -48.31
CA ARG A 556 13.87 -29.24 -49.03
C ARG A 556 13.32 -30.54 -49.62
N TYR A 557 12.45 -31.22 -48.89
CA TYR A 557 11.92 -32.52 -49.27
C TYR A 557 10.52 -32.32 -49.82
N ILE A 558 10.41 -32.18 -51.15
CA ILE A 558 9.13 -31.91 -51.77
C ILE A 558 8.80 -33.00 -52.79
N GLU A 559 8.13 -34.04 -52.33
CA GLU A 559 7.53 -35.04 -53.19
C GLU A 559 6.16 -35.48 -52.69
N HIS A 560 5.74 -35.00 -51.53
CA HIS A 560 4.37 -35.14 -51.04
C HIS A 560 3.89 -33.77 -50.58
N GLY A 561 2.57 -33.61 -50.51
CA GLY A 561 2.01 -32.32 -50.16
C GLY A 561 2.39 -31.82 -48.78
N SER A 562 2.81 -32.71 -47.88
CA SER A 562 3.27 -32.32 -46.57
C SER A 562 4.28 -33.34 -46.09
N LEU A 563 5.10 -32.93 -45.11
CA LEU A 563 6.10 -33.81 -44.54
C LEU A 563 5.39 -35.00 -43.90
N PRO A 564 5.52 -36.20 -44.47
CA PRO A 564 4.70 -37.32 -44.01
C PRO A 564 5.23 -37.97 -42.74
N VAL A 565 6.19 -37.31 -42.10
CA VAL A 565 6.85 -37.84 -40.91
C VAL A 565 6.85 -36.77 -39.82
N THR A 566 6.64 -37.21 -38.58
CA THR A 566 6.76 -36.35 -37.42
C THR A 566 8.04 -36.73 -36.68
N ILE A 567 8.84 -35.72 -36.34
CA ILE A 567 10.14 -35.92 -35.71
C ILE A 567 10.09 -35.39 -34.29
N SER A 568 10.41 -36.25 -33.33
CA SER A 568 10.52 -35.87 -31.93
C SER A 568 12.00 -35.72 -31.60
N LEU A 569 12.39 -34.51 -31.19
CA LEU A 569 13.77 -34.21 -30.85
C LEU A 569 13.87 -34.03 -29.34
N ALA A 570 14.76 -34.80 -28.72
CA ALA A 570 14.91 -34.77 -27.27
C ALA A 570 16.38 -34.66 -26.90
N PHE A 571 16.63 -33.99 -25.79
CA PHE A 571 17.94 -33.97 -25.14
C PHE A 571 17.91 -34.97 -23.99
N GLU A 572 18.54 -36.12 -24.21
CA GLU A 572 18.80 -37.02 -23.10
C GLU A 572 19.71 -36.35 -22.08
N GLN A 573 19.55 -36.71 -20.81
CA GLN A 573 20.42 -36.23 -19.74
C GLN A 573 20.38 -34.70 -19.64
N ASN A 574 19.24 -34.21 -19.13
CA ASN A 574 19.10 -32.82 -18.76
C ASN A 574 20.23 -32.41 -17.81
N TYR A 575 20.36 -31.12 -17.52
CA TYR A 575 21.57 -30.30 -17.39
C TYR A 575 21.88 -29.60 -18.71
N VAL A 576 21.11 -29.83 -19.76
CA VAL A 576 21.33 -29.15 -21.03
C VAL A 576 20.48 -27.89 -21.07
N SER A 577 21.12 -26.75 -21.28
CA SER A 577 20.43 -25.47 -21.41
C SER A 577 20.11 -25.26 -22.88
N ILE A 578 18.84 -25.43 -23.24
CA ILE A 578 18.43 -25.34 -24.64
C ILE A 578 18.23 -23.88 -25.03
N GLU A 579 18.47 -23.61 -26.31
CA GLU A 579 18.22 -22.29 -26.90
C GLU A 579 17.07 -22.43 -27.88
N GLY A 580 15.90 -21.91 -27.50
CA GLY A 580 14.73 -22.02 -28.34
C GLY A 580 14.67 -21.06 -29.51
N ASP A 581 15.63 -20.14 -29.61
CA ASP A 581 15.67 -19.16 -30.68
C ASP A 581 16.64 -19.52 -31.80
N SER A 582 17.49 -20.53 -31.60
CA SER A 582 18.46 -20.95 -32.60
C SER A 582 18.31 -22.43 -32.85
N ALA A 583 18.13 -22.81 -34.12
CA ALA A 583 18.05 -24.21 -34.49
C ALA A 583 19.46 -24.79 -34.61
N GLY A 584 19.73 -25.84 -33.84
CA GLY A 584 21.04 -26.44 -33.86
C GLY A 584 21.25 -27.33 -35.08
N LEU A 585 22.51 -27.36 -35.53
CA LEU A 585 22.86 -28.27 -36.62
C LEU A 585 22.73 -29.73 -36.18
N ALA A 586 23.00 -30.01 -34.91
CA ALA A 586 22.84 -31.36 -34.39
C ALA A 586 21.38 -31.83 -34.49
N GLU A 587 20.45 -30.93 -34.16
CA GLU A 587 19.04 -31.29 -34.27
C GLU A 587 18.66 -31.63 -35.70
N LEU A 588 19.13 -30.83 -36.66
CA LEU A 588 18.78 -31.07 -38.06
C LEU A 588 19.39 -32.36 -38.57
N VAL A 589 20.66 -32.62 -38.26
CA VAL A 589 21.28 -33.85 -38.76
C VAL A 589 20.66 -35.07 -38.09
N ALA A 590 20.32 -34.98 -36.80
CA ALA A 590 19.64 -36.09 -36.15
C ALA A 590 18.26 -36.33 -36.75
N ALA A 591 17.53 -35.26 -37.08
CA ALA A 591 16.23 -35.41 -37.72
C ALA A 591 16.36 -36.07 -39.09
N LEU A 592 17.36 -35.65 -39.87
CA LEU A 592 17.59 -36.28 -41.16
C LEU A 592 17.96 -37.76 -41.01
N SER A 593 18.78 -38.08 -40.01
CA SER A 593 19.12 -39.48 -39.75
C SER A 593 17.89 -40.29 -39.37
N ALA A 594 17.03 -39.73 -38.52
CA ALA A 594 15.82 -40.43 -38.12
C ALA A 594 14.89 -40.65 -39.30
N ILE A 595 14.76 -39.65 -40.17
CA ILE A 595 13.89 -39.79 -41.33
C ILE A 595 14.45 -40.83 -42.31
N GLY A 596 15.73 -40.73 -42.63
CA GLY A 596 16.34 -41.60 -43.61
C GLY A 596 16.97 -42.86 -43.08
N ASN A 597 16.85 -43.14 -41.79
CA ASN A 597 17.47 -44.32 -41.16
C ASN A 597 18.97 -44.34 -41.42
N LEU A 598 19.61 -43.17 -41.30
CA LEU A 598 21.03 -43.04 -41.60
C LEU A 598 21.84 -43.19 -40.33
N PRO A 599 22.71 -44.19 -40.21
CA PRO A 599 23.56 -44.29 -39.02
C PRO A 599 24.66 -43.24 -39.01
N LEU A 600 24.50 -42.22 -38.19
CA LEU A 600 25.52 -41.19 -38.04
C LEU A 600 26.67 -41.69 -37.17
N ARG A 601 27.88 -41.24 -37.51
CA ARG A 601 29.04 -41.54 -36.68
C ARG A 601 28.89 -40.87 -35.32
N GLN A 602 29.12 -41.63 -34.26
CA GLN A 602 29.14 -41.09 -32.91
C GLN A 602 30.51 -40.59 -32.51
N ASP A 603 31.53 -40.80 -33.35
CA ASP A 603 32.86 -40.27 -33.09
C ASP A 603 32.83 -38.74 -33.04
N LEU A 604 32.09 -38.13 -33.94
CA LEU A 604 32.12 -36.69 -34.15
C LEU A 604 30.96 -36.02 -33.43
N ALA A 605 31.28 -35.07 -32.56
CA ALA A 605 30.25 -34.20 -32.01
C ALA A 605 29.89 -33.14 -33.04
N VAL A 606 28.66 -32.65 -32.95
CA VAL A 606 28.13 -31.68 -33.90
C VAL A 606 27.70 -30.44 -33.14
N THR A 607 28.25 -29.29 -33.52
CA THR A 607 27.89 -28.01 -32.95
C THR A 607 27.64 -27.01 -34.07
N GLY A 608 26.88 -25.96 -33.76
CA GLY A 608 26.58 -24.94 -34.73
C GLY A 608 25.10 -24.75 -34.95
N ALA A 609 24.70 -23.53 -35.28
CA ALA A 609 23.31 -23.23 -35.58
C ALA A 609 23.03 -23.54 -37.05
N VAL A 610 21.77 -23.37 -37.44
CA VAL A 610 21.37 -23.60 -38.82
C VAL A 610 20.12 -22.77 -39.10
N ASP A 611 19.98 -22.34 -40.35
CA ASP A 611 18.78 -21.62 -40.78
C ASP A 611 17.93 -22.53 -41.65
N GLN A 612 16.78 -22.00 -42.08
CA GLN A 612 15.82 -22.79 -42.83
C GLN A 612 16.33 -23.18 -44.21
N THR A 613 17.39 -22.56 -44.71
CA THR A 613 17.98 -22.94 -45.98
C THR A 613 19.09 -23.97 -45.84
N GLY A 614 19.38 -24.40 -44.62
CA GLY A 614 20.46 -25.35 -44.40
C GLY A 614 21.83 -24.74 -44.24
N LYS A 615 21.91 -23.43 -44.00
CA LYS A 615 23.18 -22.75 -43.84
C LYS A 615 23.59 -22.79 -42.37
N VAL A 616 24.80 -23.29 -42.10
CA VAL A 616 25.28 -23.43 -40.73
C VAL A 616 25.84 -22.10 -40.28
N LEU A 617 25.32 -21.58 -39.17
CA LEU A 617 25.71 -20.28 -38.65
C LEU A 617 26.65 -20.41 -37.46
N ALA A 618 27.38 -19.34 -37.19
CA ALA A 618 28.32 -19.34 -36.08
C ALA A 618 27.59 -19.40 -34.75
N VAL A 619 28.26 -20.00 -33.76
CA VAL A 619 27.74 -20.10 -32.41
C VAL A 619 28.80 -19.60 -31.44
N GLY A 620 28.34 -19.21 -30.25
CA GLY A 620 29.24 -18.74 -29.22
C GLY A 620 29.85 -19.87 -28.41
N ALA A 621 30.97 -19.56 -27.77
CA ALA A 621 31.70 -20.51 -26.92
C ALA A 621 32.03 -21.79 -27.69
N ILE A 622 32.50 -21.62 -28.92
CA ILE A 622 32.89 -22.77 -29.74
C ILE A 622 34.09 -23.48 -29.12
N ASN A 623 35.05 -22.72 -28.60
CA ASN A 623 36.21 -23.32 -27.96
C ASN A 623 35.80 -24.16 -26.76
N ALA A 624 34.87 -23.65 -25.95
CA ALA A 624 34.41 -24.39 -24.79
C ALA A 624 33.77 -25.71 -25.20
N LYS A 625 32.94 -25.70 -26.23
CA LYS A 625 32.27 -26.92 -26.68
C LYS A 625 33.28 -27.93 -27.23
N VAL A 626 34.20 -27.47 -28.08
CA VAL A 626 35.18 -28.39 -28.66
C VAL A 626 36.05 -28.99 -27.58
N GLU A 627 36.51 -28.17 -26.63
CA GLU A 627 37.35 -28.67 -25.56
C GLU A 627 36.59 -29.58 -24.60
N GLY A 628 35.29 -29.33 -24.39
CA GLY A 628 34.51 -30.23 -23.57
C GLY A 628 34.35 -31.60 -24.21
N PHE A 629 34.07 -31.62 -25.52
CA PHE A 629 34.02 -32.91 -26.20
C PHE A 629 35.37 -33.60 -26.18
N PHE A 630 36.45 -32.84 -26.33
CA PHE A 630 37.77 -33.44 -26.27
C PHE A 630 38.06 -34.02 -24.89
N ARG A 631 37.62 -33.32 -23.83
CA ARG A 631 37.77 -33.83 -22.48
C ARG A 631 37.02 -35.14 -22.31
N VAL A 632 35.80 -35.20 -22.80
CA VAL A 632 35.02 -36.45 -22.70
C VAL A 632 35.69 -37.56 -23.47
N CYS A 633 36.18 -37.27 -24.67
CA CYS A 633 36.84 -38.30 -25.48
C CYS A 633 38.12 -38.80 -24.84
N LYS A 634 38.93 -37.89 -24.25
CA LYS A 634 40.14 -38.31 -23.57
C LYS A 634 39.85 -39.09 -22.29
N ALA A 635 38.77 -38.73 -21.59
CA ALA A 635 38.39 -39.47 -20.39
C ALA A 635 38.05 -40.92 -20.74
N LEU A 636 37.33 -41.12 -21.84
CA LEU A 636 37.00 -42.47 -22.30
C LEU A 636 38.07 -43.08 -23.20
N GLY A 637 39.12 -42.34 -23.50
CA GLY A 637 40.18 -42.84 -24.35
C GLY A 637 40.04 -42.40 -25.80
N LEU A 638 41.08 -41.74 -26.31
CA LEU A 638 41.06 -41.26 -27.70
C LEU A 638 41.34 -42.42 -28.64
N SER A 639 40.39 -42.68 -29.55
CA SER A 639 40.54 -43.75 -30.52
C SER A 639 41.13 -43.28 -31.85
N GLY A 640 41.47 -42.00 -31.96
CA GLY A 640 42.02 -41.46 -33.19
C GLY A 640 41.02 -41.11 -34.26
N THR A 641 39.72 -41.27 -33.98
CA THR A 641 38.68 -40.94 -34.94
C THR A 641 37.67 -39.94 -34.43
N GLN A 642 37.71 -39.56 -33.16
CA GLN A 642 36.78 -38.58 -32.64
C GLN A 642 37.02 -37.22 -33.30
N GLY A 643 36.04 -36.35 -33.18
CA GLY A 643 36.16 -35.02 -33.75
C GLY A 643 34.95 -34.18 -33.42
N VAL A 644 34.98 -32.95 -33.94
CA VAL A 644 33.88 -32.01 -33.76
C VAL A 644 33.54 -31.41 -35.12
N ILE A 645 32.26 -31.43 -35.47
CA ILE A 645 31.77 -30.77 -36.68
C ILE A 645 31.25 -29.40 -36.25
N LEU A 646 31.90 -28.35 -36.73
CA LEU A 646 31.62 -26.98 -36.34
C LEU A 646 31.54 -26.10 -37.57
N PRO A 647 30.84 -24.96 -37.48
CA PRO A 647 30.68 -24.11 -38.66
C PRO A 647 32.00 -23.51 -39.11
N GLU A 648 32.12 -23.29 -40.42
CA GLU A 648 33.24 -22.52 -40.95
C GLU A 648 33.20 -21.08 -40.49
N ALA A 649 32.04 -20.59 -40.07
CA ALA A 649 31.93 -19.23 -39.57
C ALA A 649 32.70 -19.07 -38.27
N ASN A 650 32.87 -20.16 -37.52
CA ASN A 650 33.55 -20.11 -36.23
C ASN A 650 35.05 -20.30 -36.34
N LEU A 651 35.61 -20.45 -37.55
CA LEU A 651 37.04 -20.61 -37.71
C LEU A 651 37.83 -19.40 -37.25
N ALA A 652 37.22 -18.22 -37.23
CA ALA A 652 37.86 -17.03 -36.70
C ALA A 652 37.77 -16.95 -35.19
N ASN A 653 37.04 -17.87 -34.57
CA ASN A 653 36.92 -17.92 -33.12
C ASN A 653 37.59 -19.14 -32.51
N LEU A 654 38.27 -19.95 -33.32
CA LEU A 654 38.85 -21.21 -32.85
C LEU A 654 40.22 -20.92 -32.24
N THR A 655 40.25 -20.84 -30.91
CA THR A 655 41.49 -20.61 -30.17
C THR A 655 41.73 -21.78 -29.22
N LEU A 656 41.62 -23.00 -29.75
CA LEU A 656 41.68 -24.21 -28.94
C LEU A 656 42.96 -24.25 -28.11
N ARG A 657 42.87 -24.91 -26.95
CA ARG A 657 43.99 -24.98 -26.03
C ARG A 657 45.08 -25.89 -26.58
N ALA A 658 46.16 -26.01 -25.81
CA ALA A 658 47.34 -26.74 -26.27
C ALA A 658 47.05 -28.22 -26.47
N GLU A 659 46.30 -28.85 -25.56
CA GLU A 659 46.07 -30.29 -25.65
C GLU A 659 45.23 -30.64 -26.88
N VAL A 660 44.20 -29.84 -27.18
CA VAL A 660 43.36 -30.12 -28.34
C VAL A 660 44.18 -29.97 -29.62
N LEU A 661 44.99 -28.92 -29.71
CA LEU A 661 45.82 -28.72 -30.89
C LEU A 661 46.86 -29.82 -31.04
N GLU A 662 47.45 -30.27 -29.93
CA GLU A 662 48.41 -31.36 -29.99
C GLU A 662 47.76 -32.65 -30.44
N ALA A 663 46.54 -32.93 -30.00
CA ALA A 663 45.82 -34.10 -30.48
C ALA A 663 45.48 -33.96 -31.96
N VAL A 664 45.11 -32.76 -32.40
CA VAL A 664 44.80 -32.54 -33.81
C VAL A 664 46.02 -32.78 -34.67
N ARG A 665 47.18 -32.28 -34.24
CA ARG A 665 48.41 -32.51 -35.00
C ARG A 665 48.82 -33.98 -35.00
N ALA A 666 48.55 -34.70 -33.91
CA ALA A 666 48.87 -36.12 -33.83
C ALA A 666 47.85 -37.00 -34.54
N GLY A 667 46.75 -36.43 -35.03
CA GLY A 667 45.74 -37.21 -35.71
C GLY A 667 44.77 -37.92 -34.79
N GLN A 668 44.79 -37.62 -33.49
CA GLN A 668 43.89 -38.24 -32.55
C GLN A 668 42.57 -37.49 -32.39
N PHE A 669 42.51 -36.24 -32.85
CA PHE A 669 41.28 -35.45 -32.81
C PHE A 669 41.17 -34.69 -34.11
N HIS A 670 39.96 -34.68 -34.68
CA HIS A 670 39.72 -34.05 -35.97
C HIS A 670 38.75 -32.89 -35.80
N ILE A 671 38.91 -31.87 -36.64
CA ILE A 671 38.00 -30.73 -36.66
C ILE A 671 37.45 -30.61 -38.07
N TYR A 672 36.12 -30.66 -38.19
CA TYR A 672 35.44 -30.57 -39.48
C TYR A 672 34.67 -29.27 -39.53
N ALA A 673 34.98 -28.44 -40.51
CA ALA A 673 34.33 -27.16 -40.70
C ALA A 673 33.38 -27.25 -41.89
N VAL A 674 32.11 -26.90 -41.69
CA VAL A 674 31.08 -27.12 -42.68
C VAL A 674 30.36 -25.81 -42.97
N GLU A 675 29.94 -25.65 -44.23
CA GLU A 675 29.11 -24.54 -44.66
C GLU A 675 27.62 -24.83 -44.53
N THR A 676 27.19 -26.02 -44.92
CA THR A 676 25.78 -26.38 -44.95
C THR A 676 25.53 -27.64 -44.14
N ALA A 677 24.27 -27.83 -43.76
CA ALA A 677 23.89 -29.02 -43.00
C ALA A 677 24.08 -30.30 -43.81
N GLU A 678 23.99 -30.20 -45.14
CA GLU A 678 24.23 -31.37 -45.97
C GLU A 678 25.68 -31.85 -45.85
N GLN A 679 26.63 -30.92 -45.73
CA GLN A 679 28.01 -31.30 -45.50
C GLN A 679 28.18 -32.03 -44.18
N ALA A 680 27.53 -31.52 -43.11
CA ALA A 680 27.61 -32.17 -41.82
C ALA A 680 27.02 -33.58 -41.87
N LEU A 681 25.87 -33.73 -42.55
CA LEU A 681 25.29 -35.06 -42.70
C LEU A 681 26.17 -35.97 -43.51
N GLU A 682 26.84 -35.45 -44.54
CA GLU A 682 27.76 -36.25 -45.33
C GLU A 682 28.92 -36.75 -44.47
N ILE A 683 29.47 -35.88 -43.63
CA ILE A 683 30.57 -36.28 -42.77
C ILE A 683 30.11 -37.31 -41.74
N LEU A 684 28.93 -37.09 -41.14
CA LEU A 684 28.44 -37.98 -40.10
C LEU A 684 28.11 -39.36 -40.65
N ALA A 685 27.37 -39.42 -41.75
CA ALA A 685 26.97 -40.68 -42.32
C ALA A 685 28.02 -41.31 -43.22
N GLY A 686 29.11 -40.60 -43.50
CA GLY A 686 30.17 -41.14 -44.33
C GLY A 686 29.76 -41.47 -45.74
N ALA A 687 28.85 -40.69 -46.32
CA ALA A 687 28.40 -40.91 -47.68
C ALA A 687 27.94 -39.58 -48.27
N ARG A 688 28.09 -39.45 -49.59
CA ARG A 688 27.69 -38.25 -50.28
C ARG A 688 26.17 -38.23 -50.46
N MET A 689 25.62 -37.01 -50.51
CA MET A 689 24.17 -36.87 -50.64
C MET A 689 23.66 -37.42 -51.97
N GLU A 690 24.35 -37.13 -53.07
CA GLU A 690 23.93 -37.58 -54.39
C GLU A 690 24.94 -38.60 -54.92
N GLY A 691 24.44 -39.71 -55.44
CA GLY A 691 25.30 -40.73 -55.99
C GLY A 691 24.66 -42.10 -55.86
N PHE A 692 25.53 -43.11 -55.93
CA PHE A 692 25.09 -44.50 -55.77
C PHE A 692 24.70 -44.74 -54.33
N ARG A 693 23.39 -44.89 -54.09
CA ARG A 693 22.83 -45.05 -52.74
C ARG A 693 23.27 -43.90 -51.83
N GLY A 694 23.08 -42.68 -52.31
CA GLY A 694 23.45 -41.51 -51.55
C GLY A 694 22.50 -41.24 -50.41
N LEU A 695 22.90 -40.29 -49.57
CA LEU A 695 22.09 -39.94 -48.40
C LEU A 695 20.74 -39.37 -48.81
N GLN A 696 20.73 -38.54 -49.86
CA GLN A 696 19.47 -37.95 -50.32
C GLN A 696 18.49 -39.02 -50.76
N GLU A 697 18.97 -40.01 -51.51
CA GLU A 697 18.10 -41.10 -51.94
C GLU A 697 17.55 -41.88 -50.75
N LYS A 698 18.40 -42.13 -49.75
CA LYS A 698 17.95 -42.88 -48.57
C LYS A 698 16.90 -42.09 -47.78
N ILE A 699 17.10 -40.79 -47.62
CA ILE A 699 16.12 -39.97 -46.92
C ILE A 699 14.81 -39.92 -47.69
N ARG A 700 14.88 -39.80 -49.01
CA ARG A 700 13.66 -39.82 -49.81
C ARG A 700 12.96 -41.17 -49.73
N ALA A 701 13.71 -42.26 -49.70
CA ALA A 701 13.10 -43.57 -49.55
C ALA A 701 12.43 -43.73 -48.20
N GLY A 702 13.05 -43.23 -47.14
CA GLY A 702 12.41 -43.23 -45.83
C GLY A 702 11.14 -42.40 -45.81
N LEU A 703 11.17 -41.25 -46.48
CA LEU A 703 9.98 -40.43 -46.58
C LEU A 703 8.87 -41.14 -47.34
N GLU A 704 9.22 -41.84 -48.42
CA GLU A 704 8.23 -42.61 -49.16
C GLU A 704 7.65 -43.74 -48.31
N ALA A 705 8.49 -44.38 -47.50
CA ALA A 705 7.99 -45.43 -46.62
C ALA A 705 7.02 -44.86 -45.59
N PHE A 706 7.36 -43.71 -45.00
CA PHE A 706 6.46 -43.08 -44.04
C PHE A 706 5.16 -42.64 -44.70
N ALA A 707 5.24 -42.12 -45.93
CA ALA A 707 4.04 -41.73 -46.66
C ALA A 707 3.18 -42.93 -47.01
N ARG A 708 3.81 -44.06 -47.32
CA ARG A 708 3.06 -45.29 -47.57
C ARG A 708 2.35 -45.77 -46.30
N LEU A 709 3.03 -45.67 -45.16
CA LEU A 709 2.39 -46.02 -43.89
C LEU A 709 1.21 -45.09 -43.61
N GLU A 710 1.37 -43.79 -43.88
CA GLU A 710 0.27 -42.85 -43.71
C GLU A 710 -0.87 -43.10 -44.69
N GLU A 711 -0.58 -43.52 -45.92
CA GLU A 711 -1.64 -43.91 -46.84
C GLU A 711 -2.36 -45.17 -46.38
N GLY A 712 -1.62 -46.12 -45.79
CA GLY A 712 -2.26 -47.25 -45.16
C GLY A 712 -3.19 -46.85 -44.05
N HIS A 713 -2.75 -45.89 -43.22
CA HIS A 713 -3.64 -45.36 -42.18
C HIS A 713 -4.83 -44.60 -42.76
N ASP A 714 -4.63 -43.89 -43.88
CA ASP A 714 -5.73 -43.18 -44.51
C ASP A 714 -6.79 -44.13 -45.04
N LYS A 715 -6.37 -45.21 -45.70
CA LYS A 715 -7.34 -46.21 -46.14
C LYS A 715 -7.89 -47.03 -44.97
N GLU A 716 -7.16 -47.12 -43.85
CA GLU A 716 -7.72 -47.65 -42.63
C GLU A 716 -8.86 -46.78 -42.14
N ASP A 717 -8.68 -45.45 -42.22
CA ASP A 717 -9.75 -44.51 -41.91
C ASP A 717 -10.91 -44.62 -42.88
N ARG A 718 -10.64 -44.88 -44.16
CA ARG A 718 -11.70 -45.05 -45.16
C ARG A 718 -12.24 -46.47 -45.18
N GLU A 719 -11.44 -47.44 -45.60
CA GLU A 719 -11.84 -48.84 -45.58
C GLU A 719 -11.43 -49.47 -44.25
N MET B 1 14.42 1.30 -62.47
CA MET B 1 15.35 2.09 -63.26
C MET B 1 16.67 2.29 -62.51
N ARG B 2 17.77 2.30 -63.25
CA ARG B 2 19.10 2.48 -62.67
C ARG B 2 19.40 3.98 -62.62
N LEU B 3 19.52 4.51 -61.40
CA LEU B 3 19.78 5.93 -61.23
C LEU B 3 21.21 6.26 -61.65
N SER B 4 21.35 7.32 -62.45
CA SER B 4 22.66 7.82 -62.80
C SER B 4 23.21 8.69 -61.67
N TYR B 5 24.48 9.08 -61.81
CA TYR B 5 25.12 9.89 -60.76
C TYR B 5 24.46 11.26 -60.63
N GLU B 6 24.15 11.91 -61.75
CA GLU B 6 23.52 13.23 -61.69
C GLU B 6 22.13 13.16 -61.06
N ALA B 7 21.39 12.08 -61.29
CA ALA B 7 20.12 11.88 -60.61
C ALA B 7 20.29 11.61 -59.12
N LEU B 8 21.49 11.30 -58.67
CA LEU B 8 21.77 11.04 -57.27
C LEU B 8 22.61 12.10 -56.59
N GLU B 9 23.26 12.98 -57.35
CA GLU B 9 24.11 14.00 -56.75
C GLU B 9 23.24 15.09 -56.12
N TRP B 10 23.45 15.33 -54.83
CA TRP B 10 22.65 16.27 -54.06
C TRP B 10 23.44 17.42 -53.47
N ARG B 11 24.76 17.26 -53.32
CA ARG B 11 25.57 18.25 -52.64
C ARG B 11 25.67 19.53 -53.46
N THR B 12 25.64 20.66 -52.75
CA THR B 12 25.77 21.96 -53.41
C THR B 12 27.19 22.10 -53.95
N PRO B 13 27.36 22.46 -55.22
CA PRO B 13 28.71 22.55 -55.80
C PRO B 13 29.53 23.64 -55.13
N ILE B 14 30.70 23.25 -54.62
CA ILE B 14 31.63 24.23 -54.05
C ILE B 14 32.37 24.94 -55.17
N GLU B 15 32.40 26.27 -55.10
CA GLU B 15 33.02 27.08 -56.14
C GLU B 15 34.24 27.83 -55.66
N ASN B 16 34.19 28.46 -54.49
CA ASN B 16 35.31 29.19 -53.94
C ASN B 16 35.52 28.79 -52.49
N SER B 17 36.80 28.61 -52.11
CA SER B 17 37.12 28.23 -50.74
C SER B 17 38.36 28.95 -50.21
N THR B 18 38.83 30.01 -50.88
CA THR B 18 40.02 30.72 -50.47
C THR B 18 39.72 32.01 -49.71
N GLU B 19 38.45 32.32 -49.47
CA GLU B 19 38.09 33.54 -48.76
C GLU B 19 36.97 33.27 -47.78
N PRO B 20 36.92 33.99 -46.67
CA PRO B 20 35.81 33.83 -45.72
C PRO B 20 34.55 34.50 -46.24
N VAL B 21 33.44 34.16 -45.60
CA VAL B 21 32.14 34.70 -45.99
C VAL B 21 31.84 35.94 -45.15
N SER B 22 31.19 36.91 -45.78
CA SER B 22 30.71 38.12 -45.11
C SER B 22 29.20 38.18 -45.31
N LEU B 23 28.45 37.71 -44.31
CA LEU B 23 27.00 37.59 -44.41
C LEU B 23 26.36 38.33 -43.25
N PRO B 24 25.36 39.18 -43.51
CA PRO B 24 24.66 39.84 -42.41
C PRO B 24 23.87 38.83 -41.60
N PRO B 25 23.67 39.09 -40.31
CA PRO B 25 22.90 38.16 -39.49
C PRO B 25 21.49 38.02 -40.03
N PRO B 26 20.92 36.82 -39.96
CA PRO B 26 19.57 36.61 -40.47
C PRO B 26 18.54 37.16 -39.50
N PRO B 27 17.34 37.48 -39.98
CA PRO B 27 16.27 37.88 -39.07
C PRO B 27 15.89 36.74 -38.15
N PRO B 28 15.40 37.04 -36.94
CA PRO B 28 14.96 35.97 -36.05
C PRO B 28 13.87 35.14 -36.69
N PHE B 29 13.92 33.83 -36.45
CA PHE B 29 13.06 32.85 -37.11
C PHE B 29 13.20 32.94 -38.63
N PHE B 30 14.43 32.68 -39.09
CA PHE B 30 14.71 32.57 -40.51
C PHE B 30 14.32 31.18 -40.97
N GLY B 31 13.56 31.13 -42.08
CA GLY B 31 13.01 29.87 -42.51
C GLY B 31 11.89 29.34 -41.64
N GLN B 32 11.43 30.14 -40.68
CA GLN B 32 10.35 29.76 -39.78
C GLN B 32 9.24 30.80 -39.85
N GLU B 33 8.80 31.11 -41.08
CA GLU B 33 7.87 32.21 -41.28
C GLU B 33 6.56 32.01 -40.53
N ARG B 34 6.11 30.77 -40.36
CA ARG B 34 4.90 30.53 -39.58
C ARG B 34 5.07 30.95 -38.13
N ALA B 35 6.17 30.52 -37.50
CA ALA B 35 6.40 30.88 -36.11
C ALA B 35 6.60 32.39 -35.96
N ARG B 36 7.35 32.99 -36.88
CA ARG B 36 7.59 34.44 -36.81
C ARG B 36 6.29 35.21 -36.96
N GLU B 37 5.44 34.82 -37.91
CA GLU B 37 4.18 35.51 -38.11
C GLU B 37 3.24 35.30 -36.92
N ALA B 38 3.21 34.10 -36.35
CA ALA B 38 2.38 33.86 -35.19
C ALA B 38 2.83 34.70 -34.00
N LEU B 39 4.14 34.78 -33.77
CA LEU B 39 4.64 35.59 -32.67
C LEU B 39 4.42 37.08 -32.93
N GLU B 40 4.52 37.51 -34.18
CA GLU B 40 4.21 38.90 -34.52
C GLU B 40 2.75 39.21 -34.23
N LEU B 41 1.84 38.28 -34.56
CA LEU B 41 0.43 38.49 -34.24
C LEU B 41 0.21 38.51 -32.73
N ALA B 42 0.88 37.62 -31.99
CA ALA B 42 0.74 37.58 -30.54
C ALA B 42 1.31 38.82 -29.87
N ILE B 43 2.32 39.45 -30.45
CA ILE B 43 2.89 40.68 -29.93
C ILE B 43 2.02 41.88 -30.29
N ARG B 44 1.53 41.94 -31.53
CA ARG B 44 0.67 43.04 -31.94
C ARG B 44 -0.62 43.07 -31.14
N GLY B 45 -1.19 41.90 -30.88
CA GLY B 45 -2.46 41.83 -30.18
C GLY B 45 -2.33 41.61 -28.68
N GLY B 46 -1.13 41.28 -28.22
CA GLY B 46 -0.93 41.05 -26.81
C GLY B 46 -1.49 39.74 -26.30
N PHE B 47 -1.71 38.78 -27.19
CA PHE B 47 -2.20 37.47 -26.78
C PHE B 47 -1.06 36.66 -26.17
N HIS B 48 -1.45 35.65 -25.40
CA HIS B 48 -0.49 34.65 -24.94
C HIS B 48 -0.29 33.61 -26.04
N ALA B 49 0.97 33.31 -26.32
CA ALA B 49 1.33 32.36 -27.35
C ALA B 49 2.11 31.20 -26.73
N TYR B 50 2.26 30.13 -27.50
CA TYR B 50 3.10 29.02 -27.09
C TYR B 50 3.91 28.53 -28.28
N LEU B 51 5.19 28.28 -28.04
CA LEU B 51 6.11 27.83 -29.08
C LEU B 51 6.23 26.31 -29.01
N VAL B 52 5.94 25.64 -30.13
CA VAL B 52 6.04 24.19 -30.21
C VAL B 52 7.02 23.84 -31.32
N GLY B 53 7.80 22.78 -31.07
CA GLY B 53 8.76 22.32 -32.04
C GLY B 53 9.68 21.27 -31.46
N PRO B 54 10.39 20.55 -32.33
CA PRO B 54 11.34 19.54 -31.86
C PRO B 54 12.45 20.16 -31.04
N PRO B 55 13.04 19.42 -30.11
CA PRO B 55 14.15 19.96 -29.31
C PRO B 55 15.36 20.26 -30.18
N SER B 56 16.33 20.93 -29.56
CA SER B 56 17.57 21.36 -30.22
C SER B 56 17.32 22.33 -31.36
N LEU B 57 16.18 23.03 -31.34
CA LEU B 57 15.88 24.03 -32.35
C LEU B 57 16.46 25.39 -32.05
N GLY B 58 16.94 25.61 -30.82
CA GLY B 58 17.28 26.96 -30.40
C GLY B 58 16.07 27.87 -30.34
N LYS B 59 14.93 27.33 -29.92
CA LYS B 59 13.70 28.14 -29.85
C LYS B 59 13.84 29.27 -28.85
N HIS B 60 14.42 29.00 -27.68
CA HIS B 60 14.57 30.04 -26.67
C HIS B 60 15.51 31.15 -27.15
N GLU B 61 16.62 30.79 -27.78
CA GLU B 61 17.57 31.79 -28.26
C GLU B 61 16.92 32.71 -29.28
N ALA B 62 16.25 32.12 -30.28
CA ALA B 62 15.60 32.93 -31.31
C ALA B 62 14.46 33.76 -30.73
N LEU B 63 13.71 33.19 -29.79
CA LEU B 63 12.62 33.93 -29.16
C LEU B 63 13.14 35.14 -28.39
N LEU B 64 14.21 34.96 -27.61
CA LEU B 64 14.80 36.08 -26.89
C LEU B 64 15.37 37.12 -27.84
N ALA B 65 16.04 36.69 -28.91
CA ALA B 65 16.55 37.63 -29.90
C ALA B 65 15.43 38.41 -30.60
N TYR B 66 14.30 37.78 -30.86
CA TYR B 66 13.17 38.47 -31.49
C TYR B 66 12.51 39.43 -30.52
N LEU B 67 12.31 39.02 -29.27
CA LEU B 67 11.69 39.90 -28.29
C LEU B 67 12.58 41.07 -27.91
N SER B 68 13.92 40.91 -28.00
CA SER B 68 14.81 42.02 -27.69
C SER B 68 14.69 43.16 -28.68
N THR B 69 14.15 42.92 -29.88
CA THR B 69 13.96 43.95 -30.87
C THR B 69 12.62 44.65 -30.75
N GLN B 70 11.75 44.18 -29.87
CA GLN B 70 10.44 44.80 -29.69
C GLN B 70 10.59 46.09 -28.88
N SER B 71 9.69 47.03 -29.17
CA SER B 71 9.65 48.33 -28.50
C SER B 71 8.26 48.51 -27.90
N VAL B 72 8.08 48.09 -26.66
CA VAL B 72 6.80 48.21 -25.98
C VAL B 72 6.75 49.58 -25.32
N GLU B 73 5.52 50.09 -25.10
CA GLU B 73 5.36 51.31 -24.34
C GLU B 73 5.96 51.16 -22.95
N THR B 74 6.58 52.23 -22.46
CA THR B 74 7.31 52.21 -21.19
C THR B 74 6.41 51.73 -20.06
N PRO B 75 6.69 50.56 -19.50
CA PRO B 75 5.81 50.01 -18.46
C PRO B 75 5.83 50.88 -17.21
N PRO B 76 4.70 51.00 -16.52
CA PRO B 76 4.67 51.77 -15.28
C PRO B 76 5.40 51.05 -14.16
N ASP B 77 5.75 51.83 -13.14
CA ASP B 77 6.41 51.28 -11.95
C ASP B 77 5.37 50.64 -11.06
N LEU B 78 5.43 49.31 -10.95
CA LEU B 78 4.58 48.56 -10.03
C LEU B 78 5.38 48.25 -8.78
N LEU B 79 4.79 48.52 -7.62
CA LEU B 79 5.49 48.25 -6.37
C LEU B 79 4.49 47.93 -5.27
N TYR B 80 5.00 47.42 -4.16
CA TYR B 80 4.19 47.08 -3.00
C TYR B 80 4.35 48.16 -1.95
N VAL B 81 3.25 48.78 -1.55
CA VAL B 81 3.30 49.81 -0.53
C VAL B 81 2.46 49.39 0.67
N PRO B 82 2.98 49.48 1.90
CA PRO B 82 2.19 49.10 3.07
C PRO B 82 1.21 50.20 3.46
N LEU B 83 -0.08 49.94 3.24
CA LEU B 83 -1.11 50.84 3.74
C LEU B 83 -1.29 50.74 5.24
N SER B 84 -0.68 49.74 5.87
CA SER B 84 -0.65 49.58 7.32
C SER B 84 0.48 48.61 7.65
N GLU B 85 0.59 48.23 8.91
CA GLU B 85 1.55 47.19 9.27
C GLU B 85 1.08 45.80 8.87
N ARG B 86 -0.16 45.66 8.42
CA ARG B 86 -0.74 44.38 8.04
C ARG B 86 -1.27 44.35 6.62
N LYS B 87 -1.70 45.50 6.07
CA LYS B 87 -2.27 45.57 4.73
C LYS B 87 -1.25 46.16 3.77
N VAL B 88 -0.97 45.42 2.70
CA VAL B 88 -0.02 45.84 1.67
C VAL B 88 -0.78 45.92 0.35
N ALA B 89 -0.77 47.09 -0.27
CA ALA B 89 -1.43 47.29 -1.55
C ALA B 89 -0.41 47.39 -2.68
N VAL B 90 -0.93 47.37 -3.91
CA VAL B 90 -0.12 47.51 -5.11
C VAL B 90 -0.26 48.93 -5.61
N LEU B 91 0.86 49.61 -5.80
CA LEU B 91 0.89 50.98 -6.27
C LEU B 91 1.48 51.04 -7.68
N THR B 92 0.83 51.80 -8.55
CA THR B 92 1.27 51.99 -9.93
C THR B 92 1.64 53.46 -10.11
N LEU B 93 2.89 53.71 -10.46
CA LEU B 93 3.40 55.05 -10.68
C LEU B 93 3.91 55.19 -12.11
N PRO B 94 4.08 56.42 -12.60
CA PRO B 94 4.78 56.60 -13.87
C PRO B 94 6.20 56.05 -13.79
N SER B 95 6.70 55.62 -14.95
CA SER B 95 8.00 54.97 -14.99
C SER B 95 9.09 55.89 -14.48
N GLY B 96 10.00 55.35 -13.67
CA GLY B 96 11.07 56.14 -13.11
C GLY B 96 10.70 56.95 -11.89
N GLN B 97 9.50 56.75 -11.34
CA GLN B 97 9.07 57.49 -10.16
C GLN B 97 9.18 56.71 -8.87
N GLU B 98 9.23 55.38 -8.93
CA GLU B 98 9.28 54.58 -7.71
C GLU B 98 10.57 54.80 -6.93
N ILE B 99 11.67 55.13 -7.60
CA ILE B 99 12.89 55.45 -6.88
C ILE B 99 12.76 56.79 -6.16
N HIS B 100 12.12 57.76 -6.82
CA HIS B 100 11.84 59.04 -6.16
C HIS B 100 10.89 58.85 -4.99
N LEU B 101 9.89 57.98 -5.15
CA LEU B 101 8.99 57.69 -4.04
C LEU B 101 9.74 57.03 -2.89
N ALA B 102 10.67 56.12 -3.19
CA ALA B 102 11.45 55.48 -2.15
C ALA B 102 12.30 56.50 -1.40
N GLU B 103 12.93 57.43 -2.12
CA GLU B 103 13.73 58.47 -1.47
C GLU B 103 12.86 59.36 -0.59
N ALA B 104 11.69 59.74 -1.10
CA ALA B 104 10.78 60.57 -0.32
C ALA B 104 10.31 59.84 0.94
N VAL B 105 10.03 58.54 0.81
CA VAL B 105 9.62 57.76 1.97
C VAL B 105 10.75 57.63 2.97
N GLU B 106 12.00 57.51 2.50
CA GLU B 106 13.13 57.51 3.41
C GLU B 106 13.21 58.82 4.18
N GLY B 107 12.99 59.94 3.49
CA GLY B 107 12.93 61.22 4.20
C GLY B 107 11.82 61.27 5.21
N LEU B 108 10.64 60.76 4.86
CA LEU B 108 9.50 60.77 5.78
C LEU B 108 9.77 59.89 7.00
N LEU B 109 10.43 58.75 6.80
CA LEU B 109 10.79 57.91 7.92
C LEU B 109 11.83 58.59 8.81
N LEU B 110 12.76 59.32 8.22
CA LEU B 110 13.72 60.11 9.00
C LEU B 110 13.05 61.26 9.73
N GLU B 111 11.85 61.68 9.26
CA GLU B 111 11.13 62.77 9.90
C GLU B 111 10.73 62.49 11.35
N VAL B 112 10.97 61.28 11.87
CA VAL B 112 10.68 61.02 13.28
C VAL B 112 11.56 61.87 14.18
N ASN B 113 12.84 62.04 13.79
CA ASN B 113 13.72 62.93 14.53
C ASN B 113 13.26 64.37 14.45
N ARG B 114 12.74 64.79 13.29
CA ARG B 114 12.18 66.13 13.17
C ARG B 114 10.99 66.31 14.11
N LEU B 115 10.14 65.29 14.20
CA LEU B 115 9.00 65.34 15.13
C LEU B 115 9.48 65.45 16.57
N ASP B 116 10.53 64.69 16.92
CA ASP B 116 11.07 64.78 18.27
C ASP B 116 11.63 66.17 18.56
N GLU B 117 12.35 66.75 17.60
CA GLU B 117 12.84 68.11 17.77
C GLU B 117 11.70 69.11 17.92
N LEU B 118 10.63 68.94 17.13
CA LEU B 118 9.47 69.81 17.28
C LEU B 118 8.86 69.69 18.67
N PHE B 119 8.75 68.47 19.18
CA PHE B 119 8.23 68.26 20.53
C PHE B 119 9.18 68.73 21.61
N ARG B 120 10.45 68.97 21.27
CA ARG B 120 11.39 69.61 22.19
C ARG B 120 11.52 71.10 21.95
N GLN B 121 10.75 71.67 21.03
CA GLN B 121 10.86 73.08 20.69
C GLN B 121 10.06 73.93 21.69
N GLY B 122 10.27 75.24 21.62
CA GLY B 122 9.65 76.17 22.55
C GLY B 122 8.15 76.30 22.45
N SER B 123 7.61 76.35 21.23
CA SER B 123 6.17 76.59 21.07
C SER B 123 5.35 75.40 21.55
N PHE B 124 5.70 74.19 21.13
CA PHE B 124 4.96 73.03 21.59
C PHE B 124 5.07 72.88 23.10
N LEU B 125 6.25 73.13 23.65
CA LEU B 125 6.42 72.95 25.10
C LEU B 125 5.68 74.02 25.89
N ARG B 126 5.61 75.25 25.38
CA ARG B 126 4.84 76.28 26.09
C ARG B 126 3.36 75.96 26.03
N GLU B 127 2.88 75.45 24.90
CA GLU B 127 1.48 75.03 24.84
C GLU B 127 1.21 73.87 25.79
N LYS B 128 2.12 72.90 25.85
CA LYS B 128 1.96 71.76 26.74
C LYS B 128 1.95 72.21 28.20
N THR B 129 2.85 73.13 28.56
CA THR B 129 2.88 73.62 29.94
C THR B 129 1.65 74.47 30.25
N GLN B 130 1.10 75.18 29.27
CA GLN B 130 -0.16 75.88 29.50
C GLN B 130 -1.30 74.90 29.75
N LEU B 131 -1.34 73.80 29.00
CA LEU B 131 -2.35 72.77 29.22
C LEU B 131 -2.21 72.17 30.61
N GLU B 132 -0.99 71.80 30.99
CA GLU B 132 -0.76 71.23 32.31
C GLU B 132 -1.06 72.24 33.41
N ALA B 133 -0.78 73.52 33.18
CA ALA B 133 -1.11 74.56 34.15
C ALA B 133 -2.61 74.70 34.31
N ARG B 134 -3.37 74.62 33.22
CA ARG B 134 -4.82 74.65 33.32
C ARG B 134 -5.33 73.46 34.13
N PHE B 135 -4.83 72.26 33.84
CA PHE B 135 -5.27 71.08 34.59
C PHE B 135 -4.91 71.18 36.07
N LYS B 136 -3.69 71.62 36.37
CA LYS B 136 -3.26 71.76 37.75
C LYS B 136 -4.04 72.85 38.47
N GLU B 137 -4.38 73.94 37.78
CA GLU B 137 -5.20 74.99 38.38
C GLU B 137 -6.59 74.47 38.71
N ALA B 138 -7.19 73.69 37.80
CA ALA B 138 -8.49 73.10 38.11
C ALA B 138 -8.41 72.16 39.30
N ARG B 139 -7.36 71.32 39.34
CA ARG B 139 -7.19 70.40 40.46
C ARG B 139 -7.02 71.15 41.77
N GLU B 140 -6.19 72.21 41.77
CA GLU B 140 -5.97 72.97 42.99
C GLU B 140 -7.23 73.72 43.41
N GLN B 141 -8.00 74.22 42.43
CA GLN B 141 -9.25 74.90 42.76
C GLN B 141 -10.23 73.96 43.44
N GLN B 142 -10.40 72.75 42.88
CA GLN B 142 -11.32 71.81 43.52
C GLN B 142 -10.78 71.33 44.86
N LEU B 143 -9.46 71.19 44.98
CA LEU B 143 -8.85 70.80 46.25
C LEU B 143 -9.10 71.85 47.32
N GLU B 144 -8.89 73.12 46.99
CA GLU B 144 -9.10 74.18 47.98
C GLU B 144 -10.57 74.38 48.28
N ALA B 145 -11.45 74.16 47.30
CA ALA B 145 -12.89 74.20 47.60
C ALA B 145 -13.27 73.09 48.59
N LEU B 146 -12.75 71.88 48.38
CA LEU B 146 -13.02 70.80 49.33
C LEU B 146 -12.47 71.13 50.71
N ARG B 147 -11.25 71.69 50.76
CA ARG B 147 -10.66 72.03 52.05
C ARG B 147 -11.47 73.12 52.75
N ARG B 148 -11.95 74.12 52.00
CA ARG B 148 -12.77 75.17 52.59
C ARG B 148 -14.08 74.63 53.12
N GLU B 149 -14.73 73.74 52.37
CA GLU B 149 -15.99 73.15 52.85
C GLU B 149 -15.77 72.11 53.93
N ALA B 150 -14.56 71.61 54.10
CA ALA B 150 -14.24 70.68 55.18
C ALA B 150 -13.92 71.41 56.48
N GLN B 151 -13.12 72.47 56.41
CA GLN B 151 -12.87 73.28 57.60
C GLN B 151 -14.11 74.02 58.07
N GLU B 152 -15.14 74.12 57.21
CA GLU B 152 -16.42 74.67 57.65
C GLU B 152 -17.03 73.80 58.73
N ALA B 153 -16.93 72.49 58.59
CA ALA B 153 -17.40 71.55 59.61
C ALA B 153 -16.35 71.26 60.67
N GLY B 154 -15.13 71.77 60.51
CA GLY B 154 -14.09 71.57 61.50
C GLY B 154 -13.19 70.39 61.20
N PHE B 155 -12.69 70.29 59.98
CA PHE B 155 -11.80 69.22 59.58
C PHE B 155 -10.63 69.79 58.80
N ALA B 156 -9.48 69.13 58.92
CA ALA B 156 -8.27 69.52 58.21
C ALA B 156 -8.02 68.54 57.06
N LEU B 157 -7.78 69.08 55.87
CA LEU B 157 -7.54 68.26 54.69
C LEU B 157 -6.07 67.87 54.64
N SER B 158 -5.77 66.61 54.92
CA SER B 158 -4.42 66.07 54.83
C SER B 158 -4.23 65.46 53.45
N THR B 159 -3.26 65.98 52.70
CA THR B 159 -2.97 65.52 51.35
C THR B 159 -1.58 64.90 51.35
N ASN B 160 -1.53 63.62 51.70
CA ASN B 160 -0.30 62.83 51.66
C ASN B 160 -0.30 61.94 50.42
N GLY B 161 0.52 62.31 49.44
CA GLY B 161 0.50 61.64 48.16
C GLY B 161 -0.75 61.98 47.37
N GLU B 162 -1.18 61.03 46.54
CA GLU B 162 -2.40 61.22 45.76
C GLU B 162 -3.66 61.09 46.59
N ARG B 163 -3.61 60.34 47.69
CA ARG B 163 -4.80 60.12 48.51
C ARG B 163 -5.03 61.29 49.45
N LEU B 164 -6.28 61.42 49.92
CA LEU B 164 -6.69 62.51 50.79
C LEU B 164 -7.35 61.95 52.04
N GLU B 165 -7.23 62.70 53.14
CA GLU B 165 -7.88 62.33 54.39
C GLU B 165 -8.40 63.58 55.07
N LEU B 166 -9.36 63.38 55.97
CA LEU B 166 -9.91 64.45 56.81
C LEU B 166 -9.55 64.16 58.26
N THR B 167 -8.64 64.94 58.82
CA THR B 167 -8.25 64.83 60.22
C THR B 167 -9.08 65.81 61.03
N GLY B 168 -9.92 65.28 61.91
CA GLY B 168 -10.79 66.11 62.72
C GLY B 168 -11.01 65.54 64.10
N PRO B 169 -11.74 66.27 64.95
CA PRO B 169 -11.98 65.77 66.31
C PRO B 169 -12.87 64.54 66.36
N GLY B 170 -13.90 64.48 65.52
CA GLY B 170 -14.80 63.35 65.52
C GLY B 170 -14.90 62.68 64.18
N PRO B 171 -15.94 61.85 64.00
CA PRO B 171 -16.13 61.18 62.70
C PRO B 171 -16.47 62.17 61.61
N VAL B 172 -16.02 61.85 60.40
CA VAL B 172 -16.29 62.73 59.25
C VAL B 172 -17.75 62.64 58.87
N PRO B 173 -18.38 63.72 58.41
CA PRO B 173 -19.76 63.63 57.94
C PRO B 173 -19.86 62.83 56.66
N ALA B 174 -21.05 62.29 56.41
CA ALA B 174 -21.27 61.48 55.22
C ALA B 174 -21.08 62.31 53.96
N GLU B 175 -21.61 63.54 53.94
CA GLU B 175 -21.48 64.38 52.76
C GLU B 175 -20.03 64.83 52.55
N LEU B 176 -19.29 65.08 53.63
CA LEU B 176 -17.88 65.43 53.49
C LEU B 176 -17.07 64.26 52.94
N SER B 177 -17.34 63.04 53.41
CA SER B 177 -16.67 61.88 52.85
C SER B 177 -17.04 61.68 51.39
N ALA B 178 -18.30 61.91 51.04
CA ALA B 178 -18.72 61.83 49.65
C ALA B 178 -17.97 62.84 48.79
N ARG B 179 -17.83 64.07 49.29
CA ARG B 179 -17.09 65.09 48.56
C ARG B 179 -15.62 64.72 48.42
N LEU B 180 -15.00 64.18 49.47
CA LEU B 180 -13.60 63.78 49.39
C LEU B 180 -13.39 62.69 48.35
N GLU B 181 -14.26 61.67 48.37
CA GLU B 181 -14.11 60.59 47.39
C GLU B 181 -14.40 61.09 45.99
N GLU B 182 -15.37 61.98 45.84
CA GLU B 182 -15.66 62.58 44.54
C GLU B 182 -14.46 63.34 44.00
N VAL B 183 -13.81 64.13 44.85
CA VAL B 183 -12.70 64.93 44.36
C VAL B 183 -11.47 64.07 44.08
N THR B 184 -11.26 62.99 44.85
CA THR B 184 -10.11 62.14 44.53
C THR B 184 -10.35 61.34 43.26
N LEU B 185 -11.58 60.86 43.05
CA LEU B 185 -11.90 60.22 41.78
C LEU B 185 -11.79 61.20 40.61
N GLY B 186 -12.23 62.44 40.83
CA GLY B 186 -12.07 63.46 39.81
C GLY B 186 -10.63 63.83 39.54
N SER B 187 -9.78 63.76 40.56
CA SER B 187 -8.35 63.99 40.36
C SER B 187 -7.73 62.88 39.53
N LEU B 188 -8.09 61.63 39.80
CA LEU B 188 -7.61 60.53 38.97
C LEU B 188 -8.11 60.68 37.54
N ALA B 189 -9.39 61.02 37.37
CA ALA B 189 -9.95 61.23 36.03
C ALA B 189 -9.27 62.41 35.34
N ALA B 190 -8.91 63.44 36.09
CA ALA B 190 -8.24 64.60 35.51
C ALA B 190 -6.81 64.28 35.12
N SER B 191 -6.14 63.41 35.87
CA SER B 191 -4.82 62.94 35.44
C SER B 191 -4.92 62.15 34.15
N ALA B 192 -5.92 61.27 34.05
CA ALA B 192 -6.13 60.52 32.81
C ALA B 192 -6.47 61.47 31.66
N GLU B 193 -7.30 62.47 31.93
CA GLU B 193 -7.67 63.45 30.91
C GLU B 193 -6.47 64.30 30.50
N LEU B 194 -5.58 64.62 31.44
CA LEU B 194 -4.34 65.31 31.10
C LEU B 194 -3.48 64.46 30.19
N GLU B 195 -3.37 63.16 30.47
CA GLU B 195 -2.60 62.28 29.60
C GLU B 195 -3.19 62.23 28.19
N VAL B 196 -4.52 62.05 28.10
CA VAL B 196 -5.14 61.95 26.77
C VAL B 196 -5.07 63.30 26.05
N ALA B 197 -5.17 64.41 26.77
CA ALA B 197 -5.06 65.72 26.14
C ALA B 197 -3.64 66.00 25.67
N LEU B 198 -2.64 65.53 26.42
CA LEU B 198 -1.26 65.63 25.93
C LEU B 198 -1.06 64.82 24.67
N ARG B 199 -1.63 63.60 24.63
CA ARG B 199 -1.54 62.81 23.41
C ARG B 199 -2.25 63.48 22.24
N ARG B 200 -3.42 64.07 22.49
CA ARG B 200 -4.12 64.79 21.44
C ARG B 200 -3.33 66.00 20.95
N LEU B 201 -2.70 66.74 21.87
CA LEU B 201 -1.91 67.89 21.49
C LEU B 201 -0.70 67.47 20.65
N ARG B 202 -0.03 66.40 21.07
CA ARG B 202 1.09 65.88 20.28
C ARG B 202 0.62 65.44 18.90
N ARG B 203 -0.52 64.75 18.84
CA ARG B 203 -1.07 64.32 17.56
C ARG B 203 -1.38 65.51 16.66
N ASP B 204 -2.00 66.55 17.21
CA ASP B 204 -2.37 67.70 16.41
C ASP B 204 -1.13 68.45 15.92
N TRP B 205 -0.13 68.64 16.80
CA TRP B 205 1.08 69.33 16.39
C TRP B 205 1.84 68.54 15.33
N ALA B 206 1.91 67.22 15.50
CA ALA B 206 2.57 66.39 14.49
C ALA B 206 1.84 66.44 13.17
N LEU B 207 0.51 66.39 13.18
CA LEU B 207 -0.26 66.46 11.94
C LEU B 207 -0.06 67.81 11.26
N HIS B 208 -0.08 68.89 12.04
CA HIS B 208 0.14 70.21 11.46
C HIS B 208 1.54 70.34 10.85
N TYR B 209 2.56 69.79 11.52
CA TYR B 209 3.91 69.86 10.98
C TYR B 209 4.05 68.99 9.74
N LEU B 210 3.43 67.81 9.74
CA LEU B 210 3.58 66.88 8.62
C LEU B 210 2.71 67.27 7.44
N ASN B 211 1.71 68.13 7.63
CA ASN B 211 0.92 68.57 6.49
C ASN B 211 1.77 69.29 5.45
N ASN B 212 2.65 70.19 5.91
CA ASN B 212 3.52 70.92 4.99
C ASN B 212 4.63 70.05 4.42
N ARG B 213 4.95 68.94 5.06
CA ARG B 213 5.95 67.99 4.54
C ARG B 213 5.34 66.96 3.60
N PHE B 214 4.03 66.73 3.70
CA PHE B 214 3.36 65.74 2.86
C PHE B 214 2.61 66.35 1.68
N GLU B 215 2.22 67.61 1.75
CA GLU B 215 1.56 68.21 0.58
C GLU B 215 2.47 68.25 -0.65
N PRO B 216 3.77 68.59 -0.54
CA PRO B 216 4.60 68.50 -1.76
C PRO B 216 4.68 67.09 -2.30
N LEU B 217 4.72 66.08 -1.41
CA LEU B 217 4.72 64.70 -1.85
C LEU B 217 3.35 64.23 -2.33
N PHE B 218 2.27 64.81 -1.78
CA PHE B 218 0.95 64.58 -2.32
C PHE B 218 0.81 65.09 -3.75
N GLN B 219 1.38 66.26 -4.03
CA GLN B 219 1.39 66.80 -5.39
C GLN B 219 2.34 66.03 -6.31
N ARG B 220 3.47 65.59 -5.77
CA ARG B 220 4.47 64.89 -6.59
C ARG B 220 4.05 63.47 -6.93
N PHE B 221 3.36 62.79 -6.02
CA PHE B 221 2.91 61.41 -6.22
C PHE B 221 1.42 61.31 -5.95
N PRO B 222 0.58 61.81 -6.86
CA PRO B 222 -0.88 61.70 -6.67
C PRO B 222 -1.36 60.26 -6.61
N GLN B 223 -0.68 59.31 -7.26
CA GLN B 223 -1.08 57.92 -7.21
C GLN B 223 -0.84 57.31 -5.83
N ALA B 224 0.20 57.76 -5.14
CA ALA B 224 0.55 57.25 -3.82
C ALA B 224 -0.18 57.98 -2.69
N ARG B 225 -1.34 58.58 -2.99
CA ARG B 225 -2.05 59.35 -1.98
C ARG B 225 -2.45 58.49 -0.78
N ALA B 226 -2.97 57.29 -1.04
CA ALA B 226 -3.40 56.43 0.06
C ALA B 226 -2.21 55.98 0.91
N TYR B 227 -1.13 55.53 0.27
CA TYR B 227 0.03 55.07 1.02
C TYR B 227 0.69 56.22 1.79
N LEU B 228 0.82 57.38 1.16
CA LEU B 228 1.40 58.53 1.85
C LEU B 228 0.53 58.98 3.01
N GLU B 229 -0.80 58.96 2.85
CA GLU B 229 -1.68 59.29 3.96
C GLU B 229 -1.55 58.29 5.09
N ALA B 230 -1.44 57.00 4.77
CA ALA B 230 -1.24 55.99 5.80
C ALA B 230 0.09 56.19 6.52
N LEU B 231 1.14 56.52 5.78
CA LEU B 231 2.43 56.77 6.40
C LEU B 231 2.40 58.00 7.30
N ARG B 232 1.70 59.05 6.87
CA ARG B 232 1.54 60.24 7.71
C ARG B 232 0.77 59.91 8.98
N ALA B 233 -0.30 59.11 8.86
CA ALA B 233 -1.05 58.71 10.03
C ALA B 233 -0.18 57.89 10.99
N ARG B 234 0.65 57.00 10.45
CA ARG B 234 1.54 56.21 11.30
C ARG B 234 2.57 57.10 11.98
N LEU B 235 3.10 58.09 11.26
CA LEU B 235 4.06 59.02 11.87
C LEU B 235 3.40 59.80 13.00
N ALA B 236 2.17 60.28 12.78
CA ALA B 236 1.46 60.99 13.84
C ALA B 236 1.16 60.08 15.02
N ARG B 237 0.82 58.81 14.76
CA ARG B 237 0.59 57.86 15.83
C ARG B 237 1.85 57.62 16.65
N TYR B 238 3.00 57.51 15.96
CA TYR B 238 4.27 57.44 16.67
C TYR B 238 4.50 58.69 17.51
N ALA B 239 4.15 59.84 16.97
CA ALA B 239 4.34 61.09 17.69
C ALA B 239 3.51 61.13 18.97
N GLU B 240 2.26 60.67 18.90
CA GLU B 240 1.38 60.76 20.07
C GLU B 240 1.58 59.60 21.05
N THR B 241 1.84 58.39 20.55
CA THR B 241 1.98 57.23 21.42
C THR B 241 3.43 56.92 21.77
N GLY B 242 4.39 57.30 20.93
CA GLY B 242 5.78 57.05 21.21
C GLY B 242 6.31 55.69 20.82
N GLU B 243 5.45 54.79 20.33
CA GLU B 243 5.92 53.48 19.92
C GLU B 243 6.83 53.60 18.69
N PRO B 244 7.92 52.85 18.63
CA PRO B 244 8.86 52.99 17.53
C PRO B 244 8.24 52.62 16.19
N LEU B 245 8.71 53.31 15.15
CA LEU B 245 8.26 53.09 13.78
C LEU B 245 9.35 52.31 13.05
N ASP B 246 9.07 51.05 12.73
CA ASP B 246 10.04 50.23 12.05
C ASP B 246 10.16 50.67 10.60
N PRO B 247 11.32 51.14 10.14
CA PRO B 247 11.43 51.56 8.73
C PRO B 247 11.20 50.44 7.75
N ALA B 248 11.58 49.21 8.10
CA ALA B 248 11.42 48.08 7.20
C ALA B 248 9.96 47.67 7.00
N GLN B 249 9.05 48.13 7.86
CA GLN B 249 7.64 47.83 7.70
C GLN B 249 6.88 48.89 6.93
N TRP B 250 7.48 50.05 6.67
CA TRP B 250 6.81 51.14 5.98
C TRP B 250 7.57 51.62 4.75
N ARG B 251 8.67 50.98 4.40
CA ARG B 251 9.34 51.29 3.14
C ARG B 251 8.50 50.77 1.98
N PRO B 252 8.50 51.47 0.84
CA PRO B 252 7.79 50.95 -0.33
C PRO B 252 8.63 49.90 -1.02
N ASN B 253 8.06 48.71 -1.18
CA ASN B 253 8.79 47.57 -1.73
C ASN B 253 8.91 47.74 -3.24
N LEU B 254 10.04 48.30 -3.67
CA LEU B 254 10.34 48.38 -5.09
C LEU B 254 10.69 46.99 -5.59
N LEU B 255 9.71 46.27 -6.14
CA LEU B 255 9.88 44.89 -6.54
C LEU B 255 11.00 44.75 -7.57
N THR B 256 10.81 45.37 -8.73
CA THR B 256 11.78 45.32 -9.81
C THR B 256 12.08 46.72 -10.31
N SER B 257 13.29 46.90 -10.82
CA SER B 257 13.70 48.20 -11.33
C SER B 257 12.87 48.57 -12.57
N SER B 258 12.75 49.86 -12.81
CA SER B 258 11.99 50.35 -13.95
C SER B 258 12.66 49.91 -15.26
N SER B 259 11.82 49.57 -16.24
CA SER B 259 12.29 49.16 -17.55
C SER B 259 12.00 50.25 -18.57
N SER B 260 12.97 50.47 -19.47
CA SER B 260 12.83 51.52 -20.47
C SER B 260 11.76 51.20 -21.50
N GLY B 261 11.38 49.94 -21.63
CA GLY B 261 10.43 49.53 -22.65
C GLY B 261 11.04 49.16 -23.98
N THR B 262 12.34 49.39 -24.17
CA THR B 262 13.04 49.00 -25.40
C THR B 262 14.51 48.75 -25.07
N PRO B 263 14.91 47.48 -24.92
CA PRO B 263 14.10 46.26 -25.05
C PRO B 263 13.14 46.06 -23.88
N PRO B 264 12.04 45.34 -24.12
CA PRO B 264 11.04 45.13 -23.08
C PRO B 264 11.57 44.18 -22.01
N PRO B 265 10.95 44.14 -20.84
CA PRO B 265 11.37 43.17 -19.82
C PRO B 265 11.06 41.75 -20.25
N ILE B 266 12.10 41.01 -20.62
CA ILE B 266 11.97 39.63 -21.09
C ILE B 266 12.50 38.73 -20.00
N VAL B 267 11.62 37.89 -19.46
CA VAL B 267 11.96 37.02 -18.33
C VAL B 267 11.79 35.59 -18.79
N TYR B 268 12.90 34.88 -19.01
CA TYR B 268 12.89 33.46 -19.27
C TYR B 268 13.14 32.75 -17.95
N GLU B 269 12.12 32.09 -17.42
CA GLU B 269 12.23 31.33 -16.18
C GLU B 269 12.19 29.85 -16.53
N PRO B 270 13.34 29.21 -16.75
CA PRO B 270 13.33 27.79 -17.14
C PRO B 270 12.78 26.87 -16.07
N TYR B 271 12.75 27.32 -14.81
CA TYR B 271 12.33 26.49 -13.69
C TYR B 271 11.06 27.10 -13.12
N ALA B 272 9.91 26.61 -13.60
CA ALA B 272 8.63 27.23 -13.29
C ALA B 272 8.10 26.80 -11.93
N THR B 273 8.93 26.93 -10.89
CA THR B 273 8.46 26.69 -9.53
C THR B 273 7.63 27.88 -9.07
N ALA B 274 6.69 27.60 -8.16
CA ALA B 274 5.83 28.66 -7.64
C ALA B 274 6.60 29.81 -6.99
N PRO B 275 7.58 29.60 -6.10
CA PRO B 275 8.32 30.76 -5.56
C PRO B 275 9.06 31.56 -6.61
N ARG B 276 9.62 30.89 -7.62
CA ARG B 276 10.35 31.60 -8.66
C ARG B 276 9.44 32.32 -9.65
N LEU B 277 8.19 31.85 -9.79
CA LEU B 277 7.27 32.47 -10.74
C LEU B 277 6.49 33.60 -10.07
N PHE B 278 5.78 33.29 -8.99
CA PHE B 278 4.86 34.22 -8.36
C PHE B 278 5.51 35.05 -7.27
N GLY B 279 6.78 34.80 -6.95
CA GLY B 279 7.43 35.47 -5.85
C GLY B 279 7.07 34.82 -4.52
N ARG B 280 7.98 34.88 -3.55
CA ARG B 280 7.78 34.27 -2.25
C ARG B 280 7.65 35.34 -1.18
N LEU B 281 6.72 35.15 -0.26
CA LEU B 281 6.55 36.04 0.88
C LEU B 281 7.44 35.55 2.02
N ASP B 282 8.62 36.14 2.14
CA ASP B 282 9.57 35.71 3.17
C ASP B 282 9.02 36.04 4.55
N TYR B 283 9.23 35.12 5.49
CA TYR B 283 8.78 35.27 6.86
C TYR B 283 9.98 35.31 7.80
N LEU B 284 9.80 35.96 8.94
CA LEU B 284 10.83 36.10 9.95
C LEU B 284 10.35 35.52 11.26
N VAL B 285 11.17 34.69 11.89
CA VAL B 285 10.85 34.06 13.16
C VAL B 285 11.72 34.69 14.23
N ASP B 286 11.09 35.23 15.28
CA ASP B 286 11.80 35.79 16.42
C ASP B 286 11.26 35.14 17.68
N ARG B 287 12.14 34.49 18.44
CA ARG B 287 11.83 33.82 19.70
C ARG B 287 10.71 32.80 19.56
N GLY B 288 10.40 32.37 18.34
CA GLY B 288 9.34 31.40 18.08
C GLY B 288 8.10 31.98 17.43
N VAL B 289 7.93 33.30 17.45
CA VAL B 289 6.75 33.92 16.85
C VAL B 289 7.08 34.38 15.44
N TRP B 290 6.08 34.33 14.57
CA TRP B 290 6.24 34.66 13.16
C TRP B 290 5.78 36.09 12.88
N SER B 291 6.49 36.76 11.99
CA SER B 291 6.15 38.11 11.58
C SER B 291 6.84 38.41 10.25
N THR B 292 6.16 39.18 9.42
CA THR B 292 6.69 39.58 8.12
C THR B 292 6.20 40.97 7.79
N ASN B 293 6.94 41.65 6.91
CA ASN B 293 6.63 43.01 6.51
C ASN B 293 6.65 43.11 4.98
N VAL B 294 6.40 44.33 4.50
CA VAL B 294 6.34 44.57 3.06
C VAL B 294 7.70 44.37 2.41
N SER B 295 8.78 44.62 3.15
CA SER B 295 10.12 44.58 2.59
C SER B 295 10.64 43.17 2.39
N LEU B 296 9.95 42.15 2.89
CA LEU B 296 10.37 40.77 2.70
C LEU B 296 9.71 40.10 1.50
N ILE B 297 8.81 40.78 0.80
CA ILE B 297 8.19 40.21 -0.38
C ILE B 297 9.25 40.08 -1.48
N ARG B 298 9.41 38.86 -1.99
CA ARG B 298 10.43 38.71 -3.01
C ARG B 298 9.81 38.74 -4.41
N PRO B 299 10.44 39.43 -5.36
CA PRO B 299 9.93 39.43 -6.73
C PRO B 299 10.29 38.14 -7.44
N GLY B 300 9.30 37.49 -8.04
CA GLY B 300 9.53 36.26 -8.77
C GLY B 300 9.78 36.52 -10.25
N ALA B 301 9.03 35.82 -11.11
CA ALA B 301 9.11 36.04 -12.55
C ALA B 301 7.96 36.86 -13.09
N VAL B 302 6.79 36.81 -12.45
CA VAL B 302 5.67 37.65 -12.86
C VAL B 302 6.00 39.12 -12.65
N HIS B 303 6.59 39.45 -11.50
CA HIS B 303 6.95 40.85 -11.21
C HIS B 303 8.02 41.36 -12.17
N ARG B 304 9.03 40.53 -12.47
CA ARG B 304 10.12 40.96 -13.35
C ARG B 304 9.70 41.11 -14.80
N ALA B 305 8.55 40.56 -15.19
CA ALA B 305 8.10 40.58 -16.58
C ALA B 305 6.91 41.51 -16.79
N GLN B 306 6.71 42.47 -15.89
CA GLN B 306 5.55 43.34 -16.00
C GLN B 306 5.69 44.26 -17.20
N GLY B 307 4.65 44.34 -18.02
CA GLY B 307 4.72 45.09 -19.25
C GLY B 307 5.68 44.52 -20.26
N GLY B 308 6.01 43.24 -20.13
CA GLY B 308 6.95 42.58 -21.02
C GLY B 308 6.48 41.19 -21.33
N TYR B 309 7.43 40.26 -21.46
CA TYR B 309 7.15 38.90 -21.88
C TYR B 309 7.74 37.93 -20.87
N LEU B 310 6.94 36.96 -20.44
CA LEU B 310 7.39 35.89 -19.56
C LEU B 310 7.48 34.61 -20.38
N ILE B 311 8.71 34.16 -20.63
CA ILE B 311 8.94 32.95 -21.41
C ILE B 311 9.07 31.78 -20.44
N LEU B 312 8.11 30.86 -20.52
CA LEU B 312 8.10 29.68 -19.67
C LEU B 312 8.24 28.42 -20.52
N ASP B 313 8.41 27.29 -19.85
CA ASP B 313 8.48 25.99 -20.49
C ASP B 313 7.32 25.14 -20.00
N ALA B 314 6.50 24.66 -20.94
CA ALA B 314 5.38 23.80 -20.56
C ALA B 314 5.87 22.54 -19.87
N LEU B 315 7.06 22.06 -20.22
CA LEU B 315 7.65 20.93 -19.50
C LEU B 315 7.87 21.28 -18.04
N SER B 316 8.32 22.51 -17.76
CA SER B 316 8.42 22.97 -16.38
C SER B 316 7.05 23.24 -15.77
N LEU B 317 6.10 23.73 -16.56
CA LEU B 317 4.75 23.94 -16.04
C LEU B 317 4.12 22.65 -15.56
N LYS B 318 4.44 21.53 -16.19
CA LYS B 318 3.92 20.23 -15.75
C LYS B 318 4.83 19.50 -14.77
N ARG B 319 6.15 19.78 -14.79
CA ARG B 319 7.07 19.05 -13.94
C ARG B 319 6.94 19.44 -12.47
N GLU B 320 6.84 20.73 -12.18
CA GLU B 320 6.62 21.20 -10.82
C GLU B 320 5.14 21.43 -10.51
N GLY B 321 4.25 21.05 -11.43
CA GLY B 321 2.83 21.11 -11.17
C GLY B 321 2.29 22.51 -11.01
N THR B 322 3.03 23.49 -11.54
CA THR B 322 2.65 24.88 -11.40
C THR B 322 1.46 25.24 -12.30
N TRP B 323 1.18 24.41 -13.32
CA TRP B 323 0.22 24.78 -14.35
C TRP B 323 -1.15 25.14 -13.78
N GLU B 324 -1.58 24.47 -12.70
CA GLU B 324 -2.87 24.80 -12.10
C GLU B 324 -2.87 26.22 -11.54
N ALA B 325 -1.88 26.53 -10.69
CA ALA B 325 -1.81 27.86 -10.11
C ALA B 325 -1.53 28.92 -11.17
N PHE B 326 -0.69 28.60 -12.15
CA PHE B 326 -0.39 29.56 -13.21
C PHE B 326 -1.63 29.85 -14.06
N LYS B 327 -2.42 28.81 -14.36
CA LYS B 327 -3.70 29.00 -15.03
C LYS B 327 -4.63 29.87 -14.20
N ARG B 328 -4.69 29.62 -12.89
CA ARG B 328 -5.55 30.43 -12.03
C ARG B 328 -5.13 31.89 -12.06
N ALA B 329 -3.82 32.14 -12.00
CA ALA B 329 -3.31 33.51 -12.02
C ALA B 329 -3.64 34.19 -13.35
N LEU B 330 -3.45 33.50 -14.46
CA LEU B 330 -3.73 34.09 -15.76
C LEU B 330 -5.22 34.35 -15.94
N ARG B 331 -6.07 33.41 -15.53
CA ARG B 331 -7.51 33.59 -15.71
C ARG B 331 -8.03 34.71 -14.82
N ASN B 332 -7.56 34.78 -13.58
CA ASN B 332 -7.99 35.85 -12.67
C ASN B 332 -7.37 37.19 -13.01
N GLY B 333 -6.20 37.20 -13.64
CA GLY B 333 -5.52 38.45 -13.93
C GLY B 333 -4.77 39.01 -12.74
N GLN B 334 -4.70 38.28 -11.64
CA GLN B 334 -4.03 38.74 -10.43
C GLN B 334 -3.36 37.54 -9.77
N VAL B 335 -2.33 37.82 -8.99
CA VAL B 335 -1.60 36.76 -8.29
C VAL B 335 -0.94 37.36 -7.05
N GLU B 336 -0.93 36.58 -5.97
CA GLU B 336 -0.25 36.95 -4.74
C GLU B 336 0.96 36.05 -4.51
N PRO B 337 2.01 36.56 -3.85
CA PRO B 337 3.19 35.74 -3.63
C PRO B 337 2.88 34.51 -2.78
N VAL B 338 3.60 33.42 -3.06
CA VAL B 338 3.37 32.17 -2.36
C VAL B 338 3.76 32.31 -0.90
N THR B 339 2.93 31.77 -0.01
CA THR B 339 3.13 31.86 1.42
C THR B 339 3.22 30.44 2.00
N GLU B 340 4.25 30.20 2.81
CA GLU B 340 4.36 28.91 3.46
C GLU B 340 3.31 28.79 4.57
N PRO B 341 2.70 27.61 4.74
CA PRO B 341 1.61 27.48 5.72
C PRO B 341 2.02 27.72 7.16
N GLN B 342 3.30 27.59 7.51
CA GLN B 342 3.75 27.76 8.89
C GLN B 342 3.92 29.25 9.20
N ALA B 343 2.80 29.97 9.13
CA ALA B 343 2.82 31.41 9.36
C ALA B 343 1.43 31.93 9.67
N PRO B 344 0.96 31.83 10.92
CA PRO B 344 -0.34 32.44 11.26
C PRO B 344 -0.21 33.92 11.57
N ALA B 345 0.59 34.62 10.76
CA ALA B 345 0.74 36.06 10.90
C ALA B 345 0.85 36.75 9.54
N GLY B 346 0.53 36.06 8.45
CA GLY B 346 0.79 36.55 7.11
C GLY B 346 0.10 37.85 6.76
N LEU B 347 0.73 38.62 5.87
CA LEU B 347 0.18 39.89 5.42
C LEU B 347 -1.02 39.65 4.51
N GLU B 348 -1.92 40.63 4.47
CA GLU B 348 -3.03 40.61 3.53
C GLU B 348 -2.62 41.39 2.27
N VAL B 349 -1.69 40.79 1.55
CA VAL B 349 -1.11 41.44 0.38
C VAL B 349 -2.16 41.53 -0.73
N GLU B 350 -2.33 42.73 -1.27
CA GLU B 350 -3.22 42.91 -2.40
C GLU B 350 -2.67 42.14 -3.60
N PRO B 351 -3.52 41.42 -4.34
CA PRO B 351 -3.01 40.60 -5.45
C PRO B 351 -2.33 41.46 -6.51
N PHE B 352 -1.23 40.96 -7.04
CA PHE B 352 -0.44 41.71 -7.99
C PHE B 352 -1.06 41.62 -9.39
N PRO B 353 -1.39 42.74 -10.02
CA PRO B 353 -1.95 42.69 -11.38
C PRO B 353 -0.94 42.15 -12.37
N ILE B 354 -1.45 41.50 -13.42
CA ILE B 354 -0.62 40.90 -14.45
C ILE B 354 -0.86 41.68 -15.74
N GLN B 355 0.17 42.37 -16.21
CA GLN B 355 0.17 43.00 -17.53
C GLN B 355 1.25 42.43 -18.45
N MET B 356 1.65 41.18 -18.22
CA MET B 356 2.67 40.54 -19.03
C MET B 356 2.02 39.69 -20.12
N GLN B 357 2.84 39.25 -21.07
CA GLN B 357 2.46 38.28 -22.08
C GLN B 357 3.26 37.00 -21.85
N VAL B 358 2.58 35.88 -21.74
CA VAL B 358 3.22 34.59 -21.53
C VAL B 358 3.48 33.93 -22.87
N ILE B 359 4.69 33.42 -23.04
CA ILE B 359 5.09 32.70 -24.25
C ILE B 359 5.66 31.36 -23.80
N LEU B 360 4.81 30.34 -23.79
CA LEU B 360 5.27 29.00 -23.45
C LEU B 360 6.14 28.43 -24.56
N VAL B 361 7.18 27.70 -24.18
CA VAL B 361 8.09 27.08 -25.14
C VAL B 361 8.25 25.61 -24.77
N GLY B 362 8.19 24.74 -25.77
CA GLY B 362 8.38 23.33 -25.52
C GLY B 362 8.17 22.53 -26.78
N THR B 363 8.25 21.22 -26.63
CA THR B 363 8.02 20.26 -27.69
C THR B 363 6.54 19.96 -27.82
N PRO B 364 6.08 19.50 -28.99
CA PRO B 364 4.66 19.15 -29.12
C PRO B 364 4.19 18.12 -28.12
N GLU B 365 5.02 17.12 -27.80
CA GLU B 365 4.65 16.14 -26.78
C GLU B 365 4.59 16.78 -25.40
N ALA B 366 5.37 17.84 -25.18
CA ALA B 366 5.29 18.55 -23.90
C ALA B 366 3.99 19.34 -23.78
N PHE B 367 3.37 19.69 -24.92
CA PHE B 367 2.12 20.44 -24.92
C PHE B 367 0.90 19.54 -25.06
N GLU B 368 1.06 18.28 -25.48
CA GLU B 368 -0.07 17.36 -25.53
C GLU B 368 -0.74 17.23 -24.17
N GLY B 369 0.02 17.32 -23.09
CA GLY B 369 -0.56 17.30 -21.76
C GLY B 369 -1.36 18.54 -21.45
N LEU B 370 -0.97 19.67 -22.04
CA LEU B 370 -1.62 20.95 -21.77
C LEU B 370 -2.79 21.23 -22.70
N GLU B 371 -2.67 20.88 -23.99
CA GLU B 371 -3.75 21.15 -24.93
C GLU B 371 -5.00 20.33 -24.62
N GLU B 372 -4.89 19.28 -23.82
CA GLU B 372 -6.08 18.54 -23.42
C GLU B 372 -7.03 19.41 -22.60
N ASP B 373 -6.48 20.27 -21.75
CA ASP B 373 -7.31 21.18 -20.96
C ASP B 373 -7.97 22.18 -21.89
N PRO B 374 -9.31 22.31 -21.87
CA PRO B 374 -9.97 23.30 -22.71
C PRO B 374 -9.63 24.74 -22.35
N ALA B 375 -9.13 24.98 -21.14
CA ALA B 375 -8.76 26.32 -20.73
C ALA B 375 -7.42 26.77 -21.30
N PHE B 376 -6.51 25.82 -21.57
CA PHE B 376 -5.25 26.18 -22.21
C PHE B 376 -5.49 26.75 -23.60
N SER B 377 -6.43 26.16 -24.34
CA SER B 377 -6.78 26.69 -25.66
C SER B 377 -7.47 28.04 -25.59
N GLU B 378 -7.89 28.48 -24.39
CA GLU B 378 -8.51 29.77 -24.20
C GLU B 378 -7.53 30.88 -23.86
N LEU B 379 -6.58 30.61 -22.95
CA LEU B 379 -5.58 31.61 -22.61
C LEU B 379 -4.57 31.79 -23.73
N PHE B 380 -4.11 30.69 -24.33
CA PHE B 380 -3.10 30.71 -25.38
C PHE B 380 -3.80 30.46 -26.71
N ARG B 381 -4.18 31.54 -27.38
CA ARG B 381 -4.88 31.44 -28.66
C ARG B 381 -3.92 31.30 -29.84
N ILE B 382 -2.71 31.83 -29.72
CA ILE B 382 -1.73 31.84 -30.81
C ILE B 382 -0.77 30.68 -30.63
N ARG B 383 -0.54 29.93 -31.70
CA ARG B 383 0.38 28.80 -31.72
C ARG B 383 1.50 29.09 -32.71
N ALA B 384 2.70 29.34 -32.19
CA ALA B 384 3.87 29.59 -33.01
C ALA B 384 4.60 28.26 -33.20
N GLU B 385 4.24 27.54 -34.24
CA GLU B 385 4.80 26.22 -34.49
C GLU B 385 6.07 26.31 -35.31
N PHE B 386 7.08 25.53 -34.92
CA PHE B 386 8.38 25.51 -35.57
C PHE B 386 8.48 24.29 -36.46
N SER B 387 8.79 24.50 -37.74
CA SER B 387 8.98 23.39 -38.64
C SER B 387 10.27 22.65 -38.29
N PRO B 388 10.25 21.32 -38.30
CA PRO B 388 11.50 20.57 -38.05
C PRO B 388 12.55 20.78 -39.13
N THR B 389 12.18 21.33 -40.29
CA THR B 389 13.13 21.60 -41.37
C THR B 389 12.88 22.99 -41.93
N LEU B 390 13.76 23.42 -42.82
CA LEU B 390 13.73 24.65 -43.58
C LEU B 390 13.89 24.33 -45.06
N PRO B 391 13.32 25.14 -45.94
CA PRO B 391 13.55 24.92 -47.37
C PRO B 391 15.04 25.02 -47.71
N ALA B 392 15.50 24.15 -48.58
CA ALA B 392 16.90 24.15 -49.01
C ALA B 392 17.03 25.10 -50.19
N SER B 393 17.33 26.35 -49.90
CA SER B 393 17.46 27.40 -50.91
C SER B 393 18.72 28.18 -50.63
N PRO B 394 19.28 28.85 -51.64
CA PRO B 394 20.45 29.71 -51.40
C PRO B 394 20.20 30.78 -50.36
N GLU B 395 18.96 31.29 -50.28
CA GLU B 395 18.63 32.25 -49.23
C GLU B 395 18.78 31.61 -47.85
N ASN B 396 18.33 30.37 -47.69
CA ASN B 396 18.46 29.69 -46.41
C ASN B 396 19.91 29.37 -46.08
N CYS B 397 20.71 29.00 -47.08
CA CYS B 397 22.14 28.78 -46.84
C CYS B 397 22.83 30.06 -46.41
N THR B 398 22.50 31.19 -47.06
CA THR B 398 23.06 32.47 -46.67
C THR B 398 22.63 32.85 -45.26
N ALA B 399 21.36 32.59 -44.92
CA ALA B 399 20.89 32.88 -43.57
C ALA B 399 21.61 32.02 -42.54
N LEU B 400 21.86 30.75 -42.85
CA LEU B 400 22.62 29.88 -41.96
C LEU B 400 24.04 30.39 -41.79
N GLY B 401 24.66 30.84 -42.88
CA GLY B 401 26.01 31.39 -42.78
C GLY B 401 26.06 32.63 -41.91
N GLY B 402 25.09 33.53 -42.08
CA GLY B 402 25.02 34.70 -41.23
C GLY B 402 24.75 34.36 -39.79
N TRP B 403 23.92 33.36 -39.53
CA TRP B 403 23.66 32.91 -38.17
C TRP B 403 24.91 32.32 -37.53
N LEU B 404 25.69 31.54 -38.28
CA LEU B 404 26.92 30.98 -37.76
C LEU B 404 27.96 32.05 -37.51
N LEU B 405 28.05 33.04 -38.39
CA LEU B 405 28.94 34.17 -38.15
C LEU B 405 28.52 34.96 -36.92
N ALA B 406 27.21 35.05 -36.66
CA ALA B 406 26.74 35.72 -35.46
C ALA B 406 27.04 34.92 -34.20
N GLN B 407 27.36 33.64 -34.33
CA GLN B 407 27.74 32.81 -33.19
C GLN B 407 29.23 32.85 -32.89
N GLY B 408 30.01 33.60 -33.68
CA GLY B 408 31.43 33.74 -33.47
C GLY B 408 32.29 32.88 -34.36
N PHE B 409 31.69 31.98 -35.14
CA PHE B 409 32.46 31.11 -36.02
C PHE B 409 33.03 31.89 -37.20
N GLN B 410 34.17 31.42 -37.69
CA GLN B 410 34.80 31.96 -38.89
C GLN B 410 34.60 30.94 -40.01
N LEU B 411 33.76 31.29 -40.98
CA LEU B 411 33.36 30.36 -42.02
C LEU B 411 34.09 30.63 -43.32
N THR B 412 34.10 29.61 -44.18
CA THR B 412 34.54 29.70 -45.55
C THR B 412 33.37 29.30 -46.45
N GLN B 413 33.37 29.82 -47.68
CA GLN B 413 32.27 29.52 -48.60
C GLN B 413 32.12 28.02 -48.80
N GLY B 414 33.24 27.31 -48.99
CA GLY B 414 33.17 25.86 -49.05
C GLY B 414 32.76 25.23 -47.74
N GLY B 415 33.24 25.78 -46.61
CA GLY B 415 32.82 25.27 -45.32
C GLY B 415 31.35 25.50 -45.05
N LEU B 416 30.85 26.69 -45.42
CA LEU B 416 29.42 26.96 -45.29
C LEU B 416 28.61 26.02 -46.18
N THR B 417 29.08 25.77 -47.40
CA THR B 417 28.40 24.85 -48.29
C THR B 417 28.34 23.45 -47.69
N ARG B 418 29.46 22.98 -47.12
CA ARG B 418 29.49 21.65 -46.53
C ARG B 418 28.59 21.57 -45.29
N LEU B 419 28.57 22.62 -44.47
CA LEU B 419 27.67 22.64 -43.32
C LEU B 419 26.21 22.63 -43.76
N TYR B 420 25.88 23.37 -44.81
CA TYR B 420 24.53 23.41 -45.33
C TYR B 420 24.12 22.05 -45.90
N ASP B 421 25.04 21.39 -46.61
CA ASP B 421 24.76 20.05 -47.12
C ASP B 421 24.55 19.06 -45.99
N GLU B 422 25.37 19.14 -44.94
CA GLU B 422 25.16 18.27 -43.78
C GLU B 422 23.85 18.56 -43.08
N ALA B 423 23.44 19.82 -43.02
CA ALA B 423 22.13 20.15 -42.46
C ALA B 423 21.01 19.54 -43.29
N ARG B 424 21.15 19.59 -44.62
CA ARG B 424 20.17 18.93 -45.48
C ARG B 424 20.14 17.43 -45.24
N ARG B 425 21.31 16.82 -45.07
CA ARG B 425 21.38 15.38 -44.83
C ARG B 425 20.80 14.99 -43.48
N MET B 426 20.98 15.83 -42.45
CA MET B 426 20.40 15.52 -41.15
C MET B 426 18.88 15.47 -41.23
N ALA B 427 18.28 16.33 -42.04
CA ALA B 427 16.85 16.27 -42.31
C ALA B 427 16.47 15.08 -43.18
N GLU B 428 17.45 14.41 -43.79
CA GLU B 428 17.22 13.26 -44.66
C GLU B 428 16.30 13.62 -45.81
N GLN B 429 16.43 14.85 -46.30
CA GLN B 429 15.65 15.33 -47.43
C GLN B 429 16.53 16.20 -48.32
N ARG B 430 16.43 15.99 -49.63
CA ARG B 430 17.26 16.74 -50.56
C ARG B 430 16.93 18.23 -50.53
N ASP B 431 15.64 18.59 -50.47
CA ASP B 431 15.20 19.97 -50.59
C ASP B 431 14.83 20.57 -49.24
N ARG B 432 15.20 19.92 -48.14
CA ARG B 432 14.93 20.44 -46.80
C ARG B 432 16.18 20.29 -45.96
N MET B 433 16.67 21.41 -45.41
CA MET B 433 17.76 21.40 -44.47
C MET B 433 17.22 21.31 -43.05
N ASP B 434 17.99 20.70 -42.15
CA ASP B 434 17.53 20.54 -40.78
C ASP B 434 17.39 21.90 -40.11
N ALA B 435 16.28 22.05 -39.38
CA ALA B 435 16.02 23.27 -38.63
C ALA B 435 16.72 23.32 -37.28
N ARG B 436 17.22 22.19 -36.80
CA ARG B 436 17.84 22.15 -35.49
C ARG B 436 19.17 22.88 -35.52
N LEU B 437 19.14 24.17 -35.17
CA LEU B 437 20.34 24.99 -35.21
C LEU B 437 21.34 24.64 -34.11
N VAL B 438 20.88 24.03 -33.02
CA VAL B 438 21.80 23.60 -31.96
C VAL B 438 22.73 22.51 -32.48
N GLU B 439 22.19 21.56 -33.23
CA GLU B 439 23.01 20.47 -33.78
C GLU B 439 24.01 20.99 -34.81
N ILE B 440 23.55 21.90 -35.68
CA ILE B 440 24.47 22.50 -36.65
C ILE B 440 25.53 23.33 -35.95
N ARG B 441 25.17 24.01 -34.86
CA ARG B 441 26.15 24.76 -34.09
C ARG B 441 27.17 23.84 -33.45
N ALA B 442 26.74 22.70 -32.95
CA ALA B 442 27.67 21.73 -32.37
C ALA B 442 28.62 21.18 -33.43
N LEU B 443 28.08 20.86 -34.60
CA LEU B 443 28.93 20.37 -35.69
C LEU B 443 29.93 21.45 -36.13
N ALA B 444 29.49 22.70 -36.16
CA ALA B 444 30.40 23.80 -36.48
C ALA B 444 31.46 23.98 -35.41
N GLU B 445 31.10 23.79 -34.13
CA GLU B 445 32.09 23.83 -33.06
C GLU B 445 33.16 22.78 -33.27
N GLU B 446 32.74 21.55 -33.55
CA GLU B 446 33.71 20.47 -33.77
C GLU B 446 34.56 20.73 -35.00
N ALA B 447 33.96 21.26 -36.07
CA ALA B 447 34.71 21.60 -37.27
C ALA B 447 35.73 22.71 -37.00
N ALA B 448 35.36 23.71 -36.22
CA ALA B 448 36.30 24.76 -35.86
C ALA B 448 37.44 24.21 -35.03
N VAL B 449 37.14 23.33 -34.09
CA VAL B 449 38.19 22.73 -33.27
C VAL B 449 39.16 21.92 -34.13
N LEU B 450 38.62 21.13 -35.07
CA LEU B 450 39.47 20.35 -35.94
C LEU B 450 40.15 21.18 -37.03
N GLY B 451 39.71 22.42 -37.24
CA GLY B 451 40.34 23.28 -38.21
C GLY B 451 41.00 24.49 -37.58
N GLY B 452 41.22 24.42 -36.27
CA GLY B 452 41.81 25.51 -35.53
C GLY B 452 40.80 26.56 -35.10
N GLY B 453 40.41 27.44 -36.04
CA GLY B 453 39.39 28.42 -35.76
C GLY B 453 38.47 28.71 -36.92
N LEU B 454 38.68 28.02 -38.05
CA LEU B 454 38.00 28.33 -39.29
C LEU B 454 37.18 27.13 -39.76
N LEU B 455 36.00 27.42 -40.31
CA LEU B 455 35.14 26.39 -40.88
C LEU B 455 35.36 26.33 -42.38
N THR B 456 36.44 25.66 -42.79
CA THR B 456 36.67 25.37 -44.18
C THR B 456 35.96 24.07 -44.55
N ALA B 457 35.91 23.77 -45.84
CA ALA B 457 35.25 22.53 -46.28
C ALA B 457 35.93 21.31 -45.68
N GLU B 458 37.27 21.31 -45.66
CA GLU B 458 38.01 20.18 -45.11
C GLU B 458 37.72 20.01 -43.62
N SER B 459 37.63 21.12 -42.88
CA SER B 459 37.36 21.01 -41.45
C SER B 459 35.97 20.44 -41.17
N VAL B 460 34.96 20.85 -41.93
CA VAL B 460 33.62 20.32 -41.73
C VAL B 460 33.54 18.86 -42.14
N GLU B 461 34.21 18.50 -43.24
CA GLU B 461 34.26 17.09 -43.62
C GLU B 461 34.95 16.25 -42.54
N GLN B 462 36.02 16.78 -41.96
CA GLN B 462 36.71 16.08 -40.87
C GLN B 462 35.80 15.95 -39.65
N ALA B 463 35.03 16.99 -39.33
CA ALA B 463 34.11 16.90 -38.21
C ALA B 463 33.04 15.85 -38.45
N ILE B 464 32.50 15.80 -39.66
CA ILE B 464 31.48 14.80 -39.97
C ILE B 464 32.09 13.39 -39.91
N ALA B 465 33.29 13.23 -40.45
CA ALA B 465 33.96 11.93 -40.41
C ALA B 465 34.25 11.50 -38.98
N ALA B 466 34.67 12.44 -38.13
CA ALA B 466 34.90 12.12 -36.72
C ALA B 466 33.61 11.75 -36.00
N ARG B 467 32.52 12.46 -36.30
CA ARG B 467 31.23 12.09 -35.72
C ARG B 467 30.83 10.68 -36.14
N GLU B 468 31.07 10.34 -37.41
CA GLU B 468 30.81 8.98 -37.88
C GLU B 468 31.69 7.98 -37.14
N HIS B 469 32.96 8.30 -36.96
CA HIS B 469 33.91 7.37 -36.37
C HIS B 469 33.60 7.11 -34.90
N ARG B 470 33.18 8.15 -34.16
CA ARG B 470 32.96 8.00 -32.73
C ARG B 470 31.81 7.05 -32.41
N SER B 471 30.91 6.79 -33.36
CA SER B 471 29.81 5.86 -33.17
C SER B 471 29.92 4.64 -34.07
N PHE B 472 31.11 4.33 -34.58
CA PHE B 472 31.30 3.29 -35.57
C PHE B 472 31.81 1.98 -34.97
N LEU B 473 31.84 1.86 -33.64
CA LEU B 473 32.39 0.65 -33.04
C LEU B 473 31.55 -0.57 -33.37
N SER B 474 30.24 -0.48 -33.21
CA SER B 474 29.37 -1.61 -33.51
C SER B 474 29.46 -2.01 -34.98
N GLU B 475 29.47 -1.03 -35.87
CA GLU B 475 29.60 -1.33 -37.30
C GLU B 475 31.00 -1.83 -37.65
N GLU B 476 32.03 -1.35 -36.97
CA GLU B 476 33.36 -1.90 -37.19
C GLU B 476 33.40 -3.37 -36.79
N GLU B 477 32.79 -3.71 -35.66
CA GLU B 477 32.71 -5.12 -35.26
C GLU B 477 31.93 -5.95 -36.26
N PHE B 478 30.81 -5.40 -36.75
CA PHE B 478 30.00 -6.14 -37.73
C PHE B 478 30.77 -6.36 -39.03
N LEU B 479 31.46 -5.33 -39.52
CA LEU B 479 32.25 -5.47 -40.73
C LEU B 479 33.40 -6.45 -40.53
N ARG B 480 34.03 -6.42 -39.35
CA ARG B 480 35.08 -7.39 -39.06
C ARG B 480 34.55 -8.81 -39.05
N ALA B 481 33.36 -9.01 -38.47
CA ALA B 481 32.74 -10.32 -38.48
C ALA B 481 32.42 -10.77 -39.90
N VAL B 482 31.94 -9.85 -40.74
CA VAL B 482 31.65 -10.19 -42.13
C VAL B 482 32.91 -10.58 -42.87
N GLN B 483 33.99 -9.81 -42.69
CA GLN B 483 35.24 -10.10 -43.37
C GLN B 483 35.86 -11.42 -42.89
N GLU B 484 35.84 -11.67 -41.58
CA GLU B 484 36.36 -12.93 -41.06
C GLU B 484 35.54 -14.12 -41.56
N GLY B 485 34.22 -13.97 -41.60
CA GLY B 485 33.33 -15.05 -41.95
C GLY B 485 32.32 -15.42 -40.88
N VAL B 486 32.34 -14.75 -39.73
CA VAL B 486 31.37 -15.06 -38.67
C VAL B 486 29.95 -14.79 -39.18
N ILE B 487 29.75 -13.65 -39.83
CA ILE B 487 28.50 -13.32 -40.49
C ILE B 487 28.76 -13.38 -41.99
N ARG B 488 28.10 -14.31 -42.68
CA ARG B 488 28.32 -14.50 -44.11
C ARG B 488 27.12 -13.95 -44.87
N LEU B 489 27.37 -12.89 -45.64
CA LEU B 489 26.40 -12.30 -46.53
C LEU B 489 26.85 -12.53 -47.97
N ARG B 490 25.92 -12.95 -48.81
CA ARG B 490 26.23 -13.18 -50.22
C ARG B 490 26.14 -11.86 -50.97
N THR B 491 27.29 -11.36 -51.43
CA THR B 491 27.37 -10.09 -52.14
C THR B 491 27.60 -10.33 -53.63
N THR B 492 27.77 -11.58 -54.02
CA THR B 492 28.00 -11.95 -55.41
C THR B 492 27.16 -13.17 -55.76
N GLY B 493 26.91 -13.33 -57.06
CA GLY B 493 26.22 -14.51 -57.55
C GLY B 493 24.72 -14.46 -57.33
N ARG B 494 24.09 -15.60 -57.64
CA ARG B 494 22.64 -15.76 -57.55
C ARG B 494 22.29 -16.75 -56.45
N ALA B 495 21.11 -16.57 -55.88
CA ALA B 495 20.62 -17.48 -54.85
C ALA B 495 19.10 -17.56 -54.95
N VAL B 496 18.55 -18.74 -54.70
CA VAL B 496 17.11 -18.95 -54.79
C VAL B 496 16.48 -18.76 -53.42
N GLY B 497 15.54 -17.85 -53.32
CA GLY B 497 14.82 -17.61 -52.08
C GLY B 497 15.57 -16.78 -51.06
N GLU B 498 16.76 -16.29 -51.38
CA GLU B 498 17.56 -15.49 -50.46
C GLU B 498 17.75 -14.09 -51.03
N VAL B 499 17.71 -13.10 -50.15
CA VAL B 499 17.83 -11.71 -50.55
C VAL B 499 18.63 -10.98 -49.47
N ASN B 500 19.23 -9.85 -49.86
CA ASN B 500 19.96 -9.01 -48.91
C ASN B 500 19.04 -7.87 -48.50
N SER B 501 18.25 -8.09 -47.46
CA SER B 501 17.44 -7.01 -46.93
C SER B 501 18.34 -5.97 -46.28
N LEU B 502 17.82 -4.76 -46.14
CA LEU B 502 18.56 -3.67 -45.51
C LEU B 502 17.81 -3.24 -44.27
N VAL B 503 18.30 -3.66 -43.10
CA VAL B 503 17.61 -3.41 -41.85
C VAL B 503 18.31 -2.28 -41.13
N VAL B 504 17.63 -1.66 -40.19
CA VAL B 504 18.21 -0.69 -39.28
C VAL B 504 18.26 -1.34 -37.91
N VAL B 505 19.48 -1.60 -37.42
CA VAL B 505 19.64 -2.32 -36.17
C VAL B 505 19.32 -1.40 -35.00
N GLU B 506 18.48 -1.88 -34.09
CA GLU B 506 18.09 -1.09 -32.93
C GLU B 506 18.32 -1.80 -31.60
N ALA B 507 18.58 -3.11 -31.60
CA ALA B 507 19.18 -3.75 -30.44
C ALA B 507 20.62 -3.31 -30.23
N ALA B 508 21.16 -2.60 -31.21
CA ALA B 508 22.48 -1.98 -31.24
C ALA B 508 22.26 -0.55 -31.70
N PRO B 509 23.31 0.29 -31.79
CA PRO B 509 23.12 1.64 -32.35
C PRO B 509 22.67 1.63 -33.80
N TYR B 510 22.58 2.83 -34.39
CA TYR B 510 22.09 3.03 -35.75
C TYR B 510 23.17 2.61 -36.74
N TRP B 511 23.13 3.14 -37.97
CA TRP B 511 23.85 2.62 -39.13
C TRP B 511 23.32 1.29 -39.60
N GLY B 512 22.09 1.29 -40.14
CA GLY B 512 21.53 0.12 -40.76
C GLY B 512 22.49 -0.64 -41.66
N ARG B 513 22.29 -1.95 -41.72
CA ARG B 513 23.22 -2.87 -42.36
C ARG B 513 22.41 -3.93 -43.10
N PRO B 514 23.04 -4.65 -44.03
CA PRO B 514 22.34 -5.74 -44.70
C PRO B 514 22.14 -6.95 -43.82
N ALA B 515 21.17 -7.76 -44.20
CA ALA B 515 20.81 -8.99 -43.51
C ALA B 515 20.31 -10.00 -44.53
N ARG B 516 20.83 -11.23 -44.44
CA ARG B 516 20.39 -12.28 -45.34
C ARG B 516 19.01 -12.78 -44.92
N LEU B 517 18.00 -12.46 -45.71
CA LEU B 517 16.63 -12.88 -45.47
C LEU B 517 16.29 -14.00 -46.44
N THR B 518 15.83 -15.13 -45.90
CA THR B 518 15.57 -16.31 -46.70
C THR B 518 14.08 -16.64 -46.68
N ALA B 519 13.59 -17.16 -47.81
CA ALA B 519 12.23 -17.64 -47.94
C ALA B 519 12.26 -19.06 -48.46
N ARG B 520 11.51 -19.94 -47.80
CA ARG B 520 11.43 -21.34 -48.17
C ARG B 520 9.99 -21.67 -48.50
N ALA B 521 9.77 -22.26 -49.68
CA ALA B 521 8.44 -22.56 -50.18
C ALA B 521 8.19 -24.05 -50.11
N ALA B 522 7.08 -24.44 -49.49
CA ALA B 522 6.73 -25.84 -49.37
C ALA B 522 5.28 -26.06 -49.77
N PRO B 523 4.93 -27.24 -50.27
CA PRO B 523 3.51 -27.53 -50.52
C PRO B 523 2.73 -27.52 -49.21
N GLY B 524 1.51 -26.98 -49.27
CA GLY B 524 0.70 -26.90 -48.07
C GLY B 524 -0.43 -25.91 -48.16
N ARG B 525 -0.73 -25.26 -47.04
CA ARG B 525 -1.84 -24.33 -46.96
C ARG B 525 -1.45 -23.00 -47.60
N ASP B 526 -2.35 -22.03 -47.48
CA ASP B 526 -2.06 -20.65 -47.88
C ASP B 526 -1.42 -19.85 -46.75
N HIS B 527 -0.85 -20.54 -45.76
CA HIS B 527 -0.29 -19.87 -44.60
C HIS B 527 1.08 -19.31 -44.90
N LEU B 528 1.30 -18.05 -44.52
CA LEU B 528 2.58 -17.38 -44.66
C LEU B 528 3.20 -17.26 -43.29
N ILE B 529 4.28 -18.00 -43.06
CA ILE B 529 4.98 -18.02 -41.78
C ILE B 529 6.12 -17.01 -41.85
N SER B 530 6.20 -16.15 -40.85
CA SER B 530 7.31 -15.20 -40.72
C SER B 530 7.99 -15.51 -39.39
N ILE B 531 9.02 -16.36 -39.44
CA ILE B 531 9.60 -16.99 -38.26
C ILE B 531 10.04 -15.95 -37.23
N ASP B 532 10.55 -14.82 -37.71
CA ASP B 532 11.06 -13.79 -36.81
C ASP B 532 9.98 -13.02 -36.08
N ARG B 533 8.75 -13.01 -36.59
CA ARG B 533 7.68 -12.27 -35.94
C ARG B 533 6.92 -13.10 -34.89
N GLU B 534 7.12 -14.41 -34.85
CA GLU B 534 6.67 -15.20 -33.71
C GLU B 534 7.81 -16.00 -33.10
N ALA B 535 8.93 -15.33 -32.86
CA ALA B 535 10.03 -15.92 -32.10
C ALA B 535 9.58 -16.40 -30.72
N GLY B 536 8.59 -15.74 -30.13
CA GLY B 536 7.87 -16.28 -28.99
C GLY B 536 6.50 -16.71 -29.47
N LEU B 537 5.45 -16.12 -28.91
CA LEU B 537 4.13 -16.33 -29.51
C LEU B 537 3.96 -15.35 -30.67
N GLY B 538 2.76 -15.28 -31.22
CA GLY B 538 2.54 -14.58 -32.46
C GLY B 538 1.48 -15.25 -33.30
N GLY B 539 1.04 -16.43 -32.87
CA GLY B 539 -0.21 -16.97 -33.36
C GLY B 539 -1.43 -16.26 -32.81
N GLN B 540 -1.30 -15.63 -31.64
CA GLN B 540 -2.33 -14.77 -31.11
C GLN B 540 -2.37 -13.41 -31.80
N ILE B 541 -1.30 -13.05 -32.50
CA ILE B 541 -1.15 -11.72 -33.08
C ILE B 541 -1.19 -11.84 -34.60
N PHE B 542 -2.08 -11.07 -35.22
CA PHE B 542 -2.05 -10.91 -36.67
C PHE B 542 -1.12 -9.76 -37.02
N HIS B 543 -0.08 -10.05 -37.79
CA HIS B 543 0.94 -9.07 -38.14
C HIS B 543 0.57 -8.38 -39.43
N LYS B 544 0.63 -7.05 -39.43
CA LYS B 544 0.27 -6.29 -40.62
C LYS B 544 1.16 -6.64 -41.81
N ALA B 545 2.45 -6.88 -41.56
CA ALA B 545 3.34 -7.29 -42.65
C ALA B 545 2.96 -8.65 -43.20
N VAL B 546 2.67 -9.61 -42.32
CA VAL B 546 2.27 -10.94 -42.76
C VAL B 546 0.95 -10.88 -43.51
N LEU B 547 -0.01 -10.10 -43.00
CA LEU B 547 -1.28 -9.96 -43.68
C LEU B 547 -1.11 -9.32 -45.05
N THR B 548 -0.25 -8.30 -45.16
CA THR B 548 0.01 -7.65 -46.44
C THR B 548 0.62 -8.63 -47.44
N LEU B 549 1.65 -9.37 -47.01
CA LEU B 549 2.28 -10.32 -47.92
C LEU B 549 1.31 -11.42 -48.34
N ALA B 550 0.53 -11.94 -47.39
CA ALA B 550 -0.45 -12.98 -47.70
C ALA B 550 -1.50 -12.46 -48.67
N GLY B 551 -1.98 -11.23 -48.46
CA GLY B 551 -2.95 -10.65 -49.37
C GLY B 551 -2.40 -10.51 -50.77
N TYR B 552 -1.17 -10.00 -50.90
CA TYR B 552 -0.55 -9.88 -52.21
C TYR B 552 -0.44 -11.23 -52.89
N LEU B 553 0.10 -12.23 -52.18
CA LEU B 553 0.34 -13.53 -52.78
C LEU B 553 -0.97 -14.21 -53.17
N ARG B 554 -1.98 -14.12 -52.30
CA ARG B 554 -3.26 -14.77 -52.59
C ARG B 554 -3.98 -14.09 -53.75
N SER B 555 -3.91 -12.76 -53.83
CA SER B 555 -4.70 -12.05 -54.82
C SER B 555 -4.02 -11.99 -56.18
N ARG B 556 -2.69 -11.87 -56.21
CA ARG B 556 -2.02 -11.70 -57.49
C ARG B 556 -1.99 -13.01 -58.28
N TYR B 557 -1.89 -14.14 -57.59
CA TYR B 557 -1.75 -15.44 -58.22
C TYR B 557 -3.07 -16.18 -58.08
N ILE B 558 -3.90 -16.09 -59.12
CA ILE B 558 -5.23 -16.69 -59.11
C ILE B 558 -5.28 -17.67 -60.28
N GLU B 559 -4.87 -18.90 -60.01
CA GLU B 559 -5.15 -20.02 -60.90
C GLU B 559 -5.57 -21.26 -60.12
N HIS B 560 -5.35 -21.28 -58.80
CA HIS B 560 -5.95 -22.24 -57.90
C HIS B 560 -6.71 -21.47 -56.84
N GLY B 561 -7.72 -22.11 -56.26
CA GLY B 561 -8.55 -21.42 -55.30
C GLY B 561 -7.84 -20.94 -54.06
N SER B 562 -6.70 -21.52 -53.72
CA SER B 562 -5.94 -21.09 -52.55
C SER B 562 -4.46 -21.22 -52.87
N LEU B 563 -3.65 -20.41 -52.19
CA LEU B 563 -2.21 -20.42 -52.39
C LEU B 563 -1.70 -21.80 -52.00
N PRO B 564 -1.28 -22.62 -52.96
CA PRO B 564 -0.96 -24.02 -52.67
C PRO B 564 0.40 -24.19 -52.02
N VAL B 565 1.01 -23.08 -51.60
CA VAL B 565 2.35 -23.07 -51.06
C VAL B 565 2.36 -22.29 -49.75
N THR B 566 3.07 -22.82 -48.76
CA THR B 566 3.37 -22.11 -47.54
C THR B 566 4.79 -21.57 -47.63
N ILE B 567 4.95 -20.28 -47.35
CA ILE B 567 6.24 -19.60 -47.47
C ILE B 567 6.70 -19.24 -46.06
N SER B 568 7.88 -19.72 -45.69
CA SER B 568 8.49 -19.43 -44.40
C SER B 568 9.61 -18.42 -44.61
N LEU B 569 9.51 -17.28 -43.94
CA LEU B 569 10.46 -16.18 -44.09
C LEU B 569 11.26 -16.05 -42.81
N ALA B 570 12.58 -16.12 -42.92
CA ALA B 570 13.46 -16.05 -41.77
C ALA B 570 14.57 -15.05 -41.99
N PHE B 571 14.90 -14.31 -40.93
CA PHE B 571 16.06 -13.44 -40.90
C PHE B 571 17.16 -14.17 -40.13
N GLU B 572 18.12 -14.73 -40.87
CA GLU B 572 19.27 -15.31 -40.21
C GLU B 572 20.12 -14.22 -39.57
N GLN B 573 20.96 -14.62 -38.61
CA GLN B 573 21.87 -13.70 -37.93
C GLN B 573 21.10 -12.55 -37.27
N ASN B 574 20.39 -12.90 -36.20
CA ASN B 574 19.71 -11.91 -35.37
C ASN B 574 20.70 -10.83 -34.94
N TYR B 575 20.20 -9.76 -34.34
CA TYR B 575 20.55 -8.34 -34.50
C TYR B 575 19.64 -7.70 -35.54
N VAL B 576 18.74 -8.45 -36.17
CA VAL B 576 17.78 -7.90 -37.10
C VAL B 576 16.53 -7.52 -36.32
N SER B 577 16.20 -6.23 -36.32
CA SER B 577 14.97 -5.75 -35.70
C SER B 577 13.89 -5.69 -36.76
N ILE B 578 12.98 -6.67 -36.73
CA ILE B 578 11.97 -6.80 -37.77
C ILE B 578 10.89 -5.75 -37.55
N GLU B 579 10.18 -5.42 -38.64
CA GLU B 579 9.16 -4.38 -38.58
C GLU B 579 7.94 -4.87 -37.82
N GLY B 580 7.31 -5.95 -38.30
CA GLY B 580 6.09 -6.45 -37.72
C GLY B 580 4.83 -5.71 -38.13
N ASP B 581 4.96 -4.48 -38.63
CA ASP B 581 3.82 -3.68 -39.06
C ASP B 581 3.89 -3.24 -40.52
N SER B 582 5.06 -3.29 -41.15
CA SER B 582 5.19 -2.93 -42.56
C SER B 582 5.85 -4.09 -43.30
N ALA B 583 5.21 -4.56 -44.36
CA ALA B 583 5.78 -5.64 -45.14
C ALA B 583 6.93 -5.12 -45.99
N GLY B 584 8.07 -5.81 -45.91
CA GLY B 584 9.22 -5.39 -46.67
C GLY B 584 9.19 -5.89 -48.10
N LEU B 585 9.79 -5.11 -48.99
CA LEU B 585 9.93 -5.53 -50.37
C LEU B 585 10.85 -6.73 -50.49
N ALA B 586 11.89 -6.79 -49.64
CA ALA B 586 12.79 -7.93 -49.64
C ALA B 586 12.04 -9.22 -49.31
N GLU B 587 11.14 -9.16 -48.34
CA GLU B 587 10.35 -10.34 -47.99
C GLU B 587 9.51 -10.81 -49.17
N LEU B 588 8.86 -9.88 -49.88
CA LEU B 588 8.02 -10.26 -50.99
C LEU B 588 8.84 -10.84 -52.14
N VAL B 589 9.97 -10.22 -52.48
CA VAL B 589 10.76 -10.75 -53.59
C VAL B 589 11.38 -12.10 -53.21
N ALA B 590 11.77 -12.28 -51.95
CA ALA B 590 12.26 -13.58 -51.51
C ALA B 590 11.18 -14.63 -51.59
N ALA B 591 9.95 -14.29 -51.19
CA ALA B 591 8.84 -15.23 -51.29
C ALA B 591 8.56 -15.61 -52.74
N LEU B 592 8.58 -14.62 -53.65
CA LEU B 592 8.36 -14.92 -55.06
C LEU B 592 9.47 -15.80 -55.63
N SER B 593 10.72 -15.53 -55.24
CA SER B 593 11.83 -16.37 -55.68
C SER B 593 11.68 -17.79 -55.16
N ALA B 594 11.29 -17.94 -53.89
CA ALA B 594 11.09 -19.27 -53.33
C ALA B 594 9.98 -20.03 -54.05
N ILE B 595 8.89 -19.33 -54.36
CA ILE B 595 7.77 -19.96 -55.05
C ILE B 595 8.17 -20.38 -56.46
N GLY B 596 8.79 -19.47 -57.22
CA GLY B 596 9.12 -19.72 -58.60
C GLY B 596 10.51 -20.25 -58.87
N ASN B 597 11.30 -20.53 -57.83
CA ASN B 597 12.69 -20.98 -57.98
C ASN B 597 13.49 -20.01 -58.86
N LEU B 598 13.29 -18.72 -58.61
CA LEU B 598 13.97 -17.68 -59.36
C LEU B 598 15.27 -17.31 -58.66
N PRO B 599 16.42 -17.51 -59.28
CA PRO B 599 17.68 -17.09 -58.64
C PRO B 599 17.84 -15.58 -58.65
N LEU B 600 17.65 -14.95 -57.50
CA LEU B 600 17.84 -13.52 -57.37
C LEU B 600 19.33 -13.18 -57.30
N ARG B 601 19.68 -12.02 -57.84
CA ARG B 601 21.03 -11.50 -57.72
C ARG B 601 21.32 -11.15 -56.27
N GLN B 602 22.43 -11.65 -55.74
CA GLN B 602 22.89 -11.27 -54.42
C GLN B 602 23.75 -10.03 -54.43
N ASP B 603 24.09 -9.51 -55.61
CA ASP B 603 24.82 -8.26 -55.70
C ASP B 603 24.01 -7.11 -55.12
N LEU B 604 22.71 -7.10 -55.39
CA LEU B 604 21.84 -5.99 -55.03
C LEU B 604 21.13 -6.27 -53.72
N ALA B 605 21.20 -5.30 -52.81
CA ALA B 605 20.37 -5.33 -51.61
C ALA B 605 19.01 -4.72 -51.90
N VAL B 606 18.00 -5.18 -51.18
CA VAL B 606 16.63 -4.76 -51.40
C VAL B 606 16.11 -4.13 -50.12
N THR B 607 15.60 -2.91 -50.22
CA THR B 607 15.01 -2.21 -49.10
C THR B 607 13.70 -1.57 -49.55
N GLY B 608 12.94 -1.09 -48.58
CA GLY B 608 11.67 -0.45 -48.89
C GLY B 608 10.51 -1.34 -48.49
N ALA B 609 9.45 -0.71 -47.99
CA ALA B 609 8.22 -1.42 -47.66
C ALA B 609 7.45 -1.73 -48.93
N VAL B 610 6.48 -2.64 -48.82
CA VAL B 610 5.65 -3.03 -49.95
C VAL B 610 4.20 -3.00 -49.48
N ASP B 611 3.30 -2.79 -50.45
CA ASP B 611 1.87 -2.74 -50.21
C ASP B 611 1.22 -3.99 -50.76
N GLN B 612 0.06 -4.34 -50.22
CA GLN B 612 -0.65 -5.54 -50.65
C GLN B 612 -1.03 -5.50 -52.13
N THR B 613 -1.08 -4.32 -52.74
CA THR B 613 -1.23 -4.20 -54.18
C THR B 613 0.05 -4.57 -54.92
N GLY B 614 1.20 -4.45 -54.25
CA GLY B 614 2.49 -4.58 -54.90
C GLY B 614 3.23 -3.28 -55.04
N LYS B 615 2.79 -2.23 -54.37
CA LYS B 615 3.38 -0.91 -54.47
C LYS B 615 4.47 -0.74 -53.41
N VAL B 616 5.64 -0.30 -53.84
CA VAL B 616 6.77 -0.13 -52.94
C VAL B 616 6.67 1.23 -52.26
N LEU B 617 6.64 1.23 -50.93
CA LEU B 617 6.46 2.43 -50.14
C LEU B 617 7.79 2.90 -49.54
N ALA B 618 7.83 4.17 -49.18
CA ALA B 618 9.04 4.75 -48.62
C ALA B 618 9.33 4.18 -47.24
N VAL B 619 10.61 4.15 -46.89
CA VAL B 619 11.07 3.71 -45.58
C VAL B 619 12.01 4.75 -45.00
N GLY B 620 12.13 4.73 -43.68
CA GLY B 620 13.05 5.63 -43.01
C GLY B 620 14.47 5.13 -43.05
N ALA B 621 15.40 6.08 -42.82
CA ALA B 621 16.83 5.78 -42.76
C ALA B 621 17.31 5.08 -44.04
N ILE B 622 16.83 5.55 -45.19
CA ILE B 622 17.26 4.97 -46.46
C ILE B 622 18.75 5.19 -46.69
N ASN B 623 19.26 6.37 -46.33
CA ASN B 623 20.68 6.64 -46.48
C ASN B 623 21.51 5.69 -45.63
N ALA B 624 21.07 5.44 -44.39
CA ALA B 624 21.79 4.53 -43.51
C ALA B 624 21.86 3.14 -44.11
N LYS B 625 20.74 2.64 -44.66
CA LYS B 625 20.72 1.31 -45.24
C LYS B 625 21.62 1.22 -46.47
N VAL B 626 21.52 2.19 -47.37
CA VAL B 626 22.33 2.16 -48.59
C VAL B 626 23.80 2.24 -48.24
N GLU B 627 24.17 3.11 -47.30
CA GLU B 627 25.58 3.23 -46.92
C GLU B 627 26.07 2.03 -46.15
N GLY B 628 25.22 1.36 -45.36
CA GLY B 628 25.63 0.14 -44.72
C GLY B 628 25.91 -0.97 -45.72
N PHE B 629 25.04 -1.12 -46.73
CA PHE B 629 25.32 -2.11 -47.76
C PHE B 629 26.58 -1.74 -48.54
N PHE B 630 26.79 -0.44 -48.81
CA PHE B 630 28.02 -0.04 -49.50
C PHE B 630 29.24 -0.36 -48.66
N ARG B 631 29.16 -0.15 -47.34
CA ARG B 631 30.26 -0.49 -46.45
C ARG B 631 30.57 -1.98 -46.51
N VAL B 632 29.52 -2.81 -46.47
CA VAL B 632 29.73 -4.25 -46.53
C VAL B 632 30.35 -4.66 -47.86
N CYS B 633 29.86 -4.09 -48.97
CA CYS B 633 30.39 -4.44 -50.27
C CYS B 633 31.83 -3.99 -50.43
N LYS B 634 32.17 -2.80 -49.95
CA LYS B 634 33.53 -2.29 -50.06
C LYS B 634 34.49 -3.05 -49.15
N ALA B 635 34.02 -3.50 -47.99
CA ALA B 635 34.85 -4.32 -47.11
C ALA B 635 35.25 -5.62 -47.80
N LEU B 636 34.29 -6.26 -48.49
CA LEU B 636 34.55 -7.49 -49.21
C LEU B 636 35.06 -7.26 -50.63
N GLY B 637 35.17 -6.00 -51.06
CA GLY B 637 35.62 -5.70 -52.40
C GLY B 637 34.48 -5.37 -53.33
N LEU B 638 34.56 -4.21 -54.00
CA LEU B 638 33.50 -3.78 -54.90
C LEU B 638 33.67 -4.48 -56.25
N SER B 639 32.73 -5.37 -56.57
CA SER B 639 32.80 -6.09 -57.83
C SER B 639 32.39 -5.23 -59.01
N GLY B 640 31.80 -4.07 -58.76
CA GLY B 640 31.31 -3.20 -59.81
C GLY B 640 29.89 -3.47 -60.25
N THR B 641 29.25 -4.52 -59.72
CA THR B 641 27.87 -4.81 -60.03
C THR B 641 26.96 -4.76 -58.81
N GLN B 642 27.50 -4.48 -57.62
CA GLN B 642 26.68 -4.37 -56.44
C GLN B 642 25.78 -3.14 -56.52
N GLY B 643 24.68 -3.18 -55.77
CA GLY B 643 23.77 -2.07 -55.77
C GLY B 643 22.71 -2.24 -54.71
N VAL B 644 21.80 -1.28 -54.69
CA VAL B 644 20.69 -1.26 -53.74
C VAL B 644 19.40 -0.98 -54.49
N ILE B 645 18.39 -1.82 -54.27
CA ILE B 645 17.06 -1.60 -54.82
C ILE B 645 16.21 -0.93 -53.75
N LEU B 646 15.71 0.26 -54.06
CA LEU B 646 15.01 1.10 -53.10
C LEU B 646 13.82 1.75 -53.78
N PRO B 647 12.83 2.19 -53.01
CA PRO B 647 11.63 2.79 -53.61
C PRO B 647 11.94 4.12 -54.27
N GLU B 648 11.16 4.44 -55.32
CA GLU B 648 11.23 5.77 -55.90
C GLU B 648 10.68 6.82 -54.95
N ALA B 649 9.91 6.41 -53.95
CA ALA B 649 9.42 7.35 -52.95
C ALA B 649 10.57 7.95 -52.15
N ASN B 650 11.61 7.15 -51.89
CA ASN B 650 12.75 7.59 -51.10
C ASN B 650 13.74 8.42 -51.90
N LEU B 651 13.50 8.66 -53.19
CA LEU B 651 14.43 9.44 -54.00
C LEU B 651 14.60 10.86 -53.48
N ALA B 652 13.60 11.40 -52.81
CA ALA B 652 13.71 12.72 -52.20
C ALA B 652 14.44 12.68 -50.86
N ASN B 653 14.75 11.48 -50.36
CA ASN B 653 15.48 11.30 -49.12
C ASN B 653 16.90 10.80 -49.34
N LEU B 654 17.35 10.72 -50.59
CA LEU B 654 18.64 10.13 -50.91
C LEU B 654 19.72 11.21 -50.83
N THR B 655 20.41 11.25 -49.69
CA THR B 655 21.50 12.20 -49.48
C THR B 655 22.79 11.43 -49.20
N LEU B 656 23.08 10.45 -50.05
CA LEU B 656 24.20 9.53 -49.84
C LEU B 656 25.51 10.29 -49.64
N ARG B 657 26.43 9.64 -48.92
CA ARG B 657 27.71 10.23 -48.61
C ARG B 657 28.56 10.36 -49.88
N ALA B 658 29.73 10.98 -49.72
CA ALA B 658 30.63 11.21 -50.84
C ALA B 658 31.15 9.91 -51.42
N GLU B 659 31.48 8.93 -50.58
CA GLU B 659 32.03 7.67 -51.08
C GLU B 659 31.02 6.91 -51.92
N VAL B 660 29.77 6.84 -51.47
CA VAL B 660 28.74 6.12 -52.23
C VAL B 660 28.50 6.82 -53.56
N LEU B 661 28.42 8.14 -53.55
CA LEU B 661 28.20 8.89 -54.79
C LEU B 661 29.37 8.73 -55.75
N GLU B 662 30.60 8.74 -55.24
CA GLU B 662 31.77 8.54 -56.09
C GLU B 662 31.79 7.13 -56.68
N ALA B 663 31.39 6.13 -55.90
CA ALA B 663 31.28 4.78 -56.44
C ALA B 663 30.21 4.69 -57.52
N VAL B 664 29.07 5.38 -57.30
CA VAL B 664 28.01 5.40 -58.31
C VAL B 664 28.49 6.07 -59.59
N ARG B 665 29.22 7.17 -59.46
CA ARG B 665 29.76 7.86 -60.62
C ARG B 665 30.75 6.97 -61.37
N ALA B 666 31.59 6.24 -60.63
CA ALA B 666 32.56 5.34 -61.24
C ALA B 666 31.94 4.05 -61.76
N GLY B 667 30.66 3.81 -61.48
CA GLY B 667 30.01 2.59 -61.91
C GLY B 667 30.27 1.38 -61.05
N GLN B 668 30.85 1.57 -59.87
CA GLN B 668 31.13 0.47 -58.96
C GLN B 668 29.96 0.17 -58.03
N PHE B 669 28.98 1.06 -57.93
CA PHE B 669 27.80 0.84 -57.11
C PHE B 669 26.59 1.36 -57.87
N HIS B 670 25.51 0.59 -57.87
CA HIS B 670 24.31 0.92 -58.61
C HIS B 670 23.15 1.14 -57.66
N ILE B 671 22.31 2.11 -57.97
CA ILE B 671 21.10 2.39 -57.20
C ILE B 671 19.91 2.25 -58.13
N TYR B 672 19.02 1.31 -57.82
CA TYR B 672 17.82 1.07 -58.60
C TYR B 672 16.63 1.59 -57.82
N ALA B 673 15.77 2.35 -58.48
CA ALA B 673 14.57 2.92 -57.87
C ALA B 673 13.36 2.24 -58.49
N VAL B 674 12.51 1.68 -57.64
CA VAL B 674 11.39 0.87 -58.11
C VAL B 674 10.08 1.43 -57.58
N GLU B 675 9.02 1.26 -58.37
CA GLU B 675 7.66 1.59 -57.97
C GLU B 675 6.89 0.38 -57.46
N THR B 676 7.02 -0.76 -58.13
CA THR B 676 6.28 -1.96 -57.80
C THR B 676 7.24 -3.11 -57.48
N ALA B 677 6.72 -4.10 -56.75
CA ALA B 677 7.52 -5.27 -56.41
C ALA B 677 7.89 -6.08 -57.64
N GLU B 678 7.07 -6.02 -58.68
CA GLU B 678 7.41 -6.72 -59.92
C GLU B 678 8.67 -6.14 -60.55
N GLN B 679 8.85 -4.82 -60.47
CA GLN B 679 10.08 -4.22 -60.97
C GLN B 679 11.30 -4.68 -60.20
N ALA B 680 11.18 -4.76 -58.87
CA ALA B 680 12.29 -5.24 -58.06
C ALA B 680 12.62 -6.69 -58.38
N LEU B 681 11.59 -7.52 -58.56
CA LEU B 681 11.83 -8.91 -58.93
C LEU B 681 12.46 -9.01 -60.31
N GLU B 682 12.05 -8.15 -61.25
CA GLU B 682 12.67 -8.15 -62.57
C GLU B 682 14.15 -7.79 -62.48
N ILE B 683 14.49 -6.79 -61.66
CA ILE B 683 15.89 -6.40 -61.52
C ILE B 683 16.69 -7.51 -60.84
N LEU B 684 16.13 -8.13 -59.80
CA LEU B 684 16.85 -9.15 -59.06
C LEU B 684 17.06 -10.41 -59.91
N ALA B 685 16.02 -10.90 -60.55
CA ALA B 685 16.12 -12.12 -61.33
C ALA B 685 16.64 -11.88 -62.74
N GLY B 686 16.80 -10.63 -63.16
CA GLY B 686 17.36 -10.35 -64.47
C GLY B 686 16.49 -10.77 -65.62
N ALA B 687 15.17 -10.83 -65.44
CA ALA B 687 14.27 -11.23 -66.50
C ALA B 687 12.96 -10.46 -66.37
N ARG B 688 12.27 -10.31 -67.49
CA ARG B 688 10.99 -9.62 -67.51
C ARG B 688 9.89 -10.52 -66.95
N MET B 689 8.94 -9.90 -66.25
CA MET B 689 7.83 -10.66 -65.69
C MET B 689 6.97 -11.30 -66.78
N GLU B 690 6.54 -10.49 -67.75
CA GLU B 690 5.69 -10.98 -68.81
C GLU B 690 6.51 -11.49 -69.99
N GLY B 691 5.89 -12.37 -70.77
CA GLY B 691 6.55 -12.99 -71.90
C GLY B 691 6.90 -14.45 -71.63
N PHE B 692 7.23 -15.14 -72.71
CA PHE B 692 7.59 -16.55 -72.60
C PHE B 692 8.89 -16.69 -71.82
N ARG B 693 8.95 -17.71 -70.96
CA ARG B 693 10.08 -17.94 -70.04
C ARG B 693 10.30 -16.75 -69.13
N GLY B 694 9.25 -15.97 -68.87
CA GLY B 694 9.34 -14.85 -67.95
C GLY B 694 9.18 -15.28 -66.51
N LEU B 695 9.40 -14.31 -65.62
CA LEU B 695 9.30 -14.60 -64.19
C LEU B 695 7.88 -14.98 -63.80
N GLN B 696 6.87 -14.32 -64.39
CA GLN B 696 5.49 -14.64 -64.06
C GLN B 696 5.16 -16.09 -64.40
N GLU B 697 5.57 -16.55 -65.57
CA GLU B 697 5.32 -17.93 -65.98
C GLU B 697 6.05 -18.91 -65.08
N LYS B 698 7.28 -18.57 -64.68
CA LYS B 698 8.03 -19.46 -63.79
C LYS B 698 7.37 -19.56 -62.42
N ILE B 699 6.89 -18.44 -61.88
CA ILE B 699 6.21 -18.47 -60.60
C ILE B 699 4.91 -19.27 -60.71
N ARG B 700 4.17 -19.10 -61.81
CA ARG B 700 2.95 -19.88 -61.99
C ARG B 700 3.26 -21.37 -62.12
N ALA B 701 4.35 -21.72 -62.80
CA ALA B 701 4.76 -23.11 -62.92
C ALA B 701 5.13 -23.69 -61.56
N GLY B 702 5.85 -22.92 -60.73
CA GLY B 702 6.14 -23.37 -59.39
C GLY B 702 4.88 -23.57 -58.56
N LEU B 703 3.93 -22.64 -58.68
CA LEU B 703 2.67 -22.77 -57.96
C LEU B 703 1.89 -24.02 -58.40
N GLU B 704 1.86 -24.29 -59.71
CA GLU B 704 1.14 -25.46 -60.19
C GLU B 704 1.87 -26.75 -59.82
N ALA B 705 3.20 -26.72 -59.73
CA ALA B 705 3.93 -27.88 -59.23
C ALA B 705 3.60 -28.14 -57.76
N PHE B 706 3.52 -27.07 -56.95
CA PHE B 706 3.11 -27.25 -55.56
C PHE B 706 1.68 -27.77 -55.46
N ALA B 707 0.80 -27.31 -56.35
CA ALA B 707 -0.56 -27.82 -56.37
C ALA B 707 -0.60 -29.29 -56.76
N ARG B 708 0.25 -29.70 -57.70
CA ARG B 708 0.33 -31.11 -58.07
C ARG B 708 0.85 -31.95 -56.92
N LEU B 709 1.81 -31.44 -56.15
CA LEU B 709 2.24 -32.15 -54.95
C LEU B 709 1.10 -32.25 -53.94
N GLU B 710 0.31 -31.18 -53.80
CA GLU B 710 -0.84 -31.20 -52.91
C GLU B 710 -1.86 -32.25 -53.32
N GLU B 711 -2.15 -32.36 -54.62
CA GLU B 711 -3.11 -33.36 -55.05
C GLU B 711 -2.54 -34.77 -55.00
N GLY B 712 -1.23 -34.92 -55.17
CA GLY B 712 -0.59 -36.21 -54.95
C GLY B 712 -0.68 -36.67 -53.52
N HIS B 713 -0.60 -35.73 -52.57
CA HIS B 713 -0.88 -36.07 -51.19
C HIS B 713 -2.37 -36.25 -50.92
N ASP B 714 -3.23 -35.60 -51.71
CA ASP B 714 -4.68 -35.76 -51.56
C ASP B 714 -5.14 -37.15 -51.96
N LYS B 715 -4.63 -37.69 -53.08
CA LYS B 715 -4.95 -39.07 -53.42
C LYS B 715 -4.36 -40.04 -52.41
N GLU B 716 -3.26 -39.64 -51.75
CA GLU B 716 -2.73 -40.43 -50.64
C GLU B 716 -3.72 -40.50 -49.48
N ASP B 717 -4.58 -39.50 -49.35
CA ASP B 717 -5.60 -39.48 -48.30
C ASP B 717 -6.88 -40.18 -48.71
N ARG B 718 -7.02 -40.58 -49.98
CA ARG B 718 -8.23 -41.24 -50.45
C ARG B 718 -8.10 -42.73 -50.61
N GLU B 719 -7.12 -43.21 -51.37
CA GLU B 719 -6.95 -44.64 -51.60
C GLU B 719 -6.28 -45.31 -50.39
N MET C 1 -25.21 12.23 -57.61
CA MET C 1 -25.30 13.29 -58.60
C MET C 1 -24.36 14.44 -58.25
N ARG C 2 -23.94 15.19 -59.27
CA ARG C 2 -22.95 16.24 -59.10
C ARG C 2 -23.60 17.49 -58.54
N LEU C 3 -23.11 17.98 -57.40
CA LEU C 3 -23.63 19.20 -56.82
C LEU C 3 -23.13 20.42 -57.59
N SER C 4 -24.04 21.31 -57.94
CA SER C 4 -23.65 22.55 -58.60
C SER C 4 -23.09 23.53 -57.56
N TYR C 5 -22.51 24.62 -58.06
CA TYR C 5 -21.98 25.65 -57.16
C TYR C 5 -23.09 26.28 -56.33
N GLU C 6 -24.24 26.55 -56.95
CA GLU C 6 -25.36 27.13 -56.22
C GLU C 6 -25.86 26.21 -55.12
N ALA C 7 -25.89 24.89 -55.39
CA ALA C 7 -26.27 23.94 -54.34
C ALA C 7 -25.20 23.81 -53.27
N LEU C 8 -24.00 24.35 -53.51
CA LEU C 8 -22.91 24.29 -52.54
C LEU C 8 -22.58 25.63 -51.91
N GLU C 9 -22.98 26.74 -52.53
CA GLU C 9 -22.67 28.06 -51.99
C GLU C 9 -23.47 28.29 -50.72
N TRP C 10 -22.77 28.56 -49.62
CA TRP C 10 -23.39 28.72 -48.31
C TRP C 10 -23.16 30.08 -47.68
N ARG C 11 -22.14 30.82 -48.11
CA ARG C 11 -21.78 32.07 -47.48
C ARG C 11 -22.84 33.14 -47.73
N THR C 12 -23.05 33.97 -46.73
CA THR C 12 -24.00 35.08 -46.84
C THR C 12 -23.47 36.10 -47.84
N PRO C 13 -24.27 36.51 -48.82
CA PRO C 13 -23.77 37.45 -49.83
C PRO C 13 -23.43 38.81 -49.22
N ILE C 14 -22.19 39.24 -49.45
CA ILE C 14 -21.74 40.55 -48.97
C ILE C 14 -22.20 41.61 -49.96
N GLU C 15 -22.82 42.66 -49.45
CA GLU C 15 -23.29 43.77 -50.28
C GLU C 15 -22.54 45.06 -50.00
N ASN C 16 -22.32 45.40 -48.74
CA ASN C 16 -21.53 46.56 -48.35
C ASN C 16 -20.58 46.18 -47.23
N SER C 17 -19.35 46.68 -47.29
CA SER C 17 -18.36 46.36 -46.28
C SER C 17 -17.56 47.57 -45.84
N THR C 18 -17.99 48.78 -46.18
CA THR C 18 -17.25 49.99 -45.82
C THR C 18 -17.78 50.66 -44.56
N GLU C 19 -19.10 50.81 -44.42
CA GLU C 19 -19.62 51.52 -43.27
C GLU C 19 -19.74 50.58 -42.07
N PRO C 20 -19.41 51.07 -40.88
CA PRO C 20 -19.57 50.25 -39.67
C PRO C 20 -21.04 50.01 -39.37
N VAL C 21 -21.29 48.89 -38.70
CA VAL C 21 -22.66 48.50 -38.34
C VAL C 21 -23.08 49.28 -37.10
N SER C 22 -24.36 49.65 -37.07
CA SER C 22 -24.98 50.28 -35.90
C SER C 22 -26.08 49.34 -35.44
N LEU C 23 -25.76 48.49 -34.44
CA LEU C 23 -26.68 47.46 -33.98
C LEU C 23 -26.84 47.56 -32.47
N PRO C 24 -28.08 47.59 -31.97
CA PRO C 24 -28.27 47.60 -30.52
C PRO C 24 -27.81 46.29 -29.91
N PRO C 25 -27.37 46.30 -28.66
CA PRO C 25 -26.92 45.06 -28.03
C PRO C 25 -28.06 44.07 -27.94
N PRO C 26 -27.76 42.78 -28.13
CA PRO C 26 -28.82 41.77 -28.08
C PRO C 26 -29.24 41.50 -26.65
N PRO C 27 -30.46 40.98 -26.45
CA PRO C 27 -30.86 40.56 -25.11
C PRO C 27 -30.01 39.41 -24.62
N PRO C 28 -29.81 39.28 -23.32
CA PRO C 28 -29.03 38.15 -22.80
C PRO C 28 -29.67 36.83 -23.20
N PHE C 29 -28.82 35.85 -23.52
CA PHE C 29 -29.24 34.56 -24.07
C PHE C 29 -30.03 34.77 -25.37
N PHE C 30 -29.35 35.37 -26.35
CA PHE C 30 -29.90 35.50 -27.69
C PHE C 30 -29.65 34.21 -28.45
N GLY C 31 -30.68 33.70 -29.10
CA GLY C 31 -30.59 32.39 -29.71
C GLY C 31 -30.59 31.24 -28.72
N GLN C 32 -30.75 31.54 -27.43
CA GLN C 32 -30.76 30.55 -26.36
C GLN C 32 -32.04 30.66 -25.57
N GLU C 33 -33.17 30.69 -26.28
CA GLU C 33 -34.46 30.92 -25.65
C GLU C 33 -34.84 29.84 -24.65
N ARG C 34 -34.34 28.62 -24.82
CA ARG C 34 -34.64 27.57 -23.84
C ARG C 34 -34.00 27.89 -22.49
N ALA C 35 -32.71 28.21 -22.49
CA ALA C 35 -32.03 28.57 -21.25
C ALA C 35 -32.59 29.87 -20.68
N ARG C 36 -32.91 30.83 -21.56
CA ARG C 36 -33.47 32.09 -21.10
C ARG C 36 -34.82 31.88 -20.41
N GLU C 37 -35.68 31.05 -20.99
CA GLU C 37 -36.97 30.77 -20.36
C GLU C 37 -36.81 29.97 -19.08
N ALA C 38 -35.86 29.04 -19.06
CA ALA C 38 -35.61 28.28 -17.83
C ALA C 38 -35.15 29.20 -16.71
N LEU C 39 -34.27 30.14 -17.00
CA LEU C 39 -33.82 31.08 -15.99
C LEU C 39 -34.93 32.06 -15.60
N GLU C 40 -35.79 32.43 -16.55
CA GLU C 40 -36.96 33.23 -16.21
C GLU C 40 -37.83 32.49 -15.19
N LEU C 41 -38.06 31.20 -15.41
CA LEU C 41 -38.84 30.42 -14.45
C LEU C 41 -38.14 30.32 -13.12
N ALA C 42 -36.83 30.08 -13.13
CA ALA C 42 -36.07 29.95 -11.88
C ALA C 42 -36.02 31.25 -11.10
N ILE C 43 -36.13 32.39 -11.77
CA ILE C 43 -36.14 33.69 -11.10
C ILE C 43 -37.53 34.05 -10.60
N ARG C 44 -38.56 33.82 -11.42
CA ARG C 44 -39.93 34.09 -10.97
C ARG C 44 -40.33 33.21 -9.81
N GLY C 45 -39.91 31.94 -9.82
CA GLY C 45 -40.29 31.03 -8.77
C GLY C 45 -39.29 30.92 -7.63
N GLY C 46 -38.10 31.47 -7.84
CA GLY C 46 -37.07 31.39 -6.83
C GLY C 46 -36.46 30.02 -6.66
N PHE C 47 -36.57 29.16 -7.68
CA PHE C 47 -35.95 27.85 -7.61
C PHE C 47 -34.44 27.95 -7.84
N HIS C 48 -33.75 26.89 -7.45
CA HIS C 48 -32.34 26.75 -7.80
C HIS C 48 -32.24 26.14 -9.19
N ALA C 49 -31.47 26.78 -10.06
CA ALA C 49 -31.27 26.32 -11.42
C ALA C 49 -29.82 25.92 -11.64
N TYR C 50 -29.57 25.23 -12.74
CA TYR C 50 -28.21 24.91 -13.14
C TYR C 50 -28.07 25.10 -14.64
N LEU C 51 -26.97 25.75 -15.05
CA LEU C 51 -26.72 26.02 -16.46
C LEU C 51 -25.82 24.93 -17.02
N VAL C 52 -26.27 24.28 -18.09
CA VAL C 52 -25.51 23.22 -18.74
C VAL C 52 -25.27 23.61 -20.18
N GLY C 53 -24.06 23.35 -20.66
CA GLY C 53 -23.69 23.65 -22.01
C GLY C 53 -22.21 23.45 -22.26
N PRO C 54 -21.82 23.32 -23.53
CA PRO C 54 -20.41 23.13 -23.86
C PRO C 54 -19.58 24.34 -23.43
N PRO C 55 -18.29 24.15 -23.18
CA PRO C 55 -17.45 25.28 -22.77
C PRO C 55 -17.34 26.32 -23.88
N SER C 56 -16.79 27.47 -23.51
CA SER C 56 -16.55 28.61 -24.38
C SER C 56 -17.85 29.21 -24.92
N LEU C 57 -18.98 28.99 -24.25
CA LEU C 57 -20.22 29.64 -24.65
C LEU C 57 -20.37 31.03 -24.06
N GLY C 58 -19.52 31.42 -23.12
CA GLY C 58 -19.74 32.63 -22.37
C GLY C 58 -20.96 32.53 -21.47
N LYS C 59 -21.18 31.37 -20.86
CA LYS C 59 -22.36 31.18 -20.02
C LYS C 59 -22.33 32.10 -18.81
N HIS C 60 -21.16 32.22 -18.16
CA HIS C 60 -21.07 33.08 -16.99
C HIS C 60 -21.29 34.54 -17.34
N GLU C 61 -20.72 35.01 -18.45
CA GLU C 61 -20.89 36.41 -18.84
C GLU C 61 -22.35 36.72 -19.11
N ALA C 62 -23.02 35.89 -19.90
CA ALA C 62 -24.43 36.10 -20.19
C ALA C 62 -25.29 35.99 -18.95
N LEU C 63 -24.97 35.04 -18.05
CA LEU C 63 -25.74 34.89 -16.83
C LEU C 63 -25.62 36.12 -15.94
N LEU C 64 -24.40 36.64 -15.78
CA LEU C 64 -24.23 37.85 -14.97
C LEU C 64 -24.92 39.04 -15.61
N ALA C 65 -24.81 39.18 -16.93
CA ALA C 65 -25.49 40.27 -17.62
C ALA C 65 -27.00 40.18 -17.49
N TYR C 66 -27.55 38.97 -17.48
CA TYR C 66 -29.00 38.80 -17.34
C TYR C 66 -29.45 39.06 -15.92
N LEU C 67 -28.69 38.59 -14.93
CA LEU C 67 -29.07 38.82 -13.54
C LEU C 67 -28.89 40.27 -13.13
N SER C 68 -28.00 41.00 -13.80
CA SER C 68 -27.82 42.42 -13.49
C SER C 68 -29.06 43.24 -13.81
N THR C 69 -29.89 42.81 -14.75
CA THR C 69 -31.11 43.51 -15.11
C THR C 69 -32.29 43.11 -14.23
N GLN C 70 -32.13 42.11 -13.38
CA GLN C 70 -33.22 41.69 -12.50
C GLN C 70 -33.40 42.67 -11.36
N SER C 71 -34.65 42.86 -10.96
CA SER C 71 -35.00 43.71 -9.82
C SER C 71 -35.73 42.86 -8.80
N VAL C 72 -35.19 42.80 -7.58
CA VAL C 72 -35.77 42.01 -6.51
C VAL C 72 -36.10 42.94 -5.35
N GLU C 73 -36.85 42.39 -4.39
CA GLU C 73 -37.13 43.12 -3.16
C GLU C 73 -35.82 43.41 -2.43
N THR C 74 -35.73 44.58 -1.80
CA THR C 74 -34.50 45.00 -1.17
C THR C 74 -34.15 44.03 -0.06
N PRO C 75 -32.98 43.39 -0.09
CA PRO C 75 -32.65 42.38 0.91
C PRO C 75 -32.52 42.99 2.29
N PRO C 76 -33.02 42.32 3.32
CA PRO C 76 -32.84 42.80 4.68
C PRO C 76 -31.38 42.69 5.10
N ASP C 77 -31.00 43.56 6.04
CA ASP C 77 -29.64 43.57 6.58
C ASP C 77 -29.49 42.37 7.49
N LEU C 78 -28.67 41.40 7.07
CA LEU C 78 -28.38 40.21 7.86
C LEU C 78 -26.99 40.37 8.47
N LEU C 79 -26.90 40.19 9.79
CA LEU C 79 -25.63 40.38 10.46
C LEU C 79 -25.52 39.47 11.66
N TYR C 80 -24.32 39.39 12.22
CA TYR C 80 -24.02 38.58 13.39
C TYR C 80 -23.94 39.47 14.62
N VAL C 81 -24.77 39.20 15.62
CA VAL C 81 -24.74 39.98 16.85
C VAL C 81 -24.42 39.07 18.02
N PRO C 82 -23.45 39.41 18.87
CA PRO C 82 -23.12 38.55 20.01
C PRO C 82 -24.06 38.79 21.18
N LEU C 83 -24.84 37.77 21.53
CA LEU C 83 -25.64 37.83 22.76
C LEU C 83 -24.79 37.60 24.00
N SER C 84 -23.60 37.03 23.84
CA SER C 84 -22.64 36.88 24.92
C SER C 84 -21.25 36.88 24.30
N GLU C 85 -20.25 36.47 25.07
CA GLU C 85 -18.90 36.31 24.53
C GLU C 85 -18.71 34.97 23.83
N ARG C 86 -19.72 34.11 23.86
CA ARG C 86 -19.69 32.80 23.23
C ARG C 86 -20.84 32.56 22.27
N LYS C 87 -22.02 33.08 22.56
CA LYS C 87 -23.21 32.83 21.77
C LYS C 87 -23.47 34.02 20.86
N VAL C 88 -23.50 33.77 19.55
CA VAL C 88 -23.72 34.80 18.53
C VAL C 88 -24.95 34.41 17.74
N ALA C 89 -25.93 35.32 17.67
CA ALA C 89 -27.14 35.09 16.92
C ALA C 89 -27.09 35.84 15.59
N VAL C 90 -28.04 35.52 14.72
CA VAL C 90 -28.19 36.17 13.43
C VAL C 90 -29.34 37.17 13.54
N LEU C 91 -29.04 38.43 13.29
CA LEU C 91 -30.02 39.51 13.39
C LEU C 91 -30.41 39.96 11.99
N THR C 92 -31.71 40.14 11.77
CA THR C 92 -32.26 40.65 10.53
C THR C 92 -32.89 42.00 10.80
N LEU C 93 -32.46 43.01 10.06
CA LEU C 93 -32.96 44.37 10.19
C LEU C 93 -33.49 44.87 8.84
N PRO C 94 -34.30 45.92 8.84
CA PRO C 94 -34.64 46.57 7.56
C PRO C 94 -33.38 47.06 6.86
N SER C 95 -33.44 47.06 5.53
CA SER C 95 -32.26 47.40 4.74
C SER C 95 -31.76 48.81 5.08
N GLY C 96 -30.44 48.93 5.20
CA GLY C 96 -29.84 50.20 5.55
C GLY C 96 -29.78 50.52 7.02
N GLN C 97 -30.16 49.60 7.89
CA GLN C 97 -30.18 49.85 9.33
C GLN C 97 -28.97 49.30 10.05
N GLU C 98 -28.24 48.34 9.47
CA GLU C 98 -27.11 47.74 10.17
C GLU C 98 -25.99 48.74 10.40
N ILE C 99 -25.83 49.74 9.53
CA ILE C 99 -24.84 50.79 9.78
C ILE C 99 -25.29 51.66 10.94
N HIS C 100 -26.59 52.00 11.00
CA HIS C 100 -27.11 52.75 12.13
C HIS C 100 -26.99 51.95 13.41
N LEU C 101 -27.25 50.64 13.35
CA LEU C 101 -27.08 49.79 14.52
C LEU C 101 -25.62 49.76 14.96
N ALA C 102 -24.69 49.69 14.00
CA ALA C 102 -23.27 49.70 14.34
C ALA C 102 -22.87 51.01 15.02
N GLU C 103 -23.38 52.13 14.51
CA GLU C 103 -23.08 53.42 15.14
C GLU C 103 -23.65 53.49 16.55
N ALA C 104 -24.89 53.02 16.72
CA ALA C 104 -25.50 53.01 18.05
C ALA C 104 -24.71 52.13 19.01
N VAL C 105 -24.26 50.96 18.54
CA VAL C 105 -23.47 50.08 19.39
C VAL C 105 -22.12 50.71 19.72
N GLU C 106 -21.53 51.46 18.78
CA GLU C 106 -20.30 52.18 19.08
C GLU C 106 -20.53 53.20 20.20
N GLY C 107 -21.64 53.93 20.13
CA GLY C 107 -21.99 54.83 21.21
C GLY C 107 -22.17 54.12 22.54
N LEU C 108 -22.86 52.98 22.51
CA LEU C 108 -23.07 52.20 23.74
C LEU C 108 -21.77 51.68 24.32
N LEU C 109 -20.83 51.27 23.46
CA LEU C 109 -19.53 50.81 23.93
C LEU C 109 -18.73 51.96 24.51
N LEU C 110 -18.84 53.15 23.93
CA LEU C 110 -18.21 54.33 24.53
C LEU C 110 -18.89 54.76 25.82
N GLU C 111 -20.13 54.30 26.05
CA GLU C 111 -20.84 54.65 27.29
C GLU C 111 -20.15 54.11 28.55
N VAL C 112 -19.08 53.32 28.43
CA VAL C 112 -18.37 52.88 29.63
C VAL C 112 -17.75 54.07 30.34
N ASN C 113 -17.21 55.02 29.58
CA ASN C 113 -16.67 56.23 30.19
C ASN C 113 -17.76 57.08 30.83
N ARG C 114 -18.95 57.12 30.22
CA ARG C 114 -20.08 57.81 30.85
C ARG C 114 -20.48 57.12 32.15
N LEU C 115 -20.46 55.80 32.18
CA LEU C 115 -20.73 55.07 33.42
C LEU C 115 -19.70 55.41 34.49
N ASP C 116 -18.42 55.47 34.12
CA ASP C 116 -17.38 55.83 35.08
C ASP C 116 -17.59 57.25 35.61
N GLU C 117 -17.92 58.18 34.71
CA GLU C 117 -18.18 59.55 35.14
C GLU C 117 -19.38 59.62 36.08
N LEU C 118 -20.43 58.84 35.79
CA LEU C 118 -21.56 58.76 36.70
C LEU C 118 -21.14 58.22 38.06
N PHE C 119 -20.28 57.21 38.07
CA PHE C 119 -19.76 56.65 39.32
C PHE C 119 -18.77 57.58 40.01
N ARG C 120 -18.35 58.67 39.36
CA ARG C 120 -17.64 59.75 40.05
C ARG C 120 -18.53 60.93 40.38
N GLN C 121 -19.83 60.86 40.07
CA GLN C 121 -20.72 61.99 40.25
C GLN C 121 -21.14 62.12 41.71
N GLY C 122 -21.70 63.28 42.05
CA GLY C 122 -22.03 63.57 43.43
C GLY C 122 -23.12 62.69 44.01
N SER C 123 -24.18 62.42 43.24
CA SER C 123 -25.32 61.67 43.77
C SER C 123 -24.92 60.23 44.09
N PHE C 124 -24.22 59.57 43.17
CA PHE C 124 -23.80 58.20 43.42
C PHE C 124 -22.85 58.11 44.61
N LEU C 125 -21.94 59.08 44.73
CA LEU C 125 -21.03 59.08 45.86
C LEU C 125 -21.75 59.33 47.18
N ARG C 126 -22.77 60.19 47.18
CA ARG C 126 -23.55 60.40 48.39
C ARG C 126 -24.28 59.12 48.80
N GLU C 127 -24.87 58.43 47.82
CA GLU C 127 -25.54 57.17 48.15
C GLU C 127 -24.54 56.12 48.65
N LYS C 128 -23.38 56.03 47.99
CA LYS C 128 -22.34 55.09 48.41
C LYS C 128 -21.86 55.38 49.81
N THR C 129 -21.62 56.66 50.13
CA THR C 129 -21.15 57.01 51.47
C THR C 129 -22.23 56.82 52.51
N GLN C 130 -23.50 57.03 52.16
CA GLN C 130 -24.58 56.72 53.09
C GLN C 130 -24.62 55.23 53.39
N LEU C 131 -24.47 54.39 52.37
CA LEU C 131 -24.44 52.94 52.58
C LEU C 131 -23.26 52.54 53.45
N GLU C 132 -22.08 53.07 53.15
CA GLU C 132 -20.90 52.76 53.94
C GLU C 132 -21.03 53.26 55.37
N ALA C 133 -21.64 54.43 55.56
CA ALA C 133 -21.87 54.96 56.90
C ALA C 133 -22.84 54.09 57.68
N ARG C 134 -23.89 53.59 57.02
CA ARG C 134 -24.81 52.67 57.68
C ARG C 134 -24.09 51.41 58.14
N PHE C 135 -23.30 50.81 57.25
CA PHE C 135 -22.58 49.60 57.61
C PHE C 135 -21.57 49.86 58.73
N LYS C 136 -20.84 50.96 58.65
CA LYS C 136 -19.86 51.29 59.67
C LYS C 136 -20.52 51.60 61.00
N GLU C 137 -21.68 52.25 60.99
CA GLU C 137 -22.41 52.50 62.23
C GLU C 137 -22.88 51.20 62.86
N ALA C 138 -23.38 50.28 62.04
CA ALA C 138 -23.77 48.97 62.59
C ALA C 138 -22.56 48.25 63.19
N ARG C 139 -21.44 48.27 62.49
CA ARG C 139 -20.23 47.63 63.00
C ARG C 139 -19.78 48.27 64.30
N GLU C 140 -19.76 49.60 64.36
CA GLU C 140 -19.30 50.29 65.56
C GLU C 140 -20.26 50.05 66.72
N GLN C 141 -21.55 49.96 66.45
CA GLN C 141 -22.51 49.62 67.50
C GLN C 141 -22.22 48.22 68.05
N GLN C 142 -21.95 47.27 67.16
CA GLN C 142 -21.64 45.91 67.61
C GLN C 142 -20.35 45.88 68.44
N LEU C 143 -19.33 46.60 67.98
CA LEU C 143 -18.09 46.72 68.73
C LEU C 143 -18.28 47.36 70.10
N GLU C 144 -19.05 48.44 70.20
CA GLU C 144 -19.23 49.08 71.49
C GLU C 144 -20.09 48.22 72.42
N ALA C 145 -21.06 47.48 71.88
CA ALA C 145 -21.80 46.54 72.71
C ALA C 145 -20.90 45.45 73.25
N LEU C 146 -20.02 44.91 72.39
CA LEU C 146 -19.07 43.91 72.86
C LEU C 146 -18.15 44.49 73.94
N ARG C 147 -17.66 45.71 73.72
CA ARG C 147 -16.73 46.32 74.67
C ARG C 147 -17.39 46.57 76.02
N ARG C 148 -18.63 47.08 76.01
CA ARG C 148 -19.31 47.34 77.28
C ARG C 148 -19.65 46.02 77.99
N GLU C 149 -20.09 45.01 77.25
CA GLU C 149 -20.36 43.72 77.87
C GLU C 149 -19.10 43.04 78.40
N ALA C 150 -17.95 43.30 77.78
CA ALA C 150 -16.68 42.77 78.26
C ALA C 150 -16.18 43.50 79.50
N GLN C 151 -16.27 44.83 79.52
CA GLN C 151 -15.88 45.58 80.71
C GLN C 151 -16.85 45.35 81.85
N GLU C 152 -18.07 44.90 81.56
CA GLU C 152 -18.96 44.44 82.62
C GLU C 152 -18.34 43.29 83.40
N ALA C 153 -17.60 42.41 82.72
CA ALA C 153 -16.92 41.29 83.35
C ALA C 153 -15.46 41.62 83.70
N GLY C 154 -15.04 42.87 83.49
CA GLY C 154 -13.69 43.28 83.83
C GLY C 154 -12.66 42.92 82.77
N PHE C 155 -12.85 43.41 81.56
CA PHE C 155 -11.92 43.17 80.47
C PHE C 155 -11.88 44.40 79.58
N ALA C 156 -10.77 44.54 78.85
CA ALA C 156 -10.58 45.62 77.90
C ALA C 156 -10.54 45.04 76.50
N LEU C 157 -11.36 45.59 75.60
CA LEU C 157 -11.45 45.10 74.24
C LEU C 157 -10.36 45.78 73.41
N SER C 158 -9.31 45.03 73.09
CA SER C 158 -8.21 45.55 72.29
C SER C 158 -8.38 45.16 70.83
N THR C 159 -8.31 46.14 69.94
CA THR C 159 -8.46 45.94 68.50
C THR C 159 -7.06 45.88 67.90
N ASN C 160 -6.54 44.66 67.74
CA ASN C 160 -5.22 44.46 67.16
C ASN C 160 -5.38 44.35 65.65
N GLY C 161 -5.16 45.47 64.97
CA GLY C 161 -5.37 45.52 63.55
C GLY C 161 -6.81 45.22 63.19
N GLU C 162 -7.05 44.04 62.63
CA GLU C 162 -8.41 43.59 62.34
C GLU C 162 -8.99 42.71 63.43
N ARG C 163 -8.14 41.97 64.15
CA ARG C 163 -8.66 41.02 65.12
C ARG C 163 -8.94 41.70 66.46
N LEU C 164 -9.63 40.97 67.33
CA LEU C 164 -10.06 41.46 68.63
C LEU C 164 -9.57 40.53 69.73
N GLU C 165 -9.16 41.13 70.85
CA GLU C 165 -8.72 40.37 72.02
C GLU C 165 -9.29 41.01 73.28
N LEU C 166 -9.35 40.21 74.34
CA LEU C 166 -9.76 40.68 75.66
C LEU C 166 -8.55 40.69 76.57
N THR C 167 -8.07 41.88 76.90
CA THR C 167 -6.96 42.03 77.84
C THR C 167 -7.52 42.23 79.24
N GLY C 168 -7.18 41.33 80.15
CA GLY C 168 -7.64 41.40 81.52
C GLY C 168 -7.07 40.29 82.36
N PRO C 169 -7.34 40.33 83.67
CA PRO C 169 -6.81 39.30 84.57
C PRO C 169 -7.60 38.01 84.48
N GLY C 170 -6.87 36.89 84.43
CA GLY C 170 -7.48 35.59 84.41
C GLY C 170 -7.99 35.21 83.03
N PRO C 171 -8.39 33.95 82.88
CA PRO C 171 -8.96 33.51 81.60
C PRO C 171 -10.29 34.20 81.31
N VAL C 172 -10.54 34.44 80.03
CA VAL C 172 -11.79 35.08 79.60
C VAL C 172 -12.94 34.10 79.77
N PRO C 173 -14.15 34.58 80.04
CA PRO C 173 -15.29 33.67 80.13
C PRO C 173 -15.62 33.05 78.78
N ALA C 174 -16.21 31.86 78.83
CA ALA C 174 -16.59 31.17 77.59
C ALA C 174 -17.63 31.97 76.82
N GLU C 175 -18.61 32.54 77.53
CA GLU C 175 -19.62 33.36 76.86
C GLU C 175 -18.99 34.60 76.22
N LEU C 176 -18.05 35.23 76.92
CA LEU C 176 -17.40 36.41 76.36
C LEU C 176 -16.52 36.07 75.16
N SER C 177 -15.82 34.94 75.20
CA SER C 177 -15.05 34.52 74.03
C SER C 177 -15.97 34.19 72.86
N ALA C 178 -17.11 33.56 73.14
CA ALA C 178 -18.09 33.30 72.09
C ALA C 178 -18.60 34.60 71.48
N ARG C 179 -18.89 35.59 72.31
CA ARG C 179 -19.34 36.89 71.81
C ARG C 179 -18.26 37.56 70.97
N LEU C 180 -16.99 37.48 71.41
CA LEU C 180 -15.89 38.06 70.64
C LEU C 180 -15.77 37.41 69.28
N GLU C 181 -15.81 36.07 69.23
CA GLU C 181 -15.70 35.39 67.95
C GLU C 181 -16.90 35.67 67.06
N GLU C 182 -18.10 35.76 67.66
CA GLU C 182 -19.29 36.11 66.89
C GLU C 182 -19.16 37.50 66.30
N VAL C 183 -18.63 38.46 67.07
CA VAL C 183 -18.48 39.82 66.56
C VAL C 183 -17.43 39.86 65.45
N THR C 184 -16.35 39.09 65.60
CA THR C 184 -15.34 39.04 64.55
C THR C 184 -15.91 38.48 63.25
N LEU C 185 -16.60 37.34 63.35
CA LEU C 185 -17.19 36.73 62.16
C LEU C 185 -18.26 37.62 61.56
N GLY C 186 -19.06 38.29 62.40
CA GLY C 186 -20.06 39.21 61.91
C GLY C 186 -19.45 40.43 61.23
N SER C 187 -18.32 40.91 61.72
CA SER C 187 -17.63 42.02 61.06
C SER C 187 -17.09 41.59 59.70
N LEU C 188 -16.53 40.38 59.62
CA LEU C 188 -16.06 39.89 58.32
C LEU C 188 -17.23 39.74 57.35
N ALA C 189 -18.35 39.18 57.82
CA ALA C 189 -19.53 39.04 56.97
C ALA C 189 -20.09 40.41 56.59
N ALA C 190 -20.00 41.38 57.51
CA ALA C 190 -20.45 42.73 57.20
C ALA C 190 -19.60 43.38 56.14
N SER C 191 -18.29 43.17 56.16
CA SER C 191 -17.43 43.66 55.09
C SER C 191 -17.78 43.00 53.77
N ALA C 192 -17.99 41.69 53.79
CA ALA C 192 -18.34 40.98 52.55
C ALA C 192 -19.67 41.48 51.98
N GLU C 193 -20.68 41.64 52.84
CA GLU C 193 -21.97 42.13 52.35
C GLU C 193 -21.92 43.61 52.00
N LEU C 194 -21.02 44.38 52.61
CA LEU C 194 -20.78 45.75 52.15
C LEU C 194 -20.25 45.75 50.73
N GLU C 195 -19.30 44.86 50.43
CA GLU C 195 -18.79 44.77 49.07
C GLU C 195 -19.89 44.35 48.09
N VAL C 196 -20.68 43.34 48.45
CA VAL C 196 -21.72 42.90 47.52
C VAL C 196 -22.82 43.95 47.38
N ALA C 197 -23.10 44.72 48.45
CA ALA C 197 -24.08 45.79 48.35
C ALA C 197 -23.56 46.96 47.53
N LEU C 198 -22.26 47.23 47.60
CA LEU C 198 -21.68 48.24 46.72
C LEU C 198 -21.79 47.81 45.26
N ARG C 199 -21.52 46.53 44.98
CA ARG C 199 -21.70 46.03 43.61
C ARG C 199 -23.16 46.11 43.19
N ARG C 200 -24.08 45.79 44.09
CA ARG C 200 -25.51 45.90 43.82
C ARG C 200 -25.92 47.33 43.52
N LEU C 201 -25.41 48.29 44.30
CA LEU C 201 -25.73 49.69 44.08
C LEU C 201 -25.17 50.19 42.75
N ARG C 202 -23.93 49.80 42.42
CA ARG C 202 -23.36 50.17 41.14
C ARG C 202 -24.16 49.58 39.99
N ARG C 203 -24.57 48.32 40.12
CA ARG C 203 -25.36 47.67 39.09
C ARG C 203 -26.71 48.38 38.90
N ASP C 204 -27.36 48.73 40.01
CA ASP C 204 -28.65 49.41 39.94
C ASP C 204 -28.52 50.79 39.31
N TRP C 205 -27.50 51.55 39.72
CA TRP C 205 -27.32 52.89 39.16
C TRP C 205 -26.99 52.82 37.68
N ALA C 206 -26.13 51.87 37.28
CA ALA C 206 -25.82 51.72 35.87
C ALA C 206 -27.04 51.30 35.07
N LEU C 207 -27.86 50.39 35.61
CA LEU C 207 -29.07 49.98 34.90
C LEU C 207 -30.03 51.15 34.75
N HIS C 208 -30.21 51.94 35.81
CA HIS C 208 -31.08 53.10 35.71
C HIS C 208 -30.56 54.12 34.71
N TYR C 209 -29.25 54.36 34.68
CA TYR C 209 -28.70 55.30 33.72
C TYR C 209 -28.83 54.79 32.29
N LEU C 210 -28.58 53.50 32.08
CA LEU C 210 -28.60 52.92 30.74
C LEU C 210 -30.01 52.65 30.24
N ASN C 211 -31.01 52.66 31.12
CA ASN C 211 -32.38 52.51 30.65
C ASN C 211 -32.78 53.66 29.72
N ASN C 212 -32.45 54.90 30.11
CA ASN C 212 -32.76 56.04 29.26
C ASN C 212 -31.90 56.09 28.02
N ARG C 213 -30.76 55.41 28.01
CA ARG C 213 -29.91 55.35 26.82
C ARG C 213 -30.36 54.27 25.86
N PHE C 214 -30.97 53.19 26.38
CA PHE C 214 -31.38 52.07 25.57
C PHE C 214 -32.85 52.13 25.13
N GLU C 215 -33.68 52.93 25.80
CA GLU C 215 -35.07 53.05 25.37
C GLU C 215 -35.18 53.58 23.94
N PRO C 216 -34.50 54.67 23.56
CA PRO C 216 -34.55 55.10 22.16
C PRO C 216 -34.02 54.03 21.20
N LEU C 217 -32.99 53.28 21.59
CA LEU C 217 -32.46 52.24 20.73
C LEU C 217 -33.34 50.99 20.70
N PHE C 218 -34.18 50.78 21.71
CA PHE C 218 -35.14 49.69 21.66
C PHE C 218 -36.29 49.96 20.71
N GLN C 219 -36.64 51.22 20.49
CA GLN C 219 -37.64 51.59 19.50
C GLN C 219 -37.04 51.75 18.11
N ARG C 220 -35.80 52.27 18.04
CA ARG C 220 -35.16 52.43 16.74
C ARG C 220 -34.83 51.08 16.10
N PHE C 221 -34.45 50.10 16.90
CA PHE C 221 -34.10 48.76 16.40
C PHE C 221 -34.89 47.73 17.21
N PRO C 222 -36.19 47.58 16.94
CA PRO C 222 -36.97 46.56 17.66
C PRO C 222 -36.49 45.15 17.43
N GLN C 223 -35.86 44.87 16.29
CA GLN C 223 -35.38 43.51 16.01
C GLN C 223 -34.19 43.15 16.90
N ALA C 224 -33.33 44.12 17.20
CA ALA C 224 -32.17 43.89 18.03
C ALA C 224 -32.49 43.90 19.52
N ARG C 225 -33.77 43.86 19.88
CA ARG C 225 -34.19 44.00 21.28
C ARG C 225 -33.46 43.02 22.18
N ALA C 226 -33.21 41.81 21.69
CA ALA C 226 -32.42 40.86 22.46
C ALA C 226 -30.97 41.32 22.58
N TYR C 227 -30.30 41.51 21.43
CA TYR C 227 -28.87 41.77 21.44
C TYR C 227 -28.54 43.01 22.26
N LEU C 228 -29.24 44.12 21.98
CA LEU C 228 -29.04 45.34 22.76
C LEU C 228 -29.19 45.06 24.24
N GLU C 229 -30.24 44.34 24.62
CA GLU C 229 -30.42 43.98 26.03
C GLU C 229 -29.19 43.24 26.55
N ALA C 230 -28.72 42.25 25.78
CA ALA C 230 -27.52 41.53 26.17
C ALA C 230 -26.35 42.50 26.32
N LEU C 231 -26.21 43.43 25.37
CA LEU C 231 -25.16 44.43 25.46
C LEU C 231 -25.31 45.24 26.75
N ARG C 232 -26.54 45.62 27.08
CA ARG C 232 -26.78 46.29 28.34
C ARG C 232 -26.37 45.41 29.51
N ALA C 233 -26.72 44.13 29.45
CA ALA C 233 -26.31 43.20 30.50
C ALA C 233 -24.80 43.09 30.60
N ARG C 234 -24.08 43.42 29.53
CA ARG C 234 -22.63 43.47 29.60
C ARG C 234 -22.12 44.81 30.10
N LEU C 235 -22.82 45.90 29.79
CA LEU C 235 -22.40 47.20 30.29
C LEU C 235 -22.61 47.30 31.80
N ALA C 236 -23.81 46.93 32.26
CA ALA C 236 -24.12 47.01 33.68
C ALA C 236 -23.20 46.10 34.51
N ARG C 237 -22.86 44.93 33.98
CA ARG C 237 -21.90 44.06 34.66
C ARG C 237 -20.55 44.76 34.78
N TYR C 238 -20.13 45.47 33.72
CA TYR C 238 -18.91 46.24 33.79
C TYR C 238 -18.95 47.25 34.94
N ALA C 239 -20.16 47.71 35.29
CA ALA C 239 -20.31 48.60 36.43
C ALA C 239 -19.97 47.90 37.74
N GLU C 240 -20.40 46.66 37.92
CA GLU C 240 -20.26 46.01 39.22
C GLU C 240 -18.95 45.23 39.33
N THR C 241 -18.62 44.43 38.32
CA THR C 241 -17.39 43.65 38.35
C THR C 241 -16.16 44.46 37.97
N GLY C 242 -16.33 45.52 37.17
CA GLY C 242 -15.21 46.34 36.74
C GLY C 242 -14.33 45.71 35.70
N GLU C 243 -14.63 44.50 35.23
CA GLU C 243 -13.82 43.87 34.21
C GLU C 243 -13.95 44.64 32.90
N PRO C 244 -12.87 44.77 32.13
CA PRO C 244 -12.93 45.55 30.90
C PRO C 244 -13.86 44.91 29.87
N LEU C 245 -14.48 45.77 29.08
CA LEU C 245 -15.38 45.35 28.01
C LEU C 245 -14.62 45.45 26.70
N ASP C 246 -14.47 44.32 26.02
CA ASP C 246 -13.76 44.30 24.75
C ASP C 246 -14.69 44.80 23.65
N PRO C 247 -14.38 45.94 22.99
CA PRO C 247 -15.26 46.40 21.91
C PRO C 247 -15.36 45.42 20.75
N ALA C 248 -14.28 44.70 20.46
CA ALA C 248 -14.29 43.75 19.35
C ALA C 248 -15.09 42.50 19.63
N GLN C 249 -15.46 42.24 20.90
CA GLN C 249 -16.27 41.09 21.24
C GLN C 249 -17.76 41.40 21.28
N TRP C 250 -18.15 42.67 21.26
CA TRP C 250 -19.55 43.05 21.32
C TRP C 250 -19.99 43.93 20.17
N ARG C 251 -19.11 44.22 19.22
CA ARG C 251 -19.51 44.92 18.02
C ARG C 251 -20.37 43.99 17.14
N PRO C 252 -21.44 44.51 16.54
CA PRO C 252 -22.22 43.68 15.61
C PRO C 252 -21.44 43.44 14.33
N ASN C 253 -21.34 42.18 13.94
CA ASN C 253 -20.55 41.82 12.76
C ASN C 253 -21.39 42.07 11.52
N LEU C 254 -21.21 43.25 10.93
CA LEU C 254 -21.84 43.57 9.66
C LEU C 254 -21.13 42.79 8.56
N LEU C 255 -21.67 41.61 8.22
CA LEU C 255 -21.02 40.70 7.28
C LEU C 255 -20.81 41.36 5.92
N THR C 256 -21.90 41.77 5.28
CA THR C 256 -21.84 42.39 3.96
C THR C 256 -22.65 43.68 3.98
N SER C 257 -22.24 44.61 3.12
CA SER C 257 -22.93 45.89 3.02
C SER C 257 -24.35 45.68 2.49
N SER C 258 -25.23 46.62 2.85
CA SER C 258 -26.61 46.56 2.40
C SER C 258 -26.69 46.68 0.89
N SER C 259 -27.52 45.84 0.28
CA SER C 259 -27.72 45.88 -1.16
C SER C 259 -29.03 46.57 -1.51
N SER C 260 -29.01 47.31 -2.61
CA SER C 260 -30.19 48.05 -3.04
C SER C 260 -31.24 47.16 -3.68
N GLY C 261 -30.89 45.93 -4.06
CA GLY C 261 -31.81 45.04 -4.73
C GLY C 261 -31.96 45.28 -6.21
N THR C 262 -31.26 46.25 -6.78
CA THR C 262 -31.32 46.54 -8.20
C THR C 262 -30.01 47.19 -8.61
N PRO C 263 -29.04 46.40 -9.09
CA PRO C 263 -29.10 44.94 -9.28
C PRO C 263 -29.01 44.16 -7.96
N PRO C 264 -29.54 42.93 -7.95
CA PRO C 264 -29.52 42.13 -6.72
C PRO C 264 -28.11 41.64 -6.43
N PRO C 265 -27.86 41.11 -5.23
CA PRO C 265 -26.53 40.56 -4.94
C PRO C 265 -26.20 39.40 -5.85
N ILE C 266 -25.23 39.61 -6.74
CA ILE C 266 -24.81 38.61 -7.72
C ILE C 266 -23.39 38.20 -7.33
N VAL C 267 -23.22 36.97 -6.88
CA VAL C 267 -21.95 36.48 -6.39
C VAL C 267 -21.55 35.30 -7.27
N TYR C 268 -20.61 35.55 -8.18
CA TYR C 268 -20.00 34.48 -8.97
C TYR C 268 -18.68 34.10 -8.32
N GLU C 269 -18.55 32.82 -7.97
CA GLU C 269 -17.34 32.32 -7.33
C GLU C 269 -16.72 31.22 -8.20
N PRO C 270 -15.68 31.53 -8.98
CA PRO C 270 -15.03 30.47 -9.78
C PRO C 270 -14.44 29.36 -8.94
N TYR C 271 -13.97 29.66 -7.73
CA TYR C 271 -13.28 28.69 -6.88
C TYR C 271 -14.13 28.45 -5.64
N ALA C 272 -14.94 27.40 -5.67
CA ALA C 272 -15.89 27.11 -4.59
C ALA C 272 -15.20 26.25 -3.55
N THR C 273 -14.88 26.85 -2.41
CA THR C 273 -14.29 26.15 -1.28
C THR C 273 -15.08 26.51 -0.03
N ALA C 274 -15.14 25.57 0.92
CA ALA C 274 -15.96 25.77 2.10
C ALA C 274 -15.68 27.06 2.87
N PRO C 275 -14.42 27.44 3.17
CA PRO C 275 -14.18 28.75 3.79
C PRO C 275 -14.65 29.90 2.91
N ARG C 276 -14.49 29.72 1.59
CA ARG C 276 -14.89 30.77 0.67
C ARG C 276 -16.40 30.81 0.46
N LEU C 277 -17.07 29.66 0.50
CA LEU C 277 -18.52 29.63 0.35
C LEU C 277 -19.23 30.09 1.62
N PHE C 278 -19.05 29.34 2.71
CA PHE C 278 -19.84 29.53 3.92
C PHE C 278 -19.19 30.49 4.89
N GLY C 279 -18.07 31.11 4.51
CA GLY C 279 -17.32 31.96 5.40
C GLY C 279 -16.41 31.15 6.31
N ARG C 280 -15.44 31.84 6.90
CA ARG C 280 -14.48 31.20 7.79
C ARG C 280 -14.50 31.91 9.14
N LEU C 281 -14.48 31.13 10.20
CA LEU C 281 -14.43 31.65 11.56
C LEU C 281 -12.96 31.79 11.95
N ASP C 282 -12.41 32.99 11.71
CA ASP C 282 -11.01 33.23 11.99
C ASP C 282 -10.73 33.11 13.48
N TYR C 283 -9.53 32.64 13.80
CA TYR C 283 -9.11 32.43 15.18
C TYR C 283 -7.85 33.25 15.46
N LEU C 284 -7.73 33.69 16.71
CA LEU C 284 -6.59 34.48 17.16
C LEU C 284 -5.81 33.68 18.20
N VAL C 285 -4.49 33.63 18.04
CA VAL C 285 -3.62 32.91 18.96
C VAL C 285 -2.95 33.95 19.86
N ASP C 286 -3.30 33.91 21.14
CA ASP C 286 -2.71 34.79 22.15
C ASP C 286 -1.96 33.92 23.14
N ARG C 287 -0.64 34.06 23.17
CA ARG C 287 0.24 33.31 24.08
C ARG C 287 0.03 31.81 23.95
N GLY C 288 -0.21 31.33 22.73
CA GLY C 288 -0.43 29.92 22.50
C GLY C 288 -1.84 29.44 22.77
N VAL C 289 -2.77 30.34 23.07
CA VAL C 289 -4.16 29.98 23.35
C VAL C 289 -5.04 30.47 22.21
N TRP C 290 -5.88 29.59 21.70
CA TRP C 290 -6.77 29.91 20.59
C TRP C 290 -8.07 30.51 21.13
N SER C 291 -8.43 31.68 20.62
CA SER C 291 -9.68 32.34 21.00
C SER C 291 -10.04 33.33 19.91
N THR C 292 -11.34 33.59 19.78
CA THR C 292 -11.84 34.52 18.78
C THR C 292 -13.15 35.11 19.25
N ASN C 293 -13.65 36.06 18.48
CA ASN C 293 -14.86 36.82 18.82
C ASN C 293 -15.77 36.90 17.61
N VAL C 294 -16.86 37.65 17.75
CA VAL C 294 -17.83 37.80 16.67
C VAL C 294 -17.25 38.58 15.51
N SER C 295 -16.32 39.50 15.78
CA SER C 295 -15.81 40.40 14.77
C SER C 295 -14.81 39.75 13.83
N LEU C 296 -14.40 38.51 14.10
CA LEU C 296 -13.49 37.80 13.23
C LEU C 296 -14.18 36.80 12.32
N ILE C 297 -15.51 36.77 12.30
CA ILE C 297 -16.22 35.89 11.37
C ILE C 297 -16.15 36.50 9.97
N ARG C 298 -15.55 35.77 9.05
CA ARG C 298 -15.42 36.33 7.71
C ARG C 298 -16.67 36.02 6.88
N PRO C 299 -17.11 36.96 6.04
CA PRO C 299 -18.25 36.70 5.17
C PRO C 299 -17.82 35.95 3.92
N GLY C 300 -18.51 34.84 3.65
CA GLY C 300 -18.26 34.05 2.46
C GLY C 300 -19.12 34.47 1.29
N ALA C 301 -19.29 33.57 0.34
CA ALA C 301 -20.16 33.83 -0.80
C ALA C 301 -21.63 33.72 -0.45
N VAL C 302 -21.99 32.81 0.46
CA VAL C 302 -23.38 32.71 0.91
C VAL C 302 -23.81 34.00 1.58
N HIS C 303 -22.95 34.58 2.41
CA HIS C 303 -23.25 35.84 3.05
C HIS C 303 -23.42 36.97 2.05
N ARG C 304 -22.56 37.02 1.03
CA ARG C 304 -22.62 38.09 0.03
C ARG C 304 -23.79 37.94 -0.92
N ALA C 305 -24.41 36.76 -1.00
CA ALA C 305 -25.46 36.49 -1.96
C ALA C 305 -26.85 36.53 -1.34
N GLN C 306 -26.98 37.06 -0.13
CA GLN C 306 -28.27 37.08 0.54
C GLN C 306 -29.27 37.91 -0.23
N GLY C 307 -30.46 37.34 -0.45
CA GLY C 307 -31.47 38.01 -1.25
C GLY C 307 -31.09 38.18 -2.70
N GLY C 308 -30.13 37.40 -3.18
CA GLY C 308 -29.65 37.51 -4.55
C GLY C 308 -29.37 36.14 -5.12
N TYR C 309 -28.32 36.05 -5.93
CA TYR C 309 -27.99 34.83 -6.66
C TYR C 309 -26.54 34.46 -6.40
N LEU C 310 -26.28 33.17 -6.22
CA LEU C 310 -24.94 32.63 -6.04
C LEU C 310 -24.61 31.75 -7.24
N ILE C 311 -23.79 32.28 -8.14
CA ILE C 311 -23.41 31.56 -9.36
C ILE C 311 -22.16 30.74 -9.06
N LEU C 312 -22.30 29.42 -9.04
CA LEU C 312 -21.18 28.53 -8.78
C LEU C 312 -20.89 27.67 -9.99
N ASP C 313 -19.83 26.86 -9.88
CA ASP C 313 -19.40 25.96 -10.94
C ASP C 313 -19.42 24.54 -10.42
N ALA C 314 -20.11 23.65 -11.14
CA ALA C 314 -20.17 22.24 -10.72
C ALA C 314 -18.79 21.62 -10.68
N LEU C 315 -17.90 22.00 -11.61
CA LEU C 315 -16.52 21.55 -11.55
C LEU C 315 -15.86 21.97 -10.24
N SER C 316 -16.17 23.17 -9.75
CA SER C 316 -15.64 23.60 -8.46
C SER C 316 -16.26 22.85 -7.30
N LEU C 317 -17.57 22.59 -7.34
CA LEU C 317 -18.21 21.86 -6.27
C LEU C 317 -17.76 20.41 -6.19
N LYS C 318 -17.32 19.82 -7.30
CA LYS C 318 -16.81 18.46 -7.28
C LYS C 318 -15.31 18.38 -7.08
N ARG C 319 -14.57 19.43 -7.48
CA ARG C 319 -13.12 19.42 -7.33
C ARG C 319 -12.71 19.60 -5.87
N GLU C 320 -13.41 20.44 -5.12
CA GLU C 320 -13.12 20.68 -3.72
C GLU C 320 -13.91 19.75 -2.80
N GLY C 321 -14.73 18.86 -3.37
CA GLY C 321 -15.51 17.93 -2.57
C GLY C 321 -16.50 18.62 -1.65
N THR C 322 -16.87 19.85 -2.00
CA THR C 322 -17.73 20.65 -1.15
C THR C 322 -19.21 20.31 -1.35
N TRP C 323 -19.54 19.55 -2.39
CA TRP C 323 -20.94 19.29 -2.73
C TRP C 323 -21.71 18.69 -1.55
N GLU C 324 -21.05 17.92 -0.69
CA GLU C 324 -21.73 17.35 0.46
C GLU C 324 -22.18 18.43 1.43
N ALA C 325 -21.25 19.31 1.81
CA ALA C 325 -21.58 20.39 2.74
C ALA C 325 -22.57 21.37 2.14
N PHE C 326 -22.40 21.70 0.85
CA PHE C 326 -23.33 22.61 0.20
C PHE C 326 -24.73 21.99 0.13
N LYS C 327 -24.79 20.69 -0.16
CA LYS C 327 -26.04 19.95 -0.12
C LYS C 327 -26.71 20.03 1.24
N ARG C 328 -25.93 19.82 2.30
CA ARG C 328 -26.47 19.90 3.65
C ARG C 328 -27.00 21.29 3.96
N ALA C 329 -26.25 22.32 3.57
CA ALA C 329 -26.66 23.70 3.81
C ALA C 329 -27.95 24.03 3.08
N LEU C 330 -28.04 23.63 1.81
CA LEU C 330 -29.25 23.91 1.03
C LEU C 330 -30.46 23.15 1.56
N ARG C 331 -30.28 21.89 1.93
CA ARG C 331 -31.40 21.11 2.46
C ARG C 331 -31.88 21.68 3.79
N ASN C 332 -30.95 22.05 4.66
CA ASN C 332 -31.34 22.58 5.96
C ASN C 332 -31.84 24.02 5.83
N GLY C 333 -31.34 24.77 4.86
CA GLY C 333 -31.65 26.18 4.77
C GLY C 333 -30.88 27.04 5.74
N GLN C 334 -29.86 26.48 6.38
CA GLN C 334 -29.04 27.19 7.35
C GLN C 334 -27.61 26.67 7.24
N VAL C 335 -26.65 27.50 7.61
CA VAL C 335 -25.25 27.11 7.54
C VAL C 335 -24.46 27.95 8.54
N GLU C 336 -23.39 27.35 9.08
CA GLU C 336 -22.47 28.02 9.97
C GLU C 336 -21.11 28.17 9.30
N PRO C 337 -20.34 29.20 9.65
CA PRO C 337 -19.00 29.34 9.09
C PRO C 337 -18.12 28.18 9.52
N VAL C 338 -17.15 27.84 8.65
CA VAL C 338 -16.29 26.70 8.92
C VAL C 338 -15.47 26.97 10.17
N THR C 339 -15.35 25.95 11.02
CA THR C 339 -14.62 26.05 12.28
C THR C 339 -13.41 25.13 12.20
N GLU C 340 -12.23 25.70 12.45
CA GLU C 340 -11.00 24.92 12.42
C GLU C 340 -10.89 24.08 13.69
N PRO C 341 -10.69 22.76 13.58
CA PRO C 341 -10.60 21.93 14.79
C PRO C 341 -9.39 22.19 15.66
N GLN C 342 -8.38 22.92 15.16
CA GLN C 342 -7.20 23.21 15.96
C GLN C 342 -7.52 24.03 17.20
N ALA C 343 -8.59 24.82 17.17
CA ALA C 343 -8.98 25.61 18.33
C ALA C 343 -9.82 24.76 19.26
N PRO C 344 -9.39 24.55 20.51
CA PRO C 344 -10.16 23.70 21.44
C PRO C 344 -11.50 24.31 21.85
N ALA C 345 -11.70 25.61 21.67
CA ALA C 345 -12.95 26.25 22.05
C ALA C 345 -13.24 27.38 21.06
N GLY C 346 -14.50 27.75 20.99
CA GLY C 346 -14.92 28.79 20.06
C GLY C 346 -16.23 29.44 20.43
N LEU C 347 -17.05 29.74 19.43
CA LEU C 347 -18.31 30.44 19.63
C LEU C 347 -19.48 29.59 19.19
N GLU C 348 -20.62 29.77 19.87
CA GLU C 348 -21.86 29.11 19.50
C GLU C 348 -22.59 29.98 18.46
N VAL C 349 -22.05 29.92 17.24
CA VAL C 349 -22.56 30.75 16.15
C VAL C 349 -23.90 30.19 15.69
N GLU C 350 -24.93 31.03 15.71
CA GLU C 350 -26.23 30.62 15.18
C GLU C 350 -26.11 30.41 13.67
N PRO C 351 -26.68 29.32 13.14
CA PRO C 351 -26.56 29.04 11.71
C PRO C 351 -27.16 30.16 10.87
N PHE C 352 -26.44 30.53 9.82
CA PHE C 352 -26.87 31.65 8.98
C PHE C 352 -27.95 31.19 8.01
N PRO C 353 -29.12 31.81 8.02
CA PRO C 353 -30.18 31.42 7.08
C PRO C 353 -29.78 31.73 5.64
N ILE C 354 -30.33 30.91 4.73
CA ILE C 354 -30.04 31.03 3.31
C ILE C 354 -31.29 31.52 2.60
N GLN C 355 -31.25 32.76 2.13
CA GLN C 355 -32.28 33.33 1.28
C GLN C 355 -31.81 33.59 -0.15
N MET C 356 -30.72 32.95 -0.56
CA MET C 356 -30.18 33.12 -1.89
C MET C 356 -30.78 32.10 -2.86
N GLN C 357 -30.51 32.30 -4.14
CA GLN C 357 -30.79 31.33 -5.18
C GLN C 357 -29.48 30.86 -5.78
N VAL C 358 -29.27 29.56 -5.82
CA VAL C 358 -28.05 29.01 -6.38
C VAL C 358 -28.26 28.71 -7.86
N ILE C 359 -27.30 29.13 -8.68
CA ILE C 359 -27.33 28.88 -10.12
C ILE C 359 -26.01 28.21 -10.48
N LEU C 360 -25.99 26.88 -10.50
CA LEU C 360 -24.81 26.16 -10.91
C LEU C 360 -24.55 26.35 -12.40
N VAL C 361 -23.29 26.44 -12.77
CA VAL C 361 -22.89 26.59 -14.17
C VAL C 361 -21.82 25.56 -14.48
N GLY C 362 -21.95 24.90 -15.61
CA GLY C 362 -20.96 23.92 -16.00
C GLY C 362 -21.34 23.23 -17.30
N THR C 363 -20.50 22.31 -17.71
CA THR C 363 -20.66 21.51 -18.91
C THR C 363 -21.55 20.31 -18.63
N PRO C 364 -22.16 19.72 -19.66
CA PRO C 364 -23.01 18.54 -19.42
C PRO C 364 -22.26 17.39 -18.77
N GLU C 365 -20.99 17.18 -19.11
CA GLU C 365 -20.22 16.13 -18.43
C GLU C 365 -19.84 16.53 -17.01
N ALA C 366 -19.88 17.83 -16.69
CA ALA C 366 -19.57 18.26 -15.35
C ALA C 366 -20.70 17.94 -14.37
N PHE C 367 -21.93 17.83 -14.86
CA PHE C 367 -23.09 17.58 -14.01
C PHE C 367 -23.44 16.11 -13.90
N GLU C 368 -22.80 15.24 -14.68
CA GLU C 368 -23.04 13.80 -14.53
C GLU C 368 -22.48 13.29 -13.22
N GLY C 369 -21.54 14.02 -12.61
CA GLY C 369 -21.07 13.66 -11.29
C GLY C 369 -21.97 14.12 -10.17
N LEU C 370 -23.00 14.89 -10.51
CA LEU C 370 -23.95 15.41 -9.52
C LEU C 370 -25.38 15.00 -9.79
N GLU C 371 -25.76 14.81 -11.06
CA GLU C 371 -27.15 14.57 -11.40
C GLU C 371 -27.66 13.21 -10.93
N GLU C 372 -26.76 12.27 -10.63
CA GLU C 372 -27.21 10.94 -10.22
C GLU C 372 -27.89 10.98 -8.85
N ASP C 373 -27.52 11.95 -8.02
CA ASP C 373 -28.10 12.05 -6.69
C ASP C 373 -29.57 12.42 -6.80
N PRO C 374 -30.47 11.70 -6.12
CA PRO C 374 -31.90 12.07 -6.15
C PRO C 374 -32.18 13.42 -5.52
N ALA C 375 -31.31 13.90 -4.64
CA ALA C 375 -31.50 15.20 -4.01
C ALA C 375 -30.99 16.36 -4.85
N PHE C 376 -30.02 16.13 -5.74
CA PHE C 376 -29.64 17.17 -6.69
C PHE C 376 -30.82 17.51 -7.59
N SER C 377 -31.54 16.48 -8.06
CA SER C 377 -32.78 16.70 -8.79
C SER C 377 -33.88 17.26 -7.90
N GLU C 378 -33.69 17.24 -6.58
CA GLU C 378 -34.61 17.84 -5.64
C GLU C 378 -34.35 19.32 -5.40
N LEU C 379 -33.09 19.73 -5.31
CA LEU C 379 -32.72 21.11 -5.05
C LEU C 379 -32.72 21.94 -6.32
N PHE C 380 -32.10 21.44 -7.38
CA PHE C 380 -32.00 22.15 -8.65
C PHE C 380 -33.01 21.53 -9.61
N ARG C 381 -34.25 21.99 -9.53
CA ARG C 381 -35.32 21.40 -10.32
C ARG C 381 -35.51 22.08 -11.66
N ILE C 382 -34.86 23.23 -11.87
CA ILE C 382 -34.89 23.93 -13.14
C ILE C 382 -33.56 23.72 -13.84
N ARG C 383 -33.61 23.34 -15.12
CA ARG C 383 -32.42 23.11 -15.92
C ARG C 383 -32.41 24.11 -17.07
N ALA C 384 -31.36 24.93 -17.12
CA ALA C 384 -31.18 25.93 -18.17
C ALA C 384 -30.13 25.39 -19.12
N GLU C 385 -30.58 24.70 -20.16
CA GLU C 385 -29.67 24.04 -21.09
C GLU C 385 -29.30 24.97 -22.24
N PHE C 386 -28.01 25.01 -22.55
CA PHE C 386 -27.49 25.86 -23.60
C PHE C 386 -27.22 25.02 -24.84
N SER C 387 -27.85 25.40 -25.95
CA SER C 387 -27.58 24.73 -27.21
C SER C 387 -26.18 25.09 -27.70
N PRO C 388 -25.41 24.12 -28.19
CA PRO C 388 -24.09 24.44 -28.75
C PRO C 388 -24.16 25.25 -30.02
N THR C 389 -25.35 25.44 -30.60
CA THR C 389 -25.51 26.21 -31.83
C THR C 389 -26.74 27.10 -31.70
N LEU C 390 -26.81 28.09 -32.56
CA LEU C 390 -27.94 28.99 -32.72
C LEU C 390 -28.42 28.92 -34.15
N PRO C 391 -29.69 29.24 -34.40
CA PRO C 391 -30.18 29.26 -35.79
C PRO C 391 -29.40 30.26 -36.61
N ALA C 392 -29.09 29.88 -37.85
CA ALA C 392 -28.38 30.78 -38.76
C ALA C 392 -29.42 31.61 -39.49
N SER C 393 -29.86 32.68 -38.84
CA SER C 393 -30.90 33.56 -39.31
C SER C 393 -30.40 34.99 -39.29
N PRO C 394 -30.97 35.86 -40.14
CA PRO C 394 -30.51 37.25 -40.16
C PRO C 394 -30.61 37.95 -38.82
N GLU C 395 -31.66 37.68 -38.03
CA GLU C 395 -31.75 38.29 -36.71
C GLU C 395 -30.64 37.78 -35.80
N ASN C 396 -30.25 36.51 -35.94
CA ASN C 396 -29.10 36.01 -35.18
C ASN C 396 -27.82 36.69 -35.62
N CYS C 397 -27.66 36.98 -36.91
CA CYS C 397 -26.49 37.71 -37.37
C CYS C 397 -26.44 39.12 -36.79
N THR C 398 -27.58 39.82 -36.79
CA THR C 398 -27.62 41.15 -36.19
C THR C 398 -27.40 41.11 -34.68
N ALA C 399 -27.89 40.06 -34.01
CA ALA C 399 -27.63 39.90 -32.59
C ALA C 399 -26.14 39.68 -32.33
N LEU C 400 -25.49 38.88 -33.18
CA LEU C 400 -24.04 38.69 -33.06
C LEU C 400 -23.31 40.00 -33.28
N GLY C 401 -23.74 40.79 -34.25
CA GLY C 401 -23.12 42.08 -34.48
C GLY C 401 -23.28 43.02 -33.30
N GLY C 402 -24.47 43.06 -32.72
CA GLY C 402 -24.68 43.86 -31.53
C GLY C 402 -23.86 43.39 -30.35
N TRP C 403 -23.73 42.07 -30.20
CA TRP C 403 -22.90 41.51 -29.13
C TRP C 403 -21.44 41.90 -29.32
N LEU C 404 -20.94 41.83 -30.56
CA LEU C 404 -19.57 42.23 -30.84
C LEU C 404 -19.35 43.71 -30.57
N LEU C 405 -20.32 44.54 -30.95
CA LEU C 405 -20.23 45.97 -30.65
C LEU C 405 -20.21 46.21 -29.15
N ALA C 406 -21.05 45.49 -28.40
CA ALA C 406 -21.05 45.61 -26.95
C ALA C 406 -19.76 45.08 -26.32
N GLN C 407 -19.04 44.20 -27.02
CA GLN C 407 -17.75 43.71 -26.53
C GLN C 407 -16.63 44.69 -26.79
N GLY C 408 -16.89 45.79 -27.48
CA GLY C 408 -15.88 46.78 -27.77
C GLY C 408 -15.27 46.73 -29.15
N PHE C 409 -15.84 45.93 -30.05
CA PHE C 409 -15.30 45.78 -31.39
C PHE C 409 -15.96 46.76 -32.36
N GLN C 410 -15.16 47.26 -33.30
CA GLN C 410 -15.66 48.06 -34.41
C GLN C 410 -15.64 47.17 -35.65
N LEU C 411 -16.76 47.07 -36.33
CA LEU C 411 -16.87 46.16 -37.47
C LEU C 411 -17.84 46.71 -38.49
N THR C 412 -17.64 46.34 -39.74
CA THR C 412 -18.50 46.72 -40.84
C THR C 412 -19.48 45.61 -41.16
N GLN C 413 -20.36 45.86 -42.12
CA GLN C 413 -21.34 44.85 -42.52
C GLN C 413 -20.65 43.63 -43.13
N GLY C 414 -19.63 43.86 -43.97
CA GLY C 414 -18.89 42.75 -44.54
C GLY C 414 -18.15 41.93 -43.49
N GLY C 415 -17.53 42.61 -42.52
CA GLY C 415 -16.85 41.90 -41.46
C GLY C 415 -17.81 41.10 -40.59
N LEU C 416 -18.98 41.67 -40.30
CA LEU C 416 -20.00 40.94 -39.57
C LEU C 416 -20.47 39.72 -40.35
N THR C 417 -20.67 39.87 -41.66
CA THR C 417 -21.08 38.75 -42.49
C THR C 417 -20.02 37.66 -42.48
N ARG C 418 -18.75 38.05 -42.59
CA ARG C 418 -17.67 37.06 -42.57
C ARG C 418 -17.59 36.34 -41.24
N LEU C 419 -17.72 37.08 -40.13
CA LEU C 419 -17.72 36.44 -38.82
C LEU C 419 -18.90 35.50 -38.63
N TYR C 420 -20.08 35.91 -39.13
CA TYR C 420 -21.25 35.05 -39.03
C TYR C 420 -21.09 33.78 -39.87
N ASP C 421 -20.52 33.91 -41.07
CA ASP C 421 -20.26 32.73 -41.89
C ASP C 421 -19.25 31.81 -41.22
N GLU C 422 -18.20 32.37 -40.63
CA GLU C 422 -17.23 31.54 -39.92
C GLU C 422 -17.86 30.88 -38.69
N ALA C 423 -18.76 31.56 -37.99
CA ALA C 423 -19.46 30.94 -36.87
C ALA C 423 -20.33 29.78 -37.36
N ARG C 424 -20.98 29.94 -38.51
CA ARG C 424 -21.71 28.82 -39.11
C ARG C 424 -20.78 27.68 -39.44
N ARG C 425 -19.59 27.98 -39.98
CA ARG C 425 -18.64 26.95 -40.35
C ARG C 425 -18.08 26.19 -39.15
N MET C 426 -17.81 26.89 -38.04
CA MET C 426 -17.34 26.21 -36.84
C MET C 426 -18.37 25.22 -36.32
N ALA C 427 -19.65 25.54 -36.44
CA ALA C 427 -20.71 24.59 -36.11
C ALA C 427 -20.83 23.46 -37.12
N GLU C 428 -20.17 23.59 -38.27
CA GLU C 428 -20.21 22.59 -39.34
C GLU C 428 -21.63 22.32 -39.81
N GLN C 429 -22.46 23.36 -39.83
CA GLN C 429 -23.84 23.25 -40.29
C GLN C 429 -24.20 24.50 -41.09
N ARG C 430 -24.88 24.29 -42.21
CA ARG C 430 -25.24 25.42 -43.07
C ARG C 430 -26.21 26.36 -42.37
N ASP C 431 -27.21 25.82 -41.68
CA ASP C 431 -28.28 26.61 -41.11
C ASP C 431 -28.18 26.73 -39.59
N ARG C 432 -27.00 26.47 -39.03
CA ARG C 432 -26.77 26.64 -37.60
C ARG C 432 -25.40 27.28 -37.40
N MET C 433 -25.39 28.46 -36.81
CA MET C 433 -24.13 29.12 -36.45
C MET C 433 -23.70 28.65 -35.07
N ASP C 434 -22.39 28.73 -34.82
CA ASP C 434 -21.88 28.30 -33.53
C ASP C 434 -22.34 29.24 -32.42
N ALA C 435 -22.73 28.65 -31.30
CA ALA C 435 -23.15 29.42 -30.13
C ALA C 435 -22.01 29.79 -29.22
N ARG C 436 -20.81 29.26 -29.46
CA ARG C 436 -19.66 29.58 -28.63
C ARG C 436 -19.21 31.01 -28.94
N LEU C 437 -19.72 31.96 -28.15
CA LEU C 437 -19.39 33.36 -28.37
C LEU C 437 -17.96 33.69 -27.95
N VAL C 438 -17.35 32.90 -27.07
CA VAL C 438 -15.97 33.13 -26.70
C VAL C 438 -15.04 32.91 -27.89
N GLU C 439 -15.27 31.83 -28.65
CA GLU C 439 -14.44 31.56 -29.81
C GLU C 439 -14.61 32.62 -30.89
N ILE C 440 -15.84 33.07 -31.13
CA ILE C 440 -16.07 34.14 -32.09
C ILE C 440 -15.44 35.43 -31.61
N ARG C 441 -15.46 35.69 -30.30
CA ARG C 441 -14.81 36.87 -29.76
C ARG C 441 -13.30 36.81 -29.94
N ALA C 442 -12.70 35.63 -29.75
CA ALA C 442 -11.27 35.48 -29.99
C ALA C 442 -10.93 35.69 -31.46
N LEU C 443 -11.74 35.14 -32.36
CA LEU C 443 -11.51 35.36 -33.79
C LEU C 443 -11.65 36.84 -34.15
N ALA C 444 -12.63 37.52 -33.55
CA ALA C 444 -12.78 38.96 -33.78
C ALA C 444 -11.60 39.74 -33.22
N GLU C 445 -11.05 39.32 -32.08
CA GLU C 445 -9.84 39.94 -31.56
C GLU C 445 -8.70 39.82 -32.56
N GLU C 446 -8.44 38.60 -33.04
CA GLU C 446 -7.37 38.39 -33.99
C GLU C 446 -7.61 39.12 -35.31
N ALA C 447 -8.87 39.32 -35.68
CA ALA C 447 -9.17 40.10 -36.88
C ALA C 447 -8.96 41.59 -36.66
N ALA C 448 -9.28 42.09 -35.46
CA ALA C 448 -9.04 43.48 -35.15
C ALA C 448 -7.55 43.79 -35.12
N VAL C 449 -6.74 42.86 -34.60
CA VAL C 449 -5.30 43.04 -34.59
C VAL C 449 -4.77 43.12 -36.02
N LEU C 450 -5.25 42.23 -36.88
CA LEU C 450 -4.81 42.22 -38.28
C LEU C 450 -5.50 43.25 -39.13
N GLY C 451 -6.48 43.99 -38.61
CA GLY C 451 -7.17 44.98 -39.40
C GLY C 451 -7.06 46.39 -38.83
N GLY C 452 -6.36 46.53 -37.72
CA GLY C 452 -6.21 47.82 -37.08
C GLY C 452 -7.28 48.19 -36.08
N GLY C 453 -8.11 47.23 -35.67
CA GLY C 453 -9.21 47.47 -34.74
C GLY C 453 -10.57 47.37 -35.39
N LEU C 454 -10.64 47.48 -36.71
CA LEU C 454 -11.89 47.39 -37.46
C LEU C 454 -11.99 46.02 -38.11
N LEU C 455 -13.13 45.36 -37.92
CA LEU C 455 -13.37 44.04 -38.51
C LEU C 455 -14.06 44.23 -39.85
N THR C 456 -13.27 44.35 -40.90
CA THR C 456 -13.80 44.34 -42.26
C THR C 456 -13.78 42.90 -42.78
N ALA C 457 -14.33 42.70 -43.98
CA ALA C 457 -14.34 41.36 -44.56
C ALA C 457 -12.93 40.85 -44.78
N GLU C 458 -12.04 41.72 -45.28
CA GLU C 458 -10.65 41.33 -45.50
C GLU C 458 -9.95 41.00 -44.18
N SER C 459 -10.23 41.76 -43.12
CA SER C 459 -9.59 41.51 -41.84
C SER C 459 -10.00 40.15 -41.28
N VAL C 460 -11.28 39.82 -41.35
CA VAL C 460 -11.74 38.52 -40.84
C VAL C 460 -11.22 37.39 -41.72
N GLU C 461 -11.17 37.60 -43.04
CA GLU C 461 -10.60 36.59 -43.92
C GLU C 461 -9.13 36.34 -43.57
N GLN C 462 -8.38 37.41 -43.31
CA GLN C 462 -6.98 37.27 -42.93
C GLN C 462 -6.84 36.57 -41.59
N ALA C 463 -7.73 36.87 -40.64
CA ALA C 463 -7.67 36.20 -39.34
C ALA C 463 -7.93 34.70 -39.49
N ILE C 464 -8.92 34.33 -40.30
CA ILE C 464 -9.21 32.92 -40.51
C ILE C 464 -8.05 32.24 -41.23
N ALA C 465 -7.46 32.91 -42.23
CA ALA C 465 -6.33 32.34 -42.94
C ALA C 465 -5.13 32.15 -42.02
N ALA C 466 -4.89 33.12 -41.13
CA ALA C 466 -3.80 32.99 -40.16
C ALA C 466 -4.07 31.85 -39.17
N ARG C 467 -5.32 31.69 -38.74
CA ARG C 467 -5.65 30.57 -37.87
C ARG C 467 -5.39 29.24 -38.57
N GLU C 468 -5.74 29.16 -39.86
CA GLU C 468 -5.45 27.97 -40.64
C GLU C 468 -3.94 27.74 -40.74
N HIS C 469 -3.19 28.82 -40.98
CA HIS C 469 -1.75 28.70 -41.21
C HIS C 469 -1.03 28.26 -39.95
N ARG C 470 -1.44 28.77 -38.79
CA ARG C 470 -0.72 28.49 -37.56
C ARG C 470 -0.78 27.02 -37.16
N SER C 471 -1.74 26.26 -37.67
CA SER C 471 -1.83 24.82 -37.40
C SER C 471 -1.61 23.98 -38.65
N PHE C 472 -0.95 24.54 -39.66
CA PHE C 472 -0.84 23.91 -40.97
C PHE C 472 0.52 23.24 -41.21
N LEU C 473 1.34 23.10 -40.17
CA LEU C 473 2.66 22.53 -40.36
C LEU C 473 2.60 21.08 -40.79
N SER C 474 1.79 20.27 -40.10
CA SER C 474 1.68 18.85 -40.44
C SER C 474 1.18 18.67 -41.86
N GLU C 475 0.23 19.50 -42.27
CA GLU C 475 -0.28 19.42 -43.64
C GLU C 475 0.71 19.92 -44.67
N GLU C 476 1.54 20.92 -44.35
CA GLU C 476 2.62 21.26 -45.27
C GLU C 476 3.59 20.11 -45.42
N GLU C 477 3.93 19.42 -44.33
CA GLU C 477 4.80 18.26 -44.43
C GLU C 477 4.17 17.17 -45.28
N PHE C 478 2.87 16.92 -45.09
CA PHE C 478 2.19 15.89 -45.87
C PHE C 478 2.14 16.26 -47.35
N LEU C 479 1.81 17.52 -47.66
CA LEU C 479 1.75 17.95 -49.05
C LEU C 479 3.12 17.94 -49.69
N ARG C 480 4.16 18.30 -48.93
CA ARG C 480 5.51 18.23 -49.44
C ARG C 480 5.92 16.79 -49.74
N ALA C 481 5.55 15.86 -48.86
CA ALA C 481 5.82 14.45 -49.14
C ALA C 481 5.09 13.98 -50.38
N VAL C 482 3.84 14.41 -50.56
CA VAL C 482 3.07 14.02 -51.74
C VAL C 482 3.69 14.58 -53.00
N GLN C 483 4.09 15.86 -52.98
CA GLN C 483 4.66 16.51 -54.15
C GLN C 483 6.03 15.93 -54.51
N GLU C 484 6.87 15.68 -53.50
CA GLU C 484 8.17 15.06 -53.76
C GLU C 484 8.01 13.65 -54.30
N GLY C 485 7.03 12.91 -53.79
CA GLY C 485 6.83 11.53 -54.16
C GLY C 485 6.99 10.55 -53.02
N VAL C 486 7.28 11.03 -51.80
CA VAL C 486 7.37 10.14 -50.65
C VAL C 486 6.05 9.43 -50.42
N ILE C 487 4.95 10.18 -50.49
CA ILE C 487 3.60 9.64 -50.41
C ILE C 487 3.01 9.71 -51.81
N ARG C 488 2.80 8.55 -52.43
CA ARG C 488 2.28 8.47 -53.78
C ARG C 488 0.77 8.30 -53.70
N LEU C 489 0.04 9.35 -54.07
CA LEU C 489 -1.42 9.32 -54.15
C LEU C 489 -1.84 9.44 -55.61
N ARG C 490 -2.83 8.65 -56.00
CA ARG C 490 -3.37 8.70 -57.35
C ARG C 490 -4.49 9.72 -57.42
N THR C 491 -4.30 10.74 -58.25
CA THR C 491 -5.26 11.80 -58.43
C THR C 491 -5.81 11.81 -59.85
N THR C 492 -5.22 11.02 -60.74
CA THR C 492 -5.67 10.92 -62.12
C THR C 492 -5.73 9.44 -62.50
N GLY C 493 -6.46 9.16 -63.57
CA GLY C 493 -6.54 7.81 -64.11
C GLY C 493 -7.46 6.92 -63.29
N ARG C 494 -7.39 5.62 -63.60
CA ARG C 494 -8.22 4.60 -62.97
C ARG C 494 -7.35 3.49 -62.42
N ALA C 495 -7.86 2.83 -61.38
CA ALA C 495 -7.15 1.72 -60.77
C ALA C 495 -8.16 0.70 -60.26
N VAL C 496 -7.75 -0.57 -60.25
CA VAL C 496 -8.64 -1.65 -59.83
C VAL C 496 -8.37 -1.96 -58.36
N GLY C 497 -9.42 -1.88 -57.55
CA GLY C 497 -9.31 -2.20 -56.14
C GLY C 497 -8.72 -1.11 -55.28
N GLU C 498 -8.42 0.05 -55.84
CA GLU C 498 -7.83 1.16 -55.11
C GLU C 498 -8.76 2.37 -55.17
N VAL C 499 -8.90 3.03 -54.03
CA VAL C 499 -9.78 4.20 -53.91
C VAL C 499 -9.05 5.23 -53.06
N ASN C 500 -9.48 6.48 -53.17
CA ASN C 500 -8.92 7.58 -52.38
C ASN C 500 -9.88 7.85 -51.22
N SER C 501 -9.70 7.14 -50.12
CA SER C 501 -10.49 7.42 -48.94
C SER C 501 -10.12 8.78 -48.37
N LEU C 502 -11.04 9.39 -47.63
CA LEU C 502 -10.81 10.68 -46.99
C LEU C 502 -10.86 10.47 -45.49
N VAL C 503 -9.70 10.44 -44.85
CA VAL C 503 -9.63 10.14 -43.43
C VAL C 503 -9.33 11.43 -42.68
N VAL C 504 -9.54 11.40 -41.37
CA VAL C 504 -9.17 12.50 -40.50
C VAL C 504 -8.05 11.99 -39.59
N VAL C 505 -6.86 12.55 -39.76
CA VAL C 505 -5.70 12.06 -39.02
C VAL C 505 -5.80 12.51 -37.57
N GLU C 506 -5.60 11.57 -36.65
CA GLU C 506 -5.70 11.88 -35.22
C GLU C 506 -4.46 11.50 -34.42
N ALA C 507 -3.60 10.62 -34.91
CA ALA C 507 -2.26 10.51 -34.35
C ALA C 507 -1.45 11.77 -34.60
N ALA C 508 -1.92 12.62 -35.50
CA ALA C 508 -1.42 13.96 -35.79
C ALA C 508 -2.56 14.92 -35.53
N PRO C 509 -2.37 16.24 -35.68
CA PRO C 509 -3.52 17.16 -35.55
C PRO C 509 -4.59 16.95 -36.62
N TYR C 510 -5.59 17.82 -36.63
CA TYR C 510 -6.73 17.74 -37.54
C TYR C 510 -6.30 18.17 -38.94
N TRP C 511 -7.25 18.59 -39.78
CA TRP C 511 -7.08 18.72 -41.23
C TRP C 511 -7.01 17.36 -41.91
N GLY C 512 -8.12 16.63 -41.90
CA GLY C 512 -8.23 15.38 -42.63
C GLY C 512 -7.70 15.45 -44.05
N ARG C 513 -7.23 14.32 -44.55
CA ARG C 513 -6.49 14.24 -45.81
C ARG C 513 -6.85 12.92 -46.49
N PRO C 514 -6.53 12.79 -47.78
CA PRO C 514 -6.78 11.52 -48.47
C PRO C 514 -5.77 10.44 -48.09
N ALA C 515 -6.19 9.21 -48.35
CA ALA C 515 -5.38 8.03 -48.08
C ALA C 515 -5.74 6.98 -49.12
N ARG C 516 -4.71 6.33 -49.68
CA ARG C 516 -4.96 5.28 -50.67
C ARG C 516 -5.41 4.01 -49.96
N LEU C 517 -6.66 3.62 -50.21
CA LEU C 517 -7.24 2.41 -49.66
C LEU C 517 -7.18 1.33 -50.72
N THR C 518 -6.59 0.19 -50.40
CA THR C 518 -6.44 -0.89 -51.35
C THR C 518 -7.26 -2.09 -50.94
N ALA C 519 -7.94 -2.69 -51.91
CA ALA C 519 -8.69 -3.91 -51.69
C ALA C 519 -8.20 -4.97 -52.66
N ARG C 520 -7.86 -6.13 -52.12
CA ARG C 520 -7.38 -7.26 -52.90
C ARG C 520 -8.34 -8.42 -52.73
N ALA C 521 -8.85 -8.95 -53.84
CA ALA C 521 -9.82 -10.03 -53.82
C ALA C 521 -9.13 -11.31 -54.24
N ALA C 522 -9.26 -12.34 -53.42
CA ALA C 522 -8.69 -13.64 -53.73
C ALA C 522 -9.74 -14.72 -53.55
N PRO C 523 -9.66 -15.84 -54.28
CA PRO C 523 -10.58 -16.94 -54.03
C PRO C 523 -10.33 -17.51 -52.64
N GLY C 524 -11.42 -17.87 -51.96
CA GLY C 524 -11.30 -18.40 -50.61
C GLY C 524 -12.59 -18.46 -49.84
N ARG C 525 -12.52 -18.16 -48.55
CA ARG C 525 -13.66 -18.29 -47.66
C ARG C 525 -14.54 -17.06 -47.79
N ASP C 526 -15.55 -16.96 -46.91
CA ASP C 526 -16.35 -15.74 -46.80
C ASP C 526 -15.68 -14.68 -45.93
N HIS C 527 -14.38 -14.85 -45.67
CA HIS C 527 -13.65 -13.95 -44.79
C HIS C 527 -13.52 -12.56 -45.42
N LEU C 528 -13.57 -11.55 -44.56
CA LEU C 528 -13.32 -10.16 -44.96
C LEU C 528 -12.22 -9.63 -44.05
N ILE C 529 -11.00 -9.62 -44.55
CA ILE C 529 -9.84 -9.23 -43.77
C ILE C 529 -9.68 -7.71 -43.85
N SER C 530 -9.60 -7.06 -42.69
CA SER C 530 -9.32 -5.64 -42.61
C SER C 530 -7.96 -5.49 -41.95
N ILE C 531 -6.91 -5.42 -42.77
CA ILE C 531 -5.54 -5.57 -42.29
C ILE C 531 -5.21 -4.55 -41.21
N ASP C 532 -5.70 -3.33 -41.34
CA ASP C 532 -5.39 -2.29 -40.37
C ASP C 532 -6.24 -2.35 -39.12
N ARG C 533 -7.23 -3.24 -39.05
CA ARG C 533 -8.05 -3.40 -37.85
C ARG C 533 -7.59 -4.52 -36.94
N GLU C 534 -6.89 -5.52 -37.46
CA GLU C 534 -6.24 -6.54 -36.63
C GLU C 534 -4.73 -6.32 -36.69
N ALA C 535 -4.20 -5.72 -35.63
CA ALA C 535 -2.78 -5.58 -35.37
C ALA C 535 -2.43 -6.22 -34.03
N GLY C 536 -3.02 -7.37 -33.77
CA GLY C 536 -2.90 -8.03 -32.48
C GLY C 536 -4.23 -8.31 -31.84
N LEU C 537 -4.53 -9.58 -31.59
CA LEU C 537 -5.80 -10.02 -31.00
C LEU C 537 -7.01 -9.54 -31.79
N GLY C 538 -6.86 -9.41 -33.11
CA GLY C 538 -7.97 -8.99 -33.95
C GLY C 538 -8.94 -10.09 -34.31
N GLY C 539 -8.59 -11.35 -34.07
CA GLY C 539 -9.52 -12.44 -34.29
C GLY C 539 -10.40 -12.65 -33.07
N GLN C 540 -9.93 -12.21 -31.90
CA GLN C 540 -10.71 -12.28 -30.68
C GLN C 540 -11.73 -11.16 -30.57
N ILE C 541 -11.65 -10.14 -31.43
CA ILE C 541 -12.55 -9.01 -31.41
C ILE C 541 -13.23 -8.90 -32.77
N PHE C 542 -14.56 -8.76 -32.74
CA PHE C 542 -15.32 -8.48 -33.95
C PHE C 542 -15.45 -6.98 -34.13
N HIS C 543 -15.26 -6.53 -35.37
CA HIS C 543 -15.30 -5.11 -35.69
C HIS C 543 -16.63 -4.80 -36.38
N LYS C 544 -17.28 -3.73 -35.93
CA LYS C 544 -18.57 -3.35 -36.50
C LYS C 544 -18.45 -3.02 -37.98
N ALA C 545 -17.36 -2.37 -38.38
CA ALA C 545 -17.15 -2.08 -39.80
C ALA C 545 -16.98 -3.35 -40.62
N VAL C 546 -16.18 -4.29 -40.13
CA VAL C 546 -15.96 -5.55 -40.84
C VAL C 546 -17.25 -6.34 -40.92
N LEU C 547 -18.01 -6.39 -39.83
CA LEU C 547 -19.28 -7.10 -39.84
C LEU C 547 -20.27 -6.46 -40.81
N THR C 548 -20.31 -5.12 -40.85
CA THR C 548 -21.20 -4.43 -41.77
C THR C 548 -20.84 -4.72 -43.22
N LEU C 549 -19.54 -4.63 -43.55
CA LEU C 549 -19.11 -4.91 -44.92
C LEU C 549 -19.39 -6.35 -45.30
N ALA C 550 -19.10 -7.29 -44.39
CA ALA C 550 -19.36 -8.69 -44.65
C ALA C 550 -20.84 -8.96 -44.85
N GLY C 551 -21.69 -8.33 -44.03
CA GLY C 551 -23.12 -8.50 -44.20
C GLY C 551 -23.60 -7.99 -45.55
N TYR C 552 -23.14 -6.80 -45.94
CA TYR C 552 -23.53 -6.27 -47.25
C TYR C 552 -23.08 -7.20 -48.37
N LEU C 553 -21.81 -7.63 -48.35
CA LEU C 553 -21.31 -8.46 -49.44
C LEU C 553 -22.00 -9.81 -49.48
N ARG C 554 -22.24 -10.42 -48.32
CA ARG C 554 -22.88 -11.72 -48.27
C ARG C 554 -24.33 -11.64 -48.74
N SER C 555 -25.04 -10.58 -48.36
CA SER C 555 -26.47 -10.52 -48.65
C SER C 555 -26.76 -10.01 -50.05
N ARG C 556 -25.93 -9.13 -50.59
CA ARG C 556 -26.21 -8.57 -51.90
C ARG C 556 -25.90 -9.56 -53.01
N TYR C 557 -24.87 -10.37 -52.81
CA TYR C 557 -24.40 -11.32 -53.83
C TYR C 557 -24.63 -12.73 -53.29
N ILE C 558 -25.69 -13.37 -53.77
CA ILE C 558 -26.13 -14.67 -53.25
C ILE C 558 -26.17 -15.75 -54.32
N GLU C 559 -25.72 -15.46 -55.54
CA GLU C 559 -25.75 -16.46 -56.61
C GLU C 559 -24.99 -17.72 -56.22
N HIS C 560 -24.01 -17.61 -55.35
CA HIS C 560 -23.38 -18.75 -54.71
C HIS C 560 -23.76 -18.77 -53.24
N GLY C 561 -23.69 -19.96 -52.64
CA GLY C 561 -24.10 -20.12 -51.25
C GLY C 561 -23.38 -19.16 -50.31
N SER C 562 -22.08 -19.37 -50.12
CA SER C 562 -21.25 -18.45 -49.36
C SER C 562 -20.44 -17.59 -50.34
N LEU C 563 -19.89 -16.51 -49.81
CA LEU C 563 -19.08 -15.63 -50.64
C LEU C 563 -17.80 -16.36 -51.01
N PRO C 564 -17.54 -16.58 -52.30
CA PRO C 564 -16.38 -17.39 -52.69
C PRO C 564 -15.09 -16.58 -52.75
N VAL C 565 -15.12 -15.37 -52.19
CA VAL C 565 -14.01 -14.44 -52.28
C VAL C 565 -13.68 -13.91 -50.89
N THR C 566 -12.39 -13.76 -50.62
CA THR C 566 -11.89 -13.07 -49.43
C THR C 566 -11.29 -11.75 -49.88
N ILE C 567 -11.67 -10.67 -49.20
CA ILE C 567 -11.25 -9.32 -49.55
C ILE C 567 -10.36 -8.80 -48.44
N SER C 568 -9.13 -8.45 -48.80
CA SER C 568 -8.18 -7.83 -47.87
C SER C 568 -8.20 -6.32 -48.11
N LEU C 569 -8.53 -5.57 -47.06
CA LEU C 569 -8.64 -4.11 -47.12
C LEU C 569 -7.50 -3.53 -46.31
N ALA C 570 -6.68 -2.69 -46.94
CA ALA C 570 -5.49 -2.15 -46.32
C ALA C 570 -5.40 -0.65 -46.54
N PHE C 571 -5.01 0.07 -45.50
CA PHE C 571 -4.60 1.46 -45.61
C PHE C 571 -3.10 1.50 -45.87
N GLU C 572 -2.72 1.78 -47.11
CA GLU C 572 -1.34 2.12 -47.38
C GLU C 572 -1.01 3.44 -46.70
N GLN C 573 0.25 3.61 -46.31
CA GLN C 573 0.70 4.86 -45.70
C GLN C 573 -0.05 5.18 -44.42
N ASN C 574 0.24 4.42 -43.35
CA ASN C 574 -0.25 4.75 -42.01
C ASN C 574 0.18 6.18 -41.65
N TYR C 575 -0.29 6.69 -40.52
CA TYR C 575 -0.79 8.05 -40.23
C TYR C 575 -2.31 8.11 -40.38
N VAL C 576 -2.96 7.02 -40.76
CA VAL C 576 -4.41 7.00 -40.88
C VAL C 576 -5.00 6.46 -39.58
N SER C 577 -5.89 7.21 -38.97
CA SER C 577 -6.64 6.76 -37.80
C SER C 577 -7.88 6.02 -38.30
N ILE C 578 -7.97 4.74 -37.98
CA ILE C 578 -8.94 3.85 -38.60
C ILE C 578 -10.21 3.77 -37.77
N GLU C 579 -11.31 3.52 -38.47
CA GLU C 579 -12.61 3.18 -37.88
C GLU C 579 -12.63 1.70 -37.51
N GLY C 580 -13.83 1.15 -37.31
CA GLY C 580 -14.01 -0.18 -36.78
C GLY C 580 -15.27 -0.22 -35.96
N ASP C 581 -15.90 0.94 -35.84
CA ASP C 581 -17.27 1.06 -35.36
C ASP C 581 -18.24 1.52 -36.45
N SER C 582 -17.72 1.93 -37.61
CA SER C 582 -18.55 2.35 -38.73
C SER C 582 -17.82 2.01 -40.03
N ALA C 583 -18.47 1.21 -40.86
CA ALA C 583 -17.88 0.83 -42.14
C ALA C 583 -17.85 2.02 -43.09
N GLY C 584 -16.74 2.16 -43.81
CA GLY C 584 -16.58 3.26 -44.74
C GLY C 584 -17.07 2.93 -46.14
N LEU C 585 -17.54 3.95 -46.83
CA LEU C 585 -17.99 3.77 -48.21
C LEU C 585 -16.82 3.44 -49.13
N ALA C 586 -15.65 4.02 -48.86
CA ALA C 586 -14.46 3.73 -49.66
C ALA C 586 -14.09 2.26 -49.57
N GLU C 587 -14.16 1.68 -48.37
CA GLU C 587 -13.88 0.26 -48.20
C GLU C 587 -14.81 -0.59 -49.04
N LEU C 588 -16.11 -0.27 -49.03
CA LEU C 588 -17.08 -1.06 -49.76
C LEU C 588 -16.87 -0.94 -51.27
N VAL C 589 -16.67 0.28 -51.76
CA VAL C 589 -16.52 0.44 -53.21
C VAL C 589 -15.22 -0.20 -53.68
N ALA C 590 -14.15 -0.11 -52.89
CA ALA C 590 -12.91 -0.77 -53.28
C ALA C 590 -13.05 -2.28 -53.23
N ALA C 591 -13.79 -2.82 -52.26
CA ALA C 591 -14.03 -4.25 -52.22
C ALA C 591 -14.82 -4.70 -53.45
N LEU C 592 -15.83 -3.93 -53.84
CA LEU C 592 -16.59 -4.27 -55.04
C LEU C 592 -15.72 -4.18 -56.29
N SER C 593 -14.83 -3.18 -56.35
CA SER C 593 -13.90 -3.07 -57.47
C SER C 593 -12.96 -4.28 -57.53
N ALA C 594 -12.43 -4.70 -56.38
CA ALA C 594 -11.54 -5.84 -56.34
C ALA C 594 -12.27 -7.11 -56.76
N ILE C 595 -13.51 -7.28 -56.32
CA ILE C 595 -14.28 -8.48 -56.68
C ILE C 595 -14.58 -8.49 -58.17
N GLY C 596 -15.08 -7.38 -58.69
CA GLY C 596 -15.48 -7.30 -60.08
C GLY C 596 -14.44 -6.85 -61.06
N ASN C 597 -13.20 -6.61 -60.61
CA ASN C 597 -12.13 -6.10 -61.47
C ASN C 597 -12.56 -4.80 -62.14
N LEU C 598 -13.19 -3.92 -61.36
CA LEU C 598 -13.73 -2.68 -61.87
C LEU C 598 -12.72 -1.56 -61.69
N PRO C 599 -12.25 -0.91 -62.75
CA PRO C 599 -11.33 0.22 -62.59
C PRO C 599 -12.06 1.45 -62.11
N LEU C 600 -11.87 1.79 -60.84
CA LEU C 600 -12.45 3.00 -60.27
C LEU C 600 -11.63 4.22 -60.66
N ARG C 601 -12.32 5.33 -60.86
CA ARG C 601 -11.65 6.59 -61.10
C ARG C 601 -10.87 7.02 -59.87
N GLN C 602 -9.60 7.40 -60.07
CA GLN C 602 -8.78 7.94 -58.99
C GLN C 602 -8.88 9.45 -58.89
N ASP C 603 -9.60 10.10 -59.81
CA ASP C 603 -9.84 11.54 -59.71
C ASP C 603 -10.64 11.86 -58.46
N LEU C 604 -11.65 11.04 -58.17
CA LEU C 604 -12.61 11.33 -57.11
C LEU C 604 -12.20 10.61 -55.83
N ALA C 605 -12.15 11.37 -54.73
CA ALA C 605 -12.01 10.76 -53.42
C ALA C 605 -13.38 10.35 -52.90
N VAL C 606 -13.39 9.32 -52.04
CA VAL C 606 -14.62 8.76 -51.53
C VAL C 606 -14.59 8.86 -50.01
N THR C 607 -15.61 9.49 -49.45
CA THR C 607 -15.75 9.63 -48.00
C THR C 607 -17.18 9.26 -47.60
N GLY C 608 -17.35 9.02 -46.31
CA GLY C 608 -18.66 8.69 -45.78
C GLY C 608 -18.78 7.27 -45.30
N ALA C 609 -19.55 7.07 -44.24
CA ALA C 609 -19.80 5.74 -43.73
C ALA C 609 -20.83 5.03 -44.61
N VAL C 610 -20.90 3.71 -44.45
CA VAL C 610 -21.85 2.90 -45.20
C VAL C 610 -22.57 1.98 -44.24
N ASP C 611 -23.78 1.58 -44.63
CA ASP C 611 -24.60 0.68 -43.84
C ASP C 611 -24.64 -0.68 -44.53
N GLN C 612 -24.98 -1.72 -43.76
CA GLN C 612 -25.05 -3.06 -44.32
C GLN C 612 -26.11 -3.18 -45.40
N THR C 613 -27.04 -2.23 -45.47
CA THR C 613 -27.93 -2.11 -46.63
C THR C 613 -27.20 -1.59 -47.86
N GLY C 614 -26.10 -0.89 -47.67
CA GLY C 614 -25.47 -0.13 -48.71
C GLY C 614 -25.81 1.34 -48.70
N LYS C 615 -26.50 1.82 -47.66
CA LYS C 615 -26.86 3.22 -47.53
C LYS C 615 -25.69 4.00 -46.96
N VAL C 616 -25.38 5.14 -47.58
CA VAL C 616 -24.24 5.95 -47.18
C VAL C 616 -24.66 6.87 -46.04
N LEU C 617 -23.93 6.82 -44.93
CA LEU C 617 -24.25 7.58 -43.73
C LEU C 617 -23.40 8.84 -43.66
N ALA C 618 -23.90 9.82 -42.91
CA ALA C 618 -23.15 11.05 -42.70
C ALA C 618 -21.94 10.81 -41.79
N VAL C 619 -20.90 11.60 -42.01
CA VAL C 619 -19.68 11.51 -41.23
C VAL C 619 -19.28 12.90 -40.76
N GLY C 620 -18.46 12.93 -39.71
CA GLY C 620 -17.95 14.18 -39.18
C GLY C 620 -16.75 14.70 -39.94
N ALA C 621 -16.50 16.00 -39.79
CA ALA C 621 -15.38 16.68 -40.43
C ALA C 621 -15.39 16.47 -41.94
N ILE C 622 -16.58 16.54 -42.54
CA ILE C 622 -16.70 16.40 -43.99
C ILE C 622 -15.99 17.55 -44.70
N ASN C 623 -16.10 18.76 -44.16
CA ASN C 623 -15.41 19.90 -44.74
C ASN C 623 -13.89 19.69 -44.70
N ALA C 624 -13.39 19.17 -43.59
CA ALA C 624 -11.96 18.92 -43.47
C ALA C 624 -11.49 17.92 -44.52
N LYS C 625 -12.25 16.84 -44.73
CA LYS C 625 -11.86 15.83 -45.69
C LYS C 625 -11.90 16.37 -47.12
N VAL C 626 -12.98 17.07 -47.48
CA VAL C 626 -13.09 17.61 -48.82
C VAL C 626 -11.99 18.62 -49.09
N GLU C 627 -11.71 19.49 -48.12
CA GLU C 627 -10.67 20.49 -48.31
C GLU C 627 -9.28 19.87 -48.32
N GLY C 628 -9.06 18.78 -47.58
CA GLY C 628 -7.80 18.10 -47.66
C GLY C 628 -7.56 17.47 -49.02
N PHE C 629 -8.58 16.83 -49.58
CA PHE C 629 -8.43 16.28 -50.93
C PHE C 629 -8.23 17.39 -51.94
N PHE C 630 -8.95 18.51 -51.78
CA PHE C 630 -8.74 19.64 -52.69
C PHE C 630 -7.33 20.18 -52.58
N ARG C 631 -6.79 20.25 -51.36
CA ARG C 631 -5.42 20.70 -51.17
C ARG C 631 -4.44 19.79 -51.88
N VAL C 632 -4.63 18.48 -51.75
CA VAL C 632 -3.74 17.54 -52.42
C VAL C 632 -3.84 17.69 -53.93
N CYS C 633 -5.06 17.79 -54.45
CA CYS C 633 -5.25 17.91 -55.90
C CYS C 633 -4.66 19.20 -56.43
N LYS C 634 -4.82 20.31 -55.71
CA LYS C 634 -4.26 21.59 -56.15
C LYS C 634 -2.75 21.58 -56.05
N ALA C 635 -2.18 20.92 -55.04
CA ALA C 635 -0.73 20.78 -54.96
C ALA C 635 -0.19 19.98 -56.13
N LEU C 636 -0.89 18.91 -56.50
CA LEU C 636 -0.49 18.10 -57.64
C LEU C 636 -1.01 18.64 -58.97
N GLY C 637 -1.79 19.73 -58.95
CA GLY C 637 -2.34 20.29 -60.16
C GLY C 637 -3.76 19.86 -60.43
N LEU C 638 -4.66 20.83 -60.56
CA LEU C 638 -6.08 20.54 -60.78
C LEU C 638 -6.30 20.22 -62.25
N SER C 639 -6.69 18.98 -62.53
CA SER C 639 -6.92 18.55 -63.90
C SER C 639 -8.33 18.87 -64.39
N GLY C 640 -9.19 19.43 -63.54
CA GLY C 640 -10.55 19.73 -63.93
C GLY C 640 -11.52 18.58 -63.84
N THR C 641 -11.07 17.41 -63.41
CA THR C 641 -11.94 16.25 -63.25
C THR C 641 -11.93 15.67 -61.85
N GLN C 642 -11.12 16.19 -60.93
CA GLN C 642 -11.10 15.68 -59.58
C GLN C 642 -12.41 16.01 -58.87
N GLY C 643 -12.62 15.34 -57.74
CA GLY C 643 -13.84 15.57 -56.98
C GLY C 643 -13.84 14.73 -55.73
N VAL C 644 -14.93 14.84 -54.99
CA VAL C 644 -15.13 14.07 -53.76
C VAL C 644 -16.52 13.46 -53.80
N ILE C 645 -16.61 12.16 -53.57
CA ILE C 645 -17.87 11.47 -53.43
C ILE C 645 -18.19 11.43 -51.95
N LEU C 646 -19.21 12.17 -51.53
CA LEU C 646 -19.57 12.34 -50.15
C LEU C 646 -21.05 12.07 -49.96
N PRO C 647 -21.47 11.67 -48.76
CA PRO C 647 -22.88 11.35 -48.55
C PRO C 647 -23.76 12.58 -48.74
N GLU C 648 -24.95 12.36 -49.31
CA GLU C 648 -25.93 13.44 -49.38
C GLU C 648 -26.44 13.81 -47.99
N ALA C 649 -26.27 12.94 -47.01
CA ALA C 649 -26.61 13.27 -45.63
C ALA C 649 -25.72 14.38 -45.08
N ASN C 650 -24.54 14.57 -45.66
CA ASN C 650 -23.61 15.60 -45.23
C ASN C 650 -23.82 16.93 -45.95
N LEU C 651 -24.83 17.03 -46.81
CA LEU C 651 -25.08 18.29 -47.51
C LEU C 651 -25.46 19.42 -46.57
N ALA C 652 -26.02 19.11 -45.41
CA ALA C 652 -26.31 20.11 -44.40
C ALA C 652 -25.07 20.53 -43.63
N ASN C 653 -23.97 19.80 -43.76
CA ASN C 653 -22.72 20.12 -43.10
C ASN C 653 -21.67 20.67 -44.06
N LEU C 654 -22.02 20.92 -45.32
CA LEU C 654 -21.06 21.32 -46.33
C LEU C 654 -20.89 22.83 -46.28
N THR C 655 -19.85 23.28 -45.59
CA THR C 655 -19.52 24.69 -45.47
C THR C 655 -18.13 24.93 -46.06
N LEU C 656 -17.92 24.40 -47.27
CA LEU C 656 -16.61 24.44 -47.90
C LEU C 656 -16.06 25.86 -47.96
N ARG C 657 -14.73 25.96 -47.90
CA ARG C 657 -14.06 27.25 -47.88
C ARG C 657 -14.16 27.92 -49.25
N ALA C 658 -13.61 29.13 -49.33
CA ALA C 658 -13.73 29.94 -50.53
C ALA C 658 -13.06 29.30 -51.74
N GLU C 659 -11.85 28.77 -51.58
CA GLU C 659 -11.11 28.22 -52.71
C GLU C 659 -11.80 26.99 -53.30
N VAL C 660 -12.33 26.10 -52.44
CA VAL C 660 -13.02 24.92 -52.95
C VAL C 660 -14.26 25.33 -53.72
N LEU C 661 -15.02 26.31 -53.21
CA LEU C 661 -16.21 26.76 -53.90
C LEU C 661 -15.87 27.43 -55.23
N GLU C 662 -14.80 28.22 -55.25
CA GLU C 662 -14.37 28.83 -56.51
C GLU C 662 -13.96 27.79 -57.54
N ALA C 663 -13.26 26.74 -57.10
CA ALA C 663 -12.92 25.65 -58.01
C ALA C 663 -14.18 24.93 -58.49
N VAL C 664 -15.16 24.74 -57.61
CA VAL C 664 -16.40 24.06 -57.99
C VAL C 664 -17.15 24.88 -59.04
N ARG C 665 -17.24 26.19 -58.85
CA ARG C 665 -17.91 27.03 -59.83
C ARG C 665 -17.16 27.07 -61.15
N ALA C 666 -15.83 26.97 -61.12
CA ALA C 666 -15.02 26.98 -62.33
C ALA C 666 -14.98 25.63 -63.02
N GLY C 667 -15.57 24.60 -62.42
CA GLY C 667 -15.55 23.27 -63.02
C GLY C 667 -14.27 22.50 -62.80
N GLN C 668 -13.39 22.97 -61.91
CA GLN C 668 -12.15 22.28 -61.63
C GLN C 668 -12.25 21.27 -60.50
N PHE C 669 -13.28 21.38 -59.65
CA PHE C 669 -13.51 20.43 -58.58
C PHE C 669 -14.99 20.07 -58.57
N HIS C 670 -15.28 18.79 -58.34
CA HIS C 670 -16.63 18.28 -58.37
C HIS C 670 -17.02 17.74 -57.01
N ILE C 671 -18.31 17.81 -56.70
CA ILE C 671 -18.87 17.25 -55.48
C ILE C 671 -20.03 16.35 -55.85
N TYR C 672 -19.97 15.08 -55.45
CA TYR C 672 -20.99 14.10 -55.75
C TYR C 672 -21.66 13.67 -54.45
N ALA C 673 -22.97 13.80 -54.39
CA ALA C 673 -23.76 13.37 -53.24
C ALA C 673 -24.43 12.06 -53.58
N VAL C 674 -24.22 11.04 -52.74
CA VAL C 674 -24.72 9.70 -53.00
C VAL C 674 -25.60 9.26 -51.84
N GLU C 675 -26.61 8.46 -52.16
CA GLU C 675 -27.48 7.84 -51.17
C GLU C 675 -27.06 6.42 -50.84
N THR C 676 -26.63 5.66 -51.85
CA THR C 676 -26.27 4.27 -51.70
C THR C 676 -24.87 4.03 -52.25
N ALA C 677 -24.25 2.93 -51.79
CA ALA C 677 -22.93 2.57 -52.29
C ALA C 677 -22.97 2.24 -53.78
N GLU C 678 -24.12 1.81 -54.29
CA GLU C 678 -24.25 1.57 -55.72
C GLU C 678 -24.05 2.84 -56.52
N GLN C 679 -24.56 3.97 -56.04
CA GLN C 679 -24.35 5.25 -56.72
C GLN C 679 -22.88 5.63 -56.72
N ALA C 680 -22.20 5.45 -55.59
CA ALA C 680 -20.77 5.76 -55.52
C ALA C 680 -19.97 4.88 -56.47
N LEU C 681 -20.31 3.58 -56.53
CA LEU C 681 -19.62 2.70 -57.47
C LEU C 681 -19.92 3.08 -58.91
N GLU C 682 -21.14 3.51 -59.21
CA GLU C 682 -21.47 3.98 -60.56
C GLU C 682 -20.63 5.20 -60.92
N ILE C 683 -20.50 6.14 -60.00
CA ILE C 683 -19.70 7.34 -60.29
C ILE C 683 -18.24 6.99 -60.47
N LEU C 684 -17.70 6.12 -59.60
CA LEU C 684 -16.29 5.78 -59.66
C LEU C 684 -15.96 5.00 -60.93
N ALA C 685 -16.73 3.95 -61.22
CA ALA C 685 -16.46 3.12 -62.39
C ALA C 685 -17.03 3.69 -63.68
N GLY C 686 -17.85 4.74 -63.60
CA GLY C 686 -18.40 5.35 -64.79
C GLY C 686 -19.33 4.46 -65.58
N ALA C 687 -20.12 3.64 -64.91
CA ALA C 687 -21.05 2.74 -65.59
C ALA C 687 -22.22 2.44 -64.66
N ARG C 688 -23.37 2.16 -65.27
CA ARG C 688 -24.55 1.81 -64.49
C ARG C 688 -24.45 0.37 -63.98
N MET C 689 -24.99 0.15 -62.79
CA MET C 689 -24.97 -1.19 -62.21
C MET C 689 -25.79 -2.16 -63.04
N GLU C 690 -27.03 -1.80 -63.37
CA GLU C 690 -27.90 -2.68 -64.12
C GLU C 690 -27.70 -2.47 -65.62
N GLY C 691 -28.14 -3.46 -66.39
CA GLY C 691 -27.99 -3.45 -67.83
C GLY C 691 -26.83 -4.30 -68.30
N PHE C 692 -26.81 -4.54 -69.61
CA PHE C 692 -25.74 -5.33 -70.21
C PHE C 692 -24.42 -4.58 -70.10
N ARG C 693 -23.35 -5.33 -69.79
CA ARG C 693 -22.03 -4.76 -69.50
C ARG C 693 -22.11 -3.76 -68.34
N GLY C 694 -22.98 -4.04 -67.38
CA GLY C 694 -23.10 -3.21 -66.20
C GLY C 694 -22.13 -3.63 -65.10
N LEU C 695 -22.04 -2.77 -64.09
CA LEU C 695 -21.15 -3.08 -62.97
C LEU C 695 -21.62 -4.32 -62.21
N GLN C 696 -22.93 -4.46 -62.02
CA GLN C 696 -23.46 -5.62 -61.31
C GLN C 696 -23.12 -6.92 -62.03
N GLU C 697 -23.26 -6.93 -63.36
CA GLU C 697 -22.92 -8.12 -64.12
C GLU C 697 -21.44 -8.44 -64.01
N LYS C 698 -20.59 -7.41 -64.04
CA LYS C 698 -19.15 -7.64 -63.91
C LYS C 698 -18.77 -8.18 -62.54
N ILE C 699 -19.40 -7.66 -61.48
CA ILE C 699 -19.13 -8.18 -60.14
C ILE C 699 -19.59 -9.63 -60.02
N ARG C 700 -20.76 -9.94 -60.59
CA ARG C 700 -21.24 -11.32 -60.57
C ARG C 700 -20.31 -12.23 -61.35
N ALA C 701 -19.78 -11.77 -62.48
CA ALA C 701 -18.83 -12.56 -63.26
C ALA C 701 -17.55 -12.79 -62.49
N GLY C 702 -17.06 -11.76 -61.79
CA GLY C 702 -15.87 -11.95 -60.96
C GLY C 702 -16.09 -12.93 -59.83
N LEU C 703 -17.26 -12.86 -59.18
CA LEU C 703 -17.58 -13.83 -58.14
C LEU C 703 -17.66 -15.23 -58.70
N GLU C 704 -18.25 -15.39 -59.89
CA GLU C 704 -18.31 -16.69 -60.54
C GLU C 704 -16.90 -17.21 -60.86
N ALA C 705 -16.02 -16.33 -61.30
CA ALA C 705 -14.64 -16.74 -61.59
C ALA C 705 -13.93 -17.19 -60.32
N PHE C 706 -14.12 -16.47 -59.22
CA PHE C 706 -13.50 -16.88 -57.95
C PHE C 706 -14.07 -18.21 -57.47
N ALA C 707 -15.38 -18.40 -57.60
CA ALA C 707 -15.99 -19.68 -57.24
C ALA C 707 -15.44 -20.81 -58.10
N ARG C 708 -15.24 -20.57 -59.40
CA ARG C 708 -14.67 -21.60 -60.27
C ARG C 708 -13.22 -21.87 -59.92
N LEU C 709 -12.49 -20.86 -59.44
CA LEU C 709 -11.13 -21.12 -58.97
C LEU C 709 -11.13 -22.01 -57.74
N GLU C 710 -12.04 -21.77 -56.80
CA GLU C 710 -12.21 -22.71 -55.69
C GLU C 710 -12.61 -24.09 -56.18
N GLU C 711 -13.48 -24.14 -57.19
CA GLU C 711 -13.88 -25.42 -57.77
C GLU C 711 -12.69 -26.18 -58.33
N GLY C 712 -11.83 -25.49 -59.08
CA GLY C 712 -10.65 -26.13 -59.63
C GLY C 712 -9.66 -26.56 -58.57
N HIS C 713 -9.53 -25.78 -57.50
CA HIS C 713 -8.68 -26.20 -56.39
C HIS C 713 -9.22 -27.47 -55.74
N ASP C 714 -10.54 -27.55 -55.56
CA ASP C 714 -11.12 -28.71 -54.88
C ASP C 714 -11.24 -29.92 -55.80
N LYS C 715 -11.16 -29.71 -57.12
CA LYS C 715 -11.29 -30.83 -58.05
C LYS C 715 -10.21 -31.89 -57.82
N GLU C 716 -8.98 -31.46 -57.58
CA GLU C 716 -7.88 -32.40 -57.44
C GLU C 716 -7.92 -33.17 -56.13
N ASP C 717 -8.84 -32.86 -55.22
CA ASP C 717 -8.96 -33.63 -53.99
C ASP C 717 -9.50 -35.03 -54.25
N ARG C 718 -10.51 -35.15 -55.13
CA ARG C 718 -11.07 -36.46 -55.43
C ARG C 718 -10.14 -37.31 -56.28
N GLU C 719 -9.13 -36.70 -56.90
CA GLU C 719 -8.19 -37.44 -57.74
C GLU C 719 -7.35 -38.41 -56.90
N MET D 1 -54.08 -5.21 -34.43
CA MET D 1 -55.36 -4.64 -34.01
C MET D 1 -55.19 -3.15 -33.70
N ARG D 2 -55.85 -2.31 -34.50
CA ARG D 2 -55.69 -0.87 -34.40
C ARG D 2 -56.53 -0.33 -33.25
N LEU D 3 -55.88 0.35 -32.30
CA LEU D 3 -56.59 0.93 -31.17
C LEU D 3 -57.35 2.17 -31.60
N SER D 4 -58.59 2.28 -31.13
CA SER D 4 -59.37 3.49 -31.35
C SER D 4 -58.91 4.59 -30.40
N TYR D 5 -59.42 5.80 -30.62
CA TYR D 5 -59.07 6.91 -29.73
C TYR D 5 -59.59 6.67 -28.32
N GLU D 6 -60.82 6.17 -28.20
CA GLU D 6 -61.40 5.90 -26.89
C GLU D 6 -60.68 4.78 -26.16
N ALA D 7 -60.12 3.80 -26.90
CA ALA D 7 -59.31 2.77 -26.27
C ALA D 7 -57.96 3.30 -25.84
N LEU D 8 -57.57 4.50 -26.29
CA LEU D 8 -56.31 5.11 -25.92
C LEU D 8 -56.46 6.32 -25.00
N GLU D 9 -57.64 6.92 -24.95
CA GLU D 9 -57.85 8.10 -24.11
C GLU D 9 -57.79 7.70 -22.65
N TRP D 10 -57.00 8.43 -21.87
CA TRP D 10 -56.77 8.12 -20.46
C TRP D 10 -56.99 9.29 -19.53
N ARG D 11 -56.93 10.52 -20.04
CA ARG D 11 -57.00 11.70 -19.18
C ARG D 11 -58.39 11.84 -18.55
N THR D 12 -58.42 12.27 -17.30
CA THR D 12 -59.67 12.57 -16.63
C THR D 12 -60.34 13.74 -17.32
N PRO D 13 -61.65 13.67 -17.61
CA PRO D 13 -62.32 14.78 -18.31
C PRO D 13 -62.19 16.12 -17.59
N ILE D 14 -61.57 17.08 -18.26
CA ILE D 14 -61.43 18.43 -17.71
C ILE D 14 -62.72 19.19 -17.95
N GLU D 15 -63.34 19.66 -16.87
CA GLU D 15 -64.64 20.31 -16.94
C GLU D 15 -64.64 21.75 -16.45
N ASN D 16 -64.13 21.99 -15.25
CA ASN D 16 -64.34 23.26 -14.57
C ASN D 16 -63.08 24.13 -14.55
N SER D 17 -63.27 25.40 -14.87
CA SER D 17 -62.23 26.42 -14.72
C SER D 17 -62.75 27.66 -14.01
N THR D 18 -63.87 27.54 -13.28
CA THR D 18 -64.55 28.70 -12.70
C THR D 18 -64.25 28.90 -11.22
N GLU D 19 -64.17 27.83 -10.43
CA GLU D 19 -64.01 27.99 -9.00
C GLU D 19 -62.88 27.11 -8.47
N PRO D 20 -62.18 27.54 -7.44
CA PRO D 20 -61.18 26.66 -6.82
C PRO D 20 -61.82 25.54 -6.04
N VAL D 21 -61.05 24.48 -5.83
CA VAL D 21 -61.57 23.33 -5.09
C VAL D 21 -61.57 23.63 -3.60
N SER D 22 -62.44 22.92 -2.88
CA SER D 22 -62.50 22.99 -1.41
C SER D 22 -62.45 21.56 -0.90
N LEU D 23 -61.26 21.08 -0.58
CA LEU D 23 -61.06 19.69 -0.19
C LEU D 23 -60.38 19.63 1.18
N PRO D 24 -60.90 18.84 2.11
CA PRO D 24 -60.23 18.69 3.41
C PRO D 24 -58.89 17.98 3.24
N PRO D 25 -57.94 18.24 4.11
CA PRO D 25 -56.64 17.56 3.99
C PRO D 25 -56.81 16.07 4.13
N PRO D 26 -56.03 15.29 3.39
CA PRO D 26 -56.16 13.83 3.44
C PRO D 26 -55.53 13.28 4.71
N PRO D 27 -55.94 12.09 5.13
CA PRO D 27 -55.27 11.45 6.26
C PRO D 27 -53.82 11.13 5.91
N PRO D 28 -52.92 11.12 6.90
CA PRO D 28 -51.54 10.75 6.61
C PRO D 28 -51.46 9.36 6.02
N PHE D 29 -50.56 9.19 5.05
CA PHE D 29 -50.45 7.98 4.24
C PHE D 29 -51.77 7.66 3.55
N PHE D 30 -52.19 8.59 2.70
CA PHE D 30 -53.34 8.37 1.84
C PHE D 30 -52.88 7.60 0.60
N GLY D 31 -53.63 6.56 0.26
CA GLY D 31 -53.19 5.66 -0.78
C GLY D 31 -52.06 4.75 -0.36
N GLN D 32 -51.64 4.80 0.90
CA GLN D 32 -50.55 4.02 1.45
C GLN D 32 -51.04 3.21 2.65
N GLU D 33 -52.16 2.50 2.43
CA GLU D 33 -52.83 1.80 3.52
C GLU D 33 -51.92 0.79 4.21
N ARG D 34 -51.04 0.14 3.45
CA ARG D 34 -50.13 -0.83 4.03
C ARG D 34 -49.19 -0.18 5.03
N ALA D 35 -48.54 0.92 4.62
CA ALA D 35 -47.63 1.63 5.52
C ALA D 35 -48.36 2.21 6.72
N ARG D 36 -49.55 2.75 6.50
CA ARG D 36 -50.31 3.33 7.61
C ARG D 36 -50.68 2.25 8.63
N GLU D 37 -51.12 1.08 8.15
CA GLU D 37 -51.48 0.00 9.07
C GLU D 37 -50.26 -0.56 9.78
N ALA D 38 -49.12 -0.65 9.07
CA ALA D 38 -47.90 -1.11 9.72
C ALA D 38 -47.47 -0.15 10.82
N LEU D 39 -47.56 1.16 10.56
CA LEU D 39 -47.20 2.12 11.59
C LEU D 39 -48.21 2.15 12.74
N GLU D 40 -49.49 1.90 12.45
CA GLU D 40 -50.46 1.74 13.51
C GLU D 40 -50.11 0.57 14.41
N LEU D 41 -49.70 -0.56 13.81
CA LEU D 41 -49.28 -1.70 14.62
C LEU D 41 -48.03 -1.39 15.41
N ALA D 42 -47.07 -0.70 14.81
CA ALA D 42 -45.83 -0.36 15.50
C ALA D 42 -46.04 0.64 16.63
N ILE D 43 -47.05 1.49 16.54
CA ILE D 43 -47.37 2.45 17.59
C ILE D 43 -48.20 1.81 18.70
N ARG D 44 -49.20 1.02 18.34
CA ARG D 44 -50.02 0.35 19.34
C ARG D 44 -49.20 -0.62 20.19
N GLY D 45 -48.24 -1.30 19.57
CA GLY D 45 -47.44 -2.28 20.30
C GLY D 45 -46.11 -1.76 20.77
N GLY D 46 -45.74 -0.56 20.33
CA GLY D 46 -44.47 0.00 20.74
C GLY D 46 -43.27 -0.66 20.10
N PHE D 47 -43.46 -1.33 18.97
CA PHE D 47 -42.35 -1.94 18.26
C PHE D 47 -41.53 -0.88 17.53
N HIS D 48 -40.32 -1.26 17.14
CA HIS D 48 -39.52 -0.46 16.24
C HIS D 48 -39.87 -0.82 14.81
N ALA D 49 -40.14 0.20 14.01
CA ALA D 49 -40.51 0.02 12.61
C ALA D 49 -39.47 0.68 11.71
N TYR D 50 -39.54 0.34 10.43
CA TYR D 50 -38.69 1.00 9.44
C TYR D 50 -39.51 1.28 8.19
N LEU D 51 -39.39 2.50 7.68
CA LEU D 51 -40.13 2.92 6.50
C LEU D 51 -39.25 2.73 5.27
N VAL D 52 -39.75 1.98 4.29
CA VAL D 52 -39.04 1.73 3.06
C VAL D 52 -39.88 2.22 1.89
N GLY D 53 -39.21 2.76 0.88
CA GLY D 53 -39.89 3.26 -0.30
C GLY D 53 -38.98 4.08 -1.19
N PRO D 54 -39.41 4.32 -2.41
CA PRO D 54 -38.61 5.12 -3.35
C PRO D 54 -38.43 6.55 -2.84
N PRO D 55 -37.38 7.23 -3.27
CA PRO D 55 -37.18 8.62 -2.82
C PRO D 55 -38.27 9.53 -3.37
N SER D 56 -38.26 10.76 -2.85
CA SER D 56 -39.22 11.80 -3.25
C SER D 56 -40.66 11.40 -2.96
N LEU D 57 -40.85 10.52 -1.99
CA LEU D 57 -42.20 10.12 -1.58
C LEU D 57 -42.79 11.03 -0.50
N GLY D 58 -41.98 11.91 0.08
CA GLY D 58 -42.42 12.64 1.25
C GLY D 58 -42.65 11.75 2.45
N LYS D 59 -41.83 10.70 2.61
CA LYS D 59 -42.01 9.77 3.71
C LYS D 59 -41.81 10.46 5.05
N HIS D 60 -40.78 11.29 5.17
CA HIS D 60 -40.51 11.97 6.43
C HIS D 60 -41.64 12.93 6.78
N GLU D 61 -42.13 13.70 5.81
CA GLU D 61 -43.19 14.66 6.07
C GLU D 61 -44.46 13.95 6.55
N ALA D 62 -44.86 12.91 5.84
CA ALA D 62 -46.06 12.16 6.22
C ALA D 62 -45.88 11.49 7.57
N LEU D 63 -44.68 10.95 7.83
CA LEU D 63 -44.43 10.31 9.11
C LEU D 63 -44.53 11.29 10.26
N LEU D 64 -43.93 12.47 10.12
CA LEU D 64 -44.02 13.47 11.17
C LEU D 64 -45.45 13.95 11.36
N ALA D 65 -46.18 14.17 10.26
CA ALA D 65 -47.57 14.57 10.36
C ALA D 65 -48.43 13.52 11.03
N TYR D 66 -48.14 12.24 10.81
CA TYR D 66 -48.90 11.17 11.44
C TYR D 66 -48.55 11.03 12.92
N LEU D 67 -47.27 11.15 13.26
CA LEU D 67 -46.87 11.02 14.67
C LEU D 67 -47.31 12.23 15.48
N SER D 68 -47.50 13.39 14.83
CA SER D 68 -47.99 14.55 15.55
C SER D 68 -49.39 14.37 16.11
N THR D 69 -50.19 13.50 15.50
CA THR D 69 -51.54 13.23 15.98
C THR D 69 -51.60 12.16 17.06
N GLN D 70 -50.49 11.48 17.33
CA GLN D 70 -50.49 10.45 18.36
C GLN D 70 -50.60 11.08 19.75
N SER D 71 -51.28 10.37 20.64
CA SER D 71 -51.45 10.80 22.04
C SER D 71 -50.78 9.76 22.92
N VAL D 72 -49.54 10.03 23.30
CA VAL D 72 -48.76 9.14 24.16
C VAL D 72 -48.92 9.59 25.60
N GLU D 73 -48.93 8.62 26.52
CA GLU D 73 -48.95 8.95 27.95
C GLU D 73 -47.77 9.85 28.28
N THR D 74 -48.01 10.81 29.16
CA THR D 74 -47.05 11.87 29.42
C THR D 74 -45.72 11.28 29.88
N PRO D 75 -44.62 11.54 29.17
CA PRO D 75 -43.34 10.93 29.53
C PRO D 75 -42.84 11.43 30.86
N PRO D 76 -42.20 10.57 31.66
CA PRO D 76 -41.58 11.04 32.90
C PRO D 76 -40.36 11.89 32.63
N ASP D 77 -40.01 12.71 33.62
CA ASP D 77 -38.83 13.56 33.53
C ASP D 77 -37.60 12.70 33.78
N LEU D 78 -36.77 12.54 32.75
CA LEU D 78 -35.49 11.85 32.85
C LEU D 78 -34.38 12.89 32.89
N LEU D 79 -33.53 12.79 33.91
CA LEU D 79 -32.45 13.76 34.04
C LEU D 79 -31.22 13.08 34.65
N TYR D 80 -30.11 13.80 34.62
CA TYR D 80 -28.85 13.32 35.18
C TYR D 80 -28.60 14.02 36.51
N VAL D 81 -28.38 13.24 37.56
CA VAL D 81 -28.13 13.81 38.89
C VAL D 81 -26.81 13.30 39.44
N PRO D 82 -25.97 14.19 40.01
CA PRO D 82 -24.69 13.76 40.58
C PRO D 82 -24.89 13.18 41.98
N LEU D 83 -24.65 11.87 42.11
CA LEU D 83 -24.49 11.27 43.43
C LEU D 83 -23.14 11.57 44.04
N SER D 84 -22.21 12.12 43.25
CA SER D 84 -20.91 12.56 43.72
C SER D 84 -20.34 13.48 42.66
N GLU D 85 -19.08 13.85 42.83
CA GLU D 85 -18.37 14.62 41.82
C GLU D 85 -17.84 13.74 40.69
N ARG D 86 -18.01 12.43 40.80
CA ARG D 86 -17.53 11.48 39.79
C ARG D 86 -18.63 10.59 39.25
N LYS D 87 -19.65 10.27 40.04
CA LYS D 87 -20.72 9.37 39.65
C LYS D 87 -21.98 10.16 39.33
N VAL D 88 -22.55 9.91 38.14
CA VAL D 88 -23.79 10.54 37.71
C VAL D 88 -24.82 9.44 37.48
N ALA D 89 -25.94 9.52 38.17
CA ALA D 89 -27.03 8.57 37.97
C ALA D 89 -28.14 9.20 37.14
N VAL D 90 -29.06 8.35 36.70
CA VAL D 90 -30.23 8.76 35.93
C VAL D 90 -31.41 8.78 36.89
N LEU D 91 -32.06 9.94 36.99
CA LEU D 91 -33.20 10.13 37.87
C LEU D 91 -34.48 10.25 37.04
N THR D 92 -35.51 9.54 37.48
CA THR D 92 -36.82 9.56 36.86
C THR D 92 -37.81 10.21 37.83
N LEU D 93 -38.53 11.20 37.35
CA LEU D 93 -39.48 11.96 38.15
C LEU D 93 -40.81 12.05 37.42
N PRO D 94 -41.88 12.36 38.13
CA PRO D 94 -43.15 12.65 37.44
C PRO D 94 -42.98 13.86 36.53
N SER D 95 -43.76 13.87 35.45
CA SER D 95 -43.63 14.91 34.44
C SER D 95 -43.88 16.29 35.06
N GLY D 96 -43.04 17.25 34.69
CA GLY D 96 -43.14 18.60 35.19
C GLY D 96 -42.53 18.81 36.56
N GLN D 97 -41.79 17.84 37.09
CA GLN D 97 -41.19 17.97 38.42
C GLN D 97 -39.71 18.32 38.37
N GLU D 98 -39.02 18.06 37.26
CA GLU D 98 -37.59 18.30 37.21
C GLU D 98 -37.25 19.79 37.31
N ILE D 99 -38.14 20.67 36.89
CA ILE D 99 -37.91 22.11 37.07
C ILE D 99 -38.01 22.48 38.54
N HIS D 100 -38.99 21.90 39.24
CA HIS D 100 -39.11 22.12 40.68
C HIS D 100 -37.90 21.55 41.41
N LEU D 101 -37.43 20.38 40.98
CA LEU D 101 -36.21 19.81 41.56
C LEU D 101 -35.01 20.72 41.31
N ALA D 102 -34.92 21.30 40.11
CA ALA D 102 -33.82 22.20 39.80
C ALA D 102 -33.83 23.43 40.69
N GLU D 103 -35.01 24.03 40.89
CA GLU D 103 -35.07 25.22 41.74
C GLU D 103 -34.82 24.86 43.20
N ALA D 104 -35.28 23.70 43.65
CA ALA D 104 -34.97 23.24 45.00
C ALA D 104 -33.47 23.05 45.18
N VAL D 105 -32.81 22.49 44.17
CA VAL D 105 -31.36 22.31 44.24
C VAL D 105 -30.67 23.67 44.22
N GLU D 106 -31.20 24.64 43.47
CA GLU D 106 -30.64 25.99 43.53
C GLU D 106 -30.69 26.54 44.95
N GLY D 107 -31.84 26.37 45.62
CA GLY D 107 -31.94 26.78 47.00
C GLY D 107 -30.95 26.06 47.90
N LEU D 108 -30.79 24.75 47.70
CA LEU D 108 -29.86 23.98 48.51
C LEU D 108 -28.42 24.43 48.29
N LEU D 109 -28.07 24.77 47.05
CA LEU D 109 -26.73 25.26 46.77
C LEU D 109 -26.49 26.63 47.38
N LEU D 110 -27.51 27.49 47.39
CA LEU D 110 -27.37 28.76 48.11
C LEU D 110 -27.37 28.57 49.62
N GLU D 111 -27.81 27.41 50.12
CA GLU D 111 -27.77 27.15 51.56
C GLU D 111 -26.36 27.17 52.15
N VAL D 112 -25.31 27.30 51.33
CA VAL D 112 -23.97 27.41 51.89
C VAL D 112 -23.82 28.70 52.70
N ASN D 113 -24.40 29.79 52.19
CA ASN D 113 -24.40 31.03 52.95
C ASN D 113 -25.20 30.90 54.23
N ARG D 114 -26.31 30.17 54.19
CA ARG D 114 -27.08 29.91 55.40
C ARG D 114 -26.25 29.13 56.41
N LEU D 115 -25.48 28.15 55.94
CA LEU D 115 -24.60 27.39 56.82
C LEU D 115 -23.54 28.27 57.45
N ASP D 116 -22.95 29.18 56.65
CA ASP D 116 -21.94 30.09 57.18
C ASP D 116 -22.54 31.01 58.25
N GLU D 117 -23.73 31.55 57.99
CA GLU D 117 -24.39 32.38 58.98
C GLU D 117 -24.70 31.58 60.25
N LEU D 118 -25.12 30.32 60.10
CA LEU D 118 -25.35 29.48 61.27
C LEU D 118 -24.07 29.28 62.05
N PHE D 119 -22.95 29.10 61.35
CA PHE D 119 -21.66 28.93 62.00
C PHE D 119 -21.10 30.21 62.61
N ARG D 120 -21.67 31.36 62.25
CA ARG D 120 -21.36 32.60 62.96
C ARG D 120 -22.47 33.02 63.92
N GLN D 121 -23.42 32.14 64.21
CA GLN D 121 -24.49 32.44 65.15
C GLN D 121 -24.00 32.27 66.60
N GLY D 122 -24.85 32.72 67.52
CA GLY D 122 -24.49 32.66 68.93
C GLY D 122 -24.43 31.26 69.49
N SER D 123 -25.39 30.40 69.13
CA SER D 123 -25.48 29.08 69.74
C SER D 123 -24.33 28.17 69.31
N PHE D 124 -24.08 28.09 68.00
CA PHE D 124 -22.97 27.27 67.54
C PHE D 124 -21.65 27.77 68.09
N LEU D 125 -21.47 29.09 68.13
CA LEU D 125 -20.20 29.63 68.59
C LEU D 125 -20.02 29.45 70.09
N ARG D 126 -21.10 29.51 70.87
CA ARG D 126 -20.96 29.26 72.31
C ARG D 126 -20.66 27.79 72.56
N GLU D 127 -21.24 26.89 71.78
CA GLU D 127 -20.88 25.48 71.91
C GLU D 127 -19.42 25.25 71.51
N LYS D 128 -18.97 25.90 70.43
CA LYS D 128 -17.59 25.77 70.00
C LYS D 128 -16.63 26.31 71.06
N THR D 129 -16.96 27.44 71.68
CA THR D 129 -16.10 28.01 72.71
C THR D 129 -16.12 27.16 73.97
N GLN D 130 -17.25 26.51 74.29
CA GLN D 130 -17.25 25.58 75.40
C GLN D 130 -16.36 24.37 75.12
N LEU D 131 -16.39 23.87 73.89
CA LEU D 131 -15.49 22.77 73.52
C LEU D 131 -14.03 23.20 73.63
N GLU D 132 -13.71 24.38 73.10
CA GLU D 132 -12.34 24.88 73.18
C GLU D 132 -11.93 25.14 74.63
N ALA D 133 -12.86 25.62 75.46
CA ALA D 133 -12.55 25.83 76.87
C ALA D 133 -12.30 24.51 77.58
N ARG D 134 -13.06 23.47 77.25
CA ARG D 134 -12.80 22.15 77.83
C ARG D 134 -11.41 21.66 77.45
N PHE D 135 -11.05 21.77 76.17
CA PHE D 135 -9.73 21.32 75.74
C PHE D 135 -8.62 22.13 76.38
N LYS D 136 -8.79 23.46 76.45
CA LYS D 136 -7.78 24.31 77.05
C LYS D 136 -7.64 24.03 78.54
N GLU D 137 -8.76 23.77 79.22
CA GLU D 137 -8.70 23.42 80.64
C GLU D 137 -7.99 22.11 80.85
N ALA D 138 -8.24 21.12 79.99
CA ALA D 138 -7.51 19.85 80.09
C ALA D 138 -6.01 20.07 79.89
N ARG D 139 -5.65 20.85 78.89
CA ARG D 139 -4.24 21.13 78.63
C ARG D 139 -3.61 21.85 79.83
N GLU D 140 -4.30 22.85 80.37
CA GLU D 140 -3.77 23.61 81.48
C GLU D 140 -3.63 22.75 82.73
N GLN D 141 -4.58 21.83 82.94
CA GLN D 141 -4.46 20.90 84.06
C GLN D 141 -3.26 19.98 83.88
N GLN D 142 -3.03 19.50 82.66
CA GLN D 142 -1.88 18.64 82.41
C GLN D 142 -0.57 19.40 82.65
N LEU D 143 -0.50 20.65 82.16
CA LEU D 143 0.65 21.50 82.44
C LEU D 143 0.84 21.77 83.93
N GLU D 144 -0.24 22.04 84.65
CA GLU D 144 -0.15 22.29 86.09
C GLU D 144 0.37 21.06 86.82
N ALA D 145 -0.12 19.87 86.48
CA ALA D 145 0.39 18.65 87.08
C ALA D 145 1.87 18.45 86.75
N LEU D 146 2.25 18.69 85.50
CA LEU D 146 3.65 18.53 85.10
C LEU D 146 4.55 19.48 85.89
N ARG D 147 4.15 20.75 86.00
CA ARG D 147 4.97 21.71 86.74
C ARG D 147 5.00 21.38 88.22
N ARG D 148 3.88 20.92 88.79
CA ARG D 148 3.86 20.56 90.20
C ARG D 148 4.78 19.39 90.50
N GLU D 149 4.79 18.39 89.63
CA GLU D 149 5.70 17.26 89.82
C GLU D 149 7.13 17.58 89.40
N ALA D 150 7.35 18.66 88.65
CA ALA D 150 8.70 19.07 88.29
C ALA D 150 9.37 19.91 89.38
N GLN D 151 8.62 20.84 89.97
CA GLN D 151 9.17 21.65 91.06
C GLN D 151 9.41 20.83 92.31
N GLU D 152 8.88 19.61 92.39
CA GLU D 152 9.21 18.73 93.51
C GLU D 152 10.69 18.39 93.52
N ALA D 153 11.29 18.22 92.34
CA ALA D 153 12.71 17.95 92.21
C ALA D 153 13.52 19.24 92.03
N GLY D 154 12.87 20.40 92.11
CA GLY D 154 13.57 21.66 91.99
C GLY D 154 13.68 22.21 90.59
N PHE D 155 12.88 21.72 89.65
CA PHE D 155 12.91 22.17 88.27
C PHE D 155 11.65 22.97 87.97
N ALA D 156 11.82 24.21 87.52
CA ALA D 156 10.72 25.05 87.08
C ALA D 156 10.51 24.87 85.58
N LEU D 157 9.24 24.72 85.19
CA LEU D 157 8.90 24.42 83.80
C LEU D 157 8.70 25.74 83.04
N SER D 158 9.55 25.98 82.05
CA SER D 158 9.41 27.12 81.15
C SER D 158 8.74 26.67 79.87
N THR D 159 7.59 27.26 79.55
CA THR D 159 6.83 26.94 78.35
C THR D 159 7.01 28.11 77.37
N ASN D 160 7.89 27.92 76.39
CA ASN D 160 8.20 28.95 75.42
C ASN D 160 7.75 28.51 74.03
N GLY D 161 7.07 29.40 73.32
CA GLY D 161 6.48 29.03 72.04
C GLY D 161 5.49 27.90 72.26
N GLU D 162 5.73 26.79 71.57
CA GLU D 162 4.98 25.57 71.82
C GLU D 162 5.76 24.56 72.65
N ARG D 163 7.07 24.73 72.77
CA ARG D 163 7.90 23.74 73.43
C ARG D 163 8.09 24.06 74.91
N LEU D 164 8.60 23.06 75.63
CA LEU D 164 8.70 23.08 77.08
C LEU D 164 10.09 22.65 77.50
N GLU D 165 10.61 23.28 78.55
CA GLU D 165 11.93 22.94 79.09
C GLU D 165 11.89 23.04 80.61
N LEU D 166 12.91 22.47 81.25
CA LEU D 166 13.04 22.48 82.70
C LEU D 166 14.29 23.26 83.09
N THR D 167 14.17 24.08 84.14
CA THR D 167 15.29 24.85 84.66
C THR D 167 15.47 24.49 86.14
N GLY D 168 16.57 23.83 86.45
CA GLY D 168 16.84 23.41 87.81
C GLY D 168 18.31 23.46 88.17
N PRO D 169 18.68 22.80 89.27
CA PRO D 169 20.09 22.82 89.69
C PRO D 169 21.02 22.12 88.71
N GLY D 170 20.70 20.88 88.34
CA GLY D 170 21.54 20.11 87.47
C GLY D 170 20.78 19.40 86.37
N PRO D 171 21.24 18.21 85.99
CA PRO D 171 20.57 17.47 84.92
C PRO D 171 19.17 17.03 85.33
N VAL D 172 18.28 16.99 84.35
CA VAL D 172 16.90 16.58 84.62
C VAL D 172 16.85 15.07 84.81
N PRO D 173 16.04 14.56 85.73
CA PRO D 173 15.89 13.11 85.87
C PRO D 173 15.15 12.52 84.67
N ALA D 174 15.39 11.23 84.45
CA ALA D 174 14.82 10.55 83.30
C ALA D 174 13.29 10.54 83.35
N GLU D 175 12.74 10.28 84.54
CA GLU D 175 11.28 10.22 84.66
C GLU D 175 10.63 11.58 84.39
N LEU D 176 11.24 12.67 84.88
CA LEU D 176 10.69 14.00 84.59
C LEU D 176 10.85 14.37 83.12
N SER D 177 11.95 13.95 82.48
CA SER D 177 12.08 14.18 81.04
C SER D 177 11.01 13.41 80.27
N ALA D 178 10.74 12.17 80.67
CA ALA D 178 9.69 11.39 80.04
C ALA D 178 8.33 12.05 80.23
N ARG D 179 8.06 12.55 81.44
CA ARG D 179 6.80 13.24 81.70
C ARG D 179 6.69 14.50 80.85
N LEU D 180 7.79 15.24 80.69
CA LEU D 180 7.79 16.44 79.87
C LEU D 180 7.50 16.12 78.41
N GLU D 181 8.15 15.08 77.87
CA GLU D 181 7.92 14.72 76.48
C GLU D 181 6.51 14.19 76.29
N GLU D 182 6.00 13.44 77.27
CA GLU D 182 4.62 12.97 77.22
C GLU D 182 3.64 14.13 77.21
N VAL D 183 3.90 15.15 78.03
CA VAL D 183 3.02 16.32 78.07
C VAL D 183 3.05 17.05 76.73
N THR D 184 4.24 17.20 76.14
CA THR D 184 4.33 17.86 74.84
C THR D 184 3.58 17.09 73.76
N LEU D 185 3.80 15.77 73.69
CA LEU D 185 3.12 14.96 72.69
C LEU D 185 1.61 14.94 72.91
N GLY D 186 1.18 14.87 74.17
CA GLY D 186 -0.23 14.93 74.47
C GLY D 186 -0.86 16.27 74.13
N SER D 187 -0.11 17.36 74.29
CA SER D 187 -0.62 18.67 73.87
C SER D 187 -0.78 18.74 72.36
N LEU D 188 0.20 18.19 71.62
CA LEU D 188 0.05 18.16 70.16
C LEU D 188 -1.14 17.32 69.74
N ALA D 189 -1.30 16.14 70.36
CA ALA D 189 -2.44 15.29 70.05
C ALA D 189 -3.75 15.94 70.45
N ALA D 190 -3.74 16.70 71.55
CA ALA D 190 -4.93 17.42 71.99
C ALA D 190 -5.30 18.52 71.01
N SER D 191 -4.32 19.21 70.44
CA SER D 191 -4.62 20.19 69.40
C SER D 191 -5.20 19.51 68.17
N ALA D 192 -4.63 18.37 67.77
CA ALA D 192 -5.15 17.65 66.61
C ALA D 192 -6.58 17.18 66.84
N GLU D 193 -6.85 16.61 68.02
CA GLU D 193 -8.22 16.15 68.30
C GLU D 193 -9.17 17.31 68.55
N LEU D 194 -8.65 18.46 68.98
CA LEU D 194 -9.48 19.67 69.01
C LEU D 194 -9.92 20.06 67.62
N GLU D 195 -9.00 20.00 66.66
CA GLU D 195 -9.37 20.31 65.27
C GLU D 195 -10.40 19.31 64.75
N VAL D 196 -10.18 18.02 64.99
CA VAL D 196 -11.12 17.04 64.46
C VAL D 196 -12.47 17.14 65.18
N ALA D 197 -12.47 17.48 66.47
CA ALA D 197 -13.73 17.65 67.19
C ALA D 197 -14.47 18.90 66.74
N LEU D 198 -13.74 19.96 66.40
CA LEU D 198 -14.38 21.13 65.80
C LEU D 198 -15.01 20.78 64.46
N ARG D 199 -14.32 19.98 63.65
CA ARG D 199 -14.90 19.54 62.38
C ARG D 199 -16.15 18.68 62.62
N ARG D 200 -16.09 17.79 63.60
CA ARG D 200 -17.26 16.97 63.93
C ARG D 200 -18.43 17.83 64.40
N LEU D 201 -18.16 18.84 65.24
CA LEU D 201 -19.21 19.72 65.71
C LEU D 201 -19.82 20.51 64.56
N ARG D 202 -18.99 21.02 63.65
CA ARG D 202 -19.49 21.74 62.49
C ARG D 202 -20.36 20.83 61.63
N ARG D 203 -19.91 19.60 61.38
CA ARG D 203 -20.69 18.68 60.57
C ARG D 203 -22.00 18.33 61.24
N ASP D 204 -21.98 18.11 62.56
CA ASP D 204 -23.21 17.77 63.28
C ASP D 204 -24.20 18.92 63.24
N TRP D 205 -23.75 20.15 63.47
CA TRP D 205 -24.64 21.29 63.42
C TRP D 205 -25.18 21.50 62.01
N ALA D 206 -24.33 21.33 61.00
CA ALA D 206 -24.79 21.45 59.62
C ALA D 206 -25.84 20.40 59.28
N LEU D 207 -25.61 19.15 59.70
CA LEU D 207 -26.58 18.09 59.43
C LEU D 207 -27.90 18.36 60.14
N HIS D 208 -27.83 18.82 61.40
CA HIS D 208 -29.06 19.14 62.13
C HIS D 208 -29.82 20.29 61.45
N TYR D 209 -29.11 21.30 60.97
CA TYR D 209 -29.78 22.40 60.28
C TYR D 209 -30.36 21.97 58.94
N LEU D 210 -29.62 21.13 58.20
CA LEU D 210 -30.05 20.72 56.87
C LEU D 210 -31.11 19.64 56.88
N ASN D 211 -31.29 18.93 58.00
CA ASN D 211 -32.37 17.96 58.08
C ASN D 211 -33.73 18.61 57.90
N ASN D 212 -33.94 19.75 58.57
CA ASN D 212 -35.21 20.46 58.45
C ASN D 212 -35.41 21.10 57.09
N ARG D 213 -34.33 21.30 56.33
CA ARG D 213 -34.43 21.83 54.98
C ARG D 213 -34.58 20.74 53.93
N PHE D 214 -34.13 19.52 54.23
CA PHE D 214 -34.21 18.42 53.28
C PHE D 214 -35.43 17.53 53.49
N GLU D 215 -36.05 17.55 54.68
CA GLU D 215 -37.27 16.75 54.86
C GLU D 215 -38.37 17.19 53.91
N PRO D 216 -38.70 18.48 53.77
CA PRO D 216 -39.70 18.85 52.76
C PRO D 216 -39.31 18.45 51.35
N LEU D 217 -38.03 18.53 51.00
CA LEU D 217 -37.58 18.10 49.68
C LEU D 217 -37.50 16.58 49.57
N PHE D 218 -37.26 15.87 50.67
CA PHE D 218 -37.38 14.43 50.66
C PHE D 218 -38.81 13.98 50.42
N GLN D 219 -39.79 14.70 50.97
CA GLN D 219 -41.19 14.40 50.74
C GLN D 219 -41.65 14.79 49.34
N ARG D 220 -41.20 15.95 48.85
CA ARG D 220 -41.63 16.41 47.53
C ARG D 220 -41.07 15.53 46.41
N PHE D 221 -39.83 15.07 46.55
CA PHE D 221 -39.16 14.28 45.53
C PHE D 221 -38.64 12.98 46.14
N PRO D 222 -39.53 12.02 46.40
CA PRO D 222 -39.07 10.73 46.92
C PRO D 222 -38.16 9.98 45.96
N GLN D 223 -38.31 10.21 44.65
CA GLN D 223 -37.43 9.55 43.69
C GLN D 223 -36.01 10.07 43.78
N ALA D 224 -35.84 11.36 44.09
CA ALA D 224 -34.52 11.98 44.21
C ALA D 224 -33.90 11.80 45.59
N ARG D 225 -34.33 10.77 46.33
CA ARG D 225 -33.85 10.57 47.68
C ARG D 225 -32.33 10.36 47.71
N ALA D 226 -31.81 9.54 46.81
CA ALA D 226 -30.38 9.28 46.77
C ALA D 226 -29.60 10.54 46.41
N TYR D 227 -30.03 11.24 45.36
CA TYR D 227 -29.32 12.44 44.93
C TYR D 227 -29.40 13.54 45.98
N LEU D 228 -30.57 13.72 46.60
CA LEU D 228 -30.70 14.73 47.65
C LEU D 228 -29.86 14.37 48.87
N GLU D 229 -29.80 13.09 49.23
CA GLU D 229 -28.93 12.68 50.33
C GLU D 229 -27.47 12.93 50.01
N ALA D 230 -27.06 12.67 48.77
CA ALA D 230 -25.68 12.95 48.36
C ALA D 230 -25.38 14.43 48.42
N LEU D 231 -26.34 15.26 47.98
CA LEU D 231 -26.15 16.71 48.04
C LEU D 231 -26.06 17.20 49.48
N ARG D 232 -26.88 16.64 50.36
CA ARG D 232 -26.80 17.00 51.78
C ARG D 232 -25.47 16.59 52.38
N ALA D 233 -24.98 15.40 52.02
CA ALA D 233 -23.67 14.97 52.50
C ALA D 233 -22.57 15.89 52.00
N ARG D 234 -22.66 16.32 50.74
CA ARG D 234 -21.68 17.27 50.22
C ARG D 234 -21.76 18.62 50.93
N LEU D 235 -22.97 19.09 51.24
CA LEU D 235 -23.11 20.33 51.98
C LEU D 235 -22.49 20.20 53.38
N ALA D 236 -22.71 19.06 54.03
CA ALA D 236 -22.08 18.83 55.34
C ALA D 236 -20.56 18.77 55.23
N ARG D 237 -20.04 18.15 54.17
CA ARG D 237 -18.60 18.11 53.97
C ARG D 237 -18.03 19.50 53.76
N TYR D 238 -18.73 20.34 52.99
CA TYR D 238 -18.32 21.72 52.84
C TYR D 238 -18.33 22.45 54.17
N ALA D 239 -19.37 22.20 54.98
CA ALA D 239 -19.48 22.86 56.27
C ALA D 239 -18.33 22.47 57.20
N GLU D 240 -17.97 21.19 57.24
CA GLU D 240 -16.97 20.74 58.19
C GLU D 240 -15.55 21.03 57.71
N THR D 241 -15.27 20.79 56.44
CA THR D 241 -13.91 20.94 55.92
C THR D 241 -13.65 22.29 55.27
N GLY D 242 -14.69 23.03 54.91
CA GLY D 242 -14.51 24.27 54.21
C GLY D 242 -14.23 24.15 52.73
N GLU D 243 -14.27 22.94 52.18
CA GLU D 243 -14.00 22.75 50.77
C GLU D 243 -15.11 23.41 49.94
N PRO D 244 -14.77 24.31 49.02
CA PRO D 244 -15.82 25.01 48.26
C PRO D 244 -16.61 24.04 47.40
N LEU D 245 -17.90 24.34 47.27
CA LEU D 245 -18.83 23.52 46.51
C LEU D 245 -19.04 24.16 45.14
N ASP D 246 -18.80 23.40 44.08
CA ASP D 246 -19.02 23.90 42.74
C ASP D 246 -20.47 23.66 42.33
N PRO D 247 -21.26 24.72 42.14
CA PRO D 247 -22.66 24.50 41.76
C PRO D 247 -22.82 23.77 40.43
N ALA D 248 -21.90 23.97 39.50
CA ALA D 248 -21.99 23.36 38.18
C ALA D 248 -21.73 21.86 38.25
N GLN D 249 -21.17 21.39 39.37
CA GLN D 249 -20.93 19.98 39.57
C GLN D 249 -22.05 19.27 40.33
N TRP D 250 -22.95 20.02 40.98
CA TRP D 250 -24.02 19.42 41.76
C TRP D 250 -25.39 19.87 41.28
N ARG D 251 -25.45 20.55 40.15
CA ARG D 251 -26.74 20.87 39.54
C ARG D 251 -27.29 19.65 38.80
N PRO D 252 -28.58 19.36 38.95
CA PRO D 252 -29.16 18.25 38.18
C PRO D 252 -29.27 18.64 36.70
N ASN D 253 -28.76 17.77 35.84
CA ASN D 253 -28.72 18.05 34.41
C ASN D 253 -30.08 17.77 33.81
N LEU D 254 -30.89 18.81 33.68
CA LEU D 254 -32.16 18.70 32.97
C LEU D 254 -31.89 18.57 31.49
N LEU D 255 -31.81 17.34 31.00
CA LEU D 255 -31.42 17.08 29.62
C LEU D 255 -32.36 17.75 28.63
N THR D 256 -33.64 17.38 28.68
CA THR D 256 -34.64 17.95 27.78
C THR D 256 -35.87 18.36 28.59
N SER D 257 -36.61 19.32 28.05
CA SER D 257 -37.80 19.82 28.71
C SER D 257 -38.87 18.73 28.78
N SER D 258 -39.76 18.86 29.75
CA SER D 258 -40.84 17.89 29.93
C SER D 258 -41.82 17.97 28.77
N SER D 259 -42.09 16.83 28.14
CA SER D 259 -43.06 16.79 27.06
C SER D 259 -44.45 16.47 27.61
N SER D 260 -45.46 17.02 26.95
CA SER D 260 -46.85 16.82 27.34
C SER D 260 -47.41 15.48 26.88
N GLY D 261 -46.74 14.79 25.97
CA GLY D 261 -47.24 13.54 25.43
C GLY D 261 -48.26 13.69 24.32
N THR D 262 -48.64 14.91 23.97
CA THR D 262 -49.59 15.16 22.89
C THR D 262 -49.38 16.56 22.34
N PRO D 263 -48.60 16.70 21.25
CA PRO D 263 -47.92 15.62 20.52
C PRO D 263 -46.74 15.02 21.27
N PRO D 264 -46.42 13.76 21.01
CA PRO D 264 -45.32 13.11 21.71
C PRO D 264 -43.99 13.67 21.24
N PRO D 265 -42.90 13.43 21.97
CA PRO D 265 -41.59 13.92 21.52
C PRO D 265 -41.16 13.23 20.24
N ILE D 266 -41.17 13.99 19.14
CA ILE D 266 -40.83 13.49 17.82
C ILE D 266 -39.47 14.07 17.45
N VAL D 267 -38.48 13.20 17.29
CA VAL D 267 -37.10 13.63 17.05
C VAL D 267 -36.67 13.02 15.72
N TYR D 268 -36.62 13.84 14.68
CA TYR D 268 -36.06 13.44 13.39
C TYR D 268 -34.60 13.85 13.38
N GLU D 269 -33.70 12.86 13.33
CA GLU D 269 -32.27 13.13 13.28
C GLU D 269 -31.75 12.75 11.90
N PRO D 270 -31.74 13.68 10.95
CA PRO D 270 -31.27 13.34 9.59
C PRO D 270 -29.82 12.91 9.55
N TYR D 271 -29.01 13.37 10.49
CA TYR D 271 -27.57 13.07 10.52
C TYR D 271 -27.30 12.22 11.75
N ALA D 272 -27.29 10.91 11.57
CA ALA D 272 -27.17 9.95 12.68
C ALA D 272 -25.69 9.81 13.02
N THR D 273 -25.18 10.77 13.80
CA THR D 273 -23.81 10.76 14.26
C THR D 273 -23.82 10.51 15.76
N ALA D 274 -22.81 9.77 16.24
CA ALA D 274 -22.82 9.32 17.63
C ALA D 274 -22.99 10.43 18.66
N PRO D 275 -22.25 11.56 18.61
CA PRO D 275 -22.57 12.67 19.51
C PRO D 275 -23.97 13.21 19.31
N ARG D 276 -24.44 13.24 18.06
CA ARG D 276 -25.77 13.75 17.77
C ARG D 276 -26.86 12.79 18.26
N LEU D 277 -26.58 11.49 18.24
CA LEU D 277 -27.58 10.50 18.62
C LEU D 277 -27.60 10.28 20.13
N PHE D 278 -26.45 9.90 20.69
CA PHE D 278 -26.38 9.47 22.08
C PHE D 278 -25.99 10.58 23.03
N GLY D 279 -25.75 11.79 22.53
CA GLY D 279 -25.33 12.89 23.36
C GLY D 279 -23.84 12.91 23.59
N ARG D 280 -23.23 14.09 23.48
CA ARG D 280 -21.79 14.24 23.68
C ARG D 280 -21.51 14.62 25.13
N LEU D 281 -20.47 14.03 25.70
CA LEU D 281 -20.04 14.36 27.05
C LEU D 281 -18.95 15.42 26.94
N ASP D 282 -19.33 16.67 27.10
CA ASP D 282 -18.40 17.77 26.95
C ASP D 282 -17.36 17.76 28.07
N TYR D 283 -16.13 18.13 27.70
CA TYR D 283 -15.00 18.15 28.62
C TYR D 283 -14.43 19.56 28.69
N LEU D 284 -13.88 19.91 29.85
CA LEU D 284 -13.19 21.18 30.06
C LEU D 284 -11.71 20.94 30.33
N VAL D 285 -10.87 21.70 29.66
CA VAL D 285 -9.43 21.66 29.88
C VAL D 285 -9.03 22.94 30.60
N ASP D 286 -8.54 22.80 31.83
CA ASP D 286 -8.00 23.92 32.59
C ASP D 286 -6.50 23.71 32.74
N ARG D 287 -5.72 24.61 32.14
CA ARG D 287 -4.27 24.60 32.20
C ARG D 287 -3.67 23.27 31.74
N GLY D 288 -4.34 22.58 30.83
CA GLY D 288 -3.88 21.30 30.33
C GLY D 288 -4.43 20.09 31.05
N VAL D 289 -5.38 20.28 31.97
CA VAL D 289 -5.96 19.19 32.75
C VAL D 289 -7.39 18.98 32.28
N TRP D 290 -7.76 17.72 32.06
CA TRP D 290 -9.10 17.38 31.60
C TRP D 290 -10.00 17.08 32.80
N SER D 291 -11.20 17.67 32.78
CA SER D 291 -12.18 17.45 33.84
C SER D 291 -13.55 17.88 33.31
N THR D 292 -14.58 17.15 33.75
CA THR D 292 -15.94 17.43 33.33
C THR D 292 -16.88 17.24 34.52
N ASN D 293 -18.04 17.89 34.43
CA ASN D 293 -19.08 17.79 35.44
C ASN D 293 -20.41 17.43 34.79
N VAL D 294 -21.45 17.32 35.62
CA VAL D 294 -22.75 16.84 35.14
C VAL D 294 -23.36 17.83 34.16
N SER D 295 -23.16 19.12 34.40
CA SER D 295 -23.78 20.16 33.58
C SER D 295 -23.28 20.19 32.16
N LEU D 296 -22.21 19.49 31.81
CA LEU D 296 -21.68 19.49 30.45
C LEU D 296 -22.23 18.37 29.59
N ILE D 297 -22.99 17.43 30.15
CA ILE D 297 -23.55 16.34 29.36
C ILE D 297 -24.59 16.92 28.42
N ARG D 298 -24.30 16.87 27.12
CA ARG D 298 -25.25 17.44 26.16
C ARG D 298 -26.28 16.39 25.75
N PRO D 299 -27.53 16.80 25.59
CA PRO D 299 -28.56 15.84 25.15
C PRO D 299 -28.48 15.58 23.66
N GLY D 300 -28.51 14.31 23.30
CA GLY D 300 -28.52 13.89 21.92
C GLY D 300 -29.93 13.70 21.40
N ALA D 301 -30.04 12.93 20.32
CA ALA D 301 -31.35 12.62 19.76
C ALA D 301 -32.13 11.61 20.60
N VAL D 302 -31.43 10.67 21.24
CA VAL D 302 -32.09 9.70 22.11
C VAL D 302 -32.74 10.40 23.29
N HIS D 303 -32.04 11.35 23.91
CA HIS D 303 -32.55 12.03 25.09
C HIS D 303 -33.82 12.82 24.79
N ARG D 304 -33.87 13.51 23.65
CA ARG D 304 -35.07 14.26 23.30
C ARG D 304 -36.23 13.39 22.87
N ALA D 305 -36.00 12.09 22.65
CA ALA D 305 -37.03 11.20 22.14
C ALA D 305 -37.59 10.28 23.22
N GLN D 306 -37.29 10.55 24.48
CA GLN D 306 -37.79 9.70 25.57
C GLN D 306 -39.30 9.76 25.64
N GLY D 307 -39.93 8.60 25.66
CA GLY D 307 -41.38 8.54 25.64
C GLY D 307 -42.00 8.90 24.31
N GLY D 308 -41.20 9.00 23.25
CA GLY D 308 -41.71 9.38 21.95
C GLY D 308 -41.11 8.55 20.83
N TYR D 309 -40.81 9.19 19.70
CA TYR D 309 -40.34 8.51 18.52
C TYR D 309 -39.07 9.16 18.01
N LEU D 310 -38.11 8.34 17.60
CA LEU D 310 -36.85 8.82 17.03
C LEU D 310 -36.81 8.37 15.58
N ILE D 311 -37.05 9.31 14.67
CA ILE D 311 -37.05 9.02 13.24
C ILE D 311 -35.62 9.19 12.72
N LEU D 312 -35.07 8.12 12.17
CA LEU D 312 -33.71 8.13 11.65
C LEU D 312 -33.71 7.74 10.17
N ASP D 313 -32.51 7.73 9.59
CA ASP D 313 -32.31 7.33 8.21
C ASP D 313 -31.32 6.19 8.17
N ALA D 314 -31.63 5.15 7.40
CA ALA D 314 -30.70 4.05 7.23
C ALA D 314 -29.43 4.51 6.52
N LEU D 315 -29.56 5.43 5.57
CA LEU D 315 -28.39 6.00 4.92
C LEU D 315 -27.50 6.72 5.92
N SER D 316 -28.11 7.45 6.86
CA SER D 316 -27.32 8.11 7.90
C SER D 316 -26.68 7.11 8.86
N LEU D 317 -27.37 6.01 9.17
CA LEU D 317 -26.79 5.00 10.06
C LEU D 317 -25.63 4.26 9.42
N LYS D 318 -25.68 4.02 8.11
CA LYS D 318 -24.59 3.33 7.44
C LYS D 318 -23.48 4.27 6.99
N ARG D 319 -23.79 5.54 6.76
CA ARG D 319 -22.77 6.50 6.32
C ARG D 319 -21.86 6.92 7.46
N GLU D 320 -22.40 7.07 8.66
CA GLU D 320 -21.62 7.47 9.83
C GLU D 320 -21.11 6.26 10.61
N GLY D 321 -21.44 5.05 10.20
CA GLY D 321 -20.97 3.85 10.85
C GLY D 321 -21.48 3.70 12.27
N THR D 322 -22.60 4.35 12.57
CA THR D 322 -23.18 4.31 13.90
C THR D 322 -24.15 3.16 14.09
N TRP D 323 -24.32 2.29 13.09
CA TRP D 323 -25.31 1.23 13.19
C TRP D 323 -24.97 0.25 14.31
N GLU D 324 -23.69 -0.08 14.48
CA GLU D 324 -23.32 -1.07 15.49
C GLU D 324 -23.59 -0.54 16.89
N ALA D 325 -23.19 0.71 17.18
CA ALA D 325 -23.43 1.27 18.49
C ALA D 325 -24.93 1.47 18.74
N PHE D 326 -25.67 1.87 17.71
CA PHE D 326 -27.12 2.04 17.85
C PHE D 326 -27.79 0.71 18.13
N LYS D 327 -27.36 -0.35 17.45
CA LYS D 327 -27.83 -1.70 17.75
C LYS D 327 -27.50 -2.11 19.19
N ARG D 328 -26.29 -1.78 19.64
CA ARG D 328 -25.91 -2.11 21.01
C ARG D 328 -26.82 -1.40 22.00
N ALA D 329 -27.10 -0.12 21.77
CA ALA D 329 -27.96 0.64 22.66
C ALA D 329 -29.38 0.07 22.67
N LEU D 330 -29.90 -0.30 21.50
CA LEU D 330 -31.24 -0.86 21.44
C LEU D 330 -31.32 -2.21 22.14
N ARG D 331 -30.30 -3.07 21.95
CA ARG D 331 -30.33 -4.38 22.60
C ARG D 331 -30.20 -4.27 24.11
N ASN D 332 -29.28 -3.44 24.61
CA ASN D 332 -29.14 -3.29 26.04
C ASN D 332 -30.29 -2.51 26.66
N GLY D 333 -30.96 -1.67 25.88
CA GLY D 333 -31.97 -0.80 26.43
C GLY D 333 -31.42 0.36 27.21
N GLN D 334 -30.10 0.55 27.17
CA GLN D 334 -29.42 1.62 27.88
C GLN D 334 -28.31 2.14 27.00
N VAL D 335 -27.90 3.38 27.26
CA VAL D 335 -26.83 4.00 26.49
C VAL D 335 -26.18 5.09 27.33
N GLU D 336 -24.87 5.27 27.14
CA GLU D 336 -24.14 6.33 27.80
C GLU D 336 -23.67 7.36 26.78
N PRO D 337 -23.56 8.63 27.17
CA PRO D 337 -23.05 9.63 26.22
C PRO D 337 -21.63 9.31 25.79
N VAL D 338 -21.33 9.67 24.54
CA VAL D 338 -20.04 9.33 23.94
C VAL D 338 -18.93 10.04 24.70
N THR D 339 -17.87 9.30 25.03
CA THR D 339 -16.73 9.83 25.76
C THR D 339 -15.55 10.02 24.82
N GLU D 340 -14.95 11.22 24.86
CA GLU D 340 -13.80 11.52 24.02
C GLU D 340 -12.54 10.92 24.63
N PRO D 341 -11.78 10.13 23.86
CA PRO D 341 -10.59 9.49 24.43
C PRO D 341 -9.49 10.45 24.85
N GLN D 342 -9.53 11.70 24.40
CA GLN D 342 -8.50 12.67 24.77
C GLN D 342 -8.46 12.94 26.27
N ALA D 343 -9.59 12.76 26.96
CA ALA D 343 -9.63 12.92 28.41
C ALA D 343 -9.23 11.61 29.08
N PRO D 344 -8.19 11.60 29.91
CA PRO D 344 -7.77 10.33 30.53
C PRO D 344 -8.85 9.68 31.37
N ALA D 345 -9.66 10.48 32.07
CA ALA D 345 -10.75 9.96 32.88
C ALA D 345 -11.82 11.02 33.00
N GLY D 346 -13.06 10.57 33.14
CA GLY D 346 -14.18 11.48 33.21
C GLY D 346 -15.17 11.15 34.30
N LEU D 347 -16.45 11.10 33.94
CA LEU D 347 -17.52 10.88 34.90
C LEU D 347 -18.00 9.44 34.82
N GLU D 348 -18.57 8.95 35.92
CA GLU D 348 -19.18 7.63 35.95
C GLU D 348 -20.68 7.76 35.68
N VAL D 349 -21.00 8.04 34.42
CA VAL D 349 -22.38 8.29 34.02
C VAL D 349 -23.13 6.97 33.96
N GLU D 350 -24.26 6.90 34.67
CA GLU D 350 -25.13 5.73 34.55
C GLU D 350 -25.70 5.66 33.14
N PRO D 351 -25.77 4.46 32.55
CA PRO D 351 -26.33 4.33 31.20
C PRO D 351 -27.77 4.81 31.15
N PHE D 352 -28.05 5.72 30.22
CA PHE D 352 -29.37 6.31 30.09
C PHE D 352 -30.35 5.31 29.51
N PRO D 353 -31.45 5.01 30.18
CA PRO D 353 -32.43 4.05 29.61
C PRO D 353 -33.07 4.59 28.35
N ILE D 354 -33.41 3.67 27.45
CA ILE D 354 -34.05 4.00 26.19
C ILE D 354 -35.53 3.64 26.31
N GLN D 355 -36.38 4.67 26.29
CA GLN D 355 -37.83 4.50 26.38
C GLN D 355 -38.53 4.93 25.10
N MET D 356 -37.81 5.02 23.99
CA MET D 356 -38.34 5.54 22.73
C MET D 356 -38.69 4.40 21.79
N GLN D 357 -39.32 4.78 20.67
CA GLN D 357 -39.54 3.89 19.54
C GLN D 357 -38.79 4.42 18.34
N VAL D 358 -37.97 3.58 17.73
CA VAL D 358 -37.18 4.00 16.57
C VAL D 358 -37.97 3.68 15.30
N ILE D 359 -38.02 4.66 14.40
CA ILE D 359 -38.70 4.50 13.11
C ILE D 359 -37.68 4.88 12.04
N LEU D 360 -37.00 3.88 11.49
CA LEU D 360 -36.05 4.13 10.42
C LEU D 360 -36.79 4.48 9.12
N VAL D 361 -36.20 5.39 8.36
CA VAL D 361 -36.77 5.81 7.08
C VAL D 361 -35.68 5.72 6.02
N GLY D 362 -36.01 5.17 4.86
CA GLY D 362 -35.05 5.09 3.79
C GLY D 362 -35.64 4.37 2.59
N THR D 363 -34.78 4.14 1.61
CA THR D 363 -35.12 3.45 0.39
C THR D 363 -34.91 1.95 0.56
N PRO D 364 -35.56 1.13 -0.26
CA PRO D 364 -35.34 -0.33 -0.15
C PRO D 364 -33.88 -0.73 -0.31
N GLU D 365 -33.14 -0.08 -1.19
CA GLU D 365 -31.72 -0.38 -1.32
C GLU D 365 -30.91 0.13 -0.14
N ALA D 366 -31.43 1.12 0.59
CA ALA D 366 -30.74 1.60 1.79
C ALA D 366 -30.78 0.57 2.91
N PHE D 367 -31.82 -0.27 2.94
CA PHE D 367 -31.97 -1.26 3.98
C PHE D 367 -31.38 -2.62 3.61
N GLU D 368 -30.85 -2.77 2.39
CA GLU D 368 -30.17 -4.00 2.03
C GLU D 368 -28.94 -4.24 2.90
N GLY D 369 -28.20 -3.19 3.22
CA GLY D 369 -27.04 -3.36 4.09
C GLY D 369 -27.42 -3.60 5.53
N LEU D 370 -28.66 -3.27 5.90
CA LEU D 370 -29.11 -3.42 7.28
C LEU D 370 -29.89 -4.70 7.52
N GLU D 371 -30.86 -5.02 6.66
CA GLU D 371 -31.69 -6.20 6.89
C GLU D 371 -30.93 -7.51 6.70
N GLU D 372 -29.74 -7.47 6.11
CA GLU D 372 -28.92 -8.68 6.06
C GLU D 372 -28.50 -9.12 7.45
N ASP D 373 -28.36 -8.18 8.37
CA ASP D 373 -28.03 -8.53 9.75
C ASP D 373 -29.22 -9.23 10.39
N PRO D 374 -29.02 -10.43 10.96
CA PRO D 374 -30.14 -11.11 11.64
C PRO D 374 -30.66 -10.36 12.86
N ALA D 375 -29.87 -9.43 13.42
CA ALA D 375 -30.30 -8.62 14.55
C ALA D 375 -31.23 -7.48 14.14
N PHE D 376 -31.05 -6.94 12.94
CA PHE D 376 -31.96 -5.89 12.47
C PHE D 376 -33.37 -6.43 12.32
N SER D 377 -33.50 -7.65 11.82
CA SER D 377 -34.81 -8.28 11.71
C SER D 377 -35.41 -8.58 13.07
N GLU D 378 -34.63 -8.50 14.15
CA GLU D 378 -35.12 -8.69 15.50
C GLU D 378 -35.51 -7.39 16.20
N LEU D 379 -34.75 -6.32 16.01
CA LEU D 379 -35.11 -5.06 16.64
C LEU D 379 -36.29 -4.41 15.93
N PHE D 380 -36.32 -4.50 14.59
CA PHE D 380 -37.35 -3.86 13.78
C PHE D 380 -38.22 -4.95 13.17
N ARG D 381 -39.25 -5.36 13.92
CA ARG D 381 -40.15 -6.39 13.43
C ARG D 381 -41.13 -5.85 12.38
N ILE D 382 -41.55 -4.60 12.52
CA ILE D 382 -42.59 -4.03 11.67
C ILE D 382 -41.94 -3.33 10.48
N ARG D 383 -42.47 -3.61 9.28
CA ARG D 383 -42.02 -3.00 8.05
C ARG D 383 -43.16 -2.18 7.47
N ALA D 384 -42.99 -0.86 7.40
CA ALA D 384 -43.97 0.04 6.81
C ALA D 384 -43.52 0.33 5.38
N GLU D 385 -43.94 -0.53 4.46
CA GLU D 385 -43.52 -0.42 3.06
C GLU D 385 -44.39 0.58 2.32
N PHE D 386 -43.75 1.44 1.54
CA PHE D 386 -44.42 2.49 0.80
C PHE D 386 -44.55 2.09 -0.66
N SER D 387 -45.78 2.07 -1.16
CA SER D 387 -46.00 1.75 -2.55
C SER D 387 -45.49 2.90 -3.43
N PRO D 388 -44.74 2.60 -4.49
CA PRO D 388 -44.31 3.67 -5.41
C PRO D 388 -45.46 4.35 -6.13
N THR D 389 -46.63 3.74 -6.18
CA THR D 389 -47.80 4.31 -6.82
C THR D 389 -49.02 4.13 -5.93
N LEU D 390 -50.01 4.98 -6.14
CA LEU D 390 -51.31 4.92 -5.50
C LEU D 390 -52.36 4.55 -6.53
N PRO D 391 -53.48 3.95 -6.11
CA PRO D 391 -54.55 3.67 -7.06
C PRO D 391 -55.07 4.95 -7.68
N ALA D 392 -55.39 4.87 -8.98
CA ALA D 392 -55.95 6.02 -9.69
C ALA D 392 -57.46 5.98 -9.56
N SER D 393 -57.95 6.59 -8.49
CA SER D 393 -59.37 6.64 -8.18
C SER D 393 -59.77 8.07 -7.86
N PRO D 394 -61.04 8.43 -8.00
CA PRO D 394 -61.47 9.77 -7.62
C PRO D 394 -61.18 10.09 -6.16
N GLU D 395 -61.20 9.10 -5.28
CA GLU D 395 -60.82 9.32 -3.90
C GLU D 395 -59.36 9.76 -3.79
N ASN D 396 -58.47 9.12 -4.55
CA ASN D 396 -57.07 9.51 -4.56
C ASN D 396 -56.86 10.89 -5.17
N CYS D 397 -57.62 11.24 -6.21
CA CYS D 397 -57.52 12.58 -6.78
C CYS D 397 -57.97 13.64 -5.78
N THR D 398 -59.06 13.37 -5.06
CA THR D 398 -59.53 14.29 -4.03
C THR D 398 -58.51 14.41 -2.90
N ALA D 399 -57.91 13.30 -2.50
CA ALA D 399 -56.88 13.34 -1.47
C ALA D 399 -55.66 14.12 -1.92
N LEU D 400 -55.26 13.96 -3.19
CA LEU D 400 -54.15 14.75 -3.72
C LEU D 400 -54.49 16.23 -3.74
N GLY D 401 -55.72 16.57 -4.10
CA GLY D 401 -56.13 17.98 -4.07
C GLY D 401 -56.10 18.54 -2.66
N GLY D 402 -56.59 17.79 -1.69
CA GLY D 402 -56.52 18.24 -0.30
C GLY D 402 -55.09 18.38 0.18
N TRP D 403 -54.21 17.46 -0.21
CA TRP D 403 -52.81 17.54 0.15
C TRP D 403 -52.17 18.79 -0.45
N LEU D 404 -52.48 19.09 -1.71
CA LEU D 404 -51.93 20.28 -2.36
C LEU D 404 -52.45 21.55 -1.68
N LEU D 405 -53.73 21.57 -1.33
CA LEU D 405 -54.28 22.72 -0.60
C LEU D 405 -53.57 22.89 0.75
N ALA D 406 -53.34 21.78 1.45
CA ALA D 406 -52.63 21.84 2.73
C ALA D 406 -51.18 22.25 2.57
N GLN D 407 -50.57 21.99 1.40
CA GLN D 407 -49.20 22.40 1.15
C GLN D 407 -49.07 23.89 0.85
N GLY D 408 -50.17 24.59 0.67
CA GLY D 408 -50.16 26.00 0.39
C GLY D 408 -50.45 26.40 -1.05
N PHE D 409 -51.24 25.62 -1.77
CA PHE D 409 -51.54 25.89 -3.17
C PHE D 409 -53.02 26.23 -3.35
N GLN D 410 -53.28 27.16 -4.26
CA GLN D 410 -54.63 27.44 -4.72
C GLN D 410 -54.77 26.85 -6.12
N LEU D 411 -55.82 26.05 -6.32
CA LEU D 411 -55.93 25.32 -7.57
C LEU D 411 -57.40 25.15 -7.94
N THR D 412 -57.63 25.01 -9.24
CA THR D 412 -58.96 24.81 -9.81
C THR D 412 -59.18 23.31 -10.03
N GLN D 413 -60.45 22.93 -10.26
CA GLN D 413 -60.76 21.53 -10.54
C GLN D 413 -60.02 21.05 -11.77
N GLY D 414 -59.93 21.88 -12.81
CA GLY D 414 -59.15 21.50 -13.98
C GLY D 414 -57.67 21.36 -13.68
N GLY D 415 -57.12 22.24 -12.83
CA GLY D 415 -55.74 22.10 -12.44
C GLY D 415 -55.49 20.83 -11.64
N LEU D 416 -56.41 20.49 -10.74
CA LEU D 416 -56.28 19.24 -9.99
C LEU D 416 -56.36 18.05 -10.93
N THR D 417 -57.25 18.10 -11.92
CA THR D 417 -57.35 17.02 -12.89
C THR D 417 -56.06 16.88 -13.69
N ARG D 418 -55.47 18.00 -14.10
CA ARG D 418 -54.22 17.94 -14.85
C ARG D 418 -53.08 17.40 -14.01
N LEU D 419 -53.00 17.81 -12.74
CA LEU D 419 -51.97 17.30 -11.85
C LEU D 419 -52.14 15.81 -11.61
N TYR D 420 -53.39 15.37 -11.43
CA TYR D 420 -53.68 13.95 -11.24
C TYR D 420 -53.31 13.13 -12.48
N ASP D 421 -53.63 13.65 -13.66
CA ASP D 421 -53.27 12.96 -14.89
C ASP D 421 -51.76 12.91 -15.08
N GLU D 422 -51.06 13.99 -14.75
CA GLU D 422 -49.61 13.98 -14.85
C GLU D 422 -49.00 13.02 -13.85
N ALA D 423 -49.59 12.89 -12.65
CA ALA D 423 -49.12 11.89 -11.70
C ALA D 423 -49.30 10.48 -12.25
N ARG D 424 -50.45 10.22 -12.89
CA ARG D 424 -50.66 8.92 -13.51
C ARG D 424 -49.65 8.67 -14.62
N ARG D 425 -49.36 9.69 -15.42
CA ARG D 425 -48.36 9.55 -16.48
C ARG D 425 -46.97 9.29 -15.92
N MET D 426 -46.62 9.98 -14.83
CA MET D 426 -45.33 9.74 -14.18
C MET D 426 -45.24 8.32 -13.66
N ALA D 427 -46.35 7.79 -13.13
CA ALA D 427 -46.40 6.39 -12.76
C ALA D 427 -46.37 5.47 -13.97
N GLU D 428 -46.57 6.01 -15.17
CA GLU D 428 -46.58 5.23 -16.42
C GLU D 428 -47.62 4.13 -16.39
N GLN D 429 -48.75 4.39 -15.74
CA GLN D 429 -49.83 3.41 -15.64
C GLN D 429 -51.16 4.15 -15.72
N ARG D 430 -52.09 3.61 -16.51
CA ARG D 430 -53.40 4.25 -16.65
C ARG D 430 -54.15 4.28 -15.33
N ASP D 431 -54.11 3.17 -14.58
CA ASP D 431 -54.91 3.00 -13.38
C ASP D 431 -54.10 3.17 -12.10
N ARG D 432 -52.91 3.76 -12.20
CA ARG D 432 -52.09 4.03 -11.02
C ARG D 432 -51.49 5.42 -11.16
N MET D 433 -51.72 6.27 -10.16
CA MET D 433 -51.06 7.57 -10.11
C MET D 433 -49.77 7.45 -9.32
N ASP D 434 -48.84 8.36 -9.59
CA ASP D 434 -47.56 8.33 -8.88
C ASP D 434 -47.75 8.69 -7.42
N ALA D 435 -47.08 7.94 -6.55
CA ALA D 435 -47.11 8.21 -5.13
C ALA D 435 -46.08 9.23 -4.70
N ARG D 436 -45.13 9.58 -5.56
CA ARG D 436 -44.11 10.55 -5.21
C ARG D 436 -44.74 11.93 -5.12
N LEU D 437 -45.18 12.32 -3.91
CA LEU D 437 -45.84 13.58 -3.71
C LEU D 437 -44.89 14.77 -3.83
N VAL D 438 -43.60 14.56 -3.63
CA VAL D 438 -42.64 15.64 -3.75
C VAL D 438 -42.54 16.11 -5.20
N GLU D 439 -42.51 15.17 -6.14
CA GLU D 439 -42.46 15.53 -7.56
C GLU D 439 -43.72 16.27 -7.98
N ILE D 440 -44.89 15.80 -7.53
CA ILE D 440 -46.13 16.49 -7.85
C ILE D 440 -46.15 17.87 -7.21
N ARG D 441 -45.59 18.01 -6.01
CA ARG D 441 -45.52 19.32 -5.38
C ARG D 441 -44.61 20.26 -6.16
N ALA D 442 -43.50 19.76 -6.68
CA ALA D 442 -42.63 20.60 -7.50
C ALA D 442 -43.32 21.03 -8.78
N LEU D 443 -44.04 20.10 -9.42
CA LEU D 443 -44.78 20.45 -10.63
C LEU D 443 -45.85 21.48 -10.33
N ALA D 444 -46.52 21.35 -9.18
CA ALA D 444 -47.50 22.35 -8.76
C ALA D 444 -46.86 23.69 -8.48
N GLU D 445 -45.66 23.69 -7.90
CA GLU D 445 -44.93 24.94 -7.68
C GLU D 445 -44.66 25.64 -9.00
N GLU D 446 -44.16 24.89 -9.99
CA GLU D 446 -43.89 25.48 -11.29
C GLU D 446 -45.17 25.96 -11.97
N ALA D 447 -46.26 25.20 -11.84
CA ALA D 447 -47.54 25.64 -12.39
C ALA D 447 -48.04 26.91 -11.73
N ALA D 448 -47.88 27.04 -10.41
CA ALA D 448 -48.27 28.25 -9.71
C ALA D 448 -47.43 29.43 -10.17
N VAL D 449 -46.13 29.23 -10.35
CA VAL D 449 -45.26 30.30 -10.83
C VAL D 449 -45.67 30.75 -12.22
N LEU D 450 -45.97 29.78 -13.10
CA LEU D 450 -46.37 30.12 -14.46
C LEU D 450 -47.82 30.59 -14.55
N GLY D 451 -48.60 30.47 -13.48
CA GLY D 451 -49.97 30.90 -13.50
C GLY D 451 -50.30 31.97 -12.48
N GLY D 452 -49.27 32.47 -11.80
CA GLY D 452 -49.45 33.52 -10.81
C GLY D 452 -49.83 33.03 -9.43
N GLY D 453 -49.84 31.73 -9.19
CA GLY D 453 -50.17 31.15 -7.89
C GLY D 453 -51.34 30.17 -7.95
N LEU D 454 -52.21 30.31 -8.94
CA LEU D 454 -53.36 29.44 -9.08
C LEU D 454 -53.06 28.34 -10.09
N LEU D 455 -53.34 27.10 -9.71
CA LEU D 455 -53.12 25.94 -10.58
C LEU D 455 -54.40 25.67 -11.36
N THR D 456 -54.53 26.32 -12.51
CA THR D 456 -55.58 25.98 -13.44
C THR D 456 -55.07 24.91 -14.40
N ALA D 457 -55.93 24.43 -15.29
CA ALA D 457 -55.50 23.44 -16.27
C ALA D 457 -54.40 24.00 -17.16
N GLU D 458 -54.54 25.26 -17.58
CA GLU D 458 -53.54 25.88 -18.42
C GLU D 458 -52.20 26.01 -17.70
N SER D 459 -52.22 26.34 -16.40
CA SER D 459 -50.98 26.48 -15.66
C SER D 459 -50.22 25.15 -15.58
N VAL D 460 -50.93 24.05 -15.30
CA VAL D 460 -50.27 22.76 -15.21
C VAL D 460 -49.79 22.30 -16.58
N GLU D 461 -50.60 22.53 -17.63
CA GLU D 461 -50.15 22.18 -18.97
C GLU D 461 -48.90 22.95 -19.35
N GLN D 462 -48.85 24.25 -19.02
CA GLN D 462 -47.67 25.06 -19.30
C GLN D 462 -46.46 24.58 -18.50
N ALA D 463 -46.67 24.18 -17.24
CA ALA D 463 -45.57 23.68 -16.45
C ALA D 463 -44.99 22.39 -17.03
N ILE D 464 -45.87 21.47 -17.46
CA ILE D 464 -45.40 20.22 -18.05
C ILE D 464 -44.70 20.49 -19.37
N ALA D 465 -45.26 21.38 -20.20
CA ALA D 465 -44.61 21.74 -21.46
C ALA D 465 -43.27 22.40 -21.22
N ALA D 466 -43.16 23.21 -20.18
CA ALA D 466 -41.89 23.85 -19.85
C ALA D 466 -40.85 22.83 -19.40
N ARG D 467 -41.26 21.83 -18.60
CA ARG D 467 -40.35 20.75 -18.25
C ARG D 467 -39.86 20.03 -19.50
N GLU D 468 -40.79 19.69 -20.39
CA GLU D 468 -40.44 19.03 -21.64
C GLU D 468 -39.44 19.86 -22.43
N HIS D 469 -39.71 21.16 -22.56
CA HIS D 469 -38.83 22.05 -23.33
C HIS D 469 -37.45 22.13 -22.69
N ARG D 470 -37.40 22.25 -21.36
CA ARG D 470 -36.11 22.33 -20.67
C ARG D 470 -35.31 21.05 -20.82
N SER D 471 -35.96 19.90 -21.02
CA SER D 471 -35.26 18.66 -21.27
C SER D 471 -35.34 18.20 -22.73
N PHE D 472 -35.29 19.14 -23.68
CA PHE D 472 -35.56 18.84 -25.08
C PHE D 472 -34.42 19.23 -26.02
N LEU D 473 -33.25 19.58 -25.49
CA LEU D 473 -32.16 20.01 -26.37
C LEU D 473 -31.69 18.88 -27.28
N SER D 474 -31.42 17.71 -26.70
CA SER D 474 -30.92 16.59 -27.49
C SER D 474 -31.93 16.16 -28.54
N GLU D 475 -33.21 16.12 -28.17
CA GLU D 475 -34.23 15.74 -29.14
C GLU D 475 -34.45 16.81 -30.19
N GLU D 476 -34.31 18.08 -29.82
CA GLU D 476 -34.37 19.13 -30.83
C GLU D 476 -33.23 18.99 -31.84
N GLU D 477 -32.02 18.67 -31.35
CA GLU D 477 -30.91 18.42 -32.25
C GLU D 477 -31.19 17.22 -33.15
N PHE D 478 -31.73 16.14 -32.58
CA PHE D 478 -32.03 14.95 -33.37
C PHE D 478 -33.08 15.24 -34.44
N LEU D 479 -34.13 15.97 -34.07
CA LEU D 479 -35.15 16.33 -35.06
C LEU D 479 -34.58 17.24 -36.14
N ARG D 480 -33.70 18.17 -35.76
CA ARG D 480 -33.06 19.00 -36.76
C ARG D 480 -32.22 18.17 -37.72
N ALA D 481 -31.49 17.18 -37.20
CA ALA D 481 -30.71 16.29 -38.05
C ALA D 481 -31.62 15.49 -38.98
N VAL D 482 -32.76 15.03 -38.48
CA VAL D 482 -33.68 14.27 -39.31
C VAL D 482 -34.25 15.14 -40.43
N GLN D 483 -34.66 16.36 -40.11
CA GLN D 483 -35.22 17.25 -41.12
C GLN D 483 -34.18 17.67 -42.15
N GLU D 484 -32.97 17.98 -41.71
CA GLU D 484 -31.90 18.34 -42.65
C GLU D 484 -31.55 17.17 -43.56
N GLY D 485 -31.52 15.96 -43.00
CA GLY D 485 -31.11 14.78 -43.73
C GLY D 485 -29.85 14.12 -43.20
N VAL D 486 -29.27 14.61 -42.11
CA VAL D 486 -28.10 13.95 -41.52
C VAL D 486 -28.46 12.56 -41.06
N ILE D 487 -29.59 12.43 -40.35
CA ILE D 487 -30.14 11.14 -39.97
C ILE D 487 -31.38 10.91 -40.80
N ARG D 488 -31.35 9.89 -41.65
CA ARG D 488 -32.43 9.65 -42.60
C ARG D 488 -33.23 8.44 -42.14
N LEU D 489 -34.53 8.65 -41.90
CA LEU D 489 -35.43 7.59 -41.50
C LEU D 489 -36.56 7.51 -42.52
N ARG D 490 -36.94 6.28 -42.88
CA ARG D 490 -38.07 6.06 -43.78
C ARG D 490 -39.36 6.09 -42.97
N THR D 491 -40.14 7.15 -43.16
CA THR D 491 -41.42 7.30 -42.51
C THR D 491 -42.57 6.98 -43.48
N THR D 492 -42.25 6.74 -44.75
CA THR D 492 -43.23 6.41 -45.76
C THR D 492 -42.70 5.27 -46.62
N GLY D 493 -43.61 4.58 -47.29
CA GLY D 493 -43.24 3.55 -48.24
C GLY D 493 -42.87 2.23 -47.58
N ARG D 494 -42.40 1.32 -48.42
CA ARG D 494 -42.03 -0.03 -48.02
C ARG D 494 -40.52 -0.23 -48.16
N ALA D 495 -40.00 -1.15 -47.34
CA ALA D 495 -38.58 -1.49 -47.41
C ALA D 495 -38.41 -2.95 -47.01
N VAL D 496 -37.51 -3.64 -47.69
CA VAL D 496 -37.31 -5.06 -47.43
C VAL D 496 -36.17 -5.24 -46.45
N GLY D 497 -36.50 -5.73 -45.24
CA GLY D 497 -35.51 -5.98 -44.22
C GLY D 497 -35.21 -4.80 -43.31
N GLU D 498 -35.84 -3.65 -43.53
CA GLU D 498 -35.64 -2.48 -42.67
C GLU D 498 -36.89 -2.25 -41.84
N VAL D 499 -36.69 -1.75 -40.62
CA VAL D 499 -37.78 -1.48 -39.70
C VAL D 499 -37.40 -0.25 -38.88
N ASN D 500 -38.43 0.44 -38.38
CA ASN D 500 -38.23 1.60 -37.51
C ASN D 500 -38.41 1.14 -36.06
N SER D 501 -37.32 0.68 -35.46
CA SER D 501 -37.37 0.33 -34.06
C SER D 501 -37.52 1.60 -33.22
N LEU D 502 -38.03 1.44 -32.00
CA LEU D 502 -38.21 2.56 -31.08
C LEU D 502 -37.32 2.32 -29.88
N VAL D 503 -36.26 3.11 -29.76
CA VAL D 503 -35.27 2.92 -28.71
C VAL D 503 -35.44 4.01 -27.66
N VAL D 504 -34.83 3.78 -26.51
CA VAL D 504 -34.70 4.80 -25.47
C VAL D 504 -33.22 5.12 -25.37
N VAL D 505 -32.84 6.30 -25.84
CA VAL D 505 -31.43 6.67 -25.90
C VAL D 505 -30.93 6.93 -24.48
N GLU D 506 -29.83 6.27 -24.12
CA GLU D 506 -29.26 6.44 -22.78
C GLU D 506 -27.77 6.78 -22.82
N ALA D 507 -27.16 6.83 -24.01
CA ALA D 507 -25.85 7.48 -24.17
C ALA D 507 -26.00 8.98 -24.34
N ALA D 508 -27.22 9.39 -24.00
CA ALA D 508 -27.76 10.73 -24.09
C ALA D 508 -28.94 10.79 -23.14
N PRO D 509 -29.60 11.95 -22.96
CA PRO D 509 -30.82 11.97 -22.15
C PRO D 509 -31.94 11.09 -22.69
N TYR D 510 -33.07 11.08 -21.98
CA TYR D 510 -34.23 10.24 -22.29
C TYR D 510 -34.97 10.82 -23.50
N TRP D 511 -36.26 10.49 -23.63
CA TRP D 511 -37.05 10.69 -24.85
C TRP D 511 -36.64 9.76 -25.98
N GLY D 512 -36.86 8.46 -25.79
CA GLY D 512 -36.63 7.49 -26.86
C GLY D 512 -37.13 7.93 -28.22
N ARG D 513 -36.42 7.50 -29.26
CA ARG D 513 -36.63 7.98 -30.61
C ARG D 513 -36.57 6.79 -31.56
N PRO D 514 -37.06 6.95 -32.79
CA PRO D 514 -36.93 5.87 -33.77
C PRO D 514 -35.50 5.68 -34.24
N ALA D 515 -35.23 4.47 -34.71
CA ALA D 515 -33.93 4.09 -35.22
C ALA D 515 -34.13 3.06 -36.31
N ARG D 516 -33.44 3.25 -37.44
CA ARG D 516 -33.51 2.27 -38.52
C ARG D 516 -32.73 1.03 -38.14
N LEU D 517 -33.41 -0.11 -38.12
CA LEU D 517 -32.81 -1.40 -37.84
C LEU D 517 -32.95 -2.27 -39.09
N THR D 518 -31.83 -2.77 -39.59
CA THR D 518 -31.81 -3.53 -40.83
C THR D 518 -31.36 -4.96 -40.56
N ALA D 519 -32.06 -5.89 -41.21
CA ALA D 519 -31.65 -7.29 -41.21
C ALA D 519 -31.30 -7.66 -42.63
N ARG D 520 -30.11 -8.23 -42.82
CA ARG D 520 -29.66 -8.72 -44.11
C ARG D 520 -29.54 -10.23 -44.04
N ALA D 521 -30.21 -10.91 -44.95
CA ALA D 521 -30.26 -12.37 -44.97
C ALA D 521 -29.35 -12.88 -46.09
N ALA D 522 -28.44 -13.78 -45.74
CA ALA D 522 -27.53 -14.37 -46.70
C ALA D 522 -27.56 -15.88 -46.59
N PRO D 523 -27.27 -16.60 -47.68
CA PRO D 523 -27.18 -18.06 -47.57
C PRO D 523 -25.97 -18.45 -46.71
N GLY D 524 -26.19 -19.32 -45.75
CA GLY D 524 -25.10 -19.76 -44.90
C GLY D 524 -25.53 -20.67 -43.76
N ARG D 525 -24.93 -20.47 -42.60
CA ARG D 525 -25.18 -21.32 -41.44
C ARG D 525 -26.49 -20.90 -40.78
N ASP D 526 -26.79 -21.49 -39.63
CA ASP D 526 -27.90 -21.05 -38.79
C ASP D 526 -27.48 -19.95 -37.83
N HIS D 527 -26.36 -19.28 -38.10
CA HIS D 527 -25.84 -18.25 -37.21
C HIS D 527 -26.61 -16.95 -37.38
N LEU D 528 -27.01 -16.35 -36.27
CA LEU D 528 -27.68 -15.06 -36.25
C LEU D 528 -26.70 -14.03 -35.71
N ILE D 529 -26.26 -13.13 -36.56
CA ILE D 529 -25.26 -12.12 -36.22
C ILE D 529 -25.98 -10.87 -35.76
N SER D 530 -25.57 -10.35 -34.61
CA SER D 530 -26.06 -9.06 -34.10
C SER D 530 -24.87 -8.12 -34.09
N ILE D 531 -24.76 -7.30 -35.14
CA ILE D 531 -23.58 -6.46 -35.32
C ILE D 531 -23.44 -5.47 -34.18
N ASP D 532 -24.54 -4.92 -33.69
CA ASP D 532 -24.48 -3.97 -32.58
C ASP D 532 -24.10 -4.64 -31.27
N ARG D 533 -24.43 -5.91 -31.08
CA ARG D 533 -24.06 -6.64 -29.88
C ARG D 533 -22.70 -7.31 -30.00
N GLU D 534 -22.07 -7.28 -31.16
CA GLU D 534 -20.75 -7.86 -31.38
C GLU D 534 -19.85 -6.76 -31.95
N ALA D 535 -19.28 -5.97 -31.06
CA ALA D 535 -18.27 -4.97 -31.40
C ALA D 535 -17.14 -5.03 -30.39
N GLY D 536 -16.69 -6.26 -30.09
CA GLY D 536 -15.86 -6.51 -28.94
C GLY D 536 -16.73 -6.97 -27.78
N LEU D 537 -16.31 -8.03 -27.09
CA LEU D 537 -17.12 -8.65 -26.05
C LEU D 537 -18.49 -9.08 -26.59
N GLY D 538 -18.49 -9.63 -27.80
CA GLY D 538 -19.71 -10.09 -28.42
C GLY D 538 -19.61 -11.50 -28.97
N GLY D 539 -18.38 -12.02 -29.04
CA GLY D 539 -18.17 -13.36 -29.53
C GLY D 539 -17.95 -14.35 -28.41
N GLN D 540 -17.30 -13.90 -27.34
CA GLN D 540 -17.08 -14.74 -26.17
C GLN D 540 -18.30 -14.82 -25.27
N ILE D 541 -19.29 -13.95 -25.49
CA ILE D 541 -20.49 -13.90 -24.67
C ILE D 541 -21.70 -14.21 -25.53
N PHE D 542 -22.53 -15.15 -25.06
CA PHE D 542 -23.82 -15.41 -25.67
C PHE D 542 -24.81 -14.36 -25.20
N HIS D 543 -25.60 -13.84 -26.12
CA HIS D 543 -26.56 -12.78 -25.85
C HIS D 543 -27.96 -13.38 -25.76
N LYS D 544 -28.69 -13.00 -24.71
CA LYS D 544 -30.03 -13.55 -24.51
C LYS D 544 -30.97 -13.17 -25.64
N ALA D 545 -30.87 -11.94 -26.15
CA ALA D 545 -31.69 -11.53 -27.28
C ALA D 545 -31.34 -12.34 -28.53
N VAL D 546 -30.05 -12.53 -28.79
CA VAL D 546 -29.63 -13.30 -29.96
C VAL D 546 -30.08 -14.74 -29.84
N LEU D 547 -29.94 -15.33 -28.65
CA LEU D 547 -30.38 -16.71 -28.45
C LEU D 547 -31.89 -16.83 -28.61
N THR D 548 -32.65 -15.84 -28.12
CA THR D 548 -34.09 -15.86 -28.27
C THR D 548 -34.50 -15.80 -29.74
N LEU D 549 -33.91 -14.87 -30.49
CA LEU D 549 -34.23 -14.75 -31.91
C LEU D 549 -33.83 -16.00 -32.68
N ALA D 550 -32.65 -16.55 -32.38
CA ALA D 550 -32.20 -17.77 -33.03
C ALA D 550 -33.13 -18.94 -32.71
N GLY D 551 -33.57 -19.05 -31.46
CA GLY D 551 -34.49 -20.11 -31.11
C GLY D 551 -35.81 -20.00 -31.85
N TYR D 552 -36.36 -18.78 -31.90
CA TYR D 552 -37.60 -18.58 -32.66
C TYR D 552 -37.41 -18.97 -34.12
N LEU D 553 -36.35 -18.48 -34.76
CA LEU D 553 -36.16 -18.75 -36.18
C LEU D 553 -35.92 -20.23 -36.44
N ARG D 554 -35.13 -20.88 -35.58
CA ARG D 554 -34.84 -22.30 -35.77
C ARG D 554 -36.08 -23.16 -35.58
N SER D 555 -36.90 -22.83 -34.58
CA SER D 555 -38.01 -23.70 -34.23
C SER D 555 -39.27 -23.44 -35.05
N ARG D 556 -39.51 -22.19 -35.45
CA ARG D 556 -40.74 -21.89 -36.18
C ARG D 556 -40.70 -22.43 -37.60
N TYR D 557 -39.52 -22.44 -38.22
CA TYR D 557 -39.35 -22.83 -39.61
C TYR D 557 -38.60 -24.16 -39.64
N ILE D 558 -39.35 -25.24 -39.73
CA ILE D 558 -38.79 -26.59 -39.71
C ILE D 558 -39.06 -27.19 -41.09
N GLU D 559 -38.13 -26.98 -42.01
CA GLU D 559 -38.13 -27.66 -43.30
C GLU D 559 -36.76 -28.22 -43.64
N HIS D 560 -35.70 -27.77 -42.99
CA HIS D 560 -34.36 -28.30 -43.13
C HIS D 560 -33.79 -28.48 -41.74
N GLY D 561 -32.79 -29.36 -41.62
CA GLY D 561 -32.23 -29.68 -40.31
C GLY D 561 -31.43 -28.55 -39.70
N SER D 562 -31.47 -27.38 -40.31
CA SER D 562 -30.81 -26.19 -39.80
C SER D 562 -31.30 -25.00 -40.61
N LEU D 563 -31.26 -23.82 -40.00
CA LEU D 563 -31.65 -22.62 -40.70
C LEU D 563 -30.66 -22.35 -41.83
N PRO D 564 -31.08 -22.35 -43.09
CA PRO D 564 -30.11 -22.24 -44.19
C PRO D 564 -29.72 -20.81 -44.48
N VAL D 565 -30.07 -19.90 -43.58
CA VAL D 565 -29.85 -18.47 -43.77
C VAL D 565 -29.19 -17.90 -42.53
N THR D 566 -28.23 -17.00 -42.74
CA THR D 566 -27.63 -16.21 -41.68
C THR D 566 -28.18 -14.79 -41.78
N ILE D 567 -28.69 -14.28 -40.67
CA ILE D 567 -29.30 -12.96 -40.62
C ILE D 567 -28.40 -12.06 -39.79
N SER D 568 -27.94 -10.97 -40.41
CA SER D 568 -27.16 -9.96 -39.72
C SER D 568 -28.05 -8.77 -39.41
N LEU D 569 -28.15 -8.43 -38.12
CA LEU D 569 -29.01 -7.35 -37.64
C LEU D 569 -28.14 -6.20 -37.19
N ALA D 570 -28.37 -5.02 -37.76
CA ALA D 570 -27.58 -3.84 -37.46
C ALA D 570 -28.50 -2.66 -37.20
N PHE D 571 -28.21 -1.91 -36.15
CA PHE D 571 -28.86 -0.63 -35.91
C PHE D 571 -28.07 0.47 -36.61
N GLU D 572 -28.63 1.01 -37.68
CA GLU D 572 -28.02 2.14 -38.36
C GLU D 572 -27.93 3.34 -37.40
N GLN D 573 -26.89 4.15 -37.60
CA GLN D 573 -26.85 5.46 -36.95
C GLN D 573 -26.90 5.35 -35.44
N ASN D 574 -25.81 4.88 -34.82
CA ASN D 574 -25.75 4.73 -33.37
C ASN D 574 -26.00 6.06 -32.68
N TYR D 575 -25.99 6.05 -31.34
CA TYR D 575 -26.91 6.68 -30.39
C TYR D 575 -28.01 5.68 -30.01
N VAL D 576 -28.00 4.48 -30.58
CA VAL D 576 -28.93 3.44 -30.19
C VAL D 576 -28.32 2.70 -29.00
N SER D 577 -28.99 2.78 -27.85
CA SER D 577 -28.56 2.08 -26.64
C SER D 577 -29.19 0.69 -26.66
N ILE D 578 -28.43 -0.30 -27.11
CA ILE D 578 -28.95 -1.65 -27.23
C ILE D 578 -28.91 -2.34 -25.86
N GLU D 579 -29.92 -3.18 -25.61
CA GLU D 579 -30.04 -3.85 -24.33
C GLU D 579 -29.17 -5.10 -24.24
N GLY D 580 -29.25 -5.98 -25.24
CA GLY D 580 -28.49 -7.20 -25.24
C GLY D 580 -29.08 -8.33 -24.43
N ASP D 581 -30.20 -8.10 -23.75
CA ASP D 581 -30.84 -9.14 -22.95
C ASP D 581 -32.31 -9.36 -23.32
N SER D 582 -32.92 -8.47 -24.10
CA SER D 582 -34.31 -8.63 -24.53
C SER D 582 -34.35 -8.59 -26.04
N ALA D 583 -34.92 -9.63 -26.65
CA ALA D 583 -35.05 -9.66 -28.10
C ALA D 583 -36.17 -8.73 -28.54
N GLY D 584 -35.83 -7.74 -29.36
CA GLY D 584 -36.83 -6.80 -29.82
C GLY D 584 -37.74 -7.41 -30.87
N LEU D 585 -39.00 -6.96 -30.86
CA LEU D 585 -39.93 -7.35 -31.90
C LEU D 585 -39.51 -6.81 -33.26
N ALA D 586 -38.89 -5.62 -33.26
CA ALA D 586 -38.39 -5.04 -34.50
C ALA D 586 -37.32 -5.93 -35.13
N GLU D 587 -36.41 -6.46 -34.31
CA GLU D 587 -35.39 -7.36 -34.83
C GLU D 587 -36.01 -8.59 -35.46
N LEU D 588 -37.01 -9.18 -34.83
CA LEU D 588 -37.63 -10.38 -35.36
C LEU D 588 -38.37 -10.10 -36.66
N VAL D 589 -39.13 -9.01 -36.73
CA VAL D 589 -39.86 -8.73 -37.95
C VAL D 589 -38.91 -8.35 -39.07
N ALA D 590 -37.82 -7.64 -38.77
CA ALA D 590 -36.82 -7.33 -39.77
C ALA D 590 -36.15 -8.60 -40.29
N ALA D 591 -35.84 -9.54 -39.40
CA ALA D 591 -35.25 -10.80 -39.81
C ALA D 591 -36.20 -11.59 -40.71
N LEU D 592 -37.48 -11.63 -40.35
CA LEU D 592 -38.45 -12.33 -41.18
C LEU D 592 -38.60 -11.67 -42.54
N SER D 593 -38.60 -10.33 -42.58
CA SER D 593 -38.65 -9.63 -43.86
C SER D 593 -37.42 -9.93 -44.71
N ALA D 594 -36.24 -9.94 -44.10
CA ALA D 594 -35.02 -10.25 -44.84
C ALA D 594 -35.05 -11.67 -45.38
N ILE D 595 -35.54 -12.62 -44.59
CA ILE D 595 -35.60 -14.01 -45.04
C ILE D 595 -36.60 -14.16 -46.17
N GLY D 596 -37.81 -13.62 -46.00
CA GLY D 596 -38.87 -13.79 -46.95
C GLY D 596 -39.00 -12.74 -48.02
N ASN D 597 -38.07 -11.78 -48.08
CA ASN D 597 -38.13 -10.69 -49.06
C ASN D 597 -39.44 -9.93 -48.96
N LEU D 598 -39.89 -9.69 -47.72
CA LEU D 598 -41.18 -9.06 -47.48
C LEU D 598 -40.98 -7.57 -47.28
N PRO D 599 -41.53 -6.71 -48.14
CA PRO D 599 -41.43 -5.27 -47.90
C PRO D 599 -42.31 -4.80 -46.75
N LEU D 600 -41.70 -4.49 -45.62
CA LEU D 600 -42.44 -3.98 -44.47
C LEU D 600 -42.77 -2.51 -44.68
N ARG D 601 -43.91 -2.10 -44.10
CA ARG D 601 -44.29 -0.70 -44.10
C ARG D 601 -43.33 0.11 -43.24
N GLN D 602 -42.84 1.20 -43.79
CA GLN D 602 -42.00 2.13 -43.03
C GLN D 602 -42.81 3.21 -42.32
N ASP D 603 -44.12 3.26 -42.57
CA ASP D 603 -44.98 4.19 -41.84
C ASP D 603 -44.99 3.87 -40.35
N LEU D 604 -45.03 2.59 -40.02
CA LEU D 604 -45.22 2.15 -38.65
C LEU D 604 -43.88 1.83 -38.00
N ALA D 605 -43.65 2.40 -36.83
CA ALA D 605 -42.53 1.99 -36.00
C ALA D 605 -42.92 0.77 -35.17
N VAL D 606 -41.93 -0.05 -34.86
CA VAL D 606 -42.15 -1.30 -34.14
C VAL D 606 -41.36 -1.26 -32.84
N THR D 607 -42.06 -1.45 -31.73
CA THR D 607 -41.45 -1.53 -30.42
C THR D 607 -41.99 -2.75 -29.69
N GLY D 608 -41.32 -3.12 -28.61
CA GLY D 608 -41.73 -4.26 -27.82
C GLY D 608 -40.73 -5.39 -27.88
N ALA D 609 -40.66 -6.17 -26.80
CA ALA D 609 -39.77 -7.32 -26.73
C ALA D 609 -40.47 -8.53 -27.34
N VAL D 610 -39.76 -9.66 -27.35
CA VAL D 610 -40.32 -10.90 -27.89
C VAL D 610 -39.55 -12.07 -27.26
N ASP D 611 -40.23 -13.18 -27.09
CA ASP D 611 -39.60 -14.40 -26.61
C ASP D 611 -39.45 -15.38 -27.78
N GLN D 612 -38.88 -16.55 -27.48
CA GLN D 612 -38.59 -17.52 -28.52
C GLN D 612 -39.85 -18.14 -29.11
N THR D 613 -41.02 -17.93 -28.51
CA THR D 613 -42.28 -18.36 -29.08
C THR D 613 -42.93 -17.29 -29.95
N GLY D 614 -42.29 -16.13 -30.11
CA GLY D 614 -42.91 -15.05 -30.85
C GLY D 614 -43.98 -14.31 -30.09
N LYS D 615 -43.96 -14.37 -28.76
CA LYS D 615 -44.90 -13.65 -27.92
C LYS D 615 -44.32 -12.29 -27.59
N VAL D 616 -45.06 -11.23 -27.89
CA VAL D 616 -44.57 -9.87 -27.69
C VAL D 616 -44.73 -9.49 -26.23
N LEU D 617 -43.63 -9.11 -25.59
CA LEU D 617 -43.63 -8.78 -24.17
C LEU D 617 -43.61 -7.27 -23.98
N ALA D 618 -44.02 -6.85 -22.79
CA ALA D 618 -44.05 -5.42 -22.47
C ALA D 618 -42.64 -4.86 -22.35
N VAL D 619 -42.51 -3.58 -22.68
CA VAL D 619 -41.26 -2.86 -22.56
C VAL D 619 -41.49 -1.56 -21.79
N GLY D 620 -40.41 -1.04 -21.23
CA GLY D 620 -40.47 0.20 -20.49
C GLY D 620 -40.43 1.42 -21.39
N ALA D 621 -40.89 2.54 -20.84
CA ALA D 621 -40.90 3.83 -21.54
C ALA D 621 -41.61 3.72 -22.88
N ILE D 622 -42.76 3.05 -22.91
CA ILE D 622 -43.53 2.93 -24.13
C ILE D 622 -44.04 4.29 -24.59
N ASN D 623 -44.47 5.13 -23.64
CA ASN D 623 -44.95 6.46 -24.00
C ASN D 623 -43.83 7.28 -24.63
N ALA D 624 -42.62 7.18 -24.07
CA ALA D 624 -41.48 7.92 -24.63
C ALA D 624 -41.22 7.51 -26.06
N LYS D 625 -41.24 6.20 -26.34
CA LYS D 625 -40.98 5.71 -27.68
C LYS D 625 -42.06 6.15 -28.66
N VAL D 626 -43.33 5.99 -28.28
CA VAL D 626 -44.42 6.37 -29.16
C VAL D 626 -44.40 7.87 -29.45
N GLU D 627 -44.15 8.68 -28.42
CA GLU D 627 -44.10 10.11 -28.61
C GLU D 627 -42.88 10.54 -29.41
N GLY D 628 -41.75 9.85 -29.27
CA GLY D 628 -40.60 10.16 -30.10
C GLY D 628 -40.86 9.88 -31.56
N PHE D 629 -41.49 8.73 -31.85
CA PHE D 629 -41.84 8.45 -33.24
C PHE D 629 -42.86 9.46 -33.76
N PHE D 630 -43.81 9.85 -32.93
CA PHE D 630 -44.78 10.87 -33.36
C PHE D 630 -44.09 12.19 -33.64
N ARG D 631 -43.10 12.56 -32.82
CA ARG D 631 -42.34 13.79 -33.05
C ARG D 631 -41.61 13.73 -34.38
N VAL D 632 -40.98 12.60 -34.67
CA VAL D 632 -40.25 12.45 -35.93
C VAL D 632 -41.21 12.51 -37.11
N CYS D 633 -42.35 11.83 -37.00
CA CYS D 633 -43.32 11.84 -38.09
C CYS D 633 -43.91 13.23 -38.32
N LYS D 634 -44.20 13.96 -37.25
CA LYS D 634 -44.77 15.30 -37.39
C LYS D 634 -43.74 16.30 -37.89
N ALA D 635 -42.46 16.11 -37.54
CA ALA D 635 -41.41 16.97 -38.07
C ALA D 635 -41.32 16.84 -39.59
N LEU D 636 -41.42 15.62 -40.10
CA LEU D 636 -41.39 15.37 -41.53
C LEU D 636 -42.77 15.46 -42.18
N GLY D 637 -43.81 15.75 -41.41
CA GLY D 637 -45.16 15.83 -41.95
C GLY D 637 -45.95 14.55 -41.75
N LEU D 638 -47.13 14.67 -41.15
CA LEU D 638 -47.96 13.50 -40.88
C LEU D 638 -48.70 13.10 -42.14
N SER D 639 -48.40 11.90 -42.66
CA SER D 639 -49.04 11.42 -43.87
C SER D 639 -50.42 10.83 -43.62
N GLY D 640 -50.81 10.68 -42.36
CA GLY D 640 -52.08 10.07 -42.02
C GLY D 640 -52.07 8.55 -41.99
N THR D 641 -50.94 7.92 -42.29
CA THR D 641 -50.82 6.48 -42.22
C THR D 641 -49.73 5.99 -41.27
N GLN D 642 -48.98 6.89 -40.64
CA GLN D 642 -47.95 6.48 -39.70
C GLN D 642 -48.60 5.86 -38.46
N GLY D 643 -47.77 5.16 -37.69
CA GLY D 643 -48.27 4.53 -36.49
C GLY D 643 -47.15 3.85 -35.75
N VAL D 644 -47.51 3.22 -34.64
CA VAL D 644 -46.56 2.47 -33.82
C VAL D 644 -47.16 1.11 -33.52
N ILE D 645 -46.39 0.05 -33.74
CA ILE D 645 -46.78 -1.30 -33.37
C ILE D 645 -46.15 -1.59 -32.01
N LEU D 646 -46.98 -1.77 -31.00
CA LEU D 646 -46.57 -1.94 -29.62
C LEU D 646 -47.32 -3.10 -28.98
N PRO D 647 -46.76 -3.70 -27.94
CA PRO D 647 -47.42 -4.86 -27.33
C PRO D 647 -48.75 -4.50 -26.68
N GLU D 648 -49.68 -5.45 -26.68
CA GLU D 648 -50.89 -5.30 -25.88
C GLU D 648 -50.60 -5.28 -24.40
N ALA D 649 -49.44 -5.83 -23.99
CA ALA D 649 -49.06 -5.79 -22.58
C ALA D 649 -48.80 -4.36 -22.12
N ASN D 650 -48.46 -3.47 -23.04
CA ASN D 650 -48.18 -2.08 -22.69
C ASN D 650 -49.42 -1.19 -22.72
N LEU D 651 -50.60 -1.75 -23.01
CA LEU D 651 -51.80 -0.94 -23.06
C LEU D 651 -52.13 -0.31 -21.72
N ALA D 652 -51.81 -0.97 -20.62
CA ALA D 652 -51.99 -0.40 -19.29
C ALA D 652 -50.96 0.68 -18.98
N ASN D 653 -49.90 0.78 -19.78
CA ASN D 653 -48.88 1.80 -19.60
C ASN D 653 -48.99 2.94 -20.60
N LEU D 654 -50.00 2.94 -21.46
CA LEU D 654 -50.14 3.94 -22.51
C LEU D 654 -50.81 5.18 -21.95
N THR D 655 -50.03 6.22 -21.72
CA THR D 655 -50.53 7.49 -21.21
C THR D 655 -50.09 8.60 -22.14
N LEU D 656 -50.34 8.42 -23.44
CA LEU D 656 -49.83 9.32 -24.47
C LEU D 656 -50.30 10.75 -24.21
N ARG D 657 -49.48 11.70 -24.64
CA ARG D 657 -49.75 13.11 -24.43
C ARG D 657 -50.91 13.56 -25.31
N ALA D 658 -51.27 14.84 -25.18
CA ALA D 658 -52.42 15.37 -25.91
C ALA D 658 -52.19 15.38 -27.42
N GLU D 659 -50.94 15.63 -27.85
CA GLU D 659 -50.67 15.71 -29.29
C GLU D 659 -50.90 14.36 -29.96
N VAL D 660 -50.33 13.29 -29.39
CA VAL D 660 -50.47 11.97 -29.98
C VAL D 660 -51.92 11.52 -29.93
N LEU D 661 -52.61 11.79 -28.83
CA LEU D 661 -54.02 11.40 -28.70
C LEU D 661 -54.89 12.14 -29.70
N GLU D 662 -54.64 13.43 -29.91
CA GLU D 662 -55.41 14.18 -30.89
C GLU D 662 -55.11 13.72 -32.31
N ALA D 663 -53.87 13.35 -32.59
CA ALA D 663 -53.55 12.78 -33.90
C ALA D 663 -54.26 11.45 -34.11
N VAL D 664 -54.31 10.61 -33.07
CA VAL D 664 -55.01 9.33 -33.16
C VAL D 664 -56.50 9.56 -33.40
N ARG D 665 -57.08 10.52 -32.69
CA ARG D 665 -58.49 10.84 -32.88
C ARG D 665 -58.77 11.33 -34.29
N ALA D 666 -57.88 12.18 -34.83
CA ALA D 666 -58.05 12.69 -36.19
C ALA D 666 -57.68 11.68 -37.26
N GLY D 667 -57.12 10.53 -36.89
CA GLY D 667 -56.74 9.53 -37.86
C GLY D 667 -55.40 9.75 -38.51
N GLN D 668 -54.61 10.71 -38.03
CA GLN D 668 -53.29 10.98 -38.57
C GLN D 668 -52.20 10.14 -37.94
N PHE D 669 -52.51 9.39 -36.89
CA PHE D 669 -51.55 8.52 -36.23
C PHE D 669 -52.29 7.29 -35.73
N HIS D 670 -51.68 6.13 -35.90
CA HIS D 670 -52.30 4.86 -35.54
C HIS D 670 -51.50 4.18 -34.43
N ILE D 671 -52.19 3.38 -33.63
CA ILE D 671 -51.56 2.56 -32.61
C ILE D 671 -52.04 1.13 -32.79
N TYR D 672 -51.11 0.22 -33.02
CA TYR D 672 -51.41 -1.19 -33.23
C TYR D 672 -50.91 -1.98 -32.03
N ALA D 673 -51.82 -2.71 -31.38
CA ALA D 673 -51.48 -3.55 -30.25
C ALA D 673 -51.45 -5.00 -30.72
N VAL D 674 -50.33 -5.68 -30.49
CA VAL D 674 -50.12 -7.01 -31.01
C VAL D 674 -49.80 -7.96 -29.86
N GLU D 675 -50.15 -9.23 -30.06
CA GLU D 675 -49.83 -10.28 -29.12
C GLU D 675 -48.63 -11.11 -29.55
N THR D 676 -48.51 -11.38 -30.85
CA THR D 676 -47.46 -12.22 -31.39
C THR D 676 -46.71 -11.50 -32.49
N ALA D 677 -45.48 -11.95 -32.74
CA ALA D 677 -44.68 -11.36 -33.81
C ALA D 677 -45.33 -11.59 -35.17
N GLU D 678 -46.11 -12.66 -35.30
CA GLU D 678 -46.83 -12.88 -36.56
C GLU D 678 -47.83 -11.76 -36.83
N GLN D 679 -48.51 -11.27 -35.81
CA GLN D 679 -49.42 -10.15 -35.99
C GLN D 679 -48.69 -8.89 -36.41
N ALA D 680 -47.53 -8.61 -35.79
CA ALA D 680 -46.74 -7.45 -36.18
C ALA D 680 -46.27 -7.56 -37.62
N LEU D 681 -45.82 -8.75 -38.03
CA LEU D 681 -45.42 -8.95 -39.42
C LEU D 681 -46.60 -8.80 -40.36
N GLU D 682 -47.79 -9.26 -39.96
CA GLU D 682 -48.98 -9.09 -40.78
C GLU D 682 -49.30 -7.62 -40.98
N ILE D 683 -49.20 -6.83 -39.91
CA ILE D 683 -49.49 -5.40 -40.01
C ILE D 683 -48.45 -4.71 -40.88
N LEU D 684 -47.18 -5.06 -40.69
CA LEU D 684 -46.10 -4.38 -41.42
C LEU D 684 -46.15 -4.72 -42.91
N ALA D 685 -46.26 -6.00 -43.24
CA ALA D 685 -46.25 -6.42 -44.64
C ALA D 685 -47.61 -6.30 -45.30
N GLY D 686 -48.67 -6.00 -44.55
CA GLY D 686 -49.98 -5.83 -45.13
C GLY D 686 -50.56 -7.09 -45.75
N ALA D 687 -50.25 -8.25 -45.18
CA ALA D 687 -50.78 -9.51 -45.69
C ALA D 687 -50.89 -10.50 -44.55
N ARG D 688 -51.75 -11.49 -44.73
CA ARG D 688 -51.93 -12.52 -43.72
C ARG D 688 -50.82 -13.56 -43.82
N MET D 689 -50.46 -14.14 -42.66
CA MET D 689 -49.43 -15.16 -42.65
C MET D 689 -49.87 -16.42 -43.38
N GLU D 690 -51.06 -16.92 -43.07
CA GLU D 690 -51.58 -18.14 -43.67
C GLU D 690 -52.34 -17.82 -44.95
N GLY D 691 -52.45 -18.82 -45.80
CA GLY D 691 -53.13 -18.69 -47.08
C GLY D 691 -52.15 -18.60 -48.24
N PHE D 692 -52.69 -18.78 -49.44
CA PHE D 692 -51.88 -18.71 -50.64
C PHE D 692 -51.35 -17.29 -50.84
N ARG D 693 -50.09 -17.20 -51.25
CA ARG D 693 -49.37 -15.93 -51.35
C ARG D 693 -49.34 -15.19 -50.01
N GLY D 694 -49.30 -15.95 -48.91
CA GLY D 694 -49.21 -15.36 -47.60
C GLY D 694 -47.78 -15.12 -47.15
N LEU D 695 -47.65 -14.46 -46.00
CA LEU D 695 -46.32 -14.17 -45.47
C LEU D 695 -45.58 -15.44 -45.10
N GLN D 696 -46.28 -16.41 -44.50
CA GLN D 696 -45.63 -17.66 -44.12
C GLN D 696 -45.10 -18.39 -45.35
N GLU D 697 -45.90 -18.46 -46.41
CA GLU D 697 -45.46 -19.11 -47.63
C GLU D 697 -44.28 -18.39 -48.26
N LYS D 698 -44.30 -17.05 -48.22
CA LYS D 698 -43.19 -16.29 -48.79
C LYS D 698 -41.90 -16.51 -48.00
N ILE D 699 -41.99 -16.56 -46.67
CA ILE D 699 -40.79 -16.81 -45.88
C ILE D 699 -40.29 -18.23 -46.11
N ARG D 700 -41.20 -19.19 -46.24
CA ARG D 700 -40.79 -20.56 -46.54
C ARG D 700 -40.11 -20.63 -47.91
N ALA D 701 -40.64 -19.91 -48.90
CA ALA D 701 -40.03 -19.88 -50.22
C ALA D 701 -38.64 -19.23 -50.17
N GLY D 702 -38.48 -18.16 -49.38
CA GLY D 702 -37.18 -17.56 -49.24
C GLY D 702 -36.17 -18.49 -48.58
N LEU D 703 -36.61 -19.21 -47.54
CA LEU D 703 -35.74 -20.20 -46.91
C LEU D 703 -35.37 -21.31 -47.89
N GLU D 704 -36.33 -21.76 -48.69
CA GLU D 704 -36.04 -22.77 -49.71
C GLU D 704 -35.04 -22.24 -50.72
N ALA D 705 -35.17 -20.97 -51.12
CA ALA D 705 -34.23 -20.37 -52.06
C ALA D 705 -32.83 -20.32 -51.47
N PHE D 706 -32.71 -19.92 -50.20
CA PHE D 706 -31.39 -19.87 -49.56
C PHE D 706 -30.78 -21.27 -49.44
N ALA D 707 -31.60 -22.26 -49.06
CA ALA D 707 -31.11 -23.64 -48.98
C ALA D 707 -30.67 -24.15 -50.35
N ARG D 708 -31.43 -23.81 -51.39
CA ARG D 708 -31.04 -24.20 -52.75
C ARG D 708 -29.78 -23.49 -53.19
N LEU D 709 -29.57 -22.25 -52.74
CA LEU D 709 -28.32 -21.55 -53.06
C LEU D 709 -27.12 -22.25 -52.42
N GLU D 710 -27.25 -22.65 -51.15
CA GLU D 710 -26.20 -23.46 -50.53
C GLU D 710 -26.01 -24.79 -51.24
N GLU D 711 -27.10 -25.46 -51.61
CA GLU D 711 -27.00 -26.75 -52.28
C GLU D 711 -26.37 -26.61 -53.67
N GLY D 712 -26.63 -25.51 -54.38
CA GLY D 712 -25.99 -25.30 -55.67
C GLY D 712 -24.55 -24.87 -55.55
N HIS D 713 -24.19 -24.15 -54.48
CA HIS D 713 -22.80 -23.92 -54.18
C HIS D 713 -22.07 -25.24 -53.96
N ASP D 714 -22.69 -26.14 -53.19
CA ASP D 714 -22.13 -27.46 -52.98
C ASP D 714 -22.16 -28.32 -54.24
N LYS D 715 -23.04 -28.01 -55.19
CA LYS D 715 -23.10 -28.76 -56.44
C LYS D 715 -21.82 -28.60 -57.24
N GLU D 716 -21.23 -27.41 -57.25
CA GLU D 716 -20.03 -27.15 -58.04
C GLU D 716 -18.74 -27.39 -57.29
N ASP D 717 -18.61 -26.94 -56.05
CA ASP D 717 -17.33 -27.00 -55.35
C ASP D 717 -16.88 -28.44 -55.07
N ARG D 718 -17.75 -29.43 -55.22
CA ARG D 718 -17.42 -30.82 -54.95
C ARG D 718 -17.67 -31.70 -56.18
N GLU D 719 -17.28 -31.23 -57.36
CA GLU D 719 -17.41 -32.04 -58.56
C GLU D 719 -16.33 -33.13 -58.58
N MET E 1 -50.58 -38.26 -8.87
CA MET E 1 -51.93 -38.46 -8.35
C MET E 1 -52.40 -37.21 -7.59
N ARG E 2 -53.71 -37.00 -7.56
CA ARG E 2 -54.31 -35.79 -7.02
C ARG E 2 -54.52 -35.95 -5.52
N LEU E 3 -53.87 -35.08 -4.73
CA LEU E 3 -54.04 -35.10 -3.29
C LEU E 3 -55.42 -34.61 -2.90
N SER E 4 -56.08 -35.34 -1.98
CA SER E 4 -57.35 -34.89 -1.45
C SER E 4 -57.12 -33.83 -0.38
N TYR E 5 -58.21 -33.23 0.08
CA TYR E 5 -58.10 -32.19 1.11
C TYR E 5 -57.56 -32.77 2.42
N GLU E 6 -58.07 -33.93 2.83
CA GLU E 6 -57.61 -34.55 4.06
C GLU E 6 -56.16 -35.01 3.96
N ALA E 7 -55.69 -35.37 2.77
CA ALA E 7 -54.27 -35.66 2.59
C ALA E 7 -53.43 -34.40 2.60
N LEU E 8 -54.06 -33.22 2.48
CA LEU E 8 -53.35 -31.95 2.50
C LEU E 8 -53.58 -31.15 3.77
N GLU E 9 -54.64 -31.44 4.52
CA GLU E 9 -54.93 -30.68 5.73
C GLU E 9 -53.88 -31.00 6.79
N TRP E 10 -53.32 -29.95 7.38
CA TRP E 10 -52.25 -30.07 8.35
C TRP E 10 -52.52 -29.34 9.67
N ARG E 11 -53.44 -28.38 9.69
CA ARG E 11 -53.66 -27.58 10.87
C ARG E 11 -54.28 -28.41 11.99
N THR E 12 -53.88 -28.13 13.21
CA THR E 12 -54.44 -28.83 14.37
C THR E 12 -55.89 -28.43 14.53
N PRO E 13 -56.81 -29.38 14.68
CA PRO E 13 -58.24 -29.04 14.79
C PRO E 13 -58.51 -28.25 16.06
N ILE E 14 -58.99 -27.02 15.89
CA ILE E 14 -59.38 -26.20 17.04
C ILE E 14 -60.67 -26.75 17.63
N GLU E 15 -60.68 -26.98 18.94
CA GLU E 15 -61.82 -27.56 19.63
C GLU E 15 -62.63 -26.55 20.42
N ASN E 16 -61.97 -25.62 21.13
CA ASN E 16 -62.67 -24.61 21.90
C ASN E 16 -61.73 -23.44 22.16
N SER E 17 -62.32 -22.27 22.36
CA SER E 17 -61.58 -21.06 22.69
C SER E 17 -62.32 -20.26 23.75
N THR E 18 -63.04 -20.95 24.63
CA THR E 18 -63.88 -20.31 25.63
C THR E 18 -63.14 -20.01 26.93
N GLU E 19 -61.87 -20.41 27.05
CA GLU E 19 -61.14 -20.14 28.28
C GLU E 19 -59.66 -20.08 27.97
N PRO E 20 -58.89 -19.24 28.66
CA PRO E 20 -57.44 -19.24 28.47
C PRO E 20 -56.81 -20.53 28.98
N VAL E 21 -55.67 -20.87 28.40
CA VAL E 21 -54.97 -22.09 28.76
C VAL E 21 -54.27 -21.91 30.10
N SER E 22 -54.30 -22.96 30.92
CA SER E 22 -53.58 -23.00 32.19
C SER E 22 -52.52 -24.10 32.06
N LEU E 23 -51.30 -23.70 31.72
CA LEU E 23 -50.23 -24.65 31.43
C LEU E 23 -49.01 -24.33 32.28
N PRO E 24 -48.42 -25.31 32.96
CA PRO E 24 -47.21 -25.04 33.73
C PRO E 24 -46.05 -24.70 32.80
N PRO E 25 -45.08 -23.93 33.28
CA PRO E 25 -43.94 -23.60 32.43
C PRO E 25 -43.19 -24.85 32.04
N PRO E 26 -42.67 -24.91 30.82
CA PRO E 26 -41.94 -26.10 30.37
C PRO E 26 -40.57 -26.15 30.97
N PRO E 27 -39.96 -27.34 31.02
CA PRO E 27 -38.56 -27.42 31.47
C PRO E 27 -37.65 -26.70 30.51
N PRO E 28 -36.53 -26.15 30.97
CA PRO E 28 -35.58 -25.51 30.05
C PRO E 28 -35.10 -26.50 29.01
N PHE E 29 -34.94 -26.00 27.77
CA PHE E 29 -34.65 -26.83 26.60
C PHE E 29 -35.72 -27.91 26.42
N PHE E 30 -36.95 -27.44 26.26
CA PHE E 30 -38.06 -28.33 25.93
C PHE E 30 -38.01 -28.62 24.43
N GLY E 31 -38.13 -29.90 24.08
CA GLY E 31 -37.94 -30.28 22.69
C GLY E 31 -36.50 -30.21 22.23
N GLN E 32 -35.56 -29.95 23.13
CA GLN E 32 -34.14 -29.86 22.83
C GLN E 32 -33.37 -30.81 23.74
N GLU E 33 -33.82 -32.07 23.78
CA GLU E 33 -33.26 -33.04 24.72
C GLU E 33 -31.77 -33.26 24.49
N ARG E 34 -31.30 -33.12 23.25
CA ARG E 34 -29.88 -33.31 22.98
C ARG E 34 -29.06 -32.22 23.67
N ALA E 35 -29.42 -30.96 23.48
CA ALA E 35 -28.71 -29.86 24.12
C ALA E 35 -28.85 -29.93 25.64
N ARG E 36 -30.05 -30.27 26.12
CA ARG E 36 -30.25 -30.37 27.56
C ARG E 36 -29.38 -31.46 28.17
N GLU E 37 -29.30 -32.63 27.52
CA GLU E 37 -28.46 -33.71 28.02
C GLU E 37 -26.98 -33.35 27.95
N ALA E 38 -26.58 -32.67 26.87
CA ALA E 38 -25.19 -32.24 26.77
C ALA E 38 -24.83 -31.27 27.89
N LEU E 39 -25.72 -30.33 28.20
CA LEU E 39 -25.46 -29.39 29.28
C LEU E 39 -25.50 -30.08 30.64
N GLU E 40 -26.37 -31.08 30.80
CA GLU E 40 -26.35 -31.87 32.03
C GLU E 40 -25.00 -32.56 32.21
N LEU E 41 -24.46 -33.13 31.13
CA LEU E 41 -23.14 -33.75 31.21
C LEU E 41 -22.06 -32.71 31.51
N ALA E 42 -22.13 -31.55 30.88
CA ALA E 42 -21.13 -30.51 31.09
C ALA E 42 -21.19 -29.91 32.49
N ILE E 43 -22.35 -29.93 33.13
CA ILE E 43 -22.49 -29.45 34.50
C ILE E 43 -22.09 -30.51 35.51
N ARG E 44 -22.49 -31.76 35.28
CA ARG E 44 -22.11 -32.84 36.19
C ARG E 44 -20.60 -33.03 36.23
N GLY E 45 -19.95 -32.95 35.08
CA GLY E 45 -18.51 -33.16 35.01
C GLY E 45 -17.68 -31.90 35.07
N GLY E 46 -18.34 -30.75 34.96
CA GLY E 46 -17.61 -29.50 34.99
C GLY E 46 -16.81 -29.19 33.75
N PHE E 47 -17.16 -29.80 32.62
CA PHE E 47 -16.48 -29.51 31.38
C PHE E 47 -16.94 -28.18 30.82
N HIS E 48 -16.12 -27.61 29.95
CA HIS E 48 -16.54 -26.46 29.15
C HIS E 48 -17.36 -26.93 27.97
N ALA E 49 -18.51 -26.31 27.76
CA ALA E 49 -19.41 -26.66 26.68
C ALA E 49 -19.57 -25.46 25.75
N TYR E 50 -20.14 -25.72 24.58
CA TYR E 50 -20.48 -24.65 23.65
C TYR E 50 -21.84 -24.93 23.04
N LEU E 51 -22.72 -23.93 23.08
CA LEU E 51 -24.08 -24.05 22.56
C LEU E 51 -24.10 -23.66 21.09
N VAL E 52 -24.60 -24.56 20.26
CA VAL E 52 -24.64 -24.37 18.81
C VAL E 52 -26.09 -24.43 18.35
N GLY E 53 -26.47 -23.49 17.50
CA GLY E 53 -27.79 -23.47 16.94
C GLY E 53 -28.05 -22.24 16.10
N PRO E 54 -29.11 -22.27 15.30
CA PRO E 54 -29.46 -21.10 14.49
C PRO E 54 -29.81 -19.91 15.37
N PRO E 55 -29.74 -18.70 14.84
CA PRO E 55 -30.11 -17.52 15.65
C PRO E 55 -31.61 -17.50 15.93
N SER E 56 -31.98 -16.62 16.87
CA SER E 56 -33.37 -16.40 17.24
C SER E 56 -34.01 -17.64 17.89
N LEU E 57 -33.19 -18.50 18.48
CA LEU E 57 -33.72 -19.63 19.23
C LEU E 57 -33.98 -19.32 20.70
N GLY E 58 -33.55 -18.15 21.17
CA GLY E 58 -33.57 -17.89 22.60
C GLY E 58 -32.61 -18.78 23.36
N LYS E 59 -31.44 -19.06 22.79
CA LYS E 59 -30.46 -19.93 23.44
C LYS E 59 -29.97 -19.32 24.74
N HIS E 60 -29.68 -18.02 24.75
CA HIS E 60 -29.18 -17.38 25.96
C HIS E 60 -30.24 -17.37 27.05
N GLU E 61 -31.49 -17.09 26.70
CA GLU E 61 -32.56 -17.07 27.71
C GLU E 61 -32.73 -18.44 28.34
N ALA E 62 -32.79 -19.49 27.52
CA ALA E 62 -32.95 -20.84 28.04
C ALA E 62 -31.75 -21.27 28.86
N LEU E 63 -30.55 -20.90 28.41
CA LEU E 63 -29.34 -21.25 29.16
C LEU E 63 -29.32 -20.57 30.53
N LEU E 64 -29.67 -19.28 30.57
CA LEU E 64 -29.76 -18.59 31.85
C LEU E 64 -30.80 -19.22 32.76
N ALA E 65 -31.98 -19.54 32.23
CA ALA E 65 -33.03 -20.15 33.04
C ALA E 65 -32.63 -21.54 33.53
N TYR E 66 -31.86 -22.28 32.74
CA TYR E 66 -31.43 -23.61 33.17
C TYR E 66 -30.32 -23.53 34.22
N LEU E 67 -29.37 -22.62 34.05
CA LEU E 67 -28.30 -22.49 35.02
C LEU E 67 -28.78 -21.87 36.32
N SER E 68 -29.87 -21.10 36.27
CA SER E 68 -30.42 -20.53 37.49
C SER E 68 -30.98 -21.60 38.43
N THR E 69 -31.35 -22.76 37.90
CA THR E 69 -31.88 -23.86 38.71
C THR E 69 -30.78 -24.76 39.27
N GLN E 70 -29.53 -24.56 38.85
CA GLN E 70 -28.43 -25.36 39.37
C GLN E 70 -28.09 -24.94 40.79
N SER E 71 -27.49 -25.87 41.54
CA SER E 71 -27.04 -25.61 42.91
C SER E 71 -25.64 -26.19 43.05
N VAL E 72 -24.65 -25.31 43.06
CA VAL E 72 -23.25 -25.72 43.17
C VAL E 72 -22.81 -25.55 44.61
N GLU E 73 -21.65 -26.11 44.93
CA GLU E 73 -21.04 -25.87 46.24
C GLU E 73 -20.76 -24.40 46.41
N THR E 74 -20.93 -23.91 47.63
CA THR E 74 -20.78 -22.49 47.91
C THR E 74 -19.38 -22.02 47.53
N PRO E 75 -19.24 -21.15 46.54
CA PRO E 75 -17.91 -20.76 46.07
C PRO E 75 -17.14 -20.04 47.16
N PRO E 76 -15.83 -20.29 47.27
CA PRO E 76 -15.02 -19.56 48.24
C PRO E 76 -14.84 -18.12 47.83
N ASP E 77 -14.55 -17.28 48.83
CA ASP E 77 -14.28 -15.86 48.59
C ASP E 77 -12.88 -15.72 48.01
N LEU E 78 -12.80 -15.33 46.75
CA LEU E 78 -11.55 -15.02 46.09
C LEU E 78 -11.34 -13.52 46.09
N LEU E 79 -10.15 -13.07 46.47
CA LEU E 79 -9.89 -11.64 46.52
C LEU E 79 -8.41 -11.38 46.31
N TYR E 80 -8.08 -10.12 46.08
CA TYR E 80 -6.70 -9.68 45.90
C TYR E 80 -6.20 -9.04 47.19
N VAL E 81 -5.10 -9.53 47.72
CA VAL E 81 -4.53 -8.96 48.94
C VAL E 81 -3.10 -8.50 48.65
N PRO E 82 -2.72 -7.27 49.01
CA PRO E 82 -1.36 -6.81 48.79
C PRO E 82 -0.41 -7.33 49.85
N LEU E 83 0.47 -8.26 49.46
CA LEU E 83 1.57 -8.66 50.34
C LEU E 83 2.62 -7.57 50.45
N SER E 84 2.56 -6.57 49.57
CA SER E 84 3.41 -5.39 49.65
C SER E 84 2.73 -4.29 48.84
N GLU E 85 3.42 -3.15 48.72
CA GLU E 85 2.92 -2.06 47.90
C GLU E 85 3.21 -2.28 46.41
N ARG E 86 3.82 -3.41 46.07
CA ARG E 86 4.17 -3.72 44.69
C ARG E 86 3.64 -5.11 44.29
N LYS E 87 3.53 -6.01 45.26
CA LYS E 87 3.20 -7.40 44.98
C LYS E 87 1.84 -7.74 45.58
N VAL E 88 0.94 -8.26 44.76
CA VAL E 88 -0.43 -8.56 45.15
C VAL E 88 -0.67 -10.05 44.91
N ALA E 89 -1.12 -10.76 45.93
CA ALA E 89 -1.43 -12.17 45.81
C ALA E 89 -2.94 -12.39 45.77
N VAL E 90 -3.33 -13.62 45.45
CA VAL E 90 -4.72 -14.05 45.42
C VAL E 90 -5.00 -14.81 46.71
N LEU E 91 -5.99 -14.36 47.47
CA LEU E 91 -6.37 -14.99 48.72
C LEU E 91 -7.71 -15.70 48.56
N THR E 92 -7.77 -16.91 49.09
CA THR E 92 -8.99 -17.73 49.09
C THR E 92 -9.43 -17.90 50.54
N LEU E 93 -10.68 -17.54 50.81
CA LEU E 93 -11.26 -17.64 52.14
C LEU E 93 -12.56 -18.42 52.08
N PRO E 94 -13.03 -18.95 53.20
CA PRO E 94 -14.38 -19.53 53.23
C PRO E 94 -15.42 -18.49 52.88
N SER E 95 -16.50 -18.94 52.25
CA SER E 95 -17.53 -18.04 51.76
C SER E 95 -18.10 -17.19 52.88
N GLY E 96 -18.26 -15.89 52.61
CA GLY E 96 -18.75 -14.96 53.60
C GLY E 96 -17.71 -14.41 54.55
N GLN E 97 -16.44 -14.76 54.39
CA GLN E 97 -15.40 -14.29 55.28
C GLN E 97 -14.65 -13.08 54.75
N GLU E 98 -14.79 -12.75 53.47
CA GLU E 98 -14.03 -11.63 52.91
C GLU E 98 -14.49 -10.29 53.46
N ILE E 99 -15.78 -10.13 53.76
CA ILE E 99 -16.24 -8.88 54.37
C ILE E 99 -15.69 -8.74 55.79
N HIS E 100 -15.65 -9.85 56.53
CA HIS E 100 -15.03 -9.82 57.86
C HIS E 100 -13.55 -9.48 57.77
N LEU E 101 -12.85 -10.05 56.79
CA LEU E 101 -11.45 -9.71 56.59
C LEU E 101 -11.29 -8.24 56.24
N ALA E 102 -12.18 -7.70 55.40
CA ALA E 102 -12.10 -6.30 55.02
C ALA E 102 -12.30 -5.39 56.23
N GLU E 103 -13.27 -5.70 57.09
CA GLU E 103 -13.49 -4.85 58.26
C GLU E 103 -12.35 -4.99 59.26
N ALA E 104 -11.79 -6.19 59.41
CA ALA E 104 -10.64 -6.38 60.27
C ALA E 104 -9.44 -5.59 59.75
N VAL E 105 -9.24 -5.58 58.44
CA VAL E 105 -8.15 -4.81 57.85
C VAL E 105 -8.40 -3.32 58.02
N GLU E 106 -9.65 -2.88 57.93
CA GLU E 106 -9.96 -1.48 58.21
C GLU E 106 -9.58 -1.11 59.64
N GLY E 107 -9.89 -1.99 60.60
CA GLY E 107 -9.44 -1.75 61.96
C GLY E 107 -7.93 -1.70 62.09
N LEU E 108 -7.24 -2.62 61.40
CA LEU E 108 -5.78 -2.63 61.46
C LEU E 108 -5.19 -1.36 60.86
N LEU E 109 -5.75 -0.88 59.76
CA LEU E 109 -5.28 0.38 59.18
C LEU E 109 -5.57 1.56 60.10
N LEU E 110 -6.70 1.55 60.79
CA LEU E 110 -6.99 2.57 61.79
C LEU E 110 -6.04 2.48 62.98
N GLU E 111 -5.45 1.31 63.22
CA GLU E 111 -4.53 1.12 64.34
C GLU E 111 -3.27 1.98 64.26
N VAL E 112 -3.07 2.75 63.18
CA VAL E 112 -1.94 3.67 63.15
C VAL E 112 -2.07 4.74 64.22
N ASN E 113 -3.30 5.22 64.44
CA ASN E 113 -3.52 6.19 65.51
C ASN E 113 -3.28 5.56 66.88
N ARG E 114 -3.65 4.29 67.05
CA ARG E 114 -3.35 3.60 68.30
C ARG E 114 -1.86 3.44 68.50
N LEU E 115 -1.11 3.17 67.43
CA LEU E 115 0.34 3.12 67.52
C LEU E 115 0.92 4.46 67.95
N ASP E 116 0.41 5.55 67.36
CA ASP E 116 0.87 6.88 67.76
C ASP E 116 0.55 7.16 69.21
N GLU E 117 -0.65 6.80 69.65
CA GLU E 117 -1.03 6.99 71.05
C GLU E 117 -0.13 6.19 71.98
N LEU E 118 0.20 4.96 71.60
CA LEU E 118 1.16 4.17 72.37
C LEU E 118 2.51 4.86 72.43
N PHE E 119 2.95 5.44 71.32
CA PHE E 119 4.20 6.19 71.29
C PHE E 119 4.09 7.55 71.99
N ARG E 120 2.91 7.92 72.47
CA ARG E 120 2.75 9.06 73.36
C ARG E 120 2.47 8.67 74.81
N GLN E 121 2.56 7.39 75.15
CA GLN E 121 2.20 6.92 76.48
C GLN E 121 3.33 7.19 77.48
N GLY E 122 3.22 6.56 78.65
CA GLY E 122 4.21 6.74 79.70
C GLY E 122 5.33 5.73 79.65
N SER E 123 5.00 4.46 79.42
CA SER E 123 6.02 3.40 79.46
C SER E 123 6.99 3.52 78.29
N PHE E 124 6.47 3.70 77.08
CA PHE E 124 7.36 3.82 75.93
C PHE E 124 8.25 5.05 76.06
N LEU E 125 7.68 6.16 76.54
CA LEU E 125 8.48 7.37 76.69
C LEU E 125 9.50 7.25 77.80
N ARG E 126 9.19 6.55 78.89
CA ARG E 126 10.19 6.39 79.95
C ARG E 126 11.32 5.49 79.47
N GLU E 127 11.00 4.45 78.70
CA GLU E 127 12.07 3.61 78.13
C GLU E 127 12.91 4.41 77.13
N LYS E 128 12.25 5.23 76.29
CA LYS E 128 12.98 6.03 75.32
C LYS E 128 13.89 7.04 76.02
N THR E 129 13.40 7.68 77.08
CA THR E 129 14.23 8.63 77.82
C THR E 129 15.34 7.92 78.57
N GLN E 130 15.13 6.69 79.03
CA GLN E 130 16.23 5.93 79.61
C GLN E 130 17.30 5.64 78.57
N LEU E 131 16.90 5.27 77.36
CA LEU E 131 17.86 5.03 76.28
C LEU E 131 18.64 6.30 75.96
N GLU E 132 17.93 7.42 75.81
CA GLU E 132 18.59 8.69 75.51
C GLU E 132 19.49 9.13 76.66
N ALA E 133 19.08 8.87 77.90
CA ALA E 133 19.92 9.20 79.05
C ALA E 133 21.19 8.37 79.07
N ARG E 134 21.08 7.08 78.71
CA ARG E 134 22.27 6.24 78.62
C ARG E 134 23.23 6.78 77.56
N PHE E 135 22.70 7.12 76.38
CA PHE E 135 23.54 7.65 75.31
C PHE E 135 24.18 8.98 75.73
N LYS E 136 23.40 9.86 76.36
CA LYS E 136 23.92 11.16 76.77
C LYS E 136 24.96 11.01 77.88
N GLU E 137 24.76 10.05 78.78
CA GLU E 137 25.74 9.79 79.82
C GLU E 137 27.04 9.27 79.22
N ALA E 138 26.95 8.37 78.24
CA ALA E 138 28.16 7.89 77.56
C ALA E 138 28.89 9.03 76.88
N ARG E 139 28.14 9.89 76.17
CA ARG E 139 28.76 11.03 75.49
C ARG E 139 29.42 11.98 76.50
N GLU E 140 28.71 12.29 77.59
CA GLU E 140 29.26 13.20 78.59
C GLU E 140 30.51 12.61 79.23
N GLN E 141 30.51 11.31 79.50
CA GLN E 141 31.69 10.66 80.05
C GLN E 141 32.86 10.75 79.09
N GLN E 142 32.60 10.52 77.80
CA GLN E 142 33.67 10.58 76.81
C GLN E 142 34.27 11.98 76.72
N LEU E 143 33.41 13.01 76.63
CA LEU E 143 33.91 14.38 76.57
C LEU E 143 34.61 14.80 77.87
N GLU E 144 34.11 14.38 79.03
CA GLU E 144 34.80 14.79 80.26
C GLU E 144 36.14 14.08 80.39
N ALA E 145 36.24 12.82 79.94
CA ALA E 145 37.54 12.17 79.93
C ALA E 145 38.51 12.87 78.97
N LEU E 146 38.01 13.29 77.80
CA LEU E 146 38.86 14.03 76.87
C LEU E 146 39.33 15.34 77.50
N ARG E 147 38.42 16.06 78.16
CA ARG E 147 38.79 17.32 78.78
C ARG E 147 39.79 17.10 79.92
N ARG E 148 39.61 16.03 80.69
CA ARG E 148 40.53 15.73 81.78
C ARG E 148 41.92 15.41 81.25
N GLU E 149 42.01 14.65 80.16
CA GLU E 149 43.31 14.35 79.58
C GLU E 149 43.87 15.50 78.75
N ALA E 150 43.04 16.50 78.43
CA ALA E 150 43.50 17.67 77.68
C ALA E 150 44.05 18.76 78.60
N GLN E 151 43.36 19.03 79.72
CA GLN E 151 43.90 19.97 80.69
C GLN E 151 45.16 19.45 81.36
N GLU E 152 45.44 18.15 81.25
CA GLU E 152 46.72 17.61 81.70
C GLU E 152 47.88 18.24 80.95
N ALA E 153 47.70 18.53 79.66
CA ALA E 153 48.70 19.21 78.85
C ALA E 153 48.47 20.73 78.81
N GLY E 154 47.50 21.23 79.54
CA GLY E 154 47.24 22.66 79.59
C GLY E 154 46.40 23.18 78.45
N PHE E 155 45.21 22.60 78.27
CA PHE E 155 44.30 23.03 77.22
C PHE E 155 42.88 23.04 77.76
N ALA E 156 42.05 23.91 77.18
CA ALA E 156 40.65 24.03 77.55
C ALA E 156 39.78 23.47 76.43
N LEU E 157 38.85 22.59 76.78
CA LEU E 157 37.96 21.98 75.80
C LEU E 157 36.73 22.88 75.61
N SER E 158 36.74 23.65 74.53
CA SER E 158 35.62 24.51 74.20
C SER E 158 34.63 23.76 73.32
N THR E 159 33.36 23.74 73.74
CA THR E 159 32.30 23.05 73.03
C THR E 159 31.44 24.10 72.33
N ASN E 160 31.67 24.25 71.02
CA ASN E 160 30.91 25.19 70.19
C ASN E 160 29.87 24.36 69.42
N GLY E 161 28.66 24.32 69.95
CA GLY E 161 27.63 23.49 69.35
C GLY E 161 28.04 22.04 69.34
N GLU E 162 27.98 21.41 68.17
CA GLU E 162 28.42 20.04 68.02
C GLU E 162 29.94 19.91 67.96
N ARG E 163 30.65 20.99 67.67
CA ARG E 163 32.09 20.94 67.46
C ARG E 163 32.84 21.11 68.79
N LEU E 164 34.02 20.52 68.85
CA LEU E 164 34.90 20.63 70.01
C LEU E 164 36.26 21.14 69.56
N GLU E 165 36.84 22.04 70.36
CA GLU E 165 38.14 22.59 70.05
C GLU E 165 38.99 22.65 71.32
N LEU E 166 40.30 22.71 71.13
CA LEU E 166 41.24 22.86 72.23
C LEU E 166 41.83 24.26 72.17
N THR E 167 41.53 25.08 73.17
CA THR E 167 42.09 26.42 73.30
C THR E 167 43.21 26.37 74.34
N GLY E 168 44.44 26.59 73.89
CA GLY E 168 45.59 26.54 74.75
C GLY E 168 46.64 27.57 74.38
N PRO E 169 47.61 27.78 75.27
CA PRO E 169 48.67 28.77 74.98
C PRO E 169 49.50 28.42 73.75
N GLY E 170 49.69 27.12 73.47
CA GLY E 170 50.50 26.71 72.35
C GLY E 170 49.80 25.73 71.46
N PRO E 171 50.50 25.24 70.43
CA PRO E 171 49.91 24.24 69.53
C PRO E 171 49.54 22.97 70.27
N VAL E 172 48.41 22.38 69.87
CA VAL E 172 47.91 21.16 70.49
C VAL E 172 48.81 19.99 70.14
N PRO E 173 48.97 19.01 71.04
CA PRO E 173 49.75 17.81 70.69
C PRO E 173 49.02 16.97 69.66
N ALA E 174 49.81 16.16 68.93
CA ALA E 174 49.24 15.30 67.90
C ALA E 174 48.26 14.29 68.50
N GLU E 175 48.63 13.68 69.63
CA GLU E 175 47.75 12.70 70.25
C GLU E 175 46.49 13.35 70.82
N LEU E 176 46.60 14.56 71.36
CA LEU E 176 45.41 15.25 71.86
C LEU E 176 44.47 15.61 70.71
N SER E 177 45.01 16.06 69.59
CA SER E 177 44.17 16.32 68.42
C SER E 177 43.53 15.03 67.91
N ALA E 178 44.28 13.93 67.93
CA ALA E 178 43.72 12.64 67.54
C ALA E 178 42.56 12.25 68.45
N ARG E 179 42.72 12.46 69.75
CA ARG E 179 41.64 12.16 70.69
C ARG E 179 40.44 13.07 70.48
N LEU E 180 40.67 14.34 70.18
CA LEU E 180 39.56 15.26 69.90
C LEU E 180 38.79 14.80 68.66
N GLU E 181 39.50 14.46 67.60
CA GLU E 181 38.83 13.97 66.40
C GLU E 181 38.11 12.66 66.67
N GLU E 182 38.70 11.80 67.50
CA GLU E 182 38.07 10.53 67.85
C GLU E 182 36.76 10.76 68.59
N VAL E 183 36.74 11.68 69.55
CA VAL E 183 35.50 11.92 70.29
C VAL E 183 34.48 12.62 69.42
N THR E 184 34.92 13.46 68.47
CA THR E 184 33.96 14.08 67.56
C THR E 184 33.29 13.04 66.66
N LEU E 185 34.10 12.17 66.04
CA LEU E 185 33.56 11.11 65.21
C LEU E 185 32.69 10.15 66.03
N GLY E 186 33.12 9.86 67.26
CA GLY E 186 32.32 9.01 68.12
C GLY E 186 31.01 9.64 68.54
N SER E 187 31.00 10.96 68.74
CA SER E 187 29.75 11.64 69.05
C SER E 187 28.80 11.61 67.86
N LEU E 188 29.31 11.81 66.65
CA LEU E 188 28.46 11.69 65.47
C LEU E 188 27.92 10.26 65.32
N ALA E 189 28.79 9.27 65.51
CA ALA E 189 28.37 7.88 65.42
C ALA E 189 27.37 7.53 66.51
N ALA E 190 27.53 8.13 67.70
CA ALA E 190 26.61 7.89 68.79
C ALA E 190 25.25 8.54 68.55
N SER E 191 25.23 9.70 67.90
CA SER E 191 23.96 10.29 67.49
C SER E 191 23.25 9.41 66.47
N ALA E 192 24.00 8.90 65.49
CA ALA E 192 23.40 7.98 64.52
C ALA E 192 22.91 6.71 65.20
N GLU E 193 23.69 6.18 66.15
CA GLU E 193 23.29 4.99 66.88
C GLU E 193 22.07 5.25 67.76
N LEU E 194 21.98 6.44 68.35
CA LEU E 194 20.78 6.80 69.09
C LEU E 194 19.56 6.84 68.19
N GLU E 195 19.70 7.40 66.99
CA GLU E 195 18.58 7.41 66.06
C GLU E 195 18.15 6.00 65.68
N VAL E 196 19.11 5.14 65.32
CA VAL E 196 18.75 3.79 64.90
C VAL E 196 18.20 2.99 66.09
N ALA E 197 18.70 3.23 67.30
CA ALA E 197 18.18 2.53 68.47
C ALA E 197 16.78 3.00 68.82
N LEU E 198 16.49 4.29 68.62
CA LEU E 198 15.12 4.76 68.79
C LEU E 198 14.19 4.12 67.77
N ARG E 199 14.65 3.99 66.53
CA ARG E 199 13.84 3.31 65.52
C ARG E 199 13.61 1.84 65.89
N ARG E 200 14.65 1.16 66.37
CA ARG E 200 14.50 -0.23 66.80
C ARG E 200 13.54 -0.34 67.97
N LEU E 201 13.64 0.55 68.94
CA LEU E 201 12.73 0.52 70.09
C LEU E 201 11.29 0.77 69.66
N ARG E 202 11.08 1.73 68.76
CA ARG E 202 9.73 1.98 68.25
C ARG E 202 9.18 0.76 67.53
N ARG E 203 10.00 0.13 66.68
CA ARG E 203 9.55 -1.05 65.97
C ARG E 203 9.25 -2.20 66.93
N ASP E 204 10.09 -2.39 67.94
CA ASP E 204 9.87 -3.46 68.90
C ASP E 204 8.59 -3.25 69.69
N TRP E 205 8.36 -2.02 70.17
CA TRP E 205 7.13 -1.73 70.90
C TRP E 205 5.90 -1.88 70.01
N ALA E 206 5.99 -1.42 68.76
CA ALA E 206 4.89 -1.59 67.84
C ALA E 206 4.59 -3.05 67.57
N LEU E 207 5.63 -3.87 67.38
CA LEU E 207 5.42 -5.29 67.14
C LEU E 207 4.82 -5.97 68.36
N HIS E 208 5.29 -5.62 69.55
CA HIS E 208 4.72 -6.20 70.76
C HIS E 208 3.26 -5.82 70.94
N TYR E 209 2.91 -4.57 70.63
CA TYR E 209 1.52 -4.14 70.74
C TYR E 209 0.64 -4.80 69.67
N LEU E 210 1.17 -4.95 68.46
CA LEU E 210 0.39 -5.49 67.35
C LEU E 210 0.29 -7.01 67.38
N ASN E 211 1.14 -7.69 68.15
CA ASN E 211 1.01 -9.13 68.26
C ASN E 211 -0.32 -9.52 68.89
N ASN E 212 -0.72 -8.82 69.96
CA ASN E 212 -2.00 -9.11 70.60
C ASN E 212 -3.19 -8.68 69.76
N ARG E 213 -2.99 -7.75 68.81
CA ARG E 213 -4.05 -7.34 67.91
C ARG E 213 -4.16 -8.24 66.69
N PHE E 214 -3.08 -8.91 66.30
CA PHE E 214 -3.07 -9.77 65.13
C PHE E 214 -3.28 -11.23 65.45
N GLU E 215 -3.04 -11.67 66.70
CA GLU E 215 -3.29 -13.06 67.04
C GLU E 215 -4.76 -13.44 66.86
N PRO E 216 -5.74 -12.69 67.36
CA PRO E 216 -7.14 -13.06 67.07
C PRO E 216 -7.44 -13.06 65.59
N LEU E 217 -6.85 -12.15 64.82
CA LEU E 217 -7.03 -12.17 63.37
C LEU E 217 -6.24 -13.27 62.70
N PHE E 218 -5.11 -13.68 63.28
CA PHE E 218 -4.39 -14.85 62.77
C PHE E 218 -5.19 -16.12 62.93
N GLN E 219 -5.87 -16.31 64.07
CA GLN E 219 -6.73 -17.48 64.22
C GLN E 219 -8.03 -17.34 63.44
N ARG E 220 -8.56 -16.12 63.31
CA ARG E 220 -9.82 -15.93 62.61
C ARG E 220 -9.67 -16.16 61.12
N PHE E 221 -8.53 -15.76 60.54
CA PHE E 221 -8.27 -15.92 59.11
C PHE E 221 -6.92 -16.61 58.93
N PRO E 222 -6.87 -17.93 59.16
CA PRO E 222 -5.62 -18.66 58.94
C PRO E 222 -5.15 -18.63 57.50
N GLN E 223 -6.06 -18.51 56.53
CA GLN E 223 -5.67 -18.44 55.14
C GLN E 223 -4.98 -17.12 54.81
N ALA E 224 -5.35 -16.04 55.50
CA ALA E 224 -4.77 -14.72 55.29
C ALA E 224 -3.52 -14.49 56.12
N ARG E 225 -2.82 -15.56 56.52
CA ARG E 225 -1.66 -15.41 57.38
C ARG E 225 -0.58 -14.56 56.72
N ALA E 226 -0.29 -14.82 55.44
CA ALA E 226 0.74 -14.07 54.74
C ALA E 226 0.38 -12.60 54.62
N TYR E 227 -0.86 -12.31 54.20
CA TYR E 227 -1.27 -10.92 54.02
C TYR E 227 -1.32 -10.18 55.35
N LEU E 228 -1.83 -10.83 56.40
CA LEU E 228 -1.87 -10.19 57.71
C LEU E 228 -0.47 -9.95 58.25
N GLU E 229 0.45 -10.89 58.05
CA GLU E 229 1.83 -10.68 58.46
C GLU E 229 2.46 -9.53 57.69
N ALA E 230 2.18 -9.43 56.39
CA ALA E 230 2.69 -8.32 55.59
C ALA E 230 2.13 -6.99 56.09
N LEU E 231 0.84 -6.96 56.42
CA LEU E 231 0.23 -5.73 56.93
C LEU E 231 0.81 -5.35 58.28
N ARG E 232 1.08 -6.34 59.15
CA ARG E 232 1.72 -6.05 60.43
C ARG E 232 3.13 -5.51 60.23
N ALA E 233 3.88 -6.07 59.26
CA ALA E 233 5.21 -5.55 58.97
C ALA E 233 5.13 -4.13 58.45
N ARG E 234 4.13 -3.82 57.61
CA ARG E 234 3.95 -2.46 57.14
C ARG E 234 3.60 -1.51 58.28
N LEU E 235 2.75 -1.95 59.21
CA LEU E 235 2.43 -1.14 60.38
C LEU E 235 3.67 -0.87 61.22
N ALA E 236 4.52 -1.89 61.42
CA ALA E 236 5.76 -1.70 62.16
C ALA E 236 6.70 -0.74 61.44
N ARG E 237 6.79 -0.83 60.12
CA ARG E 237 7.66 0.09 59.38
C ARG E 237 7.12 1.51 59.44
N TYR E 238 5.80 1.67 59.41
CA TYR E 238 5.22 2.99 59.65
C TYR E 238 5.58 3.50 61.04
N ALA E 239 5.51 2.62 62.04
CA ALA E 239 5.82 3.02 63.40
C ALA E 239 7.25 3.49 63.55
N GLU E 240 8.20 2.78 62.92
CA GLU E 240 9.61 3.13 63.09
C GLU E 240 10.01 4.30 62.19
N THR E 241 9.80 4.18 60.88
CA THR E 241 10.22 5.21 59.94
C THR E 241 9.31 6.43 59.93
N GLY E 242 8.03 6.26 60.24
CA GLY E 242 7.09 7.36 60.25
C GLY E 242 6.46 7.69 58.92
N GLU E 243 6.82 6.99 57.85
CA GLU E 243 6.22 7.27 56.55
C GLU E 243 4.74 6.88 56.57
N PRO E 244 3.87 7.68 55.94
CA PRO E 244 2.44 7.41 56.01
C PRO E 244 2.07 6.11 55.32
N LEU E 245 1.00 5.49 55.82
CA LEU E 245 0.46 4.25 55.28
C LEU E 245 -0.79 4.60 54.48
N ASP E 246 -0.77 4.31 53.18
CA ASP E 246 -1.92 4.59 52.35
C ASP E 246 -2.96 3.48 52.53
N PRO E 247 -4.16 3.78 53.02
CA PRO E 247 -5.17 2.73 53.18
C PRO E 247 -5.56 2.09 51.86
N ALA E 248 -5.57 2.85 50.77
CA ALA E 248 -5.95 2.32 49.47
C ALA E 248 -4.92 1.36 48.88
N GLN E 249 -3.70 1.33 49.41
CA GLN E 249 -2.69 0.41 48.95
C GLN E 249 -2.62 -0.87 49.76
N TRP E 250 -3.32 -0.95 50.89
CA TRP E 250 -3.28 -2.13 51.74
C TRP E 250 -4.66 -2.70 52.05
N ARG E 251 -5.72 -2.11 51.53
CA ARG E 251 -7.03 -2.71 51.66
C ARG E 251 -7.14 -3.94 50.75
N PRO E 252 -7.75 -5.03 51.22
CA PRO E 252 -7.94 -6.19 50.36
C PRO E 252 -8.98 -5.89 49.29
N ASN E 253 -8.68 -6.28 48.05
CA ASN E 253 -9.57 -5.99 46.93
C ASN E 253 -10.61 -7.10 46.83
N LEU E 254 -11.82 -6.79 47.28
CA LEU E 254 -12.94 -7.75 47.22
C LEU E 254 -13.53 -7.70 45.81
N LEU E 255 -12.88 -8.45 44.90
CA LEU E 255 -13.32 -8.48 43.51
C LEU E 255 -14.75 -9.01 43.40
N THR E 256 -15.01 -10.15 44.02
CA THR E 256 -16.28 -10.84 43.88
C THR E 256 -17.23 -10.41 45.00
N SER E 257 -18.36 -11.11 45.11
CA SER E 257 -19.26 -11.00 46.24
C SER E 257 -19.58 -12.41 46.72
N SER E 258 -19.79 -12.56 48.02
CA SER E 258 -20.06 -13.87 48.58
C SER E 258 -21.34 -14.45 47.99
N SER E 259 -21.21 -15.49 47.17
CA SER E 259 -22.35 -16.11 46.52
C SER E 259 -22.75 -17.38 47.26
N SER E 260 -24.06 -17.55 47.43
CA SER E 260 -24.56 -18.73 48.14
C SER E 260 -24.43 -20.01 47.32
N GLY E 261 -24.16 -19.89 46.02
CA GLY E 261 -24.09 -21.05 45.16
C GLY E 261 -25.43 -21.56 44.68
N THR E 262 -26.52 -20.86 45.00
CA THR E 262 -27.85 -21.23 44.58
C THR E 262 -28.70 -19.98 44.44
N PRO E 263 -28.80 -19.39 43.23
CA PRO E 263 -28.18 -19.85 41.98
C PRO E 263 -26.68 -19.61 41.92
N PRO E 264 -25.96 -20.37 41.09
CA PRO E 264 -24.52 -20.19 40.97
C PRO E 264 -24.20 -18.88 40.29
N PRO E 265 -22.96 -18.40 40.39
CA PRO E 265 -22.59 -17.18 39.66
C PRO E 265 -22.70 -17.38 38.16
N ILE E 266 -23.67 -16.71 37.55
CA ILE E 266 -23.92 -16.81 36.11
C ILE E 266 -23.55 -15.47 35.50
N VAL E 267 -22.54 -15.45 34.65
CA VAL E 267 -22.03 -14.23 34.05
C VAL E 267 -22.15 -14.38 32.54
N TYR E 268 -23.12 -13.69 31.95
CA TYR E 268 -23.24 -13.60 30.50
C TYR E 268 -22.53 -12.33 30.06
N GLU E 269 -21.38 -12.49 29.39
CA GLU E 269 -20.61 -11.37 28.88
C GLU E 269 -20.77 -11.33 27.36
N PRO E 270 -21.75 -10.58 26.84
CA PRO E 270 -21.95 -10.57 25.39
C PRO E 270 -20.80 -9.94 24.63
N TYR E 271 -19.94 -9.18 25.29
CA TYR E 271 -18.87 -8.44 24.64
C TYR E 271 -17.56 -8.91 25.27
N ALA E 272 -16.97 -9.94 24.68
CA ALA E 272 -15.82 -10.63 25.29
C ALA E 272 -14.54 -9.87 24.97
N THR E 273 -14.46 -8.65 25.49
CA THR E 273 -13.29 -7.81 25.36
C THR E 273 -12.38 -8.02 26.56
N ALA E 274 -11.07 -7.96 26.34
CA ALA E 274 -10.11 -8.35 27.37
C ALA E 274 -10.29 -7.62 28.70
N PRO E 275 -10.45 -6.28 28.76
CA PRO E 275 -10.77 -5.65 30.06
C PRO E 275 -12.08 -6.13 30.63
N ARG E 276 -13.06 -6.40 29.77
CA ARG E 276 -14.36 -6.87 30.24
C ARG E 276 -14.32 -8.31 30.74
N LEU E 277 -13.45 -9.15 30.17
CA LEU E 277 -13.37 -10.53 30.58
C LEU E 277 -12.44 -10.70 31.79
N PHE E 278 -11.19 -10.29 31.64
CA PHE E 278 -10.14 -10.58 32.61
C PHE E 278 -9.99 -9.50 33.66
N GLY E 279 -10.79 -8.43 33.59
CA GLY E 279 -10.64 -7.32 34.49
C GLY E 279 -9.49 -6.41 34.09
N ARG E 280 -9.66 -5.11 34.27
CA ARG E 280 -8.65 -4.13 33.90
C ARG E 280 -7.92 -3.62 35.13
N LEU E 281 -6.60 -3.50 35.01
CA LEU E 281 -5.77 -2.95 36.07
C LEU E 281 -5.67 -1.44 35.87
N ASP E 282 -6.53 -0.71 36.58
CA ASP E 282 -6.56 0.74 36.44
C ASP E 282 -5.26 1.35 36.95
N TYR E 283 -4.88 2.47 36.34
CA TYR E 283 -3.67 3.18 36.68
C TYR E 283 -4.00 4.62 37.05
N LEU E 284 -3.15 5.21 37.90
CA LEU E 284 -3.32 6.58 38.35
C LEU E 284 -2.09 7.38 37.95
N VAL E 285 -2.32 8.58 37.42
CA VAL E 285 -1.25 9.48 37.00
C VAL E 285 -1.12 10.59 38.02
N ASP E 286 0.04 10.67 38.66
CA ASP E 286 0.36 11.72 39.62
C ASP E 286 1.44 12.61 39.01
N ARG E 287 1.03 13.81 38.59
CA ARG E 287 1.95 14.82 38.08
C ARG E 287 2.69 14.37 36.83
N GLY E 288 2.35 13.19 36.32
CA GLY E 288 3.02 12.67 35.14
C GLY E 288 3.55 11.25 35.31
N VAL E 289 3.72 10.81 36.56
CA VAL E 289 4.23 9.48 36.83
C VAL E 289 3.06 8.53 37.00
N TRP E 290 3.27 7.26 36.66
CA TRP E 290 2.24 6.25 36.73
C TRP E 290 2.40 5.40 37.98
N SER E 291 1.28 5.16 38.67
CA SER E 291 1.29 4.33 39.87
C SER E 291 -0.10 3.77 40.09
N THR E 292 -0.16 2.54 40.57
CA THR E 292 -1.42 1.88 40.87
C THR E 292 -1.27 1.02 42.11
N ASN E 293 -2.40 0.75 42.75
CA ASN E 293 -2.46 -0.05 43.96
C ASN E 293 -3.44 -1.19 43.79
N VAL E 294 -3.55 -2.01 44.84
CA VAL E 294 -4.41 -3.19 44.78
C VAL E 294 -5.87 -2.81 44.60
N SER E 295 -6.27 -1.64 45.07
CA SER E 295 -7.67 -1.24 45.10
C SER E 295 -8.19 -0.74 43.75
N LEU E 296 -7.30 -0.58 42.75
CA LEU E 296 -7.74 -0.18 41.43
C LEU E 296 -7.93 -1.34 40.46
N ILE E 297 -7.71 -2.57 40.89
CA ILE E 297 -7.96 -3.71 40.02
C ILE E 297 -9.47 -3.90 39.89
N ARG E 298 -9.96 -3.81 38.65
CA ARG E 298 -11.39 -3.97 38.43
C ARG E 298 -11.74 -5.43 38.18
N PRO E 299 -12.87 -5.90 38.70
CA PRO E 299 -13.29 -7.28 38.43
C PRO E 299 -13.95 -7.39 37.06
N GLY E 300 -13.50 -8.35 36.28
CA GLY E 300 -14.05 -8.62 34.96
C GLY E 300 -15.13 -9.67 35.00
N ALA E 301 -15.41 -10.26 33.83
CA ALA E 301 -16.37 -11.34 33.73
C ALA E 301 -15.85 -12.63 34.34
N VAL E 302 -14.54 -12.89 34.22
CA VAL E 302 -13.96 -14.09 34.81
C VAL E 302 -14.06 -14.07 36.33
N HIS E 303 -13.76 -12.92 36.95
CA HIS E 303 -13.83 -12.80 38.40
C HIS E 303 -15.25 -13.05 38.91
N ARG E 304 -16.25 -12.45 38.26
CA ARG E 304 -17.63 -12.60 38.71
C ARG E 304 -18.17 -14.01 38.49
N ALA E 305 -17.47 -14.84 37.71
CA ALA E 305 -17.95 -16.17 37.37
C ALA E 305 -17.25 -17.27 38.17
N GLN E 306 -16.55 -16.91 39.24
CA GLN E 306 -15.86 -17.90 40.05
C GLN E 306 -16.86 -18.86 40.70
N GLY E 307 -16.56 -20.14 40.60
CA GLY E 307 -17.46 -21.16 41.12
C GLY E 307 -18.79 -21.22 40.40
N GLY E 308 -18.87 -20.64 39.20
CA GLY E 308 -20.10 -20.61 38.45
C GLY E 308 -19.88 -20.82 36.97
N TYR E 309 -20.62 -20.08 36.14
CA TYR E 309 -20.60 -20.27 34.70
C TYR E 309 -20.39 -18.93 34.01
N LEU E 310 -19.49 -18.90 33.03
CA LEU E 310 -19.27 -17.72 32.20
C LEU E 310 -19.81 -18.02 30.82
N ILE E 311 -20.94 -17.41 30.49
CA ILE E 311 -21.61 -17.62 29.20
C ILE E 311 -21.06 -16.57 28.24
N LEU E 312 -20.34 -17.03 27.22
CA LEU E 312 -19.72 -16.15 26.25
C LEU E 312 -20.35 -16.36 24.88
N ASP E 313 -19.93 -15.55 23.92
CA ASP E 313 -20.38 -15.66 22.53
C ASP E 313 -19.16 -15.78 21.64
N ALA E 314 -19.03 -16.91 20.94
CA ALA E 314 -17.90 -17.10 20.04
C ALA E 314 -17.84 -16.00 18.98
N LEU E 315 -19.01 -15.48 18.59
CA LEU E 315 -19.04 -14.32 17.70
C LEU E 315 -18.27 -13.15 18.30
N SER E 316 -18.48 -12.87 19.59
CA SER E 316 -17.74 -11.82 20.25
C SER E 316 -16.29 -12.23 20.51
N LEU E 317 -16.04 -13.51 20.73
CA LEU E 317 -14.67 -13.96 20.95
C LEU E 317 -13.80 -13.76 19.73
N LYS E 318 -14.33 -14.00 18.53
CA LYS E 318 -13.56 -13.78 17.31
C LYS E 318 -13.65 -12.36 16.79
N ARG E 319 -14.74 -11.65 17.09
CA ARG E 319 -14.90 -10.28 16.64
C ARG E 319 -13.93 -9.33 17.32
N GLU E 320 -13.48 -9.66 18.53
CA GLU E 320 -12.61 -8.77 19.30
C GLU E 320 -11.23 -9.37 19.53
N GLY E 321 -10.92 -10.47 18.86
CA GLY E 321 -9.57 -11.03 18.87
C GLY E 321 -9.09 -11.53 20.21
N THR E 322 -10.02 -11.75 21.14
CA THR E 322 -9.67 -12.20 22.48
C THR E 322 -9.64 -13.72 22.59
N TRP E 323 -9.83 -14.44 21.49
CA TRP E 323 -9.87 -15.90 21.56
C TRP E 323 -8.52 -16.47 22.00
N GLU E 324 -7.41 -15.87 21.55
CA GLU E 324 -6.10 -16.42 21.88
C GLU E 324 -5.79 -16.24 23.36
N ALA E 325 -6.02 -15.04 23.91
CA ALA E 325 -5.76 -14.81 25.32
C ALA E 325 -6.67 -15.64 26.20
N PHE E 326 -7.94 -15.76 25.82
CA PHE E 326 -8.89 -16.57 26.58
C PHE E 326 -8.51 -18.04 26.52
N LYS E 327 -8.05 -18.50 25.36
CA LYS E 327 -7.46 -19.83 25.21
C LYS E 327 -6.30 -20.03 26.15
N ARG E 328 -5.39 -19.06 26.23
CA ARG E 328 -4.25 -19.17 27.11
C ARG E 328 -4.70 -19.27 28.57
N ALA E 329 -5.66 -18.44 28.96
CA ALA E 329 -6.16 -18.44 30.33
C ALA E 329 -6.80 -19.77 30.69
N LEU E 330 -7.60 -20.32 29.77
CA LEU E 330 -8.21 -21.62 30.03
C LEU E 330 -7.16 -22.73 30.07
N ARG E 331 -6.10 -22.61 29.28
CA ARG E 331 -5.09 -23.67 29.22
C ARG E 331 -4.26 -23.70 30.50
N ASN E 332 -3.71 -22.56 30.90
CA ASN E 332 -2.87 -22.57 32.10
C ASN E 332 -3.69 -22.53 33.39
N GLY E 333 -4.99 -22.23 33.32
CA GLY E 333 -5.81 -22.20 34.50
C GLY E 333 -5.67 -20.95 35.34
N GLN E 334 -4.91 -19.96 34.88
CA GLN E 334 -4.70 -18.73 35.61
C GLN E 334 -4.73 -17.56 34.64
N VAL E 335 -5.00 -16.37 35.16
CA VAL E 335 -5.05 -15.17 34.33
C VAL E 335 -4.82 -13.96 35.21
N GLU E 336 -4.03 -13.01 34.70
CA GLU E 336 -3.83 -11.73 35.37
C GLU E 336 -4.67 -10.66 34.68
N PRO E 337 -5.11 -9.63 35.41
CA PRO E 337 -5.84 -8.54 34.76
C PRO E 337 -4.96 -7.83 33.74
N VAL E 338 -5.59 -7.30 32.70
CA VAL E 338 -4.87 -6.70 31.59
C VAL E 338 -4.08 -5.49 32.10
N THR E 339 -2.83 -5.38 31.63
CA THR E 339 -1.94 -4.30 32.03
C THR E 339 -1.67 -3.39 30.83
N GLU E 340 -1.84 -2.09 31.04
CA GLU E 340 -1.63 -1.11 29.99
C GLU E 340 -0.15 -0.78 29.87
N PRO E 341 0.43 -0.89 28.67
CA PRO E 341 1.87 -0.59 28.51
C PRO E 341 2.23 0.86 28.77
N GLN E 342 1.25 1.77 28.79
CA GLN E 342 1.54 3.18 29.02
C GLN E 342 2.16 3.43 30.39
N ALA E 343 1.91 2.57 31.37
CA ALA E 343 2.49 2.72 32.69
C ALA E 343 3.83 1.99 32.75
N PRO E 344 4.94 2.70 32.95
CA PRO E 344 6.25 2.01 33.01
C PRO E 344 6.40 1.10 34.21
N ALA E 345 5.72 1.39 35.31
CA ALA E 345 5.83 0.58 36.52
C ALA E 345 4.44 0.21 37.00
N GLY E 346 4.28 -1.02 37.47
CA GLY E 346 2.99 -1.49 37.92
C GLY E 346 3.07 -2.56 38.98
N LEU E 347 1.98 -3.30 39.16
CA LEU E 347 1.91 -4.33 40.19
C LEU E 347 2.21 -5.70 39.59
N GLU E 348 2.85 -6.54 40.39
CA GLU E 348 3.08 -7.93 39.98
C GLU E 348 1.97 -8.81 40.55
N VAL E 349 0.78 -8.59 40.00
CA VAL E 349 -0.42 -9.27 40.47
C VAL E 349 -0.29 -10.77 40.22
N GLU E 350 -0.54 -11.56 41.25
CA GLU E 350 -0.57 -13.01 41.08
C GLU E 350 -1.71 -13.39 40.13
N PRO E 351 -1.47 -14.31 39.19
CA PRO E 351 -2.54 -14.68 38.25
C PRO E 351 -3.76 -15.23 38.96
N PHE E 352 -4.93 -14.78 38.55
CA PHE E 352 -6.16 -15.18 39.20
C PHE E 352 -6.55 -16.59 38.77
N PRO E 353 -6.75 -17.52 39.70
CA PRO E 353 -7.16 -18.88 39.31
C PRO E 353 -8.53 -18.88 38.66
N ILE E 354 -8.72 -19.81 37.74
CA ILE E 354 -9.98 -19.96 37.01
C ILE E 354 -10.67 -21.22 37.53
N GLN E 355 -11.74 -21.03 38.30
CA GLN E 355 -12.56 -22.12 38.81
C GLN E 355 -13.93 -22.14 38.16
N MET E 356 -14.09 -21.44 37.04
CA MET E 356 -15.35 -21.30 36.35
C MET E 356 -15.53 -22.37 35.28
N GLN E 357 -16.74 -22.45 34.74
CA GLN E 357 -17.04 -23.24 33.56
C GLN E 357 -17.49 -22.32 32.46
N VAL E 358 -16.87 -22.42 31.29
CA VAL E 358 -17.21 -21.57 30.16
C VAL E 358 -18.24 -22.28 29.30
N ILE E 359 -19.25 -21.53 28.87
CA ILE E 359 -20.30 -22.05 28.00
C ILE E 359 -20.42 -21.08 26.83
N LEU E 360 -19.73 -21.39 25.73
CA LEU E 360 -19.83 -20.56 24.54
C LEU E 360 -21.20 -20.73 23.90
N VAL E 361 -21.76 -19.63 23.39
CA VAL E 361 -23.04 -19.66 22.72
C VAL E 361 -22.91 -18.97 21.37
N GLY E 362 -23.43 -19.61 20.33
CA GLY E 362 -23.38 -19.02 19.01
C GLY E 362 -23.98 -19.96 17.99
N THR E 363 -23.88 -19.53 16.74
CA THR E 363 -24.36 -20.23 15.56
C THR E 363 -23.29 -21.16 15.01
N PRO E 364 -23.67 -22.16 14.21
CA PRO E 364 -22.64 -23.05 13.63
C PRO E 364 -21.61 -22.32 12.81
N GLU E 365 -21.99 -21.31 12.04
CA GLU E 365 -21.00 -20.53 11.29
C GLU E 365 -20.14 -19.71 12.23
N ALA E 366 -20.66 -19.32 13.40
CA ALA E 366 -19.83 -18.65 14.39
C ALA E 366 -18.76 -19.58 14.96
N PHE E 367 -19.07 -20.87 15.07
CA PHE E 367 -18.12 -21.85 15.58
C PHE E 367 -17.28 -22.50 14.50
N GLU E 368 -17.54 -22.22 13.21
CA GLU E 368 -16.70 -22.78 12.16
C GLU E 368 -15.25 -22.35 12.31
N GLY E 369 -15.00 -21.08 12.62
CA GLY E 369 -13.65 -20.60 12.82
C GLY E 369 -12.98 -21.18 14.05
N LEU E 370 -13.75 -21.34 15.13
CA LEU E 370 -13.18 -21.82 16.38
C LEU E 370 -12.88 -23.32 16.33
N GLU E 371 -13.75 -24.11 15.70
CA GLU E 371 -13.53 -25.55 15.65
C GLU E 371 -12.31 -25.92 14.80
N GLU E 372 -11.84 -25.01 13.96
CA GLU E 372 -10.62 -25.29 13.19
C GLU E 372 -9.42 -25.44 14.10
N ASP E 373 -9.36 -24.67 15.18
CA ASP E 373 -8.27 -24.80 16.13
C ASP E 373 -8.37 -26.15 16.84
N PRO E 374 -7.33 -26.99 16.78
CA PRO E 374 -7.41 -28.31 17.42
C PRO E 374 -7.55 -28.26 18.94
N ALA E 375 -7.11 -27.19 19.59
CA ALA E 375 -7.22 -27.11 21.05
C ALA E 375 -8.63 -26.71 21.50
N PHE E 376 -9.39 -26.02 20.64
CA PHE E 376 -10.79 -25.74 20.97
C PHE E 376 -11.56 -27.04 21.16
N SER E 377 -11.29 -28.04 20.31
CA SER E 377 -11.89 -29.35 20.49
C SER E 377 -11.37 -30.06 21.74
N GLU E 378 -10.30 -29.54 22.37
CA GLU E 378 -9.76 -30.11 23.59
C GLU E 378 -10.21 -29.40 24.85
N LEU E 379 -10.47 -28.09 24.78
CA LEU E 379 -10.98 -27.38 25.94
C LEU E 379 -12.49 -27.57 26.08
N PHE E 380 -13.22 -27.45 24.97
CA PHE E 380 -14.67 -27.57 24.95
C PHE E 380 -15.01 -28.96 24.39
N ARG E 381 -15.07 -29.95 25.28
CA ARG E 381 -15.36 -31.31 24.86
C ARG E 381 -16.84 -31.52 24.58
N ILE E 382 -17.72 -30.84 25.31
CA ILE E 382 -19.15 -31.05 25.21
C ILE E 382 -19.74 -30.07 24.21
N ARG E 383 -20.56 -30.59 23.28
CA ARG E 383 -21.24 -29.79 22.27
C ARG E 383 -22.74 -29.90 22.54
N ALA E 384 -23.36 -28.79 22.91
CA ALA E 384 -24.80 -28.73 23.16
C ALA E 384 -25.45 -28.08 21.94
N GLU E 385 -25.71 -28.89 20.92
CA GLU E 385 -26.25 -28.39 19.66
C GLU E 385 -27.77 -28.29 19.75
N PHE E 386 -28.31 -27.20 19.23
CA PHE E 386 -29.74 -26.94 19.26
C PHE E 386 -30.37 -27.30 17.93
N SER E 387 -31.41 -28.12 17.97
CA SER E 387 -32.14 -28.47 16.76
C SER E 387 -32.86 -27.25 16.22
N PRO E 388 -32.80 -27.01 14.90
CA PRO E 388 -33.58 -25.91 14.33
C PRO E 388 -35.09 -26.11 14.43
N THR E 389 -35.55 -27.32 14.73
CA THR E 389 -36.98 -27.60 14.85
C THR E 389 -37.21 -28.52 16.04
N LEU E 390 -38.44 -28.46 16.55
CA LEU E 390 -38.95 -29.38 17.56
C LEU E 390 -39.94 -30.34 16.93
N PRO E 391 -40.09 -31.55 17.48
CA PRO E 391 -41.17 -32.43 17.01
C PRO E 391 -42.53 -31.79 17.24
N ALA E 392 -43.44 -31.99 16.30
CA ALA E 392 -44.79 -31.46 16.40
C ALA E 392 -45.65 -32.50 17.11
N SER E 393 -45.74 -32.37 18.42
CA SER E 393 -46.50 -33.27 19.27
C SER E 393 -47.37 -32.46 20.22
N PRO E 394 -48.47 -33.03 20.70
CA PRO E 394 -49.28 -32.31 21.71
C PRO E 394 -48.49 -31.93 22.95
N GLU E 395 -47.53 -32.75 23.35
CA GLU E 395 -46.67 -32.39 24.48
C GLU E 395 -45.88 -31.13 24.18
N ASN E 396 -45.32 -31.03 22.97
CA ASN E 396 -44.56 -29.84 22.60
C ASN E 396 -45.46 -28.62 22.44
N CYS E 397 -46.69 -28.80 21.96
CA CYS E 397 -47.63 -27.68 21.90
C CYS E 397 -47.98 -27.18 23.30
N THR E 398 -48.20 -28.11 24.23
CA THR E 398 -48.44 -27.73 25.62
C THR E 398 -47.24 -27.00 26.21
N ALA E 399 -46.03 -27.48 25.91
CA ALA E 399 -44.83 -26.80 26.37
C ALA E 399 -44.74 -25.39 25.80
N LEU E 400 -45.07 -25.23 24.53
CA LEU E 400 -45.07 -23.89 23.93
C LEU E 400 -46.10 -22.99 24.59
N GLY E 401 -47.28 -23.52 24.90
CA GLY E 401 -48.29 -22.71 25.57
C GLY E 401 -47.87 -22.28 26.96
N GLY E 402 -47.31 -23.21 27.73
CA GLY E 402 -46.79 -22.85 29.03
C GLY E 402 -45.65 -21.85 28.94
N TRP E 403 -44.80 -21.99 27.93
CA TRP E 403 -43.69 -21.07 27.75
C TRP E 403 -44.19 -19.67 27.40
N LEU E 404 -45.21 -19.58 26.56
CA LEU E 404 -45.81 -18.29 26.23
C LEU E 404 -46.47 -17.67 27.46
N LEU E 405 -47.14 -18.49 28.27
CA LEU E 405 -47.71 -17.98 29.51
C LEU E 405 -46.62 -17.46 30.45
N ALA E 406 -45.50 -18.18 30.54
CA ALA E 406 -44.38 -17.73 31.35
C ALA E 406 -43.72 -16.49 30.79
N GLN E 407 -43.87 -16.22 29.50
CA GLN E 407 -43.31 -15.01 28.92
C GLN E 407 -44.19 -13.79 29.09
N GLY E 408 -45.36 -13.94 29.72
CA GLY E 408 -46.25 -12.83 29.95
C GLY E 408 -47.38 -12.67 28.97
N PHE E 409 -47.88 -13.76 28.39
CA PHE E 409 -48.95 -13.70 27.42
C PHE E 409 -50.20 -14.39 27.95
N GLN E 410 -51.35 -13.87 27.57
CA GLN E 410 -52.63 -14.51 27.83
C GLN E 410 -53.17 -15.05 26.51
N LEU E 411 -53.50 -16.33 26.48
CA LEU E 411 -53.89 -16.97 25.23
C LEU E 411 -54.90 -18.07 25.53
N THR E 412 -55.83 -18.25 24.60
CA THR E 412 -56.83 -19.30 24.69
C THR E 412 -56.31 -20.57 24.01
N GLN E 413 -57.12 -21.63 24.04
CA GLN E 413 -56.73 -22.86 23.36
C GLN E 413 -56.63 -22.66 21.86
N GLY E 414 -57.56 -21.92 21.27
CA GLY E 414 -57.50 -21.65 19.84
C GLY E 414 -56.29 -20.81 19.45
N GLY E 415 -55.95 -19.81 20.26
CA GLY E 415 -54.76 -19.02 19.97
C GLY E 415 -53.49 -19.84 20.07
N LEU E 416 -53.41 -20.72 21.07
CA LEU E 416 -52.27 -21.62 21.18
C LEU E 416 -52.18 -22.55 19.99
N THR E 417 -53.33 -23.09 19.56
CA THR E 417 -53.34 -23.96 18.38
C THR E 417 -52.88 -23.21 17.14
N ARG E 418 -53.34 -21.97 16.96
CA ARG E 418 -52.93 -21.18 15.80
C ARG E 418 -51.44 -20.87 15.83
N LEU E 419 -50.92 -20.50 17.01
CA LEU E 419 -49.48 -20.26 17.13
C LEU E 419 -48.67 -21.53 16.87
N TYR E 420 -49.16 -22.68 17.36
CA TYR E 420 -48.53 -23.96 17.09
C TYR E 420 -48.50 -24.27 15.59
N ASP E 421 -49.62 -24.04 14.90
CA ASP E 421 -49.67 -24.28 13.46
C ASP E 421 -48.73 -23.35 12.71
N GLU E 422 -48.70 -22.07 13.09
CA GLU E 422 -47.79 -21.15 12.44
C GLU E 422 -46.32 -21.50 12.72
N ALA E 423 -46.01 -21.98 13.93
CA ALA E 423 -44.65 -22.44 14.20
C ALA E 423 -44.29 -23.64 13.34
N ARG E 424 -45.23 -24.57 13.14
CA ARG E 424 -44.99 -25.68 12.24
C ARG E 424 -44.77 -25.19 10.81
N ARG E 425 -45.55 -24.20 10.38
CA ARG E 425 -45.41 -23.68 9.03
C ARG E 425 -44.09 -22.94 8.84
N MET E 426 -43.61 -22.23 9.86
CA MET E 426 -42.33 -21.55 9.77
C MET E 426 -41.18 -22.54 9.57
N ALA E 427 -41.27 -23.72 10.18
CA ALA E 427 -40.32 -24.78 9.92
C ALA E 427 -40.50 -25.40 8.54
N GLU E 428 -41.59 -25.07 7.86
CA GLU E 428 -41.89 -25.59 6.52
C GLU E 428 -41.90 -27.12 6.56
N GLN E 429 -42.45 -27.67 7.64
CA GLN E 429 -42.54 -29.11 7.83
C GLN E 429 -43.83 -29.45 8.55
N ARG E 430 -44.54 -30.46 8.04
CA ARG E 430 -45.85 -30.79 8.58
C ARG E 430 -45.75 -31.27 10.03
N ASP E 431 -44.75 -32.10 10.33
CA ASP E 431 -44.63 -32.74 11.65
C ASP E 431 -43.45 -32.20 12.45
N ARG E 432 -43.01 -30.98 12.17
CA ARG E 432 -41.93 -30.35 12.92
C ARG E 432 -42.26 -28.86 13.06
N MET E 433 -42.32 -28.38 14.30
CA MET E 433 -42.49 -26.95 14.52
C MET E 433 -41.14 -26.27 14.52
N ASP E 434 -41.15 -24.96 14.28
CA ASP E 434 -39.92 -24.19 14.35
C ASP E 434 -39.42 -24.13 15.79
N ALA E 435 -38.12 -24.24 15.96
CA ALA E 435 -37.50 -24.09 17.27
C ALA E 435 -37.21 -22.65 17.63
N ARG E 436 -37.30 -21.74 16.67
CA ARG E 436 -37.01 -20.33 16.92
C ARG E 436 -38.12 -19.73 17.77
N LEU E 437 -37.98 -19.83 19.09
CA LEU E 437 -38.99 -19.31 20.01
C LEU E 437 -39.04 -17.79 20.02
N VAL E 438 -37.95 -17.12 19.61
CA VAL E 438 -37.93 -15.67 19.58
C VAL E 438 -38.89 -15.15 18.52
N GLU E 439 -38.89 -15.78 17.35
CA GLU E 439 -39.84 -15.41 16.31
C GLU E 439 -41.26 -15.68 16.76
N ILE E 440 -41.48 -16.77 17.51
CA ILE E 440 -42.81 -17.04 18.03
C ILE E 440 -43.22 -15.97 19.04
N ARG E 441 -42.28 -15.47 19.86
CA ARG E 441 -42.64 -14.35 20.74
C ARG E 441 -42.99 -13.11 19.96
N ALA E 442 -42.27 -12.84 18.88
CA ALA E 442 -42.60 -11.66 18.08
C ALA E 442 -43.99 -11.78 17.49
N LEU E 443 -44.32 -12.96 16.95
CA LEU E 443 -45.65 -13.17 16.39
C LEU E 443 -46.72 -13.07 17.48
N ALA E 444 -46.43 -13.61 18.67
CA ALA E 444 -47.39 -13.52 19.77
C ALA E 444 -47.55 -12.09 20.27
N GLU E 445 -46.47 -11.30 20.27
CA GLU E 445 -46.56 -9.90 20.63
C GLU E 445 -47.47 -9.16 19.66
N GLU E 446 -47.26 -9.38 18.35
CA GLU E 446 -48.12 -8.74 17.37
C GLU E 446 -49.56 -9.20 17.51
N ALA E 447 -49.79 -10.48 17.77
CA ALA E 447 -51.15 -10.98 17.98
C ALA E 447 -51.80 -10.37 19.21
N ALA E 448 -51.04 -10.19 20.30
CA ALA E 448 -51.57 -9.56 21.49
C ALA E 448 -51.93 -8.09 21.23
N VAL E 449 -51.08 -7.39 20.48
CA VAL E 449 -51.38 -6.00 20.13
C VAL E 449 -52.64 -5.92 19.28
N LEU E 450 -52.77 -6.82 18.31
CA LEU E 450 -53.95 -6.80 17.45
C LEU E 450 -55.19 -7.39 18.09
N GLY E 451 -55.06 -8.03 19.25
CA GLY E 451 -56.21 -8.63 19.90
C GLY E 451 -56.45 -8.10 21.29
N GLY E 452 -55.62 -7.16 21.73
CA GLY E 452 -55.79 -6.57 23.05
C GLY E 452 -55.20 -7.39 24.17
N GLY E 453 -53.98 -7.87 23.98
CA GLY E 453 -53.29 -8.62 25.02
C GLY E 453 -53.57 -10.11 25.00
N LEU E 454 -54.76 -10.50 24.54
CA LEU E 454 -55.15 -11.89 24.52
C LEU E 454 -54.89 -12.50 23.15
N LEU E 455 -54.30 -13.69 23.14
CA LEU E 455 -54.01 -14.42 21.90
C LEU E 455 -55.12 -15.44 21.68
N THR E 456 -56.21 -15.00 21.07
CA THR E 456 -57.22 -15.92 20.59
C THR E 456 -56.84 -16.38 19.18
N ALA E 457 -57.65 -17.28 18.61
CA ALA E 457 -57.39 -17.73 17.26
C ALA E 457 -57.43 -16.58 16.27
N GLU E 458 -58.42 -15.69 16.42
CA GLU E 458 -58.55 -14.55 15.53
C GLU E 458 -57.37 -13.60 15.64
N SER E 459 -56.86 -13.37 16.85
CA SER E 459 -55.72 -12.47 17.01
C SER E 459 -54.49 -13.01 16.29
N VAL E 460 -54.21 -14.31 16.42
CA VAL E 460 -53.04 -14.88 15.76
C VAL E 460 -53.25 -14.91 14.24
N GLU E 461 -54.47 -15.20 13.78
CA GLU E 461 -54.74 -15.15 12.35
C GLU E 461 -54.52 -13.75 11.80
N GLN E 462 -54.99 -12.73 12.52
CA GLN E 462 -54.80 -11.35 12.09
C GLN E 462 -53.32 -10.96 12.12
N ALA E 463 -52.57 -11.44 13.12
CA ALA E 463 -51.14 -11.15 13.16
C ALA E 463 -50.42 -11.77 11.98
N ILE E 464 -50.76 -13.01 11.63
CA ILE E 464 -50.14 -13.66 10.48
C ILE E 464 -50.53 -12.93 9.19
N ALA E 465 -51.80 -12.54 9.07
CA ALA E 465 -52.24 -11.82 7.87
C ALA E 465 -51.53 -10.47 7.75
N ALA E 466 -51.36 -9.77 8.87
CA ALA E 466 -50.64 -8.50 8.85
C ALA E 466 -49.17 -8.69 8.50
N ARG E 467 -48.54 -9.75 9.01
CA ARG E 467 -47.17 -10.04 8.62
C ARG E 467 -47.07 -10.30 7.13
N GLU E 468 -48.04 -11.03 6.58
CA GLU E 468 -48.07 -11.27 5.14
C GLU E 468 -48.24 -9.96 4.38
N HIS E 469 -49.14 -9.09 4.87
CA HIS E 469 -49.46 -7.86 4.16
C HIS E 469 -48.29 -6.89 4.16
N ARG E 470 -47.56 -6.81 5.28
CA ARG E 470 -46.50 -5.80 5.40
C ARG E 470 -45.36 -6.02 4.42
N SER E 471 -45.22 -7.23 3.87
CA SER E 471 -44.20 -7.53 2.87
C SER E 471 -44.81 -7.97 1.55
N PHE E 472 -46.04 -7.54 1.27
CA PHE E 472 -46.80 -7.97 0.10
C PHE E 472 -46.77 -6.95 -1.04
N LEU E 473 -45.97 -5.89 -0.92
CA LEU E 473 -46.00 -4.84 -1.94
C LEU E 473 -45.54 -5.36 -3.29
N SER E 474 -44.42 -6.09 -3.32
CA SER E 474 -43.90 -6.59 -4.58
C SER E 474 -44.88 -7.57 -5.22
N GLU E 475 -45.47 -8.45 -4.43
CA GLU E 475 -46.46 -9.38 -4.98
C GLU E 475 -47.73 -8.67 -5.39
N GLU E 476 -48.10 -7.60 -4.69
CA GLU E 476 -49.26 -6.81 -5.13
C GLU E 476 -49.00 -6.18 -6.48
N GLU E 477 -47.79 -5.64 -6.68
CA GLU E 477 -47.43 -5.09 -7.98
C GLU E 477 -47.44 -6.17 -9.05
N PHE E 478 -46.91 -7.36 -8.73
CA PHE E 478 -46.89 -8.45 -9.70
C PHE E 478 -48.30 -8.87 -10.09
N LEU E 479 -49.19 -9.00 -9.10
CA LEU E 479 -50.58 -9.35 -9.38
C LEU E 479 -51.27 -8.27 -10.19
N ARG E 480 -50.99 -7.00 -9.89
CA ARG E 480 -51.56 -5.91 -10.69
C ARG E 480 -51.08 -5.99 -12.14
N ALA E 481 -49.79 -6.28 -12.34
CA ALA E 481 -49.27 -6.43 -13.70
C ALA E 481 -49.94 -7.59 -14.41
N VAL E 482 -50.14 -8.71 -13.70
CA VAL E 482 -50.78 -9.86 -14.31
C VAL E 482 -52.22 -9.55 -14.69
N GLN E 483 -52.96 -8.87 -13.80
CA GLN E 483 -54.36 -8.56 -14.06
C GLN E 483 -54.51 -7.53 -15.19
N GLU E 484 -53.66 -6.51 -15.21
CA GLU E 484 -53.71 -5.53 -16.29
C GLU E 484 -53.36 -6.16 -17.63
N GLY E 485 -52.38 -7.05 -17.63
CA GLY E 485 -51.88 -7.66 -18.85
C GLY E 485 -50.43 -7.37 -19.15
N VAL E 486 -49.73 -6.65 -18.27
CA VAL E 486 -48.30 -6.39 -18.48
C VAL E 486 -47.53 -7.70 -18.46
N ILE E 487 -47.82 -8.55 -17.48
CA ILE E 487 -47.28 -9.90 -17.41
C ILE E 487 -48.42 -10.86 -17.71
N ARG E 488 -48.32 -11.58 -18.82
CA ARG E 488 -49.41 -12.43 -19.28
C ARG E 488 -49.05 -13.88 -19.02
N LEU E 489 -49.78 -14.51 -18.10
CA LEU E 489 -49.59 -15.90 -17.74
C LEU E 489 -50.83 -16.69 -18.16
N ARG E 490 -50.61 -17.86 -18.76
CA ARG E 490 -51.70 -18.73 -19.17
C ARG E 490 -52.12 -19.59 -17.98
N THR E 491 -53.39 -19.46 -17.59
CA THR E 491 -53.94 -20.30 -16.53
C THR E 491 -55.13 -21.12 -17.05
N THR E 492 -55.40 -21.06 -18.35
CA THR E 492 -56.47 -21.82 -18.97
C THR E 492 -55.97 -22.38 -20.30
N GLY E 493 -56.61 -23.46 -20.73
CA GLY E 493 -56.35 -24.02 -22.04
C GLY E 493 -55.04 -24.77 -22.12
N ARG E 494 -54.73 -25.24 -23.32
CA ARG E 494 -53.51 -25.98 -23.61
C ARG E 494 -52.52 -25.12 -24.37
N ALA E 495 -51.24 -25.48 -24.27
CA ALA E 495 -50.19 -24.77 -24.97
C ALA E 495 -49.04 -25.73 -25.24
N VAL E 496 -48.43 -25.60 -26.41
CA VAL E 496 -47.36 -26.52 -26.80
C VAL E 496 -46.01 -25.87 -26.50
N GLY E 497 -45.21 -26.55 -25.70
CA GLY E 497 -43.84 -26.13 -25.46
C GLY E 497 -43.63 -25.20 -24.29
N GLU E 498 -44.69 -24.66 -23.68
CA GLU E 498 -44.55 -23.79 -22.54
C GLU E 498 -45.41 -24.28 -21.39
N VAL E 499 -44.94 -23.98 -20.17
CA VAL E 499 -45.55 -24.44 -18.94
C VAL E 499 -45.41 -23.33 -17.92
N ASN E 500 -46.15 -23.45 -16.81
CA ASN E 500 -46.09 -22.47 -15.72
C ASN E 500 -45.15 -23.02 -14.65
N SER E 501 -43.87 -22.66 -14.75
CA SER E 501 -42.95 -23.00 -13.68
C SER E 501 -43.28 -22.17 -12.45
N LEU E 502 -42.82 -22.64 -11.30
CA LEU E 502 -43.03 -21.94 -10.03
C LEU E 502 -41.68 -21.56 -9.47
N VAL E 503 -41.29 -20.30 -9.66
CA VAL E 503 -39.98 -19.84 -9.25
C VAL E 503 -40.11 -19.12 -7.92
N VAL E 504 -39.00 -18.99 -7.21
CA VAL E 504 -38.93 -18.15 -6.01
C VAL E 504 -38.06 -16.96 -6.37
N VAL E 505 -38.67 -15.78 -6.39
CA VAL E 505 -37.96 -14.57 -6.80
C VAL E 505 -37.04 -14.12 -5.69
N GLU E 506 -35.76 -13.91 -6.03
CA GLU E 506 -34.77 -13.49 -5.04
C GLU E 506 -34.02 -12.23 -5.43
N ALA E 507 -34.03 -11.84 -6.70
CA ALA E 507 -33.65 -10.47 -7.05
C ALA E 507 -34.65 -9.46 -6.51
N ALA E 508 -35.82 -9.94 -6.07
CA ALA E 508 -36.86 -9.21 -5.38
C ALA E 508 -37.10 -9.93 -4.06
N PRO E 509 -38.00 -9.46 -3.18
CA PRO E 509 -38.31 -10.23 -1.97
C PRO E 509 -38.89 -11.60 -2.27
N TYR E 510 -39.22 -12.35 -1.21
CA TYR E 510 -39.72 -13.72 -1.30
C TYR E 510 -41.17 -13.73 -1.77
N TRP E 511 -41.92 -14.80 -1.46
CA TRP E 511 -43.20 -15.11 -2.09
C TRP E 511 -43.05 -15.54 -3.54
N GLY E 512 -42.44 -16.70 -3.76
CA GLY E 512 -42.38 -17.28 -5.09
C GLY E 512 -43.66 -17.21 -5.88
N ARG E 513 -43.52 -17.10 -7.20
CA ARG E 513 -44.63 -16.82 -8.10
C ARG E 513 -44.45 -17.64 -9.37
N PRO E 514 -45.50 -17.79 -10.17
CA PRO E 514 -45.36 -18.51 -11.43
C PRO E 514 -44.60 -17.70 -12.48
N ALA E 515 -44.04 -18.43 -13.44
CA ALA E 515 -43.30 -17.87 -14.55
C ALA E 515 -43.53 -18.73 -15.77
N ARG E 516 -43.82 -18.10 -16.90
CA ARG E 516 -44.03 -18.82 -18.14
C ARG E 516 -42.70 -19.29 -18.69
N LEU E 517 -42.39 -20.58 -18.51
CA LEU E 517 -41.16 -21.17 -19.03
C LEU E 517 -41.48 -21.94 -20.29
N THR E 518 -40.81 -21.58 -21.38
CA THR E 518 -41.11 -22.17 -22.68
C THR E 518 -39.91 -22.90 -23.23
N ALA E 519 -40.19 -23.90 -24.06
CA ALA E 519 -39.17 -24.69 -24.74
C ALA E 519 -39.47 -24.74 -26.22
N ARG E 520 -38.44 -24.50 -27.03
CA ARG E 520 -38.56 -24.56 -28.48
C ARG E 520 -37.66 -25.66 -29.00
N ALA E 521 -38.23 -26.55 -29.81
CA ALA E 521 -37.51 -27.69 -30.34
C ALA E 521 -37.23 -27.45 -31.83
N ALA E 522 -35.96 -27.59 -32.21
CA ALA E 522 -35.55 -27.38 -33.59
C ALA E 522 -34.73 -28.56 -34.07
N PRO E 523 -34.70 -28.82 -35.38
CA PRO E 523 -33.80 -29.87 -35.88
C PRO E 523 -32.36 -29.42 -35.75
N GLY E 524 -31.55 -30.25 -35.08
CA GLY E 524 -30.18 -29.88 -34.83
C GLY E 524 -29.46 -30.97 -34.08
N ARG E 525 -28.27 -30.61 -33.58
CA ARG E 525 -27.48 -31.52 -32.77
C ARG E 525 -28.14 -31.74 -31.42
N ASP E 526 -27.49 -32.53 -30.56
CA ASP E 526 -28.01 -32.86 -29.24
C ASP E 526 -27.80 -31.76 -28.22
N HIS E 527 -27.49 -30.54 -28.67
CA HIS E 527 -27.28 -29.43 -27.77
C HIS E 527 -28.59 -29.03 -27.10
N LEU E 528 -28.50 -28.67 -25.81
CA LEU E 528 -29.62 -28.16 -25.04
C LEU E 528 -29.23 -26.78 -24.54
N ILE E 529 -29.83 -25.75 -25.13
CA ILE E 529 -29.55 -24.36 -24.77
C ILE E 529 -30.50 -23.95 -23.67
N SER E 530 -29.94 -23.37 -22.61
CA SER E 530 -30.74 -22.74 -21.56
C SER E 530 -30.45 -21.25 -21.65
N ILE E 531 -31.35 -20.51 -22.30
CA ILE E 531 -31.09 -19.12 -22.64
C ILE E 531 -30.83 -18.28 -21.39
N ASP E 532 -31.60 -18.50 -20.33
CA ASP E 532 -31.41 -17.74 -19.10
C ASP E 532 -30.14 -18.14 -18.35
N ARG E 533 -29.64 -19.36 -18.56
CA ARG E 533 -28.36 -19.76 -18.01
C ARG E 533 -27.19 -19.45 -18.93
N GLU E 534 -27.34 -19.64 -20.23
CA GLU E 534 -26.32 -19.26 -21.20
C GLU E 534 -26.53 -17.84 -21.72
N ALA E 535 -26.73 -16.90 -20.80
CA ALA E 535 -26.83 -15.48 -21.15
C ALA E 535 -25.58 -14.71 -20.79
N GLY E 536 -24.71 -15.28 -19.97
CA GLY E 536 -23.43 -14.71 -19.62
C GLY E 536 -22.66 -15.70 -18.77
N LEU E 537 -21.41 -15.97 -19.13
CA LEU E 537 -20.63 -17.06 -18.54
C LEU E 537 -21.43 -18.37 -18.59
N GLY E 538 -21.92 -18.67 -19.78
CA GLY E 538 -22.71 -19.87 -19.99
C GLY E 538 -22.08 -20.84 -20.98
N GLY E 539 -21.25 -20.32 -21.88
CA GLY E 539 -20.52 -21.16 -22.79
C GLY E 539 -19.20 -21.60 -22.20
N GLN E 540 -18.73 -20.87 -21.19
CA GLN E 540 -17.52 -21.21 -20.46
C GLN E 540 -17.79 -22.06 -19.23
N ILE E 541 -19.07 -22.26 -18.88
CA ILE E 541 -19.46 -22.98 -17.67
C ILE E 541 -20.45 -24.07 -18.05
N PHE E 542 -20.20 -25.28 -17.58
CA PHE E 542 -21.17 -26.37 -17.68
C PHE E 542 -22.14 -26.27 -16.51
N HIS E 543 -23.43 -26.33 -16.81
CA HIS E 543 -24.46 -26.18 -15.80
C HIS E 543 -25.01 -27.55 -15.42
N LYS E 544 -25.14 -27.79 -14.11
CA LYS E 544 -25.65 -29.08 -13.64
C LYS E 544 -27.06 -29.34 -14.13
N ALA E 545 -27.90 -28.30 -14.17
CA ALA E 545 -29.26 -28.47 -14.67
C ALA E 545 -29.27 -28.84 -16.15
N VAL E 546 -28.47 -28.14 -16.95
CA VAL E 546 -28.42 -28.42 -18.38
C VAL E 546 -27.86 -29.82 -18.62
N LEU E 547 -26.80 -30.19 -17.89
CA LEU E 547 -26.24 -31.54 -18.04
C LEU E 547 -27.24 -32.61 -17.63
N THR E 548 -28.00 -32.37 -16.56
CA THR E 548 -29.01 -33.33 -16.12
C THR E 548 -30.10 -33.51 -17.17
N LEU E 549 -30.62 -32.39 -17.70
CA LEU E 549 -31.66 -32.48 -18.72
C LEU E 549 -31.14 -33.16 -19.98
N ALA E 550 -29.91 -32.82 -20.39
CA ALA E 550 -29.32 -33.45 -21.56
C ALA E 550 -29.14 -34.95 -21.35
N GLY E 551 -28.69 -35.34 -20.16
CA GLY E 551 -28.53 -36.76 -19.88
C GLY E 551 -29.85 -37.50 -19.93
N TYR E 552 -30.89 -36.93 -19.33
CA TYR E 552 -32.21 -37.56 -19.38
C TYR E 552 -32.69 -37.70 -20.82
N LEU E 553 -32.60 -36.63 -21.60
CA LEU E 553 -33.12 -36.68 -22.97
C LEU E 553 -32.31 -37.63 -23.84
N ARG E 554 -30.98 -37.65 -23.65
CA ARG E 554 -30.14 -38.53 -24.45
C ARG E 554 -30.38 -40.00 -24.12
N SER E 555 -30.51 -40.32 -22.83
CA SER E 555 -30.62 -41.72 -22.43
C SER E 555 -32.03 -42.27 -22.55
N ARG E 556 -33.06 -41.45 -22.34
CA ARG E 556 -34.43 -41.96 -22.35
C ARG E 556 -34.89 -42.34 -23.75
N TYR E 557 -34.57 -41.53 -24.75
CA TYR E 557 -35.03 -41.76 -26.12
C TYR E 557 -33.84 -42.23 -26.94
N ILE E 558 -33.70 -43.55 -27.05
CA ILE E 558 -32.57 -44.16 -27.75
C ILE E 558 -33.03 -44.80 -29.05
N GLU E 559 -33.06 -44.02 -30.11
CA GLU E 559 -33.28 -44.54 -31.46
C GLU E 559 -32.34 -43.94 -32.47
N HIS E 560 -31.50 -42.99 -32.07
CA HIS E 560 -30.48 -42.40 -32.93
C HIS E 560 -29.22 -42.22 -32.08
N GLY E 561 -28.08 -42.14 -32.75
CA GLY E 561 -26.81 -42.03 -32.05
C GLY E 561 -26.65 -40.71 -31.32
N SER E 562 -27.58 -39.79 -31.55
CA SER E 562 -27.61 -38.52 -30.84
C SER E 562 -29.03 -37.99 -30.91
N LEU E 563 -29.35 -37.07 -30.01
CA LEU E 563 -30.67 -36.47 -30.01
C LEU E 563 -30.81 -35.60 -31.25
N PRO E 564 -31.75 -35.90 -32.15
CA PRO E 564 -31.81 -35.16 -33.42
C PRO E 564 -32.47 -33.80 -33.27
N VAL E 565 -32.70 -33.38 -32.03
CA VAL E 565 -33.40 -32.14 -31.74
C VAL E 565 -32.57 -31.32 -30.76
N THR E 566 -32.56 -30.01 -30.98
CA THR E 566 -31.97 -29.05 -30.05
C THR E 566 -33.11 -28.32 -29.36
N ILE E 567 -33.06 -28.27 -28.03
CA ILE E 567 -34.11 -27.67 -27.22
C ILE E 567 -33.59 -26.39 -26.60
N SER E 568 -34.29 -25.29 -26.82
CA SER E 568 -33.96 -24.00 -26.24
C SER E 568 -34.98 -23.68 -25.17
N LEU E 569 -34.50 -23.50 -23.94
CA LEU E 569 -35.34 -23.25 -22.77
C LEU E 569 -35.21 -21.78 -22.39
N ALA E 570 -36.34 -21.10 -22.26
CA ALA E 570 -36.34 -19.68 -21.94
C ALA E 570 -37.38 -19.38 -20.88
N PHE E 571 -36.95 -18.60 -19.88
CA PHE E 571 -37.87 -17.99 -18.93
C PHE E 571 -38.18 -16.58 -19.42
N GLU E 572 -39.36 -16.38 -19.99
CA GLU E 572 -39.76 -15.03 -20.34
C GLU E 572 -40.03 -14.24 -19.07
N GLN E 573 -40.08 -12.91 -19.22
CA GLN E 573 -40.41 -12.04 -18.11
C GLN E 573 -39.45 -12.22 -16.95
N ASN E 574 -38.20 -11.76 -17.12
CA ASN E 574 -37.20 -11.80 -16.05
C ASN E 574 -37.75 -11.09 -14.82
N TYR E 575 -37.02 -11.18 -13.69
CA TYR E 575 -37.44 -11.39 -12.30
C TYR E 575 -37.40 -12.86 -11.95
N VAL E 576 -37.06 -13.74 -12.89
CA VAL E 576 -36.93 -15.16 -12.60
C VAL E 576 -35.48 -15.43 -12.21
N SER E 577 -35.26 -15.85 -10.96
CA SER E 577 -33.95 -16.28 -10.50
C SER E 577 -33.80 -17.76 -10.83
N ILE E 578 -33.05 -18.05 -11.89
CA ILE E 578 -33.03 -19.39 -12.46
C ILE E 578 -32.02 -20.27 -11.72
N GLU E 579 -32.24 -21.57 -11.81
CA GLU E 579 -31.34 -22.60 -11.29
C GLU E 579 -30.19 -22.83 -12.26
N GLY E 580 -29.50 -23.95 -12.11
CA GLY E 580 -28.27 -24.22 -12.83
C GLY E 580 -27.37 -25.10 -11.99
N ASP E 581 -27.77 -25.30 -10.74
CA ASP E 581 -27.24 -26.36 -9.89
C ASP E 581 -28.25 -27.48 -9.69
N SER E 582 -29.45 -27.36 -10.24
CA SER E 582 -30.49 -28.38 -10.11
C SER E 582 -31.48 -28.21 -11.23
N ALA E 583 -31.70 -29.27 -12.01
CA ALA E 583 -32.65 -29.23 -13.11
C ALA E 583 -34.07 -29.13 -12.57
N GLY E 584 -34.92 -28.47 -13.34
CA GLY E 584 -36.32 -28.29 -12.96
C GLY E 584 -37.24 -29.24 -13.70
N LEU E 585 -38.29 -29.68 -13.01
CA LEU E 585 -39.29 -30.51 -13.64
C LEU E 585 -40.03 -29.77 -14.75
N ALA E 586 -40.28 -28.48 -14.54
CA ALA E 586 -40.94 -27.68 -15.56
C ALA E 586 -40.10 -27.63 -16.84
N GLU E 587 -38.79 -27.48 -16.70
CA GLU E 587 -37.91 -27.48 -17.86
C GLU E 587 -38.01 -28.79 -18.63
N LEU E 588 -38.01 -29.92 -17.91
CA LEU E 588 -38.06 -31.22 -18.57
C LEU E 588 -39.40 -31.43 -19.28
N VAL E 589 -40.52 -31.09 -18.61
CA VAL E 589 -41.80 -31.32 -19.25
C VAL E 589 -41.99 -30.37 -20.43
N ALA E 590 -41.50 -29.13 -20.34
CA ALA E 590 -41.56 -28.23 -21.48
C ALA E 590 -40.72 -28.75 -22.64
N ALA E 591 -39.54 -29.29 -22.35
CA ALA E 591 -38.71 -29.87 -23.40
C ALA E 591 -39.40 -31.05 -24.07
N LEU E 592 -40.00 -31.93 -23.27
CA LEU E 592 -40.72 -33.07 -23.84
C LEU E 592 -41.91 -32.63 -24.67
N SER E 593 -42.64 -31.60 -24.23
CA SER E 593 -43.75 -31.07 -25.00
C SER E 593 -43.26 -30.47 -26.32
N ALA E 594 -42.15 -29.73 -26.28
CA ALA E 594 -41.62 -29.14 -27.50
C ALA E 594 -41.17 -30.21 -28.48
N ILE E 595 -40.54 -31.27 -27.98
CA ILE E 595 -40.08 -32.35 -28.85
C ILE E 595 -41.27 -33.09 -29.45
N GLY E 596 -42.23 -33.46 -28.61
CA GLY E 596 -43.35 -34.27 -29.06
C GLY E 596 -44.58 -33.52 -29.53
N ASN E 597 -44.53 -32.19 -29.57
CA ASN E 597 -45.68 -31.38 -29.97
C ASN E 597 -46.90 -31.66 -29.09
N LEU E 598 -46.66 -31.84 -27.79
CA LEU E 598 -47.72 -32.17 -26.86
C LEU E 598 -48.27 -30.92 -26.22
N PRO E 599 -49.55 -30.61 -26.38
CA PRO E 599 -50.14 -29.44 -25.70
C PRO E 599 -50.35 -29.72 -24.22
N LEU E 600 -49.51 -29.13 -23.38
CA LEU E 600 -49.64 -29.26 -21.95
C LEU E 600 -50.76 -28.36 -21.42
N ARG E 601 -51.36 -28.80 -20.33
CA ARG E 601 -52.36 -27.98 -19.64
C ARG E 601 -51.68 -26.77 -19.00
N GLN E 602 -52.23 -25.59 -19.28
CA GLN E 602 -51.76 -24.38 -18.62
C GLN E 602 -52.51 -24.11 -17.32
N ASP E 603 -53.52 -24.93 -17.00
CA ASP E 603 -54.19 -24.83 -15.71
C ASP E 603 -53.22 -25.07 -14.57
N LEU E 604 -52.36 -26.07 -14.73
CA LEU E 604 -51.51 -26.55 -13.65
C LEU E 604 -50.11 -25.96 -13.77
N ALA E 605 -49.63 -25.39 -12.66
CA ALA E 605 -48.22 -25.01 -12.58
C ALA E 605 -47.39 -26.22 -12.20
N VAL E 606 -46.13 -26.20 -12.63
CA VAL E 606 -45.23 -27.32 -12.42
C VAL E 606 -44.04 -26.82 -11.62
N THR E 607 -43.78 -27.45 -10.48
CA THR E 607 -42.63 -27.17 -9.64
C THR E 607 -41.95 -28.48 -9.27
N GLY E 608 -40.73 -28.35 -8.75
CA GLY E 608 -39.97 -29.52 -8.36
C GLY E 608 -38.74 -29.73 -9.21
N ALA E 609 -37.70 -30.32 -8.61
CA ALA E 609 -36.48 -30.62 -9.32
C ALA E 609 -36.60 -31.96 -10.04
N VAL E 610 -35.53 -32.36 -10.74
CA VAL E 610 -35.50 -33.62 -11.44
C VAL E 610 -34.05 -34.02 -11.64
N ASP E 611 -33.78 -35.32 -11.64
CA ASP E 611 -32.46 -35.85 -11.94
C ASP E 611 -32.46 -36.50 -13.31
N GLN E 612 -31.28 -36.98 -13.71
CA GLN E 612 -31.12 -37.52 -15.06
C GLN E 612 -31.90 -38.81 -15.28
N THR E 613 -32.40 -39.45 -14.24
CA THR E 613 -33.27 -40.61 -14.38
C THR E 613 -34.74 -40.22 -14.48
N GLY E 614 -35.06 -38.94 -14.42
CA GLY E 614 -36.44 -38.50 -14.47
C GLY E 614 -37.17 -38.61 -13.15
N LYS E 615 -36.46 -38.64 -12.03
CA LYS E 615 -37.06 -38.72 -10.72
C LYS E 615 -37.20 -37.32 -10.15
N VAL E 616 -38.40 -36.97 -9.70
CA VAL E 616 -38.69 -35.62 -9.23
C VAL E 616 -38.19 -35.47 -7.80
N LEU E 617 -37.39 -34.45 -7.55
CA LEU E 617 -36.78 -34.22 -6.25
C LEU E 617 -37.49 -33.09 -5.52
N ALA E 618 -37.30 -33.06 -4.20
CA ALA E 618 -37.90 -32.02 -3.38
C ALA E 618 -37.23 -30.68 -3.63
N VAL E 619 -38.00 -29.60 -3.48
CA VAL E 619 -37.51 -28.25 -3.62
C VAL E 619 -37.93 -27.44 -2.40
N GLY E 620 -37.19 -26.36 -2.16
CA GLY E 620 -37.51 -25.48 -1.06
C GLY E 620 -38.61 -24.51 -1.39
N ALA E 621 -39.22 -23.97 -0.33
CA ALA E 621 -40.30 -22.99 -0.44
C ALA E 621 -41.43 -23.50 -1.32
N ILE E 622 -41.79 -24.76 -1.14
CA ILE E 622 -42.90 -25.33 -1.89
C ILE E 622 -44.21 -24.64 -1.54
N ASN E 623 -44.41 -24.31 -0.27
CA ASN E 623 -45.60 -23.58 0.14
C ASN E 623 -45.66 -22.23 -0.53
N ALA E 624 -44.53 -21.52 -0.60
CA ALA E 624 -44.49 -20.21 -1.25
C ALA E 624 -44.89 -20.32 -2.71
N LYS E 625 -44.36 -21.32 -3.42
CA LYS E 625 -44.66 -21.46 -4.84
C LYS E 625 -46.14 -21.83 -5.06
N VAL E 626 -46.65 -22.78 -4.29
CA VAL E 626 -48.05 -23.19 -4.46
C VAL E 626 -48.98 -22.03 -4.14
N GLU E 627 -48.71 -21.31 -3.05
CA GLU E 627 -49.55 -20.19 -2.70
C GLU E 627 -49.43 -19.05 -3.69
N GLY E 628 -48.25 -18.84 -4.28
CA GLY E 628 -48.13 -17.83 -5.32
C GLY E 628 -48.92 -18.15 -6.56
N PHE E 629 -48.87 -19.41 -7.00
CA PHE E 629 -49.70 -19.78 -8.15
C PHE E 629 -51.18 -19.70 -7.82
N PHE E 630 -51.59 -20.11 -6.62
CA PHE E 630 -52.99 -19.98 -6.25
C PHE E 630 -53.40 -18.53 -6.21
N ARG E 631 -52.52 -17.65 -5.73
CA ARG E 631 -52.78 -16.22 -5.69
C ARG E 631 -52.99 -15.66 -7.09
N VAL E 632 -52.13 -16.06 -8.02
CA VAL E 632 -52.27 -15.61 -9.40
C VAL E 632 -53.56 -16.14 -10.01
N CYS E 633 -53.88 -17.41 -9.76
CA CYS E 633 -55.10 -17.99 -10.31
C CYS E 633 -56.35 -17.33 -9.75
N LYS E 634 -56.35 -17.02 -8.45
CA LYS E 634 -57.49 -16.35 -7.84
C LYS E 634 -57.61 -14.90 -8.29
N ALA E 635 -56.49 -14.24 -8.57
CA ALA E 635 -56.54 -12.88 -9.10
C ALA E 635 -57.25 -12.85 -10.44
N LEU E 636 -56.95 -13.82 -11.31
CA LEU E 636 -57.59 -13.93 -12.60
C LEU E 636 -58.90 -14.72 -12.56
N GLY E 637 -59.28 -15.24 -11.40
CA GLY E 637 -60.49 -16.02 -11.29
C GLY E 637 -60.23 -17.51 -11.33
N LEU E 638 -60.70 -18.23 -10.30
CA LEU E 638 -60.48 -19.68 -10.22
C LEU E 638 -61.45 -20.38 -11.16
N SER E 639 -60.90 -21.16 -12.10
CA SER E 639 -61.71 -21.88 -13.07
C SER E 639 -62.16 -23.25 -12.59
N GLY E 640 -61.71 -23.67 -11.41
CA GLY E 640 -62.07 -24.98 -10.90
C GLY E 640 -61.23 -26.12 -11.42
N THR E 641 -60.26 -25.84 -12.29
CA THR E 641 -59.37 -26.86 -12.81
C THR E 641 -57.90 -26.53 -12.66
N GLN E 642 -57.55 -25.33 -12.21
CA GLN E 642 -56.16 -24.96 -12.02
C GLN E 642 -55.57 -25.75 -10.85
N GLY E 643 -54.25 -25.79 -10.81
CA GLY E 643 -53.59 -26.54 -9.75
C GLY E 643 -52.09 -26.43 -9.86
N VAL E 644 -51.41 -27.23 -9.05
CA VAL E 644 -49.95 -27.25 -9.00
C VAL E 644 -49.48 -28.69 -9.02
N ILE E 645 -48.51 -28.99 -9.87
CA ILE E 645 -47.84 -30.29 -9.89
C ILE E 645 -46.54 -30.16 -9.12
N LEU E 646 -46.43 -30.91 -8.03
CA LEU E 646 -45.30 -30.82 -7.10
C LEU E 646 -44.84 -32.22 -6.74
N PRO E 647 -43.59 -32.37 -6.30
CA PRO E 647 -43.08 -33.70 -5.97
C PRO E 647 -43.78 -34.29 -4.76
N GLU E 648 -43.85 -35.63 -4.74
CA GLU E 648 -44.33 -36.31 -3.54
C GLU E 648 -43.36 -36.15 -2.37
N ALA E 649 -42.12 -35.77 -2.64
CA ALA E 649 -41.16 -35.54 -1.56
C ALA E 649 -41.54 -34.33 -0.73
N ASN E 650 -42.36 -33.43 -1.27
CA ASN E 650 -42.70 -32.18 -0.60
C ASN E 650 -43.98 -32.25 0.21
N LEU E 651 -44.66 -33.40 0.25
CA LEU E 651 -45.83 -33.53 1.12
C LEU E 651 -45.47 -33.42 2.59
N ALA E 652 -44.22 -33.71 2.96
CA ALA E 652 -43.77 -33.47 4.32
C ALA E 652 -43.59 -31.98 4.61
N ASN E 653 -43.61 -31.14 3.58
CA ASN E 653 -43.43 -29.70 3.72
C ASN E 653 -44.67 -28.91 3.31
N LEU E 654 -45.77 -29.58 2.99
CA LEU E 654 -46.94 -28.92 2.41
C LEU E 654 -47.86 -28.43 3.53
N THR E 655 -47.43 -27.36 4.19
CA THR E 655 -48.24 -26.67 5.18
C THR E 655 -48.88 -25.47 4.51
N LEU E 656 -49.90 -25.74 3.71
CA LEU E 656 -50.54 -24.72 2.90
C LEU E 656 -51.37 -23.77 3.77
N ARG E 657 -51.63 -22.59 3.23
CA ARG E 657 -52.43 -21.59 3.93
C ARG E 657 -53.90 -22.00 3.95
N ALA E 658 -54.69 -21.24 4.70
CA ALA E 658 -56.11 -21.56 4.84
C ALA E 658 -56.86 -21.41 3.52
N GLU E 659 -56.56 -20.37 2.74
CA GLU E 659 -57.30 -20.14 1.50
C GLU E 659 -57.03 -21.25 0.48
N VAL E 660 -55.78 -21.68 0.35
CA VAL E 660 -55.44 -22.75 -0.58
C VAL E 660 -56.12 -24.05 -0.16
N LEU E 661 -56.09 -24.35 1.14
CA LEU E 661 -56.72 -25.57 1.64
C LEU E 661 -58.23 -25.53 1.43
N GLU E 662 -58.85 -24.38 1.66
CA GLU E 662 -60.29 -24.26 1.41
C GLU E 662 -60.63 -24.42 -0.06
N ALA E 663 -59.80 -23.87 -0.95
CA ALA E 663 -60.01 -24.08 -2.38
C ALA E 663 -59.87 -25.55 -2.75
N VAL E 664 -58.87 -26.23 -2.18
CA VAL E 664 -58.70 -27.66 -2.44
C VAL E 664 -59.91 -28.44 -1.96
N ARG E 665 -60.42 -28.11 -0.78
CA ARG E 665 -61.63 -28.75 -0.28
C ARG E 665 -62.81 -28.51 -1.21
N ALA E 666 -62.96 -27.28 -1.70
CA ALA E 666 -64.06 -26.94 -2.59
C ALA E 666 -63.86 -27.48 -3.99
N GLY E 667 -62.68 -28.00 -4.32
CA GLY E 667 -62.43 -28.50 -5.66
C GLY E 667 -62.05 -27.45 -6.66
N GLN E 668 -61.75 -26.23 -6.20
CA GLN E 668 -61.34 -25.14 -7.09
C GLN E 668 -59.84 -25.08 -7.29
N PHE E 669 -59.07 -25.94 -6.60
CA PHE E 669 -57.62 -25.98 -6.75
C PHE E 669 -57.17 -27.40 -6.48
N HIS E 670 -56.33 -27.94 -7.36
CA HIS E 670 -55.92 -29.33 -7.30
C HIS E 670 -54.42 -29.41 -7.07
N ILE E 671 -54.00 -30.34 -6.22
CA ILE E 671 -52.59 -30.57 -5.93
C ILE E 671 -52.24 -31.97 -6.42
N TYR E 672 -51.25 -32.05 -7.32
CA TYR E 672 -50.82 -33.30 -7.91
C TYR E 672 -49.42 -33.61 -7.40
N ALA E 673 -49.25 -34.81 -6.83
CA ALA E 673 -47.96 -35.26 -6.33
C ALA E 673 -47.41 -36.30 -7.29
N VAL E 674 -46.18 -36.08 -7.77
CA VAL E 674 -45.57 -36.93 -8.77
C VAL E 674 -44.23 -37.44 -8.28
N GLU E 675 -43.91 -38.67 -8.65
CA GLU E 675 -42.60 -39.27 -8.38
C GLU E 675 -41.63 -39.11 -9.54
N THR E 676 -42.12 -39.23 -10.77
CA THR E 676 -41.29 -39.17 -11.96
C THR E 676 -41.84 -38.10 -12.91
N ALA E 677 -40.94 -37.61 -13.78
CA ALA E 677 -41.35 -36.65 -14.79
C ALA E 677 -42.37 -37.21 -15.77
N GLU E 678 -42.39 -38.53 -15.95
CA GLU E 678 -43.40 -39.15 -16.80
C GLU E 678 -44.80 -38.92 -16.24
N GLN E 679 -44.96 -39.01 -14.91
CA GLN E 679 -46.25 -38.73 -14.30
C GLN E 679 -46.65 -37.28 -14.50
N ALA E 680 -45.70 -36.35 -14.34
CA ALA E 680 -46.00 -34.94 -14.55
C ALA E 680 -46.42 -34.68 -15.99
N LEU E 681 -45.74 -35.29 -16.95
CA LEU E 681 -46.13 -35.13 -18.35
C LEU E 681 -47.48 -35.78 -18.63
N GLU E 682 -47.78 -36.90 -17.98
CA GLU E 682 -49.10 -37.51 -18.11
C GLU E 682 -50.19 -36.57 -17.63
N ILE E 683 -49.97 -35.93 -16.47
CA ILE E 683 -50.98 -35.02 -15.93
C ILE E 683 -51.12 -33.79 -16.82
N LEU E 684 -50.00 -33.25 -17.30
CA LEU E 684 -50.05 -32.03 -18.11
C LEU E 684 -50.69 -32.28 -19.47
N ALA E 685 -50.28 -33.35 -20.16
CA ALA E 685 -50.80 -33.64 -21.48
C ALA E 685 -52.12 -34.39 -21.45
N GLY E 686 -52.57 -34.86 -20.29
CA GLY E 686 -53.82 -35.57 -20.21
C GLY E 686 -53.86 -36.86 -20.98
N ALA E 687 -52.74 -37.58 -21.05
CA ALA E 687 -52.68 -38.85 -21.75
C ALA E 687 -51.61 -39.71 -21.10
N ARG E 688 -51.77 -41.03 -21.26
CA ARG E 688 -50.83 -41.99 -20.70
C ARG E 688 -49.55 -42.01 -21.52
N MET E 689 -48.43 -42.21 -20.84
CA MET E 689 -47.13 -42.15 -21.50
C MET E 689 -46.98 -43.26 -22.53
N GLU E 690 -47.31 -44.48 -22.15
CA GLU E 690 -47.20 -45.63 -23.04
C GLU E 690 -48.57 -46.02 -23.59
N GLY E 691 -48.54 -46.85 -24.63
CA GLY E 691 -49.75 -47.27 -25.31
C GLY E 691 -49.94 -46.53 -26.63
N PHE E 692 -50.84 -47.06 -27.45
CA PHE E 692 -51.12 -46.45 -28.75
C PHE E 692 -51.69 -45.05 -28.56
N ARG E 693 -51.23 -44.12 -29.39
CA ARG E 693 -51.52 -42.69 -29.24
C ARG E 693 -51.06 -42.18 -27.88
N GLY E 694 -49.97 -42.75 -27.35
CA GLY E 694 -49.43 -42.32 -26.08
C GLY E 694 -48.43 -41.21 -26.22
N LEU E 695 -47.99 -40.68 -25.08
CA LEU E 695 -47.03 -39.59 -25.09
C LEU E 695 -45.67 -40.04 -25.62
N GLN E 696 -45.24 -41.26 -25.25
CA GLN E 696 -43.98 -41.78 -25.76
C GLN E 696 -44.01 -41.89 -27.28
N GLU E 697 -45.12 -42.38 -27.83
CA GLU E 697 -45.24 -42.52 -29.28
C GLU E 697 -45.16 -41.17 -29.98
N LYS E 698 -45.84 -40.16 -29.41
CA LYS E 698 -45.83 -38.84 -30.03
C LYS E 698 -44.44 -38.20 -29.95
N ILE E 699 -43.76 -38.34 -28.81
CA ILE E 699 -42.41 -37.79 -28.69
C ILE E 699 -41.46 -38.50 -29.65
N ARG E 700 -41.59 -39.82 -29.78
CA ARG E 700 -40.75 -40.56 -30.71
C ARG E 700 -41.04 -40.17 -32.15
N ALA E 701 -42.31 -39.92 -32.50
CA ALA E 701 -42.64 -39.46 -33.84
C ALA E 701 -42.04 -38.08 -34.11
N GLY E 702 -42.11 -37.18 -33.13
CA GLY E 702 -41.47 -35.88 -33.28
C GLY E 702 -39.96 -36.01 -33.47
N LEU E 703 -39.33 -36.89 -32.70
CA LEU E 703 -37.90 -37.12 -32.87
C LEU E 703 -37.58 -37.70 -34.24
N GLU E 704 -38.43 -38.59 -34.75
CA GLU E 704 -38.22 -39.14 -36.08
C GLU E 704 -38.35 -38.05 -37.15
N ALA E 705 -39.32 -37.15 -36.99
CA ALA E 705 -39.45 -36.04 -37.93
C ALA E 705 -38.23 -35.14 -37.89
N PHE E 706 -37.72 -34.84 -36.69
CA PHE E 706 -36.52 -34.03 -36.56
C PHE E 706 -35.32 -34.74 -37.17
N ALA E 707 -35.26 -36.07 -37.05
CA ALA E 707 -34.17 -36.83 -37.65
C ALA E 707 -34.26 -36.81 -39.17
N ARG E 708 -35.47 -36.86 -39.73
CA ARG E 708 -35.62 -36.72 -41.17
C ARG E 708 -35.18 -35.34 -41.65
N LEU E 709 -35.52 -34.30 -40.90
CA LEU E 709 -35.02 -32.96 -41.24
C LEU E 709 -33.50 -32.91 -41.16
N GLU E 710 -32.92 -33.58 -40.16
CA GLU E 710 -31.48 -33.65 -40.02
C GLU E 710 -30.81 -34.37 -41.20
N GLU E 711 -31.37 -35.48 -41.66
CA GLU E 711 -30.78 -36.15 -42.82
C GLU E 711 -30.97 -35.33 -44.09
N GLY E 712 -32.07 -34.57 -44.17
CA GLY E 712 -32.22 -33.63 -45.27
C GLY E 712 -31.13 -32.58 -45.29
N HIS E 713 -30.83 -31.98 -44.13
CA HIS E 713 -29.73 -31.02 -44.07
C HIS E 713 -28.37 -31.67 -44.21
N ASP E 714 -28.25 -32.96 -43.90
CA ASP E 714 -26.99 -33.67 -44.10
C ASP E 714 -26.72 -33.89 -45.58
N LYS E 715 -27.75 -34.29 -46.33
CA LYS E 715 -27.60 -34.39 -47.78
C LYS E 715 -27.65 -33.04 -48.46
N GLU E 716 -27.99 -31.97 -47.72
CA GLU E 716 -27.82 -30.62 -48.25
C GLU E 716 -26.36 -30.33 -48.57
N ASP E 717 -25.45 -30.82 -47.72
CA ASP E 717 -24.02 -30.67 -47.93
C ASP E 717 -23.45 -31.72 -48.87
N ARG E 718 -24.28 -32.65 -49.35
CA ARG E 718 -23.86 -33.70 -50.27
C ARG E 718 -24.18 -33.41 -51.72
N GLU E 719 -25.39 -32.93 -52.01
CA GLU E 719 -25.79 -32.64 -53.39
C GLU E 719 -25.01 -31.46 -53.95
N MET F 1 21.00 -57.80 -17.34
CA MET F 1 21.52 -59.07 -16.84
C MET F 1 21.51 -59.11 -15.31
N ARG F 2 21.49 -60.31 -14.75
CA ARG F 2 21.37 -60.48 -13.30
C ARG F 2 22.72 -60.22 -12.64
N LEU F 3 22.77 -59.21 -11.78
CA LEU F 3 24.01 -58.89 -11.08
C LEU F 3 24.31 -59.94 -10.03
N SER F 4 25.56 -60.40 -9.99
CA SER F 4 26.00 -61.29 -8.94
C SER F 4 26.25 -60.51 -7.65
N TYR F 5 26.42 -61.25 -6.55
CA TYR F 5 26.71 -60.60 -5.28
C TYR F 5 28.06 -59.87 -5.32
N GLU F 6 29.06 -60.47 -5.94
CA GLU F 6 30.37 -59.84 -6.04
C GLU F 6 30.32 -58.54 -6.84
N ALA F 7 29.52 -58.52 -7.91
CA ALA F 7 29.32 -57.30 -8.67
C ALA F 7 28.51 -56.25 -7.91
N LEU F 8 27.87 -56.64 -6.81
CA LEU F 8 27.10 -55.73 -5.99
C LEU F 8 27.73 -55.40 -4.66
N GLU F 9 28.69 -56.20 -4.19
CA GLU F 9 29.32 -55.92 -2.90
C GLU F 9 30.21 -54.69 -3.02
N TRP F 10 30.04 -53.77 -2.07
CA TRP F 10 30.75 -52.50 -2.09
C TRP F 10 31.46 -52.19 -0.78
N ARG F 11 31.09 -52.82 0.32
CA ARG F 11 31.63 -52.49 1.62
C ARG F 11 33.10 -52.89 1.71
N THR F 12 33.88 -52.06 2.39
CA THR F 12 35.30 -52.36 2.58
C THR F 12 35.45 -53.61 3.45
N PRO F 13 36.24 -54.59 3.03
CA PRO F 13 36.38 -55.82 3.81
C PRO F 13 37.01 -55.56 5.16
N ILE F 14 36.29 -55.90 6.22
CA ILE F 14 36.81 -55.75 7.58
C ILE F 14 37.77 -56.89 7.87
N GLU F 15 38.96 -56.53 8.36
CA GLU F 15 39.98 -57.52 8.70
C GLU F 15 40.11 -57.71 10.19
N ASN F 16 40.27 -56.62 10.95
CA ASN F 16 40.31 -56.68 12.41
C ASN F 16 39.53 -55.49 12.97
N SER F 17 39.00 -55.65 14.18
CA SER F 17 38.18 -54.60 14.80
C SER F 17 38.46 -54.44 16.28
N THR F 18 39.51 -55.06 16.81
CA THR F 18 39.76 -55.01 18.25
C THR F 18 40.60 -53.80 18.65
N GLU F 19 41.80 -53.67 18.09
CA GLU F 19 42.70 -52.60 18.50
C GLU F 19 42.24 -51.26 17.92
N PRO F 20 42.41 -50.17 18.67
CA PRO F 20 42.09 -48.85 18.12
C PRO F 20 43.12 -48.44 17.07
N VAL F 21 42.71 -47.55 16.19
CA VAL F 21 43.57 -47.08 15.12
C VAL F 21 44.48 -45.97 15.65
N SER F 22 45.72 -45.97 15.19
CA SER F 22 46.68 -44.90 15.46
C SER F 22 47.00 -44.21 14.15
N LEU F 23 46.35 -43.08 13.89
CA LEU F 23 46.45 -42.41 12.61
C LEU F 23 46.82 -40.95 12.83
N PRO F 24 47.85 -40.44 12.13
CA PRO F 24 48.19 -39.03 12.27
C PRO F 24 47.08 -38.16 11.72
N PRO F 25 46.90 -36.95 12.25
CA PRO F 25 45.86 -36.08 11.74
C PRO F 25 46.10 -35.74 10.29
N PRO F 26 45.05 -35.63 9.48
CA PRO F 26 45.22 -35.33 8.07
C PRO F 26 45.56 -33.88 7.85
N PRO F 27 46.18 -33.53 6.73
CA PRO F 27 46.40 -32.12 6.42
C PRO F 27 45.07 -31.42 6.17
N PRO F 28 44.99 -30.12 6.42
CA PRO F 28 43.74 -29.40 6.15
C PRO F 28 43.35 -29.51 4.68
N PHE F 29 42.05 -29.63 4.44
CA PHE F 29 41.51 -29.90 3.10
C PHE F 29 42.09 -31.19 2.53
N PHE F 30 41.84 -32.29 3.24
CA PHE F 30 42.20 -33.60 2.72
C PHE F 30 41.10 -34.09 1.78
N GLY F 31 41.53 -34.59 0.61
CA GLY F 31 40.57 -34.90 -0.42
C GLY F 31 39.97 -33.70 -1.10
N GLN F 32 40.44 -32.50 -0.77
CA GLN F 32 39.95 -31.24 -1.32
C GLN F 32 41.10 -30.46 -1.93
N GLU F 33 41.86 -31.15 -2.79
CA GLU F 33 43.09 -30.58 -3.34
C GLU F 33 42.83 -29.30 -4.12
N ARG F 34 41.68 -29.19 -4.78
CA ARG F 34 41.36 -27.99 -5.53
C ARG F 34 41.23 -26.78 -4.61
N ALA F 35 40.45 -26.91 -3.54
CA ALA F 35 40.29 -25.82 -2.60
C ALA F 35 41.59 -25.50 -1.89
N ARG F 36 42.35 -26.54 -1.53
CA ARG F 36 43.63 -26.32 -0.85
C ARG F 36 44.60 -25.55 -1.75
N GLU F 37 44.68 -25.92 -3.04
CA GLU F 37 45.58 -25.23 -3.94
C GLU F 37 45.10 -23.80 -4.22
N ALA F 38 43.79 -23.61 -4.32
CA ALA F 38 43.26 -22.27 -4.51
C ALA F 38 43.60 -21.37 -3.31
N LEU F 39 43.47 -21.91 -2.10
CA LEU F 39 43.81 -21.12 -0.92
C LEU F 39 45.31 -20.90 -0.81
N GLU F 40 46.11 -21.87 -1.25
CA GLU F 40 47.56 -21.65 -1.32
C GLU F 40 47.89 -20.48 -2.24
N LEU F 41 47.24 -20.44 -3.40
CA LEU F 41 47.45 -19.32 -4.32
C LEU F 41 46.98 -18.00 -3.72
N ALA F 42 45.83 -18.01 -3.05
CA ALA F 42 45.30 -16.80 -2.45
C ALA F 42 46.12 -16.30 -1.27
N ILE F 43 46.86 -17.18 -0.60
CA ILE F 43 47.72 -16.80 0.49
C ILE F 43 49.09 -16.34 0.01
N ARG F 44 49.68 -17.07 -0.95
CA ARG F 44 50.97 -16.68 -1.50
C ARG F 44 50.88 -15.33 -2.20
N GLY F 45 49.78 -15.05 -2.89
CA GLY F 45 49.65 -13.82 -3.63
C GLY F 45 48.88 -12.73 -2.89
N GLY F 46 48.28 -13.10 -1.77
CA GLY F 46 47.52 -12.13 -1.00
C GLY F 46 46.21 -11.71 -1.61
N PHE F 47 45.65 -12.53 -2.50
CA PHE F 47 44.37 -12.23 -3.11
C PHE F 47 43.24 -12.50 -2.14
N HIS F 48 42.09 -11.90 -2.42
CA HIS F 48 40.86 -12.24 -1.72
C HIS F 48 40.25 -13.48 -2.36
N ALA F 49 39.93 -14.47 -1.55
CA ALA F 49 39.34 -15.71 -2.02
C ALA F 49 37.93 -15.86 -1.46
N TYR F 50 37.19 -16.82 -2.01
CA TYR F 50 35.88 -17.17 -1.47
C TYR F 50 35.72 -18.67 -1.53
N LEU F 51 35.33 -19.26 -0.40
CA LEU F 51 35.16 -20.70 -0.29
C LEU F 51 33.74 -21.07 -0.68
N VAL F 52 33.61 -22.02 -1.59
CA VAL F 52 32.32 -22.47 -2.11
C VAL F 52 32.20 -23.97 -1.88
N GLY F 53 31.05 -24.39 -1.35
CA GLY F 53 30.79 -25.78 -1.12
C GLY F 53 29.48 -26.02 -0.41
N PRO F 54 28.95 -27.24 -0.50
CA PRO F 54 27.70 -27.56 0.17
C PRO F 54 27.83 -27.40 1.67
N PRO F 55 26.72 -27.19 2.38
CA PRO F 55 26.79 -27.05 3.83
C PRO F 55 27.22 -28.36 4.49
N SER F 56 27.56 -28.26 5.77
CA SER F 56 27.97 -29.37 6.61
C SER F 56 29.28 -30.01 6.14
N LEU F 57 30.10 -29.27 5.39
CA LEU F 57 31.43 -29.74 5.02
C LEU F 57 32.49 -29.42 6.06
N GLY F 58 32.15 -28.62 7.07
CA GLY F 58 33.17 -28.11 7.96
C GLY F 58 34.14 -27.17 7.28
N LYS F 59 33.64 -26.32 6.39
CA LYS F 59 34.52 -25.41 5.65
C LYS F 59 35.21 -24.43 6.59
N HIS F 60 34.46 -23.86 7.54
CA HIS F 60 35.06 -22.91 8.47
C HIS F 60 36.10 -23.58 9.36
N GLU F 61 35.82 -24.78 9.85
CA GLU F 61 36.77 -25.46 10.73
C GLU F 61 38.08 -25.73 10.00
N ALA F 62 37.99 -26.31 8.80
CA ALA F 62 39.20 -26.59 8.02
C ALA F 62 39.92 -25.32 7.62
N LEU F 63 39.17 -24.27 7.27
CA LEU F 63 39.80 -23.00 6.90
C LEU F 63 40.58 -22.41 8.06
N LEU F 64 39.99 -22.38 9.25
CA LEU F 64 40.70 -21.85 10.41
C LEU F 64 41.90 -22.72 10.76
N ALA F 65 41.75 -24.05 10.69
CA ALA F 65 42.88 -24.93 10.96
C ALA F 65 44.01 -24.74 9.96
N TYR F 66 43.69 -24.45 8.69
CA TYR F 66 44.72 -24.22 7.68
C TYR F 66 45.40 -22.86 7.89
N LEU F 67 44.61 -21.83 8.18
CA LEU F 67 45.19 -20.50 8.36
C LEU F 67 46.00 -20.42 9.65
N SER F 68 45.71 -21.27 10.64
CA SER F 68 46.49 -21.28 11.86
C SER F 68 47.92 -21.75 11.63
N THR F 69 48.17 -22.50 10.57
CA THR F 69 49.52 -22.95 10.24
C THR F 69 50.29 -21.94 9.40
N GLN F 70 49.65 -20.87 8.95
CA GLN F 70 50.34 -19.84 8.18
C GLN F 70 51.25 -19.02 9.08
N SER F 71 52.28 -18.44 8.47
CA SER F 71 53.25 -17.61 9.19
C SER F 71 53.52 -16.37 8.34
N VAL F 72 52.75 -15.32 8.56
CA VAL F 72 52.92 -14.07 7.83
C VAL F 72 53.95 -13.23 8.56
N GLU F 73 54.43 -12.18 7.88
CA GLU F 73 55.29 -11.20 8.53
C GLU F 73 54.53 -10.52 9.66
N THR F 74 55.25 -10.19 10.72
CA THR F 74 54.61 -9.65 11.92
C THR F 74 53.89 -8.35 11.58
N PRO F 75 52.59 -8.27 11.81
CA PRO F 75 51.83 -7.08 11.40
C PRO F 75 52.25 -5.87 12.19
N PRO F 76 52.30 -4.70 11.57
CA PRO F 76 52.59 -3.47 12.31
C PRO F 76 51.44 -3.09 13.22
N ASP F 77 51.79 -2.34 14.27
CA ASP F 77 50.79 -1.86 15.22
C ASP F 77 50.04 -0.70 14.59
N LEU F 78 48.76 -0.91 14.28
CA LEU F 78 47.89 0.12 13.76
C LEU F 78 46.98 0.62 14.87
N LEU F 79 46.98 1.92 15.11
CA LEU F 79 46.18 2.47 16.20
C LEU F 79 45.64 3.83 15.81
N TYR F 80 44.71 4.33 16.61
CA TYR F 80 44.08 5.63 16.40
C TYR F 80 44.69 6.63 17.36
N VAL F 81 45.28 7.70 16.83
CA VAL F 81 45.87 8.73 17.67
C VAL F 81 45.18 10.06 17.40
N PRO F 82 44.79 10.81 18.43
CA PRO F 82 44.12 12.10 18.21
C PRO F 82 45.15 13.20 17.92
N LEU F 83 45.15 13.69 16.68
CA LEU F 83 45.92 14.88 16.35
C LEU F 83 45.31 16.14 16.95
N SER F 84 44.06 16.06 17.40
CA SER F 84 43.39 17.14 18.12
C SER F 84 42.23 16.54 18.88
N GLU F 85 41.42 17.40 19.50
CA GLU F 85 40.22 16.92 20.16
C GLU F 85 39.12 16.55 19.17
N ARG F 86 39.29 16.85 17.88
CA ARG F 86 38.30 16.55 16.86
C ARG F 86 38.85 15.64 15.75
N LYS F 87 40.12 15.76 15.42
CA LYS F 87 40.71 15.02 14.30
C LYS F 87 41.50 13.83 14.82
N VAL F 88 41.18 12.64 14.34
CA VAL F 88 41.82 11.40 14.76
C VAL F 88 42.49 10.78 13.53
N ALA F 89 43.79 10.51 13.62
CA ALA F 89 44.54 9.92 12.53
C ALA F 89 44.89 8.47 12.85
N VAL F 90 45.36 7.76 11.83
CA VAL F 90 45.80 6.37 11.96
C VAL F 90 47.31 6.35 12.01
N LEU F 91 47.86 5.76 13.06
CA LEU F 91 49.29 5.68 13.27
C LEU F 91 49.76 4.24 13.09
N THR F 92 50.86 4.09 12.35
CA THR F 92 51.52 2.82 12.12
C THR F 92 52.83 2.80 12.89
N LEU F 93 53.04 1.75 13.68
CA LEU F 93 54.24 1.58 14.49
C LEU F 93 54.81 0.20 14.27
N PRO F 94 56.09 -0.01 14.58
CA PRO F 94 56.61 -1.37 14.59
C PRO F 94 55.88 -2.22 15.61
N SER F 95 55.81 -3.52 15.33
CA SER F 95 55.05 -4.43 16.17
C SER F 95 55.56 -4.41 17.61
N GLY F 96 54.64 -4.34 18.55
CA GLY F 96 54.98 -4.30 19.96
C GLY F 96 55.32 -2.92 20.49
N GLN F 97 55.17 -1.87 19.69
CA GLN F 97 55.50 -0.52 20.12
C GLN F 97 54.30 0.28 20.59
N GLU F 98 53.08 -0.11 20.23
CA GLU F 98 51.91 0.67 20.62
C GLU F 98 51.70 0.68 22.12
N ILE F 99 52.09 -0.39 22.83
CA ILE F 99 51.99 -0.38 24.29
C ILE F 99 53.01 0.58 24.90
N HIS F 100 54.23 0.61 24.34
CA HIS F 100 55.23 1.56 24.80
C HIS F 100 54.78 2.99 24.52
N LEU F 101 54.23 3.23 23.33
CA LEU F 101 53.71 4.55 23.01
C LEU F 101 52.57 4.93 23.95
N ALA F 102 51.69 3.98 24.25
CA ALA F 102 50.60 4.26 25.17
C ALA F 102 51.13 4.67 26.54
N GLU F 103 52.03 3.89 27.12
CA GLU F 103 52.54 4.20 28.46
C GLU F 103 53.29 5.53 28.46
N ALA F 104 54.05 5.82 27.40
CA ALA F 104 54.64 7.14 27.27
C ALA F 104 53.57 8.22 27.24
N VAL F 105 52.40 7.91 26.66
CA VAL F 105 51.34 8.90 26.61
C VAL F 105 50.75 9.15 28.00
N GLU F 106 50.53 8.11 28.81
CA GLU F 106 50.08 8.42 30.18
C GLU F 106 51.16 9.17 30.94
N GLY F 107 52.43 8.91 30.67
CA GLY F 107 53.47 9.73 31.28
C GLY F 107 53.33 11.20 30.90
N LEU F 108 53.13 11.47 29.61
CA LEU F 108 52.97 12.84 29.14
C LEU F 108 51.71 13.48 29.72
N LEU F 109 50.64 12.70 29.87
CA LEU F 109 49.42 13.23 30.44
C LEU F 109 49.59 13.59 31.92
N LEU F 110 50.30 12.75 32.68
CA LEU F 110 50.62 13.11 34.06
C LEU F 110 51.61 14.25 34.15
N GLU F 111 52.34 14.55 33.06
CA GLU F 111 53.23 15.70 33.05
C GLU F 111 52.52 17.03 33.30
N VAL F 112 51.19 17.06 33.34
CA VAL F 112 50.50 18.31 33.67
C VAL F 112 50.82 18.74 35.10
N ASN F 113 50.90 17.78 36.02
CA ASN F 113 51.30 18.09 37.38
C ASN F 113 52.73 18.58 37.44
N ARG F 114 53.62 18.02 36.62
CA ARG F 114 54.98 18.52 36.54
C ARG F 114 55.00 19.96 36.03
N LEU F 115 54.16 20.28 35.05
CA LEU F 115 54.05 21.66 34.58
C LEU F 115 53.57 22.58 35.69
N ASP F 116 52.58 22.14 36.47
CA ASP F 116 52.10 22.95 37.58
C ASP F 116 53.20 23.20 38.61
N GLU F 117 53.93 22.14 38.97
CA GLU F 117 55.03 22.30 39.92
C GLU F 117 56.12 23.22 39.38
N LEU F 118 56.38 23.14 38.07
CA LEU F 118 57.32 24.07 37.45
C LEU F 118 56.82 25.51 37.56
N PHE F 119 55.53 25.71 37.37
CA PHE F 119 54.95 27.04 37.51
C PHE F 119 54.88 27.52 38.95
N ARG F 120 55.04 26.62 39.92
CA ARG F 120 55.24 27.02 41.31
C ARG F 120 56.72 27.10 41.70
N GLN F 121 57.63 26.86 40.75
CA GLN F 121 59.05 26.86 41.07
C GLN F 121 59.60 28.27 41.18
N GLY F 122 60.83 28.37 41.69
CA GLY F 122 61.42 29.67 41.93
C GLY F 122 61.75 30.44 40.67
N SER F 123 62.27 29.76 39.65
CA SER F 123 62.75 30.45 38.46
C SER F 123 61.60 31.05 37.66
N PHE F 124 60.57 30.25 37.39
CA PHE F 124 59.42 30.78 36.65
C PHE F 124 58.76 31.90 37.42
N LEU F 125 58.64 31.75 38.74
CA LEU F 125 57.96 32.77 39.52
C LEU F 125 58.77 34.05 39.61
N ARG F 126 60.10 33.96 39.67
CA ARG F 126 60.92 35.18 39.69
C ARG F 126 60.85 35.88 38.34
N GLU F 127 60.82 35.11 37.24
CA GLU F 127 60.64 35.73 35.93
C GLU F 127 59.27 36.40 35.82
N LYS F 128 58.23 35.73 36.32
CA LYS F 128 56.88 36.30 36.29
C LYS F 128 56.80 37.58 37.12
N THR F 129 57.41 37.58 38.30
CA THR F 129 57.41 38.79 39.13
C THR F 129 58.25 39.89 38.52
N GLN F 130 59.32 39.56 37.81
CA GLN F 130 60.07 40.58 37.09
C GLN F 130 59.21 41.20 35.98
N LEU F 131 58.47 40.37 35.25
CA LEU F 131 57.58 40.89 34.21
C LEU F 131 56.50 41.79 34.81
N GLU F 132 55.87 41.35 35.90
CA GLU F 132 54.86 42.16 36.55
C GLU F 132 55.44 43.44 37.13
N ALA F 133 56.67 43.38 37.65
CA ALA F 133 57.33 44.57 38.16
C ALA F 133 57.63 45.56 37.05
N ARG F 134 58.04 45.07 35.88
CA ARG F 134 58.26 45.96 34.74
C ARG F 134 56.97 46.64 34.32
N PHE F 135 55.88 45.86 34.24
CA PHE F 135 54.59 46.45 33.89
C PHE F 135 54.15 47.47 34.93
N LYS F 136 54.31 47.15 36.21
CA LYS F 136 53.94 48.08 37.27
C LYS F 136 54.79 49.33 37.25
N GLU F 137 56.08 49.19 36.92
CA GLU F 137 56.94 50.36 36.80
C GLU F 137 56.48 51.26 35.66
N ALA F 138 56.12 50.66 34.52
CA ALA F 138 55.61 51.46 33.40
C ALA F 138 54.32 52.17 33.80
N ARG F 139 53.41 51.47 34.48
CA ARG F 139 52.15 52.07 34.90
C ARG F 139 52.39 53.22 35.87
N GLU F 140 53.24 53.00 36.87
CA GLU F 140 53.53 54.04 37.85
C GLU F 140 54.20 55.23 37.19
N GLN F 141 55.11 54.99 36.24
CA GLN F 141 55.76 56.09 35.54
C GLN F 141 54.75 56.91 34.75
N GLN F 142 53.81 56.26 34.06
CA GLN F 142 52.85 57.02 33.26
C GLN F 142 51.89 57.80 34.15
N LEU F 143 51.41 57.19 35.24
CA LEU F 143 50.54 57.94 36.15
C LEU F 143 51.28 59.08 36.87
N GLU F 144 52.55 58.87 37.22
CA GLU F 144 53.27 59.96 37.87
C GLU F 144 53.57 61.09 36.89
N ALA F 145 53.82 60.77 35.62
CA ALA F 145 53.96 61.81 34.61
C ALA F 145 52.65 62.57 34.43
N LEU F 146 51.53 61.85 34.42
CA LEU F 146 50.23 62.51 34.33
C LEU F 146 50.01 63.43 35.53
N ARG F 147 50.36 62.97 36.73
CA ARG F 147 50.19 63.80 37.91
C ARG F 147 51.09 65.03 37.87
N ARG F 148 52.34 64.87 37.41
CA ARG F 148 53.24 66.01 37.31
C ARG F 148 52.72 67.04 36.31
N GLU F 149 52.20 66.59 35.17
CA GLU F 149 51.66 67.52 34.18
C GLU F 149 50.28 68.04 34.56
N ALA F 150 49.61 67.42 35.52
CA ALA F 150 48.32 67.89 36.01
C ALA F 150 48.47 68.94 37.10
N GLN F 151 49.38 68.73 38.05
CA GLN F 151 49.64 69.73 39.07
C GLN F 151 50.26 71.00 38.51
N GLU F 152 50.80 70.94 37.29
CA GLU F 152 51.26 72.14 36.62
C GLU F 152 50.11 73.11 36.38
N ALA F 153 48.94 72.58 36.05
CA ALA F 153 47.74 73.38 35.86
C ALA F 153 46.94 73.56 37.15
N GLY F 154 47.42 72.99 38.26
CA GLY F 154 46.74 73.15 39.54
C GLY F 154 45.66 72.13 39.80
N PHE F 155 45.92 70.87 39.43
CA PHE F 155 44.97 69.79 39.63
C PHE F 155 45.67 68.62 40.32
N ALA F 156 44.93 67.95 41.21
CA ALA F 156 45.43 66.78 41.91
C ALA F 156 44.85 65.52 41.29
N LEU F 157 45.71 64.53 41.04
CA LEU F 157 45.30 63.28 40.41
C LEU F 157 44.79 62.33 41.50
N SER F 158 43.48 62.20 41.60
CA SER F 158 42.86 61.33 42.59
C SER F 158 42.58 59.97 41.97
N THR F 159 42.99 58.92 42.68
CA THR F 159 42.80 57.53 42.23
C THR F 159 41.61 56.96 43.00
N ASN F 160 40.43 57.01 42.38
CA ASN F 160 39.22 56.45 42.96
C ASN F 160 39.12 55.01 42.49
N GLY F 161 39.63 54.09 43.31
CA GLY F 161 39.70 52.70 42.92
C GLY F 161 40.65 52.51 41.75
N GLU F 162 40.10 52.23 40.58
CA GLU F 162 40.88 52.17 39.35
C GLU F 162 40.67 53.41 38.46
N ARG F 163 39.66 54.22 38.76
CA ARG F 163 39.43 55.43 37.99
C ARG F 163 40.42 56.52 38.39
N LEU F 164 40.77 57.38 37.44
CA LEU F 164 41.63 58.52 37.67
C LEU F 164 40.83 59.79 37.39
N GLU F 165 40.85 60.73 38.33
CA GLU F 165 40.14 61.99 38.18
C GLU F 165 41.05 63.15 38.56
N LEU F 166 40.66 64.34 38.12
CA LEU F 166 41.38 65.57 38.45
C LEU F 166 40.53 66.41 39.39
N THR F 167 41.11 66.77 40.53
CA THR F 167 40.45 67.63 41.52
C THR F 167 41.18 68.96 41.54
N GLY F 168 40.51 70.03 41.11
CA GLY F 168 41.10 71.34 41.06
C GLY F 168 40.09 72.43 41.39
N PRO F 169 40.53 73.69 41.27
CA PRO F 169 39.62 74.79 41.60
C PRO F 169 38.49 74.95 40.59
N GLY F 170 38.77 74.80 39.31
CA GLY F 170 37.76 74.99 38.28
C GLY F 170 37.66 73.81 37.34
N PRO F 171 37.23 74.08 36.10
CA PRO F 171 37.06 73.00 35.13
C PRO F 171 38.40 72.45 34.65
N VAL F 172 38.38 71.17 34.28
CA VAL F 172 39.57 70.48 33.79
C VAL F 172 39.88 70.95 32.37
N PRO F 173 41.14 71.20 32.04
CA PRO F 173 41.48 71.57 30.67
C PRO F 173 41.24 70.40 29.71
N ALA F 174 40.99 70.75 28.44
CA ALA F 174 40.70 69.74 27.44
C ALA F 174 41.89 68.81 27.25
N GLU F 175 43.10 69.36 27.16
CA GLU F 175 44.29 68.52 26.99
C GLU F 175 44.58 67.69 28.22
N LEU F 176 44.34 68.24 29.42
CA LEU F 176 44.52 67.44 30.63
C LEU F 176 43.53 66.30 30.70
N SER F 177 42.28 66.54 30.31
CA SER F 177 41.30 65.45 30.25
C SER F 177 41.69 64.41 29.20
N ALA F 178 42.20 64.86 28.06
CA ALA F 178 42.68 63.92 27.05
C ALA F 178 43.80 63.06 27.58
N ARG F 179 44.75 63.67 28.30
CA ARG F 179 45.85 62.90 28.89
C ARG F 179 45.34 61.93 29.95
N LEU F 180 44.36 62.35 30.76
CA LEU F 180 43.78 61.45 31.76
C LEU F 180 43.13 60.24 31.09
N GLU F 181 42.33 60.48 30.04
CA GLU F 181 41.69 59.37 29.35
C GLU F 181 42.71 58.48 28.67
N GLU F 182 43.77 59.07 28.11
CA GLU F 182 44.83 58.27 27.51
C GLU F 182 45.52 57.40 28.55
N VAL F 183 45.77 57.95 29.73
CA VAL F 183 46.41 57.18 30.80
C VAL F 183 45.52 56.04 31.24
N THR F 184 44.21 56.29 31.38
CA THR F 184 43.29 55.23 31.79
C THR F 184 43.22 54.12 30.74
N LEU F 185 43.06 54.50 29.47
CA LEU F 185 42.99 53.50 28.41
C LEU F 185 44.31 52.72 28.28
N GLY F 186 45.43 53.42 28.43
CA GLY F 186 46.72 52.75 28.41
C GLY F 186 46.92 51.82 29.58
N SER F 187 46.39 52.17 30.75
CA SER F 187 46.46 51.27 31.89
C SER F 187 45.65 50.01 31.66
N LEU F 188 44.45 50.16 31.08
CA LEU F 188 43.65 48.98 30.76
C LEU F 188 44.36 48.12 29.71
N ALA F 189 44.92 48.75 28.67
CA ALA F 189 45.64 48.02 27.64
C ALA F 189 46.88 47.35 28.22
N ALA F 190 47.53 47.99 29.19
CA ALA F 190 48.70 47.41 29.83
C ALA F 190 48.34 46.24 30.72
N SER F 191 47.18 46.28 31.36
CA SER F 191 46.71 45.11 32.11
C SER F 191 46.44 43.95 31.16
N ALA F 192 45.79 44.23 30.02
CA ALA F 192 45.56 43.17 29.03
C ALA F 192 46.88 42.63 28.49
N GLU F 193 47.84 43.52 28.24
CA GLU F 193 49.15 43.11 27.76
C GLU F 193 49.90 42.30 28.82
N LEU F 194 49.74 42.65 30.10
CA LEU F 194 50.33 41.84 31.16
C LEU F 194 49.74 40.45 31.18
N GLU F 195 48.41 40.35 31.00
CA GLU F 195 47.79 39.02 30.95
C GLU F 195 48.31 38.20 29.78
N VAL F 196 48.36 38.81 28.59
CA VAL F 196 48.81 38.04 27.43
C VAL F 196 50.30 37.71 27.53
N ALA F 197 51.10 38.59 28.13
CA ALA F 197 52.52 38.29 28.32
C ALA F 197 52.73 37.20 29.36
N LEU F 198 51.89 37.16 30.40
CA LEU F 198 51.94 36.06 31.34
C LEU F 198 51.58 34.74 30.66
N ARG F 199 50.58 34.76 29.78
CA ARG F 199 50.24 33.56 29.03
C ARG F 199 51.39 33.14 28.11
N ARG F 200 52.04 34.10 27.45
CA ARG F 200 53.18 33.79 26.60
C ARG F 200 54.33 33.20 27.41
N LEU F 201 54.60 33.77 28.59
CA LEU F 201 55.66 33.22 29.45
C LEU F 201 55.32 31.81 29.91
N ARG F 202 54.06 31.58 30.27
CA ARG F 202 53.60 30.24 30.63
C ARG F 202 53.86 29.26 29.50
N ARG F 203 53.44 29.61 28.29
CA ARG F 203 53.59 28.72 27.15
C ARG F 203 55.06 28.48 26.82
N ASP F 204 55.88 29.53 26.88
CA ASP F 204 57.30 29.39 26.56
C ASP F 204 58.01 28.50 27.57
N TRP F 205 57.75 28.71 28.87
CA TRP F 205 58.36 27.86 29.88
C TRP F 205 57.89 26.42 29.76
N ALA F 206 56.60 26.22 29.49
CA ALA F 206 56.09 24.87 29.31
C ALA F 206 56.74 24.19 28.10
N LEU F 207 56.88 24.91 26.99
CA LEU F 207 57.50 24.33 25.81
C LEU F 207 58.96 24.00 26.07
N HIS F 208 59.69 24.88 26.76
CA HIS F 208 61.07 24.61 27.09
C HIS F 208 61.20 23.39 27.99
N TYR F 209 60.32 23.25 28.97
CA TYR F 209 60.37 22.07 29.84
C TYR F 209 59.98 20.80 29.09
N LEU F 210 58.98 20.88 28.21
CA LEU F 210 58.47 19.71 27.52
C LEU F 210 59.35 19.28 26.35
N ASN F 211 60.23 20.14 25.86
CA ASN F 211 61.16 19.71 24.82
C ASN F 211 62.07 18.60 25.33
N ASN F 212 62.56 18.73 26.57
CA ASN F 212 63.41 17.70 27.16
C ASN F 212 62.64 16.40 27.37
N ARG F 213 61.34 16.47 27.62
CA ARG F 213 60.53 15.29 27.83
C ARG F 213 60.09 14.65 26.52
N PHE F 214 59.98 15.42 25.45
CA PHE F 214 59.47 14.92 24.18
C PHE F 214 60.57 14.51 23.21
N GLU F 215 61.78 15.05 23.32
CA GLU F 215 62.83 14.63 22.41
C GLU F 215 63.17 13.13 22.55
N PRO F 216 63.26 12.55 23.76
CA PRO F 216 63.48 11.09 23.80
C PRO F 216 62.31 10.32 23.21
N LEU F 217 61.08 10.82 23.38
CA LEU F 217 59.93 10.17 22.77
C LEU F 217 59.86 10.42 21.27
N PHE F 218 60.33 11.57 20.80
CA PHE F 218 60.46 11.81 19.37
C PHE F 218 61.47 10.86 18.73
N GLN F 219 62.58 10.58 19.41
CA GLN F 219 63.56 9.63 18.91
C GLN F 219 63.07 8.18 19.02
N ARG F 220 62.31 7.87 20.08
CA ARG F 220 61.85 6.51 20.29
C ARG F 220 60.69 6.15 19.37
N PHE F 221 59.83 7.12 19.05
CA PHE F 221 58.67 6.89 18.20
C PHE F 221 58.67 7.91 17.06
N PRO F 222 59.54 7.71 16.06
CA PRO F 222 59.56 8.63 14.91
C PRO F 222 58.24 8.69 14.15
N GLN F 223 57.49 7.59 14.12
CA GLN F 223 56.22 7.57 13.40
C GLN F 223 55.19 8.48 14.06
N ALA F 224 55.15 8.50 15.39
CA ALA F 224 54.20 9.32 16.14
C ALA F 224 54.61 10.78 16.22
N ARG F 225 55.64 11.18 15.46
CA ARG F 225 56.19 12.53 15.57
C ARG F 225 55.10 13.59 15.46
N ALA F 226 54.14 13.38 14.57
CA ALA F 226 53.01 14.30 14.48
C ALA F 226 52.18 14.28 15.76
N TYR F 227 51.64 13.10 16.10
CA TYR F 227 50.70 13.00 17.22
C TYR F 227 51.31 13.53 18.50
N LEU F 228 52.51 13.06 18.84
CA LEU F 228 53.20 13.55 20.02
C LEU F 228 53.30 15.07 20.00
N GLU F 229 53.71 15.63 18.86
CA GLU F 229 53.77 17.08 18.72
C GLU F 229 52.42 17.70 19.06
N ALA F 230 51.34 17.15 18.47
CA ALA F 230 50.01 17.63 18.78
C ALA F 230 49.74 17.56 20.27
N LEU F 231 50.10 16.43 20.88
CA LEU F 231 49.93 16.30 22.32
C LEU F 231 50.70 17.38 23.06
N ARG F 232 51.94 17.65 22.62
CA ARG F 232 52.69 18.74 23.22
C ARG F 232 51.97 20.06 23.01
N ALA F 233 51.44 20.28 21.80
CA ALA F 233 50.67 21.49 21.54
C ALA F 233 49.45 21.59 22.44
N ARG F 234 48.96 20.46 22.94
CA ARG F 234 47.87 20.49 23.91
C ARG F 234 48.37 20.70 25.34
N LEU F 235 49.56 20.21 25.65
CA LEU F 235 50.10 20.41 26.99
C LEU F 235 50.46 21.87 27.23
N ALA F 236 51.19 22.47 26.28
CA ALA F 236 51.58 23.87 26.43
C ALA F 236 50.35 24.77 26.50
N ARG F 237 49.31 24.45 25.73
CA ARG F 237 48.07 25.19 25.83
C ARG F 237 47.50 25.13 27.24
N TYR F 238 47.53 23.93 27.85
CA TYR F 238 47.09 23.79 29.23
C TYR F 238 47.90 24.71 30.15
N ALA F 239 49.14 25.01 29.78
CA ALA F 239 49.95 25.92 30.57
C ALA F 239 49.41 27.35 30.51
N GLU F 240 48.95 27.78 29.33
CA GLU F 240 48.56 29.18 29.17
C GLU F 240 47.06 29.40 29.42
N THR F 241 46.21 28.59 28.81
CA THR F 241 44.77 28.74 29.01
C THR F 241 44.32 28.18 30.34
N GLY F 242 44.96 27.12 30.83
CA GLY F 242 44.56 26.50 32.08
C GLY F 242 43.35 25.61 31.99
N GLU F 243 42.79 25.42 30.79
CA GLU F 243 41.65 24.53 30.65
C GLU F 243 42.06 23.09 30.91
N PRO F 244 41.22 22.30 31.55
CA PRO F 244 41.61 20.92 31.89
C PRO F 244 41.85 20.09 30.65
N LEU F 245 42.84 19.20 30.75
CA LEU F 245 43.20 18.29 29.66
C LEU F 245 42.52 16.96 29.91
N ASP F 246 41.56 16.61 29.07
CA ASP F 246 40.87 15.34 29.21
C ASP F 246 41.79 14.21 28.79
N PRO F 247 42.18 13.31 29.69
CA PRO F 247 43.06 12.20 29.27
C PRO F 247 42.42 11.30 28.23
N ALA F 248 41.11 11.05 28.35
CA ALA F 248 40.43 10.12 27.46
C ALA F 248 40.35 10.65 26.04
N GLN F 249 40.57 11.95 25.87
CA GLN F 249 40.57 12.57 24.55
C GLN F 249 41.94 12.57 23.89
N TRP F 250 42.99 12.18 24.61
CA TRP F 250 44.35 12.21 24.07
C TRP F 250 45.09 10.89 24.29
N ARG F 251 44.38 9.86 24.74
CA ARG F 251 44.95 8.52 24.83
C ARG F 251 44.94 7.86 23.46
N PRO F 252 46.05 7.32 22.99
CA PRO F 252 46.06 6.64 21.69
C PRO F 252 45.20 5.38 21.75
N ASN F 253 44.23 5.29 20.86
CA ASN F 253 43.29 4.17 20.87
C ASN F 253 43.99 2.94 20.33
N LEU F 254 44.52 2.13 21.24
CA LEU F 254 45.08 0.83 20.85
C LEU F 254 43.94 -0.10 20.52
N LEU F 255 43.57 -0.16 19.23
CA LEU F 255 42.40 -0.90 18.79
C LEU F 255 42.50 -2.38 19.17
N THR F 256 43.49 -3.06 18.62
CA THR F 256 43.71 -4.48 18.90
C THR F 256 45.15 -4.70 19.32
N SER F 257 45.36 -5.74 20.13
CA SER F 257 46.69 -6.07 20.60
C SER F 257 47.57 -6.51 19.43
N SER F 258 48.88 -6.33 19.61
CA SER F 258 49.84 -6.70 18.59
C SER F 258 49.82 -8.21 18.37
N SER F 259 49.83 -8.62 17.10
CA SER F 259 49.86 -10.03 16.75
C SER F 259 51.27 -10.45 16.38
N SER F 260 51.64 -11.65 16.83
CA SER F 260 52.97 -12.17 16.55
C SER F 260 53.16 -12.56 15.09
N GLY F 261 52.07 -12.72 14.34
CA GLY F 261 52.14 -13.15 12.96
C GLY F 261 52.25 -14.64 12.78
N THR F 262 52.28 -15.42 13.86
CA THR F 262 52.37 -16.88 13.78
C THR F 262 51.71 -17.44 15.03
N PRO F 263 50.41 -17.78 14.96
CA PRO F 263 49.53 -17.68 13.80
C PRO F 263 49.12 -16.24 13.46
N PRO F 264 48.76 -15.99 12.21
CA PRO F 264 48.33 -14.64 11.82
C PRO F 264 46.98 -14.30 12.44
N PRO F 265 46.62 -13.03 12.48
CA PRO F 265 45.31 -12.67 13.04
C PRO F 265 44.17 -13.19 12.18
N ILE F 266 43.49 -14.22 12.68
CA ILE F 266 42.40 -14.88 11.98
C ILE F 266 41.11 -14.46 12.66
N VAL F 267 40.26 -13.74 11.93
CA VAL F 267 39.04 -13.18 12.49
C VAL F 267 37.86 -13.75 11.70
N TYR F 268 37.12 -14.65 12.32
CA TYR F 268 35.88 -15.18 11.74
C TYR F 268 34.72 -14.41 12.35
N GLU F 269 34.04 -13.61 11.52
CA GLU F 269 32.89 -12.84 11.96
C GLU F 269 31.63 -13.48 11.38
N PRO F 270 30.96 -14.37 12.11
CA PRO F 270 29.76 -15.01 11.55
C PRO F 270 28.65 -14.02 11.22
N TYR F 271 28.56 -12.91 11.96
CA TYR F 271 27.50 -11.92 11.79
C TYR F 271 28.14 -10.69 11.18
N ALA F 272 28.05 -10.57 9.85
CA ALA F 272 28.79 -9.54 9.12
C ALA F 272 28.00 -8.23 9.08
N THR F 273 27.61 -7.78 10.28
CA THR F 273 26.97 -6.49 10.42
C THR F 273 28.01 -5.38 10.34
N ALA F 274 27.58 -4.21 9.89
CA ALA F 274 28.50 -3.07 9.78
C ALA F 274 29.20 -2.71 11.09
N PRO F 275 28.52 -2.58 12.25
CA PRO F 275 29.27 -2.28 13.48
C PRO F 275 30.27 -3.35 13.86
N ARG F 276 29.93 -4.64 13.67
CA ARG F 276 30.84 -5.71 14.02
C ARG F 276 32.00 -5.84 13.05
N LEU F 277 31.83 -5.41 11.80
CA LEU F 277 32.90 -5.51 10.82
C LEU F 277 33.82 -4.29 10.88
N PHE F 278 33.26 -3.10 10.71
CA PHE F 278 34.02 -1.88 10.54
C PHE F 278 34.28 -1.15 11.84
N GLY F 279 33.79 -1.67 12.97
CA GLY F 279 33.92 -0.99 14.23
C GLY F 279 32.90 0.11 14.40
N ARG F 280 32.45 0.34 15.63
CA ARG F 280 31.44 1.35 15.92
C ARG F 280 32.07 2.53 16.63
N LEU F 281 31.75 3.74 16.18
CA LEU F 281 32.22 4.97 16.81
C LEU F 281 31.20 5.35 17.89
N ASP F 282 31.48 4.94 19.12
CA ASP F 282 30.56 5.18 20.22
C ASP F 282 30.46 6.67 20.53
N TYR F 283 29.26 7.11 20.87
CA TYR F 283 28.98 8.49 21.22
C TYR F 283 28.52 8.57 22.68
N LEU F 284 28.85 9.69 23.32
CA LEU F 284 28.42 9.97 24.68
C LEU F 284 27.44 11.13 24.66
N VAL F 285 26.26 10.91 25.24
CA VAL F 285 25.23 11.93 25.36
C VAL F 285 25.26 12.48 26.78
N ASP F 286 25.39 13.80 26.90
CA ASP F 286 25.35 14.48 28.18
C ASP F 286 24.11 15.35 28.19
N ARG F 287 23.01 14.77 28.69
CA ARG F 287 21.75 15.47 28.92
C ARG F 287 21.33 16.34 27.73
N GLY F 288 21.71 15.93 26.53
CA GLY F 288 21.34 16.67 25.34
C GLY F 288 22.47 16.91 24.35
N VAL F 289 23.71 17.03 24.83
CA VAL F 289 24.83 17.35 23.96
C VAL F 289 25.59 16.08 23.61
N TRP F 290 25.90 15.91 22.32
CA TRP F 290 26.63 14.74 21.85
C TRP F 290 28.12 15.05 21.81
N SER F 291 28.93 14.10 22.27
CA SER F 291 30.38 14.27 22.25
C SER F 291 31.04 12.90 22.29
N THR F 292 32.12 12.74 21.53
CA THR F 292 32.89 11.51 21.52
C THR F 292 34.36 11.85 21.34
N ASN F 293 35.21 10.93 21.76
CA ASN F 293 36.66 11.10 21.68
C ASN F 293 37.28 9.87 21.00
N VAL F 294 38.62 9.89 20.93
CA VAL F 294 39.34 8.81 20.25
C VAL F 294 39.19 7.50 20.99
N SER F 295 38.99 7.54 22.30
CA SER F 295 38.98 6.34 23.14
C SER F 295 37.67 5.57 23.05
N LEU F 296 36.66 6.10 22.36
CA LEU F 296 35.39 5.40 22.20
C LEU F 296 35.27 4.65 20.88
N ILE F 297 36.27 4.73 20.00
CA ILE F 297 36.21 3.99 18.74
C ILE F 297 36.41 2.52 19.03
N ARG F 298 35.37 1.71 18.81
CA ARG F 298 35.52 0.29 19.08
C ARG F 298 36.15 -0.42 17.88
N PRO F 299 36.98 -1.43 18.14
CA PRO F 299 37.57 -2.20 17.04
C PRO F 299 36.60 -3.27 16.54
N GLY F 300 36.38 -3.29 15.24
CA GLY F 300 35.53 -4.28 14.60
C GLY F 300 36.31 -5.47 14.11
N ALA F 301 35.73 -6.19 13.16
CA ALA F 301 36.40 -7.32 12.54
C ALA F 301 37.55 -6.91 11.63
N VAL F 302 37.40 -5.79 10.93
CA VAL F 302 38.47 -5.31 10.07
C VAL F 302 39.70 -4.93 10.89
N HIS F 303 39.49 -4.24 12.01
CA HIS F 303 40.62 -3.85 12.86
C HIS F 303 41.32 -5.08 13.44
N ARG F 304 40.55 -6.06 13.89
CA ARG F 304 41.13 -7.27 14.47
C ARG F 304 41.86 -8.14 13.45
N ALA F 305 41.59 -7.95 12.15
CA ALA F 305 42.16 -8.79 11.12
C ALA F 305 43.27 -8.08 10.35
N GLN F 306 43.78 -6.98 10.87
CA GLN F 306 44.86 -6.25 10.20
C GLN F 306 46.09 -7.12 10.08
N GLY F 307 46.65 -7.20 8.87
CA GLY F 307 47.78 -8.05 8.63
C GLY F 307 47.48 -9.53 8.67
N GLY F 308 46.21 -9.91 8.60
CA GLY F 308 45.83 -11.31 8.67
C GLY F 308 44.70 -11.67 7.73
N TYR F 309 43.79 -12.51 8.20
CA TYR F 309 42.69 -13.02 7.38
C TYR F 309 41.36 -12.77 8.06
N LEU F 310 40.41 -12.23 7.30
CA LEU F 310 39.05 -12.02 7.77
C LEU F 310 38.14 -12.99 7.03
N ILE F 311 37.61 -13.98 7.74
CA ILE F 311 36.73 -14.99 7.18
C ILE F 311 35.30 -14.53 7.39
N LEU F 312 34.58 -14.27 6.30
CA LEU F 312 33.20 -13.83 6.36
C LEU F 312 32.29 -14.85 5.67
N ASP F 313 30.99 -14.63 5.81
CA ASP F 313 29.98 -15.48 5.20
C ASP F 313 29.13 -14.64 4.25
N ALA F 314 29.16 -14.99 2.96
CA ALA F 314 28.37 -14.24 1.98
C ALA F 314 26.89 -14.27 2.34
N LEU F 315 26.44 -15.34 2.99
CA LEU F 315 25.09 -15.37 3.53
C LEU F 315 24.86 -14.20 4.47
N SER F 316 25.82 -13.94 5.37
CA SER F 316 25.71 -12.78 6.25
C SER F 316 25.92 -11.48 5.50
N LEU F 317 26.80 -11.47 4.50
CA LEU F 317 27.02 -10.25 3.71
C LEU F 317 25.77 -9.79 2.98
N LYS F 318 24.92 -10.70 2.53
CA LYS F 318 23.68 -10.30 1.88
C LYS F 318 22.50 -10.20 2.83
N ARG F 319 22.53 -10.97 3.93
CA ARG F 319 21.45 -10.91 4.91
C ARG F 319 21.41 -9.57 5.63
N GLU F 320 22.57 -9.02 5.97
CA GLU F 320 22.66 -7.73 6.65
C GLU F 320 22.80 -6.57 5.69
N GLY F 321 22.84 -6.84 4.38
CA GLY F 321 22.94 -5.78 3.39
C GLY F 321 24.24 -5.01 3.45
N THR F 322 25.23 -5.57 4.12
CA THR F 322 26.53 -4.92 4.27
C THR F 322 27.46 -5.17 3.09
N TRP F 323 27.04 -5.97 2.12
CA TRP F 323 27.91 -6.28 0.98
C TRP F 323 28.33 -5.02 0.23
N GLU F 324 27.42 -4.05 0.11
CA GLU F 324 27.77 -2.82 -0.60
C GLU F 324 28.81 -2.01 0.16
N ALA F 325 28.63 -1.86 1.47
CA ALA F 325 29.61 -1.12 2.27
C ALA F 325 30.95 -1.84 2.31
N PHE F 326 30.93 -3.17 2.42
CA PHE F 326 32.17 -3.94 2.44
C PHE F 326 32.87 -3.83 1.09
N LYS F 327 32.09 -3.84 0.01
CA LYS F 327 32.62 -3.60 -1.32
C LYS F 327 33.28 -2.23 -1.41
N ARG F 328 32.63 -1.21 -0.86
CA ARG F 328 33.22 0.13 -0.86
C ARG F 328 34.55 0.14 -0.12
N ALA F 329 34.59 -0.50 1.05
CA ALA F 329 35.82 -0.53 1.85
C ALA F 329 36.93 -1.27 1.11
N LEU F 330 36.60 -2.40 0.47
CA LEU F 330 37.61 -3.17 -0.24
C LEU F 330 38.14 -2.43 -1.47
N ARG F 331 37.26 -1.82 -2.26
CA ARG F 331 37.73 -1.09 -3.43
C ARG F 331 38.55 0.13 -3.02
N ASN F 332 38.10 0.87 -2.02
CA ASN F 332 38.82 2.07 -1.61
C ASN F 332 40.10 1.75 -0.85
N GLY F 333 40.23 0.55 -0.30
CA GLY F 333 41.39 0.22 0.50
C GLY F 333 41.41 0.87 1.85
N GLN F 334 40.33 1.53 2.23
CA GLN F 334 40.23 2.24 3.50
C GLN F 334 38.80 2.16 3.99
N VAL F 335 38.61 2.31 5.30
CA VAL F 335 37.27 2.26 5.88
C VAL F 335 37.29 3.04 7.19
N GLU F 336 36.20 3.74 7.48
CA GLU F 336 36.02 4.43 8.75
C GLU F 336 34.98 3.71 9.59
N PRO F 337 35.07 3.78 10.92
CA PRO F 337 34.04 3.15 11.75
C PRO F 337 32.68 3.79 11.51
N VAL F 338 31.63 2.98 11.69
CA VAL F 338 30.29 3.45 11.38
C VAL F 338 29.96 4.67 12.23
N THR F 339 29.43 5.70 11.59
CA THR F 339 29.16 6.98 12.22
C THR F 339 27.65 7.15 12.40
N GLU F 340 27.24 7.51 13.61
CA GLU F 340 25.83 7.75 13.88
C GLU F 340 25.44 9.13 13.38
N PRO F 341 24.47 9.23 12.46
CA PRO F 341 24.05 10.55 11.97
C PRO F 341 23.29 11.39 12.98
N GLN F 342 22.85 10.80 14.10
CA GLN F 342 22.13 11.56 15.12
C GLN F 342 23.00 12.56 15.85
N ALA F 343 24.32 12.44 15.74
CA ALA F 343 25.25 13.30 16.47
C ALA F 343 25.91 14.28 15.52
N PRO F 344 25.60 15.58 15.58
CA PRO F 344 26.35 16.55 14.77
C PRO F 344 27.64 16.99 15.46
N ALA F 345 28.38 16.03 16.01
CA ALA F 345 29.64 16.30 16.69
C ALA F 345 30.67 15.22 16.39
N GLY F 346 30.60 14.62 15.21
CA GLY F 346 31.48 13.52 14.89
C GLY F 346 32.93 13.94 14.77
N LEU F 347 33.80 12.95 14.86
CA LEU F 347 35.24 13.16 14.77
C LEU F 347 35.70 13.06 13.32
N GLU F 348 36.82 13.71 13.02
CA GLU F 348 37.46 13.61 11.71
C GLU F 348 38.40 12.41 11.70
N VAL F 349 37.80 11.23 11.78
CA VAL F 349 38.57 9.99 11.87
C VAL F 349 39.17 9.67 10.50
N GLU F 350 40.49 9.52 10.46
CA GLU F 350 41.14 9.10 9.23
C GLU F 350 40.72 7.67 8.91
N PRO F 351 40.40 7.37 7.64
CA PRO F 351 39.97 6.02 7.29
C PRO F 351 41.03 4.98 7.61
N PHE F 352 40.59 3.85 8.14
CA PHE F 352 41.52 2.82 8.57
C PHE F 352 42.01 2.02 7.36
N PRO F 353 43.32 1.92 7.14
CA PRO F 353 43.82 1.13 6.02
C PRO F 353 43.49 -0.35 6.20
N ILE F 354 43.33 -1.05 5.08
CA ILE F 354 42.96 -2.45 5.06
C ILE F 354 44.17 -3.23 4.54
N GLN F 355 44.80 -3.99 5.43
CA GLN F 355 45.91 -4.88 5.06
C GLN F 355 45.51 -6.35 5.14
N MET F 356 44.25 -6.63 5.39
CA MET F 356 43.78 -7.99 5.57
C MET F 356 43.52 -8.67 4.23
N GLN F 357 43.32 -9.99 4.28
CA GLN F 357 42.83 -10.77 3.16
C GLN F 357 41.45 -11.32 3.52
N VAL F 358 40.48 -11.08 2.67
CA VAL F 358 39.11 -11.51 2.91
C VAL F 358 38.91 -12.89 2.29
N ILE F 359 38.33 -13.81 3.06
CA ILE F 359 38.05 -15.16 2.60
C ILE F 359 36.57 -15.41 2.87
N LEU F 360 35.72 -15.15 1.88
CA LEU F 360 34.31 -15.43 2.01
C LEU F 360 34.07 -16.94 2.04
N VAL F 361 33.10 -17.36 2.85
CA VAL F 361 32.72 -18.76 2.96
C VAL F 361 31.21 -18.86 2.80
N GLY F 362 30.76 -19.81 1.99
CA GLY F 362 29.34 -20.00 1.81
C GLY F 362 29.06 -21.16 0.88
N THR F 363 27.79 -21.38 0.63
CA THR F 363 27.30 -22.42 -0.26
C THR F 363 27.24 -21.90 -1.69
N PRO F 364 27.26 -22.79 -2.68
CA PRO F 364 27.14 -22.34 -4.07
C PRO F 364 25.90 -21.50 -4.34
N GLU F 365 24.78 -21.84 -3.71
CA GLU F 365 23.57 -21.04 -3.87
C GLU F 365 23.63 -19.72 -3.10
N ALA F 366 24.65 -19.51 -2.27
CA ALA F 366 24.77 -18.26 -1.54
C ALA F 366 25.62 -17.24 -2.28
N PHE F 367 26.21 -17.62 -3.42
CA PHE F 367 27.16 -16.76 -4.10
C PHE F 367 26.65 -16.16 -5.41
N GLU F 368 25.51 -16.62 -5.95
CA GLU F 368 25.00 -16.02 -7.18
C GLU F 368 24.66 -14.55 -6.99
N GLY F 369 24.06 -14.19 -5.85
CA GLY F 369 23.74 -12.79 -5.60
C GLY F 369 24.98 -11.92 -5.61
N LEU F 370 26.07 -12.40 -5.02
CA LEU F 370 27.33 -11.66 -5.04
C LEU F 370 28.01 -11.76 -6.40
N GLU F 371 27.97 -12.93 -7.03
CA GLU F 371 28.69 -13.14 -8.29
C GLU F 371 28.07 -12.40 -9.47
N GLU F 372 26.80 -11.98 -9.37
CA GLU F 372 26.22 -11.17 -10.44
C GLU F 372 26.93 -9.85 -10.58
N ASP F 373 27.39 -9.28 -9.47
CA ASP F 373 28.17 -8.05 -9.54
C ASP F 373 29.50 -8.31 -10.24
N PRO F 374 29.80 -7.59 -11.32
CA PRO F 374 31.07 -7.81 -12.02
C PRO F 374 32.30 -7.36 -11.25
N ALA F 375 32.12 -6.63 -10.14
CA ALA F 375 33.24 -6.25 -9.30
C ALA F 375 33.57 -7.30 -8.25
N PHE F 376 32.60 -8.14 -7.88
CA PHE F 376 32.91 -9.28 -7.01
C PHE F 376 33.89 -10.22 -7.69
N SER F 377 33.72 -10.44 -9.00
CA SER F 377 34.70 -11.21 -9.75
C SER F 377 36.03 -10.48 -9.88
N GLU F 378 36.07 -9.20 -9.51
CA GLU F 378 37.30 -8.41 -9.52
C GLU F 378 38.02 -8.40 -8.17
N LEU F 379 37.29 -8.27 -7.07
CA LEU F 379 37.92 -8.28 -5.76
C LEU F 379 38.32 -9.69 -5.35
N PHE F 380 37.47 -10.66 -5.63
CA PHE F 380 37.70 -12.05 -5.25
C PHE F 380 38.05 -12.84 -6.52
N ARG F 381 39.33 -12.82 -6.88
CA ARG F 381 39.80 -13.55 -8.06
C ARG F 381 39.85 -15.05 -7.82
N ILE F 382 40.26 -15.47 -6.64
CA ILE F 382 40.49 -16.89 -6.36
C ILE F 382 39.20 -17.52 -5.84
N ARG F 383 38.86 -18.67 -6.39
CA ARG F 383 37.67 -19.43 -5.98
C ARG F 383 38.14 -20.78 -5.45
N ALA F 384 37.95 -20.99 -4.15
CA ALA F 384 38.32 -22.26 -3.50
C ALA F 384 37.05 -23.08 -3.34
N GLU F 385 36.68 -23.78 -4.41
CA GLU F 385 35.45 -24.58 -4.41
C GLU F 385 35.70 -25.92 -3.74
N PHE F 386 34.71 -26.36 -2.96
CA PHE F 386 34.81 -27.60 -2.22
C PHE F 386 34.00 -28.69 -2.91
N SER F 387 34.64 -29.82 -3.19
CA SER F 387 33.94 -30.94 -3.78
C SER F 387 32.97 -31.54 -2.76
N PRO F 388 31.73 -31.82 -3.17
CA PRO F 388 30.79 -32.47 -2.24
C PRO F 388 31.21 -33.86 -1.83
N THR F 389 32.13 -34.50 -2.55
CA THR F 389 32.61 -35.83 -2.24
C THR F 389 34.13 -35.84 -2.33
N LEU F 390 34.71 -36.95 -1.87
CA LEU F 390 36.14 -37.23 -1.95
C LEU F 390 36.32 -38.60 -2.58
N PRO F 391 37.45 -38.83 -3.26
CA PRO F 391 37.70 -40.17 -3.83
C PRO F 391 37.71 -41.22 -2.73
N ALA F 392 37.10 -42.37 -3.02
CA ALA F 392 37.05 -43.48 -2.07
C ALA F 392 38.33 -44.29 -2.24
N SER F 393 39.35 -43.92 -1.49
CA SER F 393 40.65 -44.57 -1.54
C SER F 393 41.09 -44.87 -0.11
N PRO F 394 41.97 -45.85 0.08
CA PRO F 394 42.50 -46.11 1.42
C PRO F 394 43.17 -44.90 2.05
N GLU F 395 43.77 -44.04 1.23
CA GLU F 395 44.33 -42.80 1.76
C GLU F 395 43.25 -41.91 2.35
N ASN F 396 42.10 -41.80 1.67
CA ASN F 396 41.01 -41.00 2.20
C ASN F 396 40.41 -41.62 3.46
N CYS F 397 40.33 -42.94 3.53
CA CYS F 397 39.84 -43.59 4.74
C CYS F 397 40.80 -43.34 5.91
N THR F 398 42.11 -43.44 5.66
CA THR F 398 43.08 -43.16 6.70
C THR F 398 43.00 -41.70 7.15
N ALA F 399 42.82 -40.78 6.20
CA ALA F 399 42.67 -39.37 6.55
C ALA F 399 41.42 -39.13 7.37
N LEU F 400 40.32 -39.81 7.03
CA LEU F 400 39.10 -39.69 7.82
C LEU F 400 39.31 -40.23 9.23
N GLY F 401 40.03 -41.35 9.36
CA GLY F 401 40.32 -41.88 10.69
C GLY F 401 41.16 -40.93 11.51
N GLY F 402 42.18 -40.33 10.88
CA GLY F 402 42.98 -39.34 11.58
C GLY F 402 42.19 -38.11 11.98
N TRP F 403 41.27 -37.68 11.11
CA TRP F 403 40.41 -36.54 11.42
C TRP F 403 39.50 -36.86 12.60
N LEU F 404 38.93 -38.07 12.62
CA LEU F 404 38.08 -38.47 13.73
C LEU F 404 38.86 -38.55 15.03
N LEU F 405 40.09 -39.08 14.97
CA LEU F 405 40.93 -39.12 16.15
C LEU F 405 41.26 -37.71 16.64
N ALA F 406 41.54 -36.79 15.71
CA ALA F 406 41.79 -35.40 16.08
C ALA F 406 40.55 -34.73 16.63
N GLN F 407 39.36 -35.22 16.29
CA GLN F 407 38.12 -34.69 16.84
C GLN F 407 37.82 -35.22 18.24
N GLY F 408 38.64 -36.14 18.74
CA GLY F 408 38.47 -36.68 20.08
C GLY F 408 37.89 -38.08 20.13
N PHE F 409 37.39 -38.60 19.01
CA PHE F 409 36.80 -39.93 19.01
C PHE F 409 37.87 -41.01 19.12
N GLN F 410 37.52 -42.07 19.83
CA GLN F 410 38.31 -43.29 19.87
C GLN F 410 37.61 -44.35 19.03
N LEU F 411 38.33 -44.93 18.08
CA LEU F 411 37.72 -45.85 17.13
C LEU F 411 38.71 -46.94 16.76
N THR F 412 38.16 -48.10 16.37
CA THR F 412 38.96 -49.22 15.94
C THR F 412 39.00 -49.28 14.41
N GLN F 413 39.69 -50.29 13.88
CA GLN F 413 39.76 -50.44 12.43
C GLN F 413 38.40 -50.77 11.85
N GLY F 414 37.64 -51.64 12.51
CA GLY F 414 36.30 -51.97 12.02
C GLY F 414 35.36 -50.79 12.07
N GLY F 415 35.43 -50.00 13.14
CA GLY F 415 34.60 -48.81 13.22
C GLY F 415 34.95 -47.79 12.17
N LEU F 416 36.24 -47.60 11.91
CA LEU F 416 36.67 -46.71 10.84
C LEU F 416 36.18 -47.20 9.49
N THR F 417 36.28 -48.51 9.25
CA THR F 417 35.79 -49.07 8.00
C THR F 417 34.30 -48.85 7.84
N ARG F 418 33.54 -49.06 8.91
CA ARG F 418 32.08 -48.88 8.84
C ARG F 418 31.72 -47.42 8.61
N LEU F 419 32.41 -46.49 9.29
CA LEU F 419 32.15 -45.06 9.05
C LEU F 419 32.53 -44.66 7.63
N TYR F 420 33.63 -45.20 7.10
CA TYR F 420 34.03 -44.93 5.73
C TYR F 420 33.00 -45.45 4.74
N ASP F 421 32.49 -46.66 4.96
CA ASP F 421 31.46 -47.21 4.10
C ASP F 421 30.19 -46.39 4.16
N GLU F 422 29.79 -45.95 5.36
CA GLU F 422 28.62 -45.10 5.47
C GLU F 422 28.82 -43.75 4.80
N ALA F 423 30.03 -43.19 4.87
CA ALA F 423 30.32 -41.96 4.14
C ALA F 423 30.22 -42.17 2.63
N ARG F 424 30.70 -43.32 2.15
CA ARG F 424 30.54 -43.63 0.74
C ARG F 424 29.07 -43.76 0.35
N ARG F 425 28.27 -44.40 1.20
CA ARG F 425 26.85 -44.56 0.92
C ARG F 425 26.10 -43.23 0.96
N MET F 426 26.47 -42.33 1.87
CA MET F 426 25.83 -41.02 1.91
C MET F 426 26.02 -40.26 0.61
N ALA F 427 27.19 -40.39 -0.01
CA ALA F 427 27.40 -39.82 -1.34
C ALA F 427 26.65 -40.57 -2.43
N GLU F 428 26.11 -41.75 -2.10
CA GLU F 428 25.40 -42.59 -3.06
C GLU F 428 26.29 -42.92 -4.25
N GLN F 429 27.56 -43.15 -3.99
CA GLN F 429 28.53 -43.52 -5.02
C GLN F 429 29.50 -44.54 -4.45
N ARG F 430 29.78 -45.59 -5.21
CA ARG F 430 30.69 -46.63 -4.73
C ARG F 430 32.10 -46.10 -4.55
N ASP F 431 32.58 -45.27 -5.47
CA ASP F 431 33.97 -44.83 -5.47
C ASP F 431 34.13 -43.39 -4.99
N ARG F 432 33.11 -42.84 -4.34
CA ARG F 432 33.19 -41.49 -3.77
C ARG F 432 32.57 -41.51 -2.38
N MET F 433 33.35 -41.11 -1.39
CA MET F 433 32.83 -40.96 -0.03
C MET F 433 32.35 -39.53 0.17
N ASP F 434 31.37 -39.37 1.06
CA ASP F 434 30.84 -38.03 1.31
C ASP F 434 31.91 -37.15 1.94
N ALA F 435 32.01 -35.93 1.43
CA ALA F 435 32.96 -34.95 1.97
C ALA F 435 32.40 -34.19 3.16
N ARG F 436 31.12 -34.35 3.47
CA ARG F 436 30.50 -33.65 4.59
C ARG F 436 31.02 -34.28 5.88
N LEU F 437 32.10 -33.71 6.42
CA LEU F 437 32.70 -34.23 7.64
C LEU F 437 31.86 -33.96 8.87
N VAL F 438 30.98 -32.96 8.81
CA VAL F 438 30.09 -32.68 9.94
C VAL F 438 29.12 -33.82 10.16
N GLU F 439 28.52 -34.32 9.08
CA GLU F 439 27.57 -35.43 9.20
C GLU F 439 28.27 -36.70 9.68
N ILE F 440 29.46 -36.98 9.17
CA ILE F 440 30.21 -38.13 9.64
C ILE F 440 30.60 -37.96 11.11
N ARG F 441 30.91 -36.72 11.51
CA ARG F 441 31.24 -36.46 12.91
C ARG F 441 30.04 -36.71 13.81
N ALA F 442 28.84 -36.30 13.36
CA ALA F 442 27.64 -36.54 14.16
C ALA F 442 27.32 -38.03 14.24
N LEU F 443 27.50 -38.74 13.13
CA LEU F 443 27.29 -40.19 13.15
C LEU F 443 28.28 -40.87 14.09
N ALA F 444 29.53 -40.40 14.10
CA ALA F 444 30.52 -40.92 15.05
C ALA F 444 30.14 -40.57 16.49
N GLU F 445 29.57 -39.39 16.72
CA GLU F 445 29.09 -39.04 18.05
C GLU F 445 28.05 -40.04 18.52
N GLU F 446 27.06 -40.31 17.66
CA GLU F 446 26.01 -41.26 18.03
C GLU F 446 26.57 -42.67 18.22
N ALA F 447 27.53 -43.07 17.39
CA ALA F 447 28.15 -44.39 17.56
C ALA F 447 28.92 -44.48 18.87
N ALA F 448 29.62 -43.41 19.26
CA ALA F 448 30.31 -43.40 20.55
C ALA F 448 29.33 -43.48 21.70
N VAL F 449 28.21 -42.76 21.60
CA VAL F 449 27.21 -42.79 22.64
C VAL F 449 26.63 -44.19 22.78
N LEU F 450 26.32 -44.83 21.66
CA LEU F 450 25.77 -46.18 21.69
C LEU F 450 26.81 -47.25 21.98
N GLY F 451 28.10 -46.91 21.94
CA GLY F 451 29.13 -47.89 22.21
C GLY F 451 29.97 -47.57 23.44
N GLY F 452 29.59 -46.52 24.16
CA GLY F 452 30.30 -46.11 25.35
C GLY F 452 31.45 -45.16 25.12
N GLY F 453 31.75 -44.81 23.86
CA GLY F 453 32.83 -43.89 23.57
C GLY F 453 33.75 -44.39 22.48
N LEU F 454 33.79 -45.70 22.29
CA LEU F 454 34.64 -46.33 21.29
C LEU F 454 33.80 -46.67 20.05
N LEU F 455 34.29 -46.26 18.89
CA LEU F 455 33.60 -46.53 17.62
C LEU F 455 34.10 -47.86 17.08
N THR F 456 33.49 -48.94 17.54
CA THR F 456 33.71 -50.24 16.92
C THR F 456 32.74 -50.40 15.74
N ALA F 457 32.92 -51.50 15.01
CA ALA F 457 32.02 -51.76 13.88
C ALA F 457 30.58 -51.91 14.35
N GLU F 458 30.38 -52.63 15.45
CA GLU F 458 29.03 -52.84 15.97
C GLU F 458 28.40 -51.52 16.40
N SER F 459 29.18 -50.63 17.04
CA SER F 459 28.64 -49.35 17.45
C SER F 459 28.20 -48.50 16.27
N VAL F 460 28.98 -48.47 15.19
CA VAL F 460 28.60 -47.69 14.03
C VAL F 460 27.38 -48.30 13.33
N GLU F 461 27.33 -49.63 13.26
CA GLU F 461 26.15 -50.28 12.70
C GLU F 461 24.90 -49.96 13.51
N GLN F 462 25.03 -49.98 14.83
CA GLN F 462 23.90 -49.64 15.70
C GLN F 462 23.49 -48.19 15.52
N ALA F 463 24.46 -47.28 15.38
CA ALA F 463 24.14 -45.88 15.15
C ALA F 463 23.40 -45.68 13.84
N ILE F 464 23.85 -46.35 12.78
CA ILE F 464 23.18 -46.24 11.49
C ILE F 464 21.77 -46.82 11.56
N ALA F 465 21.62 -47.97 12.21
CA ALA F 465 20.32 -48.58 12.35
C ALA F 465 19.37 -47.69 13.14
N ALA F 466 19.87 -47.08 14.22
CA ALA F 466 19.04 -46.16 15.01
C ALA F 466 18.67 -44.92 14.20
N ARG F 467 19.59 -44.40 13.39
CA ARG F 467 19.26 -43.26 12.55
C ARG F 467 18.18 -43.62 11.55
N GLU F 468 18.24 -44.82 10.97
CA GLU F 468 17.18 -45.27 10.09
C GLU F 468 15.86 -45.42 10.85
N HIS F 469 15.92 -45.97 12.06
CA HIS F 469 14.71 -46.24 12.83
C HIS F 469 14.01 -44.96 13.25
N ARG F 470 14.77 -43.92 13.62
CA ARG F 470 14.17 -42.70 14.12
C ARG F 470 13.32 -41.99 13.06
N SER F 471 13.50 -42.30 11.78
CA SER F 471 12.70 -41.73 10.71
C SER F 471 11.95 -42.81 9.93
N PHE F 472 11.68 -43.95 10.56
CA PHE F 472 11.06 -45.09 9.91
C PHE F 472 9.56 -45.17 10.14
N LEU F 473 8.95 -44.16 10.77
CA LEU F 473 7.55 -44.24 11.11
C LEU F 473 6.67 -44.34 9.87
N SER F 474 6.94 -43.51 8.86
CA SER F 474 6.13 -43.53 7.65
C SER F 474 6.27 -44.87 6.94
N GLU F 475 7.50 -45.37 6.81
CA GLU F 475 7.69 -46.68 6.18
C GLU F 475 7.12 -47.81 7.01
N GLU F 476 7.16 -47.71 8.34
CA GLU F 476 6.53 -48.73 9.17
C GLU F 476 5.02 -48.75 8.96
N GLU F 477 4.40 -47.57 8.89
CA GLU F 477 2.97 -47.51 8.61
C GLU F 477 2.65 -48.07 7.24
N PHE F 478 3.47 -47.75 6.24
CA PHE F 478 3.25 -48.26 4.90
C PHE F 478 3.37 -49.78 4.85
N LEU F 479 4.39 -50.33 5.51
CA LEU F 479 4.56 -51.78 5.53
C LEU F 479 3.43 -52.45 6.29
N ARG F 480 2.95 -51.82 7.37
CA ARG F 480 1.81 -52.37 8.10
C ARG F 480 0.56 -52.37 7.23
N ALA F 481 0.34 -51.30 6.47
CA ALA F 481 -0.80 -51.26 5.55
C ALA F 481 -0.68 -52.33 4.49
N VAL F 482 0.52 -52.54 3.96
CA VAL F 482 0.73 -53.57 2.95
C VAL F 482 0.46 -54.96 3.52
N GLN F 483 0.96 -55.23 4.73
CA GLN F 483 0.77 -56.54 5.34
C GLN F 483 -0.70 -56.78 5.68
N GLU F 484 -1.39 -55.78 6.21
CA GLU F 484 -2.81 -55.92 6.51
C GLU F 484 -3.62 -56.15 5.25
N GLY F 485 -3.28 -55.44 4.17
CA GLY F 485 -4.03 -55.50 2.94
C GLY F 485 -4.63 -54.17 2.51
N VAL F 486 -4.41 -53.09 3.26
CA VAL F 486 -4.92 -51.78 2.85
C VAL F 486 -4.30 -51.36 1.54
N ILE F 487 -2.99 -51.53 1.41
CA ILE F 487 -2.26 -51.29 0.17
C ILE F 487 -1.85 -52.65 -0.37
N ARG F 488 -2.41 -53.04 -1.51
CA ARG F 488 -2.20 -54.36 -2.08
C ARG F 488 -1.21 -54.25 -3.24
N LEU F 489 -0.04 -54.86 -3.06
CA LEU F 489 1.01 -54.90 -4.07
C LEU F 489 1.25 -56.35 -4.45
N ARG F 490 1.45 -56.59 -5.75
CA ARG F 490 1.78 -57.92 -6.24
C ARG F 490 3.29 -58.11 -6.22
N THR F 491 3.76 -59.02 -5.36
CA THR F 491 5.16 -59.42 -5.35
C THR F 491 5.34 -60.84 -5.87
N THR F 492 4.28 -61.47 -6.37
CA THR F 492 4.33 -62.82 -6.92
C THR F 492 3.46 -62.88 -8.16
N GLY F 493 3.73 -63.87 -8.99
CA GLY F 493 2.90 -64.13 -10.15
C GLY F 493 3.17 -63.18 -11.31
N ARG F 494 2.33 -63.33 -12.34
CA ARG F 494 2.43 -62.58 -13.57
C ARG F 494 1.13 -61.85 -13.83
N ALA F 495 1.23 -60.58 -14.22
CA ALA F 495 0.05 -59.75 -14.39
C ALA F 495 0.18 -58.94 -15.68
N VAL F 496 -0.93 -58.75 -16.37
CA VAL F 496 -0.93 -58.07 -17.66
C VAL F 496 -1.25 -56.60 -17.45
N GLY F 497 -0.33 -55.73 -17.85
CA GLY F 497 -0.61 -54.31 -17.90
C GLY F 497 -0.15 -53.49 -16.71
N GLU F 498 0.18 -54.11 -15.59
CA GLU F 498 0.67 -53.36 -14.43
C GLU F 498 2.02 -53.93 -13.97
N VAL F 499 2.79 -53.04 -13.34
CA VAL F 499 4.15 -53.33 -12.92
C VAL F 499 4.39 -52.65 -11.57
N ASN F 500 5.48 -53.01 -10.92
CA ASN F 500 5.86 -52.44 -9.63
C ASN F 500 6.92 -51.37 -9.87
N SER F 501 6.48 -50.12 -10.05
CA SER F 501 7.41 -49.02 -10.11
C SER F 501 8.01 -48.77 -8.74
N LEU F 502 9.16 -48.11 -8.71
CA LEU F 502 9.84 -47.77 -7.46
C LEU F 502 9.90 -46.26 -7.35
N VAL F 503 9.23 -45.72 -6.32
CA VAL F 503 9.12 -44.28 -6.17
C VAL F 503 9.78 -43.86 -4.87
N VAL F 504 10.13 -42.58 -4.80
CA VAL F 504 10.60 -41.94 -3.58
C VAL F 504 9.56 -40.92 -3.17
N VAL F 505 8.97 -41.12 -1.99
CA VAL F 505 7.82 -40.33 -1.58
C VAL F 505 8.28 -38.96 -1.12
N GLU F 506 7.69 -37.91 -1.71
CA GLU F 506 7.92 -36.54 -1.27
C GLU F 506 6.73 -35.92 -0.57
N ALA F 507 5.51 -36.44 -0.79
CA ALA F 507 4.39 -36.09 0.06
C ALA F 507 4.56 -36.64 1.47
N ALA F 508 5.47 -37.58 1.65
CA ALA F 508 5.87 -38.13 2.94
C ALA F 508 7.36 -37.90 3.10
N PRO F 509 7.95 -38.18 4.27
CA PRO F 509 9.41 -38.06 4.39
C PRO F 509 10.14 -38.96 3.39
N TYR F 510 11.32 -38.50 2.97
CA TYR F 510 12.13 -39.20 1.98
C TYR F 510 12.29 -40.68 2.32
N TRP F 511 11.83 -41.53 1.40
CA TRP F 511 11.91 -42.98 1.56
C TRP F 511 11.52 -43.64 0.24
N GLY F 512 12.15 -44.75 -0.09
CA GLY F 512 11.81 -45.47 -1.30
C GLY F 512 10.81 -46.58 -1.01
N ARG F 513 9.86 -46.75 -1.93
CA ARG F 513 8.84 -47.79 -1.78
C ARG F 513 8.24 -48.10 -3.13
N PRO F 514 7.69 -49.30 -3.32
CA PRO F 514 7.06 -49.64 -4.59
C PRO F 514 5.66 -49.05 -4.71
N ALA F 515 5.21 -48.97 -5.96
CA ALA F 515 3.89 -48.47 -6.32
C ALA F 515 3.40 -49.24 -7.53
N ARG F 516 2.16 -49.69 -7.49
CA ARG F 516 1.62 -50.45 -8.61
C ARG F 516 1.17 -49.48 -9.70
N LEU F 517 1.91 -49.47 -10.82
CA LEU F 517 1.59 -48.66 -11.97
C LEU F 517 0.81 -49.51 -12.96
N THR F 518 -0.33 -49.00 -13.41
CA THR F 518 -1.20 -49.73 -14.31
C THR F 518 -1.27 -49.04 -15.66
N ALA F 519 -1.21 -49.84 -16.72
CA ALA F 519 -1.37 -49.33 -18.07
C ALA F 519 -2.52 -50.06 -18.74
N ARG F 520 -3.45 -49.30 -19.32
CA ARG F 520 -4.60 -49.85 -20.00
C ARG F 520 -4.60 -49.38 -21.44
N ALA F 521 -4.70 -50.34 -22.37
CA ALA F 521 -4.61 -50.06 -23.79
C ALA F 521 -6.01 -50.19 -24.41
N ALA F 522 -6.43 -49.17 -25.14
CA ALA F 522 -7.72 -49.19 -25.80
C ALA F 522 -7.58 -48.78 -27.25
N PRO F 523 -8.46 -49.26 -28.13
CA PRO F 523 -8.41 -48.81 -29.53
C PRO F 523 -8.79 -47.33 -29.61
N GLY F 524 -8.00 -46.57 -30.36
CA GLY F 524 -8.26 -45.15 -30.50
C GLY F 524 -7.15 -44.40 -31.19
N ARG F 525 -6.89 -43.18 -30.72
CA ARG F 525 -5.90 -42.33 -31.34
C ARG F 525 -4.50 -42.74 -30.89
N ASP F 526 -3.49 -41.96 -31.31
CA ASP F 526 -2.13 -42.13 -30.83
C ASP F 526 -1.88 -41.38 -29.53
N HIS F 527 -2.94 -40.96 -28.84
CA HIS F 527 -2.79 -40.16 -27.64
C HIS F 527 -2.43 -41.04 -26.45
N LEU F 528 -1.42 -40.61 -25.70
CA LEU F 528 -0.98 -41.29 -24.49
C LEU F 528 -1.44 -40.47 -23.29
N ILE F 529 -2.26 -41.09 -22.44
CA ILE F 529 -2.86 -40.42 -21.30
C ILE F 529 -2.07 -40.79 -20.06
N SER F 530 -1.64 -39.77 -19.31
CA SER F 530 -0.99 -39.96 -18.02
C SER F 530 -1.94 -39.40 -16.96
N ILE F 531 -2.71 -40.28 -16.34
CA ILE F 531 -3.78 -39.85 -15.43
C ILE F 531 -3.22 -39.09 -14.25
N ASP F 532 -2.06 -39.50 -13.73
CA ASP F 532 -1.45 -38.83 -12.59
C ASP F 532 -0.86 -37.47 -12.94
N ARG F 533 -0.49 -37.25 -14.19
CA ARG F 533 0.04 -35.97 -14.64
C ARG F 533 -1.04 -35.04 -15.17
N GLU F 534 -2.29 -35.49 -15.21
CA GLU F 534 -3.42 -34.67 -15.67
C GLU F 534 -4.40 -34.55 -14.52
N ALA F 535 -4.18 -33.54 -13.68
CA ALA F 535 -5.06 -33.21 -12.55
C ALA F 535 -5.55 -31.77 -12.69
N GLY F 536 -5.95 -31.38 -13.89
CA GLY F 536 -6.34 -30.02 -14.17
C GLY F 536 -5.45 -29.36 -15.20
N LEU F 537 -6.01 -29.08 -16.38
CA LEU F 537 -5.31 -28.42 -17.48
C LEU F 537 -4.18 -29.28 -18.03
N GLY F 538 -4.03 -30.50 -17.52
CA GLY F 538 -2.98 -31.40 -17.99
C GLY F 538 -3.09 -31.83 -19.43
N GLY F 539 -4.26 -31.69 -20.05
CA GLY F 539 -4.42 -31.98 -21.45
C GLY F 539 -4.00 -30.81 -22.33
N GLN F 540 -3.75 -29.67 -21.71
CA GLN F 540 -3.28 -28.48 -22.42
C GLN F 540 -1.80 -28.19 -22.18
N ILE F 541 -1.20 -28.76 -21.14
CA ILE F 541 0.23 -28.61 -20.87
C ILE F 541 0.91 -29.92 -21.25
N PHE F 542 2.04 -29.80 -21.94
CA PHE F 542 2.80 -30.97 -22.38
C PHE F 542 3.81 -31.37 -21.32
N HIS F 543 3.91 -32.68 -21.07
CA HIS F 543 4.83 -33.23 -20.10
C HIS F 543 5.96 -33.94 -20.82
N LYS F 544 7.19 -33.75 -20.33
CA LYS F 544 8.34 -34.38 -20.97
C LYS F 544 8.24 -35.90 -20.95
N ALA F 545 7.73 -36.47 -19.85
CA ALA F 545 7.58 -37.92 -19.77
C ALA F 545 6.58 -38.43 -20.79
N VAL F 546 5.43 -37.77 -20.91
CA VAL F 546 4.41 -38.21 -21.86
C VAL F 546 4.92 -38.07 -23.29
N LEU F 547 5.60 -36.97 -23.59
CA LEU F 547 6.16 -36.79 -24.93
C LEU F 547 7.22 -37.85 -25.23
N THR F 548 8.07 -38.17 -24.26
CA THR F 548 9.09 -39.19 -24.47
C THR F 548 8.47 -40.55 -24.74
N LEU F 549 7.48 -40.93 -23.93
CA LEU F 549 6.81 -42.23 -24.12
C LEU F 549 6.09 -42.27 -25.46
N ALA F 550 5.39 -41.19 -25.81
CA ALA F 550 4.69 -41.15 -27.09
C ALA F 550 5.67 -41.23 -28.25
N GLY F 551 6.81 -40.53 -28.16
CA GLY F 551 7.81 -40.62 -29.22
C GLY F 551 8.34 -42.03 -29.38
N TYR F 552 8.67 -42.68 -28.27
CA TYR F 552 9.15 -44.06 -28.34
C TYR F 552 8.11 -44.96 -28.99
N LEU F 553 6.86 -44.89 -28.51
CA LEU F 553 5.83 -45.80 -29.01
C LEU F 553 5.53 -45.53 -30.48
N ARG F 554 5.46 -44.26 -30.89
CA ARG F 554 5.16 -43.95 -32.28
C ARG F 554 6.29 -44.35 -33.21
N SER F 555 7.54 -44.18 -32.76
CA SER F 555 8.66 -44.43 -33.64
C SER F 555 9.04 -45.91 -33.72
N ARG F 556 8.87 -46.66 -32.63
CA ARG F 556 9.24 -48.07 -32.63
C ARG F 556 8.24 -48.94 -33.36
N TYR F 557 6.97 -48.59 -33.33
CA TYR F 557 5.90 -49.38 -33.94
C TYR F 557 5.27 -48.54 -35.04
N ILE F 558 5.67 -48.81 -36.28
CA ILE F 558 5.31 -48.00 -37.42
C ILE F 558 4.52 -48.77 -38.46
N GLU F 559 4.16 -50.03 -38.21
CA GLU F 559 3.46 -50.84 -39.19
C GLU F 559 2.12 -50.24 -39.60
N HIS F 560 1.52 -49.39 -38.76
CA HIS F 560 0.40 -48.56 -39.14
C HIS F 560 0.84 -47.10 -39.15
N GLY F 561 0.11 -46.28 -39.89
CA GLY F 561 0.49 -44.89 -40.07
C GLY F 561 0.48 -44.08 -38.79
N SER F 562 -0.23 -44.57 -37.78
CA SER F 562 -0.25 -43.92 -36.47
C SER F 562 -0.50 -44.99 -35.43
N LEU F 563 -0.13 -44.68 -34.19
CA LEU F 563 -0.33 -45.61 -33.09
C LEU F 563 -1.83 -45.86 -32.91
N PRO F 564 -2.34 -47.05 -33.22
CA PRO F 564 -3.80 -47.26 -33.22
C PRO F 564 -4.36 -47.51 -31.83
N VAL F 565 -3.55 -47.24 -30.81
CA VAL F 565 -3.91 -47.55 -29.43
C VAL F 565 -3.65 -46.34 -28.55
N THR F 566 -4.56 -46.09 -27.62
CA THR F 566 -4.37 -45.10 -26.57
C THR F 566 -4.06 -45.82 -25.26
N ILE F 567 -3.01 -45.40 -24.59
CA ILE F 567 -2.54 -46.04 -23.37
C ILE F 567 -2.76 -45.08 -22.21
N SER F 568 -3.53 -45.52 -21.23
CA SER F 568 -3.75 -44.77 -19.99
C SER F 568 -2.83 -45.33 -18.92
N LEU F 569 -1.99 -44.48 -18.36
CA LEU F 569 -1.04 -44.86 -17.33
C LEU F 569 -1.46 -44.21 -16.02
N ALA F 570 -1.67 -45.03 -14.99
CA ALA F 570 -2.17 -44.56 -13.71
C ALA F 570 -1.35 -45.15 -12.57
N PHE F 571 -0.95 -44.28 -11.64
CA PHE F 571 -0.41 -44.70 -10.36
C PHE F 571 -1.56 -44.80 -9.37
N GLU F 572 -1.97 -46.01 -9.03
CA GLU F 572 -2.93 -46.14 -7.95
C GLU F 572 -2.25 -45.86 -6.62
N GLN F 573 -3.05 -45.70 -5.57
CA GLN F 573 -2.54 -45.57 -4.21
C GLN F 573 -1.59 -44.37 -4.12
N ASN F 574 -2.19 -43.18 -4.20
CA ASN F 574 -1.44 -41.94 -4.03
C ASN F 574 -0.70 -41.96 -2.69
N TYR F 575 0.17 -40.99 -2.46
CA TYR F 575 1.52 -41.04 -1.86
C TYR F 575 2.58 -41.21 -2.93
N VAL F 576 2.21 -41.32 -4.20
CA VAL F 576 3.17 -41.36 -5.29
C VAL F 576 3.33 -39.95 -5.83
N SER F 577 4.54 -39.40 -5.70
CA SER F 577 4.86 -38.09 -6.25
C SER F 577 5.21 -38.27 -7.72
N ILE F 578 4.34 -37.77 -8.59
CA ILE F 578 4.44 -38.08 -10.01
C ILE F 578 5.48 -37.19 -10.67
N GLU F 579 6.24 -37.78 -11.59
CA GLU F 579 7.19 -37.07 -12.43
C GLU F 579 6.47 -36.60 -13.71
N GLY F 580 7.23 -36.28 -14.74
CA GLY F 580 6.70 -35.63 -15.92
C GLY F 580 7.73 -34.71 -16.52
N ASP F 581 8.89 -34.63 -15.87
CA ASP F 581 10.09 -34.10 -16.48
C ASP F 581 11.02 -35.20 -16.97
N SER F 582 10.75 -36.45 -16.63
CA SER F 582 11.53 -37.59 -17.08
C SER F 582 10.62 -38.82 -17.14
N ALA F 583 10.61 -39.49 -18.29
CA ALA F 583 9.79 -40.68 -18.44
C ALA F 583 10.39 -41.84 -17.67
N GLY F 584 9.52 -42.66 -17.09
CA GLY F 584 9.96 -43.81 -16.33
C GLY F 584 9.99 -45.09 -17.15
N LEU F 585 10.95 -45.96 -16.82
CA LEU F 585 11.02 -47.25 -17.49
C LEU F 585 9.81 -48.12 -17.14
N ALA F 586 9.32 -48.01 -15.91
CA ALA F 586 8.13 -48.77 -15.52
C ALA F 586 6.93 -48.39 -16.37
N GLU F 587 6.77 -47.09 -16.64
CA GLU F 587 5.66 -46.65 -17.48
C GLU F 587 5.76 -47.25 -18.87
N LEU F 588 6.96 -47.26 -19.45
CA LEU F 588 7.12 -47.79 -20.80
C LEU F 588 6.87 -49.29 -20.85
N VAL F 589 7.42 -50.04 -19.89
CA VAL F 589 7.21 -51.49 -19.93
C VAL F 589 5.76 -51.84 -19.66
N ALA F 590 5.08 -51.09 -18.77
CA ALA F 590 3.66 -51.32 -18.55
C ALA F 590 2.85 -51.00 -19.80
N ALA F 591 3.20 -49.92 -20.51
CA ALA F 591 2.50 -49.59 -21.74
C ALA F 591 2.69 -50.67 -22.79
N LEU F 592 3.92 -51.18 -22.93
CA LEU F 592 4.17 -52.26 -23.87
C LEU F 592 3.42 -53.53 -23.49
N SER F 593 3.34 -53.83 -22.19
CA SER F 593 2.57 -54.99 -21.74
C SER F 593 1.09 -54.82 -22.05
N ALA F 594 0.55 -53.63 -21.81
CA ALA F 594 -0.86 -53.38 -22.10
C ALA F 594 -1.13 -53.50 -23.59
N ILE F 595 -0.23 -52.98 -24.43
CA ILE F 595 -0.42 -53.05 -25.87
C ILE F 595 -0.35 -54.50 -26.35
N GLY F 596 0.68 -55.23 -25.93
CA GLY F 596 0.89 -56.59 -26.40
C GLY F 596 0.27 -57.68 -25.58
N ASN F 597 -0.48 -57.34 -24.53
CA ASN F 597 -1.09 -58.32 -23.63
C ASN F 597 -0.03 -59.26 -23.06
N LEU F 598 1.10 -58.68 -22.66
CA LEU F 598 2.22 -59.45 -22.13
C LEU F 598 2.14 -59.49 -20.61
N PRO F 599 2.08 -60.67 -20.00
CA PRO F 599 2.10 -60.75 -18.53
C PRO F 599 3.50 -60.48 -17.99
N LEU F 600 3.66 -59.31 -17.37
CA LEU F 600 4.92 -58.98 -16.71
C LEU F 600 5.03 -59.70 -15.38
N ARG F 601 6.25 -60.08 -15.02
CA ARG F 601 6.50 -60.64 -13.71
C ARG F 601 6.29 -59.57 -12.64
N GLN F 602 5.51 -59.90 -11.62
CA GLN F 602 5.32 -59.01 -10.49
C GLN F 602 6.36 -59.24 -9.39
N ASP F 603 7.21 -60.26 -9.55
CA ASP F 603 8.32 -60.47 -8.62
C ASP F 603 9.25 -59.27 -8.64
N LEU F 604 9.53 -58.75 -9.83
CA LEU F 604 10.56 -57.74 -10.02
C LEU F 604 9.94 -56.35 -10.07
N ALA F 605 10.50 -55.43 -9.28
CA ALA F 605 10.15 -54.03 -9.40
C ALA F 605 11.01 -53.37 -10.46
N VAL F 606 10.44 -52.37 -11.12
CA VAL F 606 11.08 -51.71 -12.25
C VAL F 606 11.29 -50.25 -11.87
N THR F 607 12.54 -49.80 -11.92
CA THR F 607 12.91 -48.43 -11.65
C THR F 607 13.85 -47.93 -12.74
N GLY F 608 14.03 -46.62 -12.78
CA GLY F 608 14.90 -46.01 -13.77
C GLY F 608 14.16 -45.20 -14.80
N ALA F 609 14.78 -44.13 -15.28
CA ALA F 609 14.20 -43.33 -16.33
C ALA F 609 14.44 -43.98 -17.69
N VAL F 610 13.69 -43.52 -18.69
CA VAL F 610 13.82 -44.04 -20.04
C VAL F 610 13.88 -42.86 -21.01
N ASP F 611 14.51 -43.10 -22.16
CA ASP F 611 14.63 -42.12 -23.22
C ASP F 611 13.70 -42.47 -24.37
N GLN F 612 13.42 -41.48 -25.22
CA GLN F 612 12.56 -41.71 -26.36
C GLN F 612 13.14 -42.71 -27.35
N THR F 613 14.45 -42.99 -27.27
CA THR F 613 15.08 -44.04 -28.05
C THR F 613 15.01 -45.39 -27.37
N GLY F 614 14.46 -45.47 -26.16
CA GLY F 614 14.43 -46.70 -25.42
C GLY F 614 15.64 -46.96 -24.55
N LYS F 615 16.42 -45.93 -24.25
CA LYS F 615 17.62 -46.07 -23.44
C LYS F 615 17.28 -45.76 -21.98
N VAL F 616 17.66 -46.65 -21.08
CA VAL F 616 17.34 -46.51 -19.67
C VAL F 616 18.36 -45.59 -19.02
N LEU F 617 17.88 -44.52 -18.38
CA LEU F 617 18.73 -43.51 -17.78
C LEU F 617 18.82 -43.70 -16.27
N ALA F 618 19.87 -43.12 -15.69
CA ALA F 618 20.06 -43.21 -14.25
C ALA F 618 19.02 -42.38 -13.52
N VAL F 619 18.69 -42.81 -12.30
CA VAL F 619 17.76 -42.10 -11.43
C VAL F 619 18.40 -41.91 -10.07
N GLY F 620 17.90 -40.93 -9.33
CA GLY F 620 18.36 -40.68 -8.00
C GLY F 620 17.72 -41.58 -6.97
N ALA F 621 18.38 -41.70 -5.82
CA ALA F 621 17.90 -42.52 -4.72
C ALA F 621 17.61 -43.95 -5.15
N ILE F 622 18.53 -44.52 -5.95
CA ILE F 622 18.38 -45.91 -6.37
C ILE F 622 18.45 -46.84 -5.17
N ASN F 623 19.33 -46.56 -4.21
CA ASN F 623 19.45 -47.39 -3.02
C ASN F 623 18.16 -47.37 -2.23
N ALA F 624 17.55 -46.19 -2.07
CA ALA F 624 16.30 -46.08 -1.33
C ALA F 624 15.20 -46.92 -1.99
N LYS F 625 15.10 -46.86 -3.31
CA LYS F 625 14.06 -47.60 -4.02
C LYS F 625 14.27 -49.10 -3.91
N VAL F 626 15.51 -49.56 -4.12
CA VAL F 626 15.79 -50.99 -4.04
C VAL F 626 15.55 -51.51 -2.63
N GLU F 627 15.98 -50.75 -1.62
CA GLU F 627 15.77 -51.17 -0.24
C GLU F 627 14.31 -51.12 0.16
N GLY F 628 13.54 -50.17 -0.37
CA GLY F 628 12.11 -50.16 -0.09
C GLY F 628 11.39 -51.34 -0.69
N PHE F 629 11.72 -51.70 -1.93
CA PHE F 629 11.12 -52.91 -2.49
C PHE F 629 11.56 -54.15 -1.73
N PHE F 630 12.82 -54.20 -1.28
CA PHE F 630 13.26 -55.33 -0.48
C PHE F 630 12.50 -55.39 0.85
N ARG F 631 12.24 -54.23 1.45
CA ARG F 631 11.46 -54.20 2.70
C ARG F 631 10.06 -54.74 2.48
N VAL F 632 9.42 -54.33 1.39
CA VAL F 632 8.07 -54.80 1.10
C VAL F 632 8.08 -56.31 0.83
N CYS F 633 9.06 -56.77 0.06
CA CYS F 633 9.14 -58.19 -0.25
C CYS F 633 9.40 -59.04 0.99
N LYS F 634 10.28 -58.58 1.87
CA LYS F 634 10.60 -59.32 3.09
C LYS F 634 9.44 -59.28 4.08
N ALA F 635 8.69 -58.18 4.13
CA ALA F 635 7.52 -58.10 5.00
C ALA F 635 6.48 -59.14 4.61
N LEU F 636 6.25 -59.31 3.30
CA LEU F 636 5.33 -60.31 2.80
C LEU F 636 5.98 -61.68 2.64
N GLY F 637 7.27 -61.81 2.93
CA GLY F 637 7.96 -63.07 2.76
C GLY F 637 8.74 -63.13 1.46
N LEU F 638 10.05 -63.39 1.56
CA LEU F 638 10.89 -63.44 0.37
C LEU F 638 10.61 -64.71 -0.42
N SER F 639 10.11 -64.56 -1.64
CA SER F 639 9.78 -65.70 -2.49
C SER F 639 11.01 -66.37 -3.07
N GLY F 640 12.16 -65.68 -3.08
CA GLY F 640 13.35 -66.20 -3.70
C GLY F 640 13.53 -65.83 -5.15
N THR F 641 12.47 -65.33 -5.81
CA THR F 641 12.53 -64.88 -7.18
C THR F 641 12.29 -63.39 -7.35
N GLN F 642 11.96 -62.68 -6.26
CA GLN F 642 11.74 -61.25 -6.35
C GLN F 642 13.04 -60.52 -6.64
N GLY F 643 12.91 -59.29 -7.12
CA GLY F 643 14.10 -58.52 -7.46
C GLY F 643 13.73 -57.13 -7.93
N VAL F 644 14.74 -56.40 -8.40
CA VAL F 644 14.56 -55.04 -8.89
C VAL F 644 15.29 -54.91 -10.22
N ILE F 645 14.60 -54.38 -11.22
CA ILE F 645 15.21 -54.04 -12.50
C ILE F 645 15.60 -52.58 -12.46
N LEU F 646 16.89 -52.31 -12.59
CA LEU F 646 17.42 -50.96 -12.45
C LEU F 646 18.44 -50.68 -13.55
N PRO F 647 18.69 -49.42 -13.89
CA PRO F 647 19.61 -49.12 -14.98
C PRO F 647 21.05 -49.50 -14.65
N GLU F 648 21.79 -49.85 -15.70
CA GLU F 648 23.23 -50.04 -15.54
C GLU F 648 23.91 -48.75 -15.12
N ALA F 649 23.36 -47.61 -15.53
CA ALA F 649 23.94 -46.31 -15.17
C ALA F 649 23.98 -46.12 -13.66
N ASN F 650 23.12 -46.84 -12.93
CA ASN F 650 23.08 -46.73 -11.48
C ASN F 650 23.98 -47.73 -10.76
N LEU F 651 24.72 -48.57 -11.50
CA LEU F 651 25.62 -49.51 -10.82
C LEU F 651 26.74 -48.79 -10.08
N ALA F 652 27.08 -47.57 -10.48
CA ALA F 652 28.05 -46.76 -9.75
C ALA F 652 27.43 -46.11 -8.52
N ASN F 653 26.11 -46.18 -8.36
CA ASN F 653 25.42 -45.61 -7.22
C ASN F 653 24.83 -46.67 -6.30
N LEU F 654 25.12 -47.95 -6.53
CA LEU F 654 24.50 -49.04 -5.78
C LEU F 654 25.32 -49.32 -4.54
N THR F 655 24.83 -48.85 -3.39
CA THR F 655 25.48 -49.06 -2.11
C THR F 655 24.49 -49.70 -1.14
N LEU F 656 23.86 -50.78 -1.59
CA LEU F 656 22.77 -51.42 -0.84
C LEU F 656 23.20 -51.80 0.56
N ARG F 657 22.22 -51.85 1.46
CA ARG F 657 22.47 -52.20 2.85
C ARG F 657 22.92 -53.65 2.98
N ALA F 658 23.27 -54.03 4.21
CA ALA F 658 23.75 -55.38 4.46
C ALA F 658 22.66 -56.42 4.24
N GLU F 659 21.41 -56.10 4.57
CA GLU F 659 20.33 -57.05 4.41
C GLU F 659 20.07 -57.38 2.94
N VAL F 660 20.00 -56.35 2.08
CA VAL F 660 19.78 -56.58 0.66
C VAL F 660 20.95 -57.35 0.06
N LEU F 661 22.17 -57.00 0.43
CA LEU F 661 23.35 -57.69 -0.09
C LEU F 661 23.37 -59.15 0.36
N GLU F 662 23.01 -59.42 1.60
CA GLU F 662 22.96 -60.80 2.09
C GLU F 662 21.87 -61.60 1.39
N ALA F 663 20.72 -60.96 1.11
CA ALA F 663 19.68 -61.64 0.34
C ALA F 663 20.15 -61.94 -1.07
N VAL F 664 20.87 -61.01 -1.70
CA VAL F 664 21.41 -61.25 -3.03
C VAL F 664 22.42 -62.39 -3.01
N ARG F 665 23.26 -62.44 -1.96
CA ARG F 665 24.21 -63.53 -1.83
C ARG F 665 23.50 -64.87 -1.69
N ALA F 666 22.41 -64.92 -0.93
CA ALA F 666 21.66 -66.15 -0.72
C ALA F 666 20.72 -66.48 -1.87
N GLY F 667 20.59 -65.59 -2.86
CA GLY F 667 19.70 -65.83 -3.97
C GLY F 667 18.24 -65.53 -3.70
N GLN F 668 17.93 -64.91 -2.57
CA GLN F 668 16.56 -64.55 -2.24
C GLN F 668 16.13 -63.22 -2.86
N PHE F 669 17.08 -62.42 -3.35
CA PHE F 669 16.77 -61.16 -4.00
C PHE F 669 17.69 -61.02 -5.20
N HIS F 670 17.14 -60.52 -6.30
CA HIS F 670 17.85 -60.39 -7.56
C HIS F 670 17.95 -58.92 -7.95
N ILE F 671 19.04 -58.57 -8.63
CA ILE F 671 19.22 -57.23 -9.17
C ILE F 671 19.54 -57.38 -10.66
N TYR F 672 18.75 -56.72 -11.49
CA TYR F 672 18.90 -56.78 -12.94
C TYR F 672 19.30 -55.40 -13.45
N ALA F 673 20.42 -55.34 -14.16
CA ALA F 673 20.92 -54.10 -14.74
C ALA F 673 20.59 -54.10 -16.23
N VAL F 674 19.86 -53.09 -16.68
CA VAL F 674 19.39 -53.03 -18.05
C VAL F 674 19.90 -51.73 -18.69
N GLU F 675 20.17 -51.81 -19.99
CA GLU F 675 20.56 -50.64 -20.77
C GLU F 675 19.43 -50.09 -21.62
N THR F 676 18.56 -50.96 -22.13
CA THR F 676 17.44 -50.56 -22.96
C THR F 676 16.14 -51.07 -22.36
N ALA F 677 15.04 -50.40 -22.71
CA ALA F 677 13.73 -50.82 -22.24
C ALA F 677 13.37 -52.20 -22.78
N GLU F 678 13.90 -52.57 -23.94
CA GLU F 678 13.66 -53.91 -24.47
C GLU F 678 14.21 -54.99 -23.54
N GLN F 679 15.38 -54.75 -22.94
CA GLN F 679 15.92 -55.71 -21.98
C GLN F 679 15.04 -55.83 -20.76
N ALA F 680 14.53 -54.70 -20.25
CA ALA F 680 13.64 -54.74 -19.10
C ALA F 680 12.36 -55.50 -19.42
N LEU F 681 11.79 -55.27 -20.61
CA LEU F 681 10.61 -56.02 -21.01
C LEU F 681 10.92 -57.50 -21.18
N GLU F 682 12.09 -57.83 -21.69
CA GLU F 682 12.50 -59.23 -21.81
C GLU F 682 12.56 -59.90 -20.46
N ILE F 683 13.14 -59.21 -19.47
CA ILE F 683 13.25 -59.78 -18.13
C ILE F 683 11.87 -59.92 -17.49
N LEU F 684 11.01 -58.91 -17.66
CA LEU F 684 9.69 -58.94 -17.04
C LEU F 684 8.82 -60.02 -17.64
N ALA F 685 8.75 -60.09 -18.97
CA ALA F 685 7.89 -61.05 -19.64
C ALA F 685 8.52 -62.42 -19.78
N GLY F 686 9.79 -62.57 -19.45
CA GLY F 686 10.44 -63.87 -19.52
C GLY F 686 10.56 -64.42 -20.92
N ALA F 687 10.61 -63.56 -21.93
CA ALA F 687 10.74 -64.00 -23.32
C ALA F 687 11.55 -62.96 -24.09
N ARG F 688 12.16 -63.42 -25.17
CA ARG F 688 12.97 -62.55 -26.00
C ARG F 688 12.09 -61.68 -26.89
N MET F 689 12.59 -60.47 -27.20
CA MET F 689 11.84 -59.57 -28.06
C MET F 689 11.82 -60.08 -29.50
N GLU F 690 12.99 -60.22 -30.11
CA GLU F 690 13.10 -60.69 -31.48
C GLU F 690 13.01 -62.21 -31.53
N GLY F 691 12.47 -62.71 -32.63
CA GLY F 691 12.28 -64.13 -32.84
C GLY F 691 10.81 -64.49 -32.92
N PHE F 692 10.58 -65.70 -33.46
CA PHE F 692 9.22 -66.19 -33.62
C PHE F 692 8.58 -66.38 -32.24
N ARG F 693 7.31 -65.97 -32.13
CA ARG F 693 6.57 -66.01 -30.87
C ARG F 693 7.31 -65.22 -29.79
N GLY F 694 7.94 -64.12 -30.18
CA GLY F 694 8.65 -63.25 -29.27
C GLY F 694 7.78 -62.08 -28.81
N LEU F 695 8.37 -61.27 -27.94
CA LEU F 695 7.65 -60.12 -27.39
C LEU F 695 7.32 -59.10 -28.48
N GLN F 696 8.26 -58.86 -29.40
CA GLN F 696 8.01 -57.90 -30.47
C GLN F 696 6.83 -58.33 -31.34
N GLU F 697 6.76 -59.61 -31.68
CA GLU F 697 5.65 -60.12 -32.47
C GLU F 697 4.34 -60.01 -31.71
N LYS F 698 4.34 -60.29 -30.41
CA LYS F 698 3.12 -60.17 -29.63
C LYS F 698 2.64 -58.73 -29.55
N ILE F 699 3.56 -57.78 -29.36
CA ILE F 699 3.17 -56.38 -29.34
C ILE F 699 2.64 -55.94 -30.70
N ARG F 700 3.27 -56.39 -31.78
CA ARG F 700 2.78 -56.05 -33.12
C ARG F 700 1.40 -56.65 -33.36
N ALA F 701 1.16 -57.88 -32.88
CA ALA F 701 -0.16 -58.50 -33.03
C ALA F 701 -1.22 -57.73 -32.23
N GLY F 702 -0.87 -57.30 -31.01
CA GLY F 702 -1.80 -56.50 -30.24
C GLY F 702 -2.12 -55.17 -30.91
N LEU F 703 -1.10 -54.52 -31.47
CA LEU F 703 -1.31 -53.29 -32.23
C LEU F 703 -2.19 -53.54 -33.44
N GLU F 704 -1.98 -54.67 -34.14
CA GLU F 704 -2.83 -55.00 -35.27
C GLU F 704 -4.28 -55.19 -34.82
N ALA F 705 -4.49 -55.90 -33.71
CA ALA F 705 -5.85 -56.12 -33.22
C ALA F 705 -6.52 -54.80 -32.88
N PHE F 706 -5.80 -53.89 -32.22
CA PHE F 706 -6.34 -52.57 -31.93
C PHE F 706 -6.64 -51.81 -33.22
N ALA F 707 -5.80 -51.98 -34.24
CA ALA F 707 -6.04 -51.34 -35.53
C ALA F 707 -7.31 -51.86 -36.19
N ARG F 708 -7.54 -53.18 -36.16
CA ARG F 708 -8.78 -53.71 -36.70
C ARG F 708 -9.99 -53.24 -35.90
N LEU F 709 -9.85 -53.11 -34.58
CA LEU F 709 -10.97 -52.57 -33.81
C LEU F 709 -11.29 -51.13 -34.20
N GLU F 710 -10.25 -50.31 -34.34
CA GLU F 710 -10.43 -48.93 -34.79
C GLU F 710 -11.04 -48.87 -36.19
N GLU F 711 -10.59 -49.75 -37.08
CA GLU F 711 -11.15 -49.82 -38.43
C GLU F 711 -12.59 -50.32 -38.44
N GLY F 712 -12.97 -51.17 -37.48
CA GLY F 712 -14.36 -51.53 -37.34
C GLY F 712 -15.22 -50.37 -36.89
N HIS F 713 -14.72 -49.58 -35.93
CA HIS F 713 -15.40 -48.34 -35.58
C HIS F 713 -15.49 -47.40 -36.79
N ASP F 714 -14.48 -47.43 -37.65
CA ASP F 714 -14.51 -46.59 -38.85
C ASP F 714 -15.53 -47.10 -39.87
N LYS F 715 -15.70 -48.41 -39.96
CA LYS F 715 -16.83 -48.94 -40.73
C LYS F 715 -18.15 -48.43 -40.15
N GLU F 716 -18.24 -48.42 -38.82
CA GLU F 716 -19.42 -47.84 -38.17
C GLU F 716 -19.56 -46.36 -38.52
N ASP F 717 -18.45 -45.69 -38.81
CA ASP F 717 -18.50 -44.29 -39.23
C ASP F 717 -18.92 -44.14 -40.69
N ARG F 718 -18.35 -44.95 -41.59
CA ARG F 718 -18.62 -44.81 -43.01
C ARG F 718 -19.94 -45.42 -43.44
N GLU F 719 -20.47 -46.38 -42.68
CA GLU F 719 -21.72 -47.01 -43.04
C GLU F 719 -22.71 -46.78 -41.90
N MET G 1 -17.19 -61.74 -1.45
CA MET G 1 -17.52 -62.72 -0.42
C MET G 1 -18.30 -62.08 0.72
N ARG G 2 -19.25 -62.83 1.28
CA ARG G 2 -20.08 -62.34 2.36
C ARG G 2 -19.36 -62.60 3.68
N LEU G 3 -18.96 -61.52 4.35
CA LEU G 3 -18.23 -61.66 5.60
C LEU G 3 -19.15 -62.17 6.71
N SER G 4 -18.68 -63.17 7.44
CA SER G 4 -19.43 -63.69 8.57
C SER G 4 -19.26 -62.77 9.78
N TYR G 5 -20.01 -63.06 10.83
CA TYR G 5 -19.92 -62.25 12.04
C TYR G 5 -18.54 -62.39 12.69
N GLU G 6 -18.01 -63.61 12.76
CA GLU G 6 -16.71 -63.83 13.36
C GLU G 6 -15.60 -63.18 12.54
N ALA G 7 -15.76 -63.11 11.22
CA ALA G 7 -14.82 -62.38 10.40
C ALA G 7 -14.95 -60.87 10.56
N LEU G 8 -16.02 -60.41 11.19
CA LEU G 8 -16.24 -58.98 11.43
C LEU G 8 -16.16 -58.59 12.90
N GLU G 9 -16.22 -59.55 13.82
CA GLU G 9 -16.15 -59.23 15.25
C GLU G 9 -14.74 -58.80 15.62
N TRP G 10 -14.62 -57.61 16.19
CA TRP G 10 -13.33 -57.03 16.53
C TRP G 10 -13.17 -56.72 18.02
N ARG G 11 -14.26 -56.56 18.75
CA ARG G 11 -14.20 -56.14 20.14
C ARG G 11 -13.58 -57.23 21.01
N THR G 12 -12.81 -56.80 21.99
CA THR G 12 -12.24 -57.73 22.96
C THR G 12 -13.36 -58.28 23.83
N PRO G 13 -13.46 -59.61 23.99
CA PRO G 13 -14.53 -60.17 24.82
C PRO G 13 -14.39 -59.71 26.27
N ILE G 14 -15.50 -59.20 26.82
CA ILE G 14 -15.47 -58.66 28.17
C ILE G 14 -15.55 -59.81 29.18
N GLU G 15 -14.59 -59.84 30.09
CA GLU G 15 -14.57 -60.81 31.18
C GLU G 15 -15.26 -60.21 32.40
N ASN G 16 -15.07 -60.82 33.57
CA ASN G 16 -15.67 -60.34 34.81
C ASN G 16 -15.36 -58.87 35.03
N SER G 17 -16.40 -58.10 35.36
CA SER G 17 -16.27 -56.66 35.54
C SER G 17 -16.66 -56.17 36.93
N THR G 18 -17.00 -57.07 37.85
CA THR G 18 -17.41 -56.65 39.20
C THR G 18 -16.25 -56.13 40.02
N GLU G 19 -15.01 -56.32 39.58
CA GLU G 19 -13.85 -55.87 40.35
C GLU G 19 -13.04 -54.86 39.57
N PRO G 20 -12.48 -53.85 40.25
CA PRO G 20 -11.62 -52.89 39.56
C PRO G 20 -10.28 -53.50 39.20
N VAL G 21 -9.62 -52.89 38.23
CA VAL G 21 -8.32 -53.37 37.77
C VAL G 21 -7.23 -52.82 38.68
N SER G 22 -6.22 -53.64 38.94
CA SER G 22 -5.03 -53.24 39.67
C SER G 22 -3.84 -53.37 38.73
N LEU G 23 -3.42 -52.25 38.12
CA LEU G 23 -2.38 -52.27 37.12
C LEU G 23 -1.29 -51.26 37.46
N PRO G 24 -0.03 -51.65 37.44
CA PRO G 24 1.04 -50.69 37.70
C PRO G 24 1.12 -49.67 36.59
N PRO G 25 1.59 -48.45 36.89
CA PRO G 25 1.70 -47.44 35.85
C PRO G 25 2.64 -47.89 34.75
N PRO G 26 2.34 -47.56 33.50
CA PRO G 26 3.21 -47.96 32.41
C PRO G 26 4.46 -47.10 32.35
N PRO G 27 5.53 -47.59 31.73
CA PRO G 27 6.70 -46.75 31.55
C PRO G 27 6.38 -45.60 30.61
N PRO G 28 7.07 -44.47 30.75
CA PRO G 28 6.83 -43.35 29.82
C PRO G 28 7.10 -43.76 28.38
N PHE G 29 6.26 -43.27 27.47
CA PHE G 29 6.24 -43.68 26.07
C PHE G 29 6.03 -45.20 25.95
N PHE G 30 4.87 -45.63 26.46
CA PHE G 30 4.44 -47.00 26.29
C PHE G 30 3.82 -47.15 24.91
N GLY G 31 4.22 -48.19 24.19
CA GLY G 31 3.82 -48.33 22.81
C GLY G 31 4.43 -47.31 21.87
N GLN G 32 5.40 -46.53 22.35
CA GLN G 32 6.10 -45.52 21.58
C GLN G 32 7.60 -45.76 21.65
N GLU G 33 8.00 -47.00 21.36
CA GLU G 33 9.38 -47.41 21.57
C GLU G 33 10.35 -46.60 20.74
N ARG G 34 9.96 -46.17 19.54
CA ARG G 34 10.85 -45.37 18.71
C ARG G 34 11.18 -44.04 19.38
N ALA G 35 10.17 -43.32 19.84
CA ALA G 35 10.40 -42.05 20.52
C ALA G 35 11.17 -42.24 21.81
N ARG G 36 10.84 -43.30 22.56
CA ARG G 36 11.55 -43.56 23.81
C ARG G 36 13.03 -43.83 23.58
N GLU G 37 13.35 -44.64 22.57
CA GLU G 37 14.75 -44.93 22.27
C GLU G 37 15.46 -43.69 21.73
N ALA G 38 14.78 -42.89 20.92
CA ALA G 38 15.39 -41.65 20.44
C ALA G 38 15.71 -40.71 21.60
N LEU G 39 14.79 -40.58 22.56
CA LEU G 39 15.06 -39.73 23.71
C LEU G 39 16.15 -40.32 24.61
N GLU G 40 16.22 -41.65 24.70
CA GLU G 40 17.32 -42.28 25.43
C GLU G 40 18.65 -41.92 24.78
N LEU G 41 18.73 -41.96 23.46
CA LEU G 41 19.95 -41.58 22.76
C LEU G 41 20.26 -40.10 22.98
N ALA G 42 19.24 -39.25 22.91
CA ALA G 42 19.45 -37.81 23.08
C ALA G 42 19.86 -37.45 24.51
N ILE G 43 19.48 -38.26 25.50
CA ILE G 43 19.86 -38.02 26.87
C ILE G 43 21.25 -38.59 27.18
N ARG G 44 21.53 -39.80 26.70
CA ARG G 44 22.86 -40.38 26.91
C ARG G 44 23.95 -39.56 26.24
N GLY G 45 23.69 -39.03 25.05
CA GLY G 45 24.69 -38.28 24.33
C GLY G 45 24.61 -36.78 24.51
N GLY G 46 23.55 -36.31 25.15
CA GLY G 46 23.39 -34.89 25.35
C GLY G 46 23.06 -34.11 24.10
N PHE G 47 22.48 -34.76 23.10
CA PHE G 47 22.08 -34.09 21.87
C PHE G 47 20.78 -33.34 22.09
N HIS G 48 20.52 -32.39 21.20
CA HIS G 48 19.21 -31.74 21.15
C HIS G 48 18.27 -32.58 20.31
N ALA G 49 17.10 -32.88 20.86
CA ALA G 49 16.09 -33.68 20.18
C ALA G 49 14.86 -32.84 19.90
N TYR G 50 13.99 -33.37 19.04
CA TYR G 50 12.70 -32.74 18.79
C TYR G 50 11.64 -33.82 18.72
N LEU G 51 10.54 -33.61 19.46
CA LEU G 51 9.45 -34.57 19.52
C LEU G 51 8.42 -34.25 18.45
N VAL G 52 8.10 -35.25 17.64
CA VAL G 52 7.17 -35.10 16.52
C VAL G 52 6.03 -36.09 16.72
N GLY G 53 4.80 -35.61 16.54
CA GLY G 53 3.64 -36.46 16.65
C GLY G 53 2.34 -35.70 16.49
N PRO G 54 1.25 -36.43 16.27
CA PRO G 54 -0.05 -35.77 16.12
C PRO G 54 -0.45 -35.10 17.41
N PRO G 55 -1.23 -34.02 17.32
CA PRO G 55 -1.65 -33.32 18.55
C PRO G 55 -2.61 -34.14 19.38
N SER G 56 -2.92 -33.66 20.58
CA SER G 56 -3.80 -34.35 21.53
C SER G 56 -3.30 -35.75 21.85
N LEU G 57 -1.98 -35.92 21.91
CA LEU G 57 -1.37 -37.21 22.18
C LEU G 57 -0.79 -37.31 23.59
N GLY G 58 -0.44 -36.20 24.21
CA GLY G 58 0.21 -36.24 25.50
C GLY G 58 1.72 -36.23 25.42
N LYS G 59 2.30 -35.64 24.37
CA LYS G 59 3.75 -35.63 24.23
C LYS G 59 4.42 -34.88 25.35
N HIS G 60 3.87 -33.72 25.73
CA HIS G 60 4.47 -32.94 26.81
C HIS G 60 4.39 -33.66 28.14
N GLU G 61 3.24 -34.26 28.45
CA GLU G 61 3.07 -34.95 29.72
C GLU G 61 4.02 -36.13 29.83
N ALA G 62 4.08 -36.96 28.79
CA ALA G 62 4.97 -38.11 28.81
C ALA G 62 6.43 -37.68 28.83
N LEU G 63 6.77 -36.61 28.12
CA LEU G 63 8.14 -36.12 28.12
C LEU G 63 8.57 -35.64 29.50
N LEU G 64 7.71 -34.87 30.16
CA LEU G 64 8.04 -34.41 31.51
C LEU G 64 8.14 -35.58 32.49
N ALA G 65 7.21 -36.54 32.38
CA ALA G 65 7.27 -37.71 33.24
C ALA G 65 8.53 -38.53 33.01
N TYR G 66 9.00 -38.63 31.78
CA TYR G 66 10.22 -39.37 31.49
C TYR G 66 11.46 -38.63 31.98
N LEU G 67 11.51 -37.32 31.76
CA LEU G 67 12.65 -36.54 32.22
C LEU G 67 12.71 -36.43 33.73
N SER G 68 11.58 -36.54 34.42
CA SER G 68 11.59 -36.49 35.87
C SER G 68 12.32 -37.67 36.50
N THR G 69 12.44 -38.79 35.77
CA THR G 69 13.14 -39.95 36.26
C THR G 69 14.63 -39.94 35.93
N GLN G 70 15.09 -38.97 35.13
CA GLN G 70 16.49 -38.88 34.78
C GLN G 70 17.31 -38.37 35.97
N SER G 71 18.52 -38.91 36.10
CA SER G 71 19.46 -38.51 37.15
C SER G 71 20.69 -37.91 36.47
N VAL G 72 20.82 -36.60 36.53
CA VAL G 72 21.94 -35.89 35.90
C VAL G 72 22.94 -35.52 36.98
N GLU G 73 24.20 -35.35 36.58
CA GLU G 73 25.21 -34.82 37.50
C GLU G 73 24.75 -33.47 38.03
N THR G 74 24.99 -33.24 39.31
CA THR G 74 24.49 -32.05 39.99
C THR G 74 24.98 -30.79 39.26
N PRO G 75 24.08 -29.98 38.72
CA PRO G 75 24.51 -28.81 37.94
C PRO G 75 25.23 -27.81 38.81
N PRO G 76 26.25 -27.14 38.27
CA PRO G 76 26.93 -26.09 39.05
C PRO G 76 26.04 -24.86 39.21
N ASP G 77 26.38 -24.07 40.22
CA ASP G 77 25.68 -22.82 40.49
C ASP G 77 26.16 -21.76 39.52
N LEU G 78 25.29 -21.36 38.59
CA LEU G 78 25.59 -20.32 37.62
C LEU G 78 24.91 -19.04 38.08
N LEU G 79 25.66 -17.94 38.14
CA LEU G 79 25.10 -16.68 38.60
C LEU G 79 25.79 -15.52 37.93
N TYR G 80 25.21 -14.34 38.08
CA TYR G 80 25.75 -13.10 37.53
C TYR G 80 26.41 -12.31 38.65
N VAL G 81 27.70 -12.01 38.50
CA VAL G 81 28.42 -11.23 39.51
C VAL G 81 28.94 -9.95 38.86
N PRO G 82 28.73 -8.79 39.50
CA PRO G 82 29.22 -7.53 38.91
C PRO G 82 30.70 -7.34 39.18
N LEU G 83 31.51 -7.43 38.12
CA LEU G 83 32.92 -7.06 38.22
C LEU G 83 33.10 -5.55 38.36
N SER G 84 32.05 -4.78 38.07
CA SER G 84 32.05 -3.34 38.27
C SER G 84 30.59 -2.89 38.31
N GLU G 85 30.39 -1.57 38.38
CA GLU G 85 29.03 -1.05 38.31
C GLU G 85 28.45 -1.13 36.91
N ARG G 86 29.26 -1.48 35.91
CA ARG G 86 28.83 -1.60 34.53
C ARG G 86 29.06 -2.98 33.94
N LYS G 87 30.14 -3.66 34.32
CA LYS G 87 30.49 -4.96 33.77
C LYS G 87 29.98 -6.07 34.69
N VAL G 88 29.21 -7.00 34.13
CA VAL G 88 28.68 -8.14 34.86
C VAL G 88 29.20 -9.40 34.19
N ALA G 89 29.90 -10.23 34.95
CA ALA G 89 30.42 -11.49 34.44
C ALA G 89 29.57 -12.66 34.93
N VAL G 90 29.83 -13.83 34.37
CA VAL G 90 29.14 -15.06 34.73
C VAL G 90 30.07 -15.88 35.60
N LEU G 91 29.60 -16.24 36.79
CA LEU G 91 30.37 -17.00 37.76
C LEU G 91 29.78 -18.40 37.91
N THR G 92 30.66 -19.40 37.90
CA THR G 92 30.30 -20.79 38.10
C THR G 92 30.90 -21.27 39.41
N LEU G 93 30.07 -21.80 40.29
CA LEU G 93 30.47 -22.28 41.60
C LEU G 93 30.02 -23.72 41.78
N PRO G 94 30.59 -24.45 42.73
CA PRO G 94 30.04 -25.75 43.09
C PRO G 94 28.60 -25.60 43.58
N SER G 95 27.80 -26.63 43.33
CA SER G 95 26.38 -26.57 43.66
C SER G 95 26.18 -26.33 45.14
N GLY G 96 25.25 -25.42 45.46
CA GLY G 96 24.97 -25.05 46.82
C GLY G 96 25.87 -23.99 47.42
N GLN G 97 26.80 -23.44 46.63
CA GLN G 97 27.72 -22.43 47.14
C GLN G 97 27.26 -21.01 46.86
N GLU G 98 26.33 -20.81 45.91
CA GLU G 98 25.91 -19.46 45.58
C GLU G 98 25.16 -18.79 46.71
N ILE G 99 24.44 -19.55 47.53
CA ILE G 99 23.77 -18.97 48.70
C ILE G 99 24.81 -18.54 49.74
N HIS G 100 25.84 -19.36 49.93
CA HIS G 100 26.94 -18.97 50.83
C HIS G 100 27.67 -17.75 50.29
N LEU G 101 27.87 -17.69 48.97
CA LEU G 101 28.49 -16.52 48.38
C LEU G 101 27.64 -15.29 48.58
N ALA G 102 26.31 -15.42 48.44
CA ALA G 102 25.43 -14.28 48.67
C ALA G 102 25.50 -13.81 50.12
N GLU G 103 25.54 -14.75 51.07
CA GLU G 103 25.67 -14.36 52.47
C GLU G 103 27.00 -13.66 52.74
N ALA G 104 28.08 -14.18 52.16
CA ALA G 104 29.39 -13.56 52.34
C ALA G 104 29.40 -12.15 51.74
N VAL G 105 28.79 -11.98 50.57
CA VAL G 105 28.74 -10.66 49.96
C VAL G 105 27.88 -9.72 50.78
N GLU G 106 26.82 -10.22 51.40
CA GLU G 106 26.04 -9.39 52.32
C GLU G 106 26.89 -8.91 53.48
N GLY G 107 27.69 -9.80 54.05
CA GLY G 107 28.61 -9.38 55.10
C GLY G 107 29.60 -8.33 54.61
N LEU G 108 30.14 -8.53 53.41
CA LEU G 108 31.09 -7.58 52.85
C LEU G 108 30.44 -6.22 52.61
N LEU G 109 29.18 -6.20 52.17
CA LEU G 109 28.48 -4.94 51.99
C LEU G 109 28.21 -4.24 53.31
N LEU G 110 27.89 -5.01 54.36
CA LEU G 110 27.78 -4.41 55.68
C LEU G 110 29.12 -3.97 56.25
N GLU G 111 30.22 -4.47 55.70
CA GLU G 111 31.55 -4.05 56.16
C GLU G 111 31.82 -2.56 55.96
N VAL G 112 30.93 -1.82 55.30
CA VAL G 112 31.13 -0.37 55.17
C VAL G 112 31.09 0.29 56.55
N ASN G 113 30.16 -0.15 57.41
CA ASN G 113 30.10 0.37 58.77
C ASN G 113 31.34 -0.02 59.56
N ARG G 114 31.87 -1.22 59.33
CA ARG G 114 33.12 -1.61 59.97
C ARG G 114 34.26 -0.69 59.55
N LEU G 115 34.32 -0.36 58.26
CA LEU G 115 35.34 0.56 57.76
C LEU G 115 35.19 1.94 58.39
N ASP G 116 33.95 2.42 58.50
CA ASP G 116 33.73 3.72 59.11
C ASP G 116 34.17 3.73 60.57
N GLU G 117 33.82 2.69 61.32
CA GLU G 117 34.26 2.61 62.71
C GLU G 117 35.78 2.52 62.81
N LEU G 118 36.42 1.79 61.89
CA LEU G 118 37.88 1.75 61.86
C LEU G 118 38.45 3.14 61.65
N PHE G 119 37.83 3.92 60.76
CA PHE G 119 38.27 5.29 60.53
C PHE G 119 37.94 6.21 61.70
N ARG G 120 37.05 5.81 62.60
CA ARG G 120 36.86 6.51 63.86
C ARG G 120 37.67 5.92 65.01
N GLN G 121 38.49 4.90 64.74
CA GLN G 121 39.25 4.24 65.79
C GLN G 121 40.48 5.06 66.17
N GLY G 122 41.23 4.56 67.15
CA GLY G 122 42.34 5.30 67.69
C GLY G 122 43.54 5.33 66.76
N SER G 123 44.01 4.15 66.34
CA SER G 123 45.27 4.06 65.61
C SER G 123 45.22 4.81 64.28
N PHE G 124 44.12 4.64 63.53
CA PHE G 124 44.00 5.33 62.27
C PHE G 124 44.00 6.84 62.45
N LEU G 125 43.31 7.32 63.50
CA LEU G 125 43.27 8.76 63.73
C LEU G 125 44.60 9.30 64.21
N ARG G 126 45.37 8.49 64.95
CA ARG G 126 46.73 8.87 65.29
C ARG G 126 47.59 9.01 64.04
N GLU G 127 47.48 8.06 63.12
CA GLU G 127 48.22 8.16 61.86
C GLU G 127 47.79 9.39 61.08
N LYS G 128 46.48 9.64 61.02
CA LYS G 128 45.96 10.80 60.31
C LYS G 128 46.46 12.11 60.89
N THR G 129 46.44 12.22 62.22
CA THR G 129 46.87 13.46 62.86
C THR G 129 48.38 13.64 62.77
N GLN G 130 49.15 12.54 62.78
CA GLN G 130 50.58 12.69 62.55
C GLN G 130 50.88 13.14 61.12
N LEU G 131 50.15 12.61 60.13
CA LEU G 131 50.32 13.08 58.75
C LEU G 131 49.97 14.56 58.64
N GLU G 132 48.84 14.97 59.20
CA GLU G 132 48.45 16.38 59.16
C GLU G 132 49.44 17.25 59.93
N ALA G 133 50.00 16.74 61.02
CA ALA G 133 50.99 17.50 61.78
C ALA G 133 52.26 17.68 60.98
N ARG G 134 52.70 16.65 60.25
CA ARG G 134 53.86 16.80 59.39
C ARG G 134 53.62 17.85 58.32
N PHE G 135 52.45 17.79 57.66
CA PHE G 135 52.13 18.78 56.64
C PHE G 135 52.07 20.19 57.22
N LYS G 136 51.43 20.33 58.38
CA LYS G 136 51.29 21.65 59.01
C LYS G 136 52.64 22.18 59.46
N GLU G 137 53.52 21.30 59.96
CA GLU G 137 54.87 21.73 60.33
C GLU G 137 55.66 22.18 59.12
N ALA G 138 55.54 21.46 58.00
CA ALA G 138 56.21 21.87 56.78
C ALA G 138 55.72 23.24 56.33
N ARG G 139 54.40 23.44 56.35
CA ARG G 139 53.84 24.73 55.96
C ARG G 139 54.32 25.85 56.89
N GLU G 140 54.32 25.58 58.20
CA GLU G 140 54.74 26.59 59.18
C GLU G 140 56.21 26.95 58.98
N GLN G 141 57.07 25.95 58.78
CA GLN G 141 58.47 26.23 58.51
C GLN G 141 58.61 27.07 57.24
N GLN G 142 57.81 26.76 56.22
CA GLN G 142 57.90 27.49 54.96
C GLN G 142 57.56 28.97 55.16
N LEU G 143 56.41 29.27 55.78
CA LEU G 143 56.06 30.68 55.85
C LEU G 143 56.87 31.40 56.93
N GLU G 144 57.42 30.69 57.92
CA GLU G 144 58.28 31.38 58.86
C GLU G 144 59.63 31.69 58.24
N ALA G 145 60.13 30.82 57.35
CA ALA G 145 61.31 31.16 56.57
C ALA G 145 61.04 32.37 55.68
N LEU G 146 59.85 32.41 55.06
CA LEU G 146 59.50 33.60 54.28
C LEU G 146 59.46 34.85 55.15
N ARG G 147 58.89 34.73 56.35
CA ARG G 147 58.79 35.88 57.26
C ARG G 147 60.18 36.36 57.68
N ARG G 148 61.08 35.43 58.02
CA ARG G 148 62.39 35.84 58.48
C ARG G 148 63.25 36.39 57.35
N GLU G 149 63.02 35.95 56.11
CA GLU G 149 63.72 36.55 54.98
C GLU G 149 63.03 37.81 54.47
N ALA G 150 61.80 38.08 54.90
CA ALA G 150 61.10 39.30 54.54
C ALA G 150 61.41 40.44 55.51
N GLN G 151 61.47 40.16 56.81
CA GLN G 151 61.93 41.18 57.75
C GLN G 151 63.39 41.53 57.55
N GLU G 152 64.14 40.70 56.82
CA GLU G 152 65.52 41.06 56.47
C GLU G 152 65.55 42.31 55.61
N ALA G 153 64.57 42.47 54.72
CA ALA G 153 64.47 43.63 53.86
C ALA G 153 63.59 44.73 54.46
N GLY G 154 63.11 44.54 55.68
CA GLY G 154 62.30 45.56 56.32
C GLY G 154 60.84 45.54 55.92
N PHE G 155 60.28 44.37 55.63
CA PHE G 155 58.88 44.24 55.26
C PHE G 155 58.16 43.35 56.25
N ALA G 156 56.89 43.65 56.48
CA ALA G 156 56.05 42.91 57.43
C ALA G 156 55.20 41.90 56.69
N LEU G 157 55.04 40.72 57.27
CA LEU G 157 54.24 39.66 56.68
C LEU G 157 52.86 39.68 57.34
N SER G 158 51.82 39.92 56.54
CA SER G 158 50.45 39.92 57.00
C SER G 158 49.73 38.68 56.47
N THR G 159 49.10 37.94 57.38
CA THR G 159 48.36 36.73 57.04
C THR G 159 46.87 37.09 57.00
N ASN G 160 46.40 37.46 55.81
CA ASN G 160 44.99 37.81 55.62
C ASN G 160 44.26 36.54 55.21
N GLY G 161 43.70 35.85 56.20
CA GLY G 161 43.07 34.57 55.94
C GLY G 161 44.09 33.59 55.39
N GLU G 162 43.77 32.99 54.25
CA GLU G 162 44.72 32.10 53.59
C GLU G 162 45.81 32.88 52.87
N ARG G 163 45.52 34.12 52.45
CA ARG G 163 46.47 34.89 51.67
C ARG G 163 47.58 35.46 52.55
N LEU G 164 48.74 35.67 51.93
CA LEU G 164 49.89 36.29 52.58
C LEU G 164 50.29 37.53 51.79
N GLU G 165 50.60 38.61 52.49
CA GLU G 165 50.97 39.87 51.86
C GLU G 165 52.19 40.46 52.55
N LEU G 166 52.92 41.28 51.81
CA LEU G 166 54.07 42.01 52.31
C LEU G 166 53.70 43.49 52.41
N THR G 167 53.55 43.98 53.64
CA THR G 167 53.29 45.39 53.90
C THR G 167 54.59 46.04 54.34
N GLY G 168 55.08 46.99 53.54
CA GLY G 168 56.33 47.66 53.84
C GLY G 168 56.28 49.14 53.53
N PRO G 169 57.32 49.87 53.96
CA PRO G 169 57.35 51.31 53.68
C PRO G 169 57.40 51.65 52.20
N GLY G 170 58.02 50.80 51.38
CA GLY G 170 58.14 51.07 49.97
C GLY G 170 57.80 49.88 49.11
N PRO G 171 58.18 49.93 47.83
CA PRO G 171 57.89 48.81 46.93
C PRO G 171 58.59 47.53 47.39
N VAL G 172 57.91 46.41 47.23
CA VAL G 172 58.49 45.13 47.62
C VAL G 172 59.53 44.71 46.59
N PRO G 173 60.61 44.05 47.00
CA PRO G 173 61.59 43.56 46.02
C PRO G 173 60.99 42.47 45.15
N ALA G 174 61.54 42.34 43.94
CA ALA G 174 61.05 41.33 43.01
C ALA G 174 61.22 39.93 43.56
N GLU G 175 62.38 39.65 44.17
CA GLU G 175 62.62 38.33 44.73
C GLU G 175 61.73 38.05 45.94
N LEU G 176 61.46 39.05 46.77
CA LEU G 176 60.57 38.85 47.91
C LEU G 176 59.15 38.56 47.46
N SER G 177 58.66 39.29 46.45
CA SER G 177 57.33 38.99 45.91
C SER G 177 57.29 37.61 45.26
N ALA G 178 58.39 37.24 44.58
CA ALA G 178 58.46 35.92 43.99
C ALA G 178 58.38 34.83 45.05
N ARG G 179 59.09 35.02 46.17
CA ARG G 179 59.03 34.05 47.26
C ARG G 179 57.65 34.03 47.91
N LEU G 180 57.00 35.18 48.04
CA LEU G 180 55.64 35.21 48.58
C LEU G 180 54.69 34.39 47.70
N GLU G 181 54.72 34.63 46.39
CA GLU G 181 53.86 33.87 45.50
C GLU G 181 54.23 32.40 45.50
N GLU G 182 55.53 32.09 45.62
CA GLU G 182 55.97 30.70 45.68
C GLU G 182 55.42 30.00 46.91
N VAL G 183 55.48 30.65 48.07
CA VAL G 183 54.97 29.99 49.27
C VAL G 183 53.45 29.90 49.24
N THR G 184 52.77 30.87 48.61
CA THR G 184 51.31 30.76 48.48
C THR G 184 50.94 29.57 47.60
N LEU G 185 51.57 29.46 46.43
CA LEU G 185 51.30 28.33 45.55
C LEU G 185 51.70 27.01 46.20
N GLY G 186 52.82 27.00 46.94
CA GLY G 186 53.22 25.82 47.65
C GLY G 186 52.27 25.43 48.77
N SER G 187 51.67 26.42 49.44
CA SER G 187 50.67 26.12 50.46
C SER G 187 49.42 25.51 49.84
N LEU G 188 48.98 26.05 48.70
CA LEU G 188 47.84 25.43 48.02
C LEU G 188 48.17 24.02 47.56
N ALA G 189 49.36 23.82 46.99
CA ALA G 189 49.78 22.49 46.56
C ALA G 189 49.92 21.54 47.73
N ALA G 190 50.36 22.05 48.88
CA ALA G 190 50.49 21.22 50.07
C ALA G 190 49.14 20.85 50.65
N SER G 191 48.16 21.75 50.55
CA SER G 191 46.80 21.38 50.95
C SER G 191 46.25 20.28 50.05
N ALA G 192 46.47 20.42 48.72
CA ALA G 192 46.03 19.37 47.80
C ALA G 192 46.75 18.05 48.07
N GLU G 193 48.05 18.12 48.35
CA GLU G 193 48.82 16.93 48.67
C GLU G 193 48.39 16.31 49.98
N LEU G 194 48.00 17.14 50.97
CA LEU G 194 47.45 16.62 52.21
C LEU G 194 46.15 15.88 51.95
N GLU G 195 45.29 16.43 51.10
CA GLU G 195 44.05 15.74 50.77
C GLU G 195 44.31 14.40 50.08
N VAL G 196 45.20 14.39 49.09
CA VAL G 196 45.46 13.14 48.36
C VAL G 196 46.18 12.14 49.25
N ALA G 197 47.03 12.61 50.18
CA ALA G 197 47.71 11.70 51.10
C ALA G 197 46.75 11.13 52.12
N LEU G 198 45.76 11.93 52.56
CA LEU G 198 44.72 11.40 53.41
C LEU G 198 43.92 10.32 52.69
N ARG G 199 43.61 10.56 51.41
CA ARG G 199 42.92 9.55 50.62
C ARG G 199 43.75 8.28 50.48
N ARG G 200 45.06 8.43 50.25
CA ARG G 200 45.94 7.28 50.18
C ARG G 200 46.00 6.53 51.51
N LEU G 201 46.06 7.26 52.63
CA LEU G 201 46.11 6.61 53.94
C LEU G 201 44.82 5.85 54.22
N ARG G 202 43.67 6.45 53.92
CA ARG G 202 42.40 5.75 54.09
C ARG G 202 42.32 4.53 53.20
N ARG G 203 42.78 4.65 51.96
CA ARG G 203 42.79 3.51 51.04
C ARG G 203 43.66 2.38 51.57
N ASP G 204 44.86 2.72 52.06
CA ASP G 204 45.77 1.70 52.56
C ASP G 204 45.22 1.02 53.81
N TRP G 205 44.67 1.81 54.75
CA TRP G 205 44.12 1.22 55.96
C TRP G 205 42.91 0.35 55.64
N ALA G 206 42.04 0.79 54.72
CA ALA G 206 40.91 -0.03 54.33
C ALA G 206 41.35 -1.32 53.67
N LEU G 207 42.36 -1.24 52.78
CA LEU G 207 42.84 -2.46 52.13
C LEU G 207 43.45 -3.42 53.14
N HIS G 208 44.23 -2.90 54.09
CA HIS G 208 44.82 -3.76 55.11
C HIS G 208 43.76 -4.41 55.98
N TYR G 209 42.70 -3.66 56.34
CA TYR G 209 41.63 -4.26 57.14
C TYR G 209 40.84 -5.29 56.34
N LEU G 210 40.58 -5.01 55.07
CA LEU G 210 39.76 -5.90 54.24
C LEU G 210 40.53 -7.13 53.77
N ASN G 211 41.87 -7.11 53.81
CA ASN G 211 42.62 -8.29 53.44
C ASN G 211 42.29 -9.47 54.35
N ASN G 212 42.24 -9.23 55.66
CA ASN G 212 41.92 -10.29 56.60
C ASN G 212 40.46 -10.73 56.54
N ARG G 213 39.59 -9.89 55.98
CA ARG G 213 38.19 -10.27 55.78
C ARG G 213 37.97 -11.01 54.47
N PHE G 214 38.81 -10.76 53.47
CA PHE G 214 38.65 -11.37 52.16
C PHE G 214 39.49 -12.63 51.96
N GLU G 215 40.55 -12.83 52.74
CA GLU G 215 41.32 -14.08 52.61
C GLU G 215 40.46 -15.31 52.90
N PRO G 216 39.68 -15.37 54.00
CA PRO G 216 38.80 -16.53 54.17
C PRO G 216 37.80 -16.69 53.03
N LEU G 217 37.27 -15.59 52.50
CA LEU G 217 36.36 -15.67 51.37
C LEU G 217 37.08 -15.97 50.06
N PHE G 218 38.34 -15.56 49.93
CA PHE G 218 39.14 -15.99 48.79
C PHE G 218 39.40 -17.49 48.81
N GLN G 219 39.59 -18.07 50.00
CA GLN G 219 39.80 -19.51 50.12
C GLN G 219 38.51 -20.29 49.96
N ARG G 220 37.40 -19.80 50.49
CA ARG G 220 36.14 -20.53 50.43
C ARG G 220 35.52 -20.47 49.04
N PHE G 221 35.76 -19.40 48.29
CA PHE G 221 35.25 -19.24 46.93
C PHE G 221 36.39 -18.89 45.99
N PRO G 222 37.26 -19.85 45.68
CA PRO G 222 38.34 -19.57 44.71
C PRO G 222 37.84 -19.23 43.31
N GLN G 223 36.65 -19.70 42.94
CA GLN G 223 36.10 -19.35 41.63
C GLN G 223 35.67 -17.89 41.56
N ALA G 224 35.22 -17.33 42.68
CA ALA G 224 34.78 -15.94 42.74
C ALA G 224 35.92 -14.98 43.02
N ARG G 225 37.16 -15.36 42.70
CA ARG G 225 38.32 -14.52 43.02
C ARG G 225 38.22 -13.16 42.34
N ALA G 226 37.86 -13.13 41.06
CA ALA G 226 37.77 -11.87 40.34
C ALA G 226 36.67 -10.98 40.91
N TYR G 227 35.48 -11.54 41.14
CA TYR G 227 34.37 -10.74 41.66
C TYR G 227 34.66 -10.27 43.08
N LEU G 228 35.23 -11.13 43.91
CA LEU G 228 35.57 -10.71 45.28
C LEU G 228 36.65 -9.64 45.29
N GLU G 229 37.65 -9.75 44.40
CA GLU G 229 38.65 -8.71 44.30
C GLU G 229 38.05 -7.39 43.84
N ALA G 230 37.11 -7.45 42.89
CA ALA G 230 36.43 -6.24 42.44
C ALA G 230 35.62 -5.62 43.58
N LEU G 231 34.94 -6.45 44.37
CA LEU G 231 34.16 -5.95 45.50
C LEU G 231 35.06 -5.34 46.56
N ARG G 232 36.22 -5.95 46.81
CA ARG G 232 37.17 -5.38 47.76
C ARG G 232 37.70 -4.04 47.26
N ALA G 233 37.98 -3.94 45.96
CA ALA G 233 38.43 -2.66 45.40
C ALA G 233 37.34 -1.61 45.53
N ARG G 234 36.08 -1.99 45.29
CA ARG G 234 34.98 -1.06 45.47
C ARG G 234 34.84 -0.60 46.91
N LEU G 235 34.97 -1.53 47.87
CA LEU G 235 34.91 -1.16 49.28
C LEU G 235 36.04 -0.20 49.64
N ALA G 236 37.25 -0.48 49.15
CA ALA G 236 38.38 0.41 49.41
C ALA G 236 38.17 1.78 48.79
N ARG G 237 37.62 1.85 47.58
CA ARG G 237 37.37 3.14 46.95
C ARG G 237 36.27 3.90 47.68
N TYR G 238 35.26 3.21 48.18
CA TYR G 238 34.27 3.86 49.04
C TYR G 238 34.93 4.42 50.29
N ALA G 239 35.80 3.64 50.92
CA ALA G 239 36.48 4.10 52.12
C ALA G 239 37.36 5.31 51.84
N GLU G 240 38.00 5.35 50.67
CA GLU G 240 38.86 6.47 50.32
C GLU G 240 38.07 7.72 49.96
N THR G 241 37.25 7.63 48.90
CA THR G 241 36.59 8.79 48.35
C THR G 241 35.24 9.09 48.98
N GLY G 242 34.72 8.20 49.83
CA GLY G 242 33.42 8.42 50.41
C GLY G 242 32.26 8.25 49.47
N GLU G 243 32.52 7.69 48.28
CA GLU G 243 31.45 7.46 47.31
C GLU G 243 30.55 6.34 47.82
N PRO G 244 29.25 6.56 47.97
CA PRO G 244 28.40 5.53 48.58
C PRO G 244 28.27 4.29 47.70
N LEU G 245 28.19 3.14 48.37
CA LEU G 245 28.16 1.85 47.69
C LEU G 245 26.72 1.35 47.67
N ASP G 246 26.17 1.22 46.48
CA ASP G 246 24.81 0.70 46.34
C ASP G 246 24.84 -0.81 46.53
N PRO G 247 24.20 -1.37 47.55
CA PRO G 247 24.22 -2.83 47.72
C PRO G 247 23.59 -3.58 46.55
N ALA G 248 22.58 -3.00 45.92
CA ALA G 248 21.92 -3.66 44.81
C ALA G 248 22.77 -3.73 43.55
N GLN G 249 23.81 -2.89 43.43
CA GLN G 249 24.70 -2.93 42.29
C GLN G 249 25.87 -3.89 42.45
N TRP G 250 26.07 -4.43 43.66
CA TRP G 250 27.20 -5.32 43.92
C TRP G 250 26.76 -6.65 44.53
N ARG G 251 25.47 -6.88 44.68
CA ARG G 251 24.98 -8.18 45.10
C ARG G 251 25.14 -9.18 43.95
N PRO G 252 25.55 -10.41 44.24
CA PRO G 252 25.62 -11.42 43.18
C PRO G 252 24.22 -11.86 42.78
N ASN G 253 23.93 -11.78 41.48
CA ASN G 253 22.60 -12.09 40.98
C ASN G 253 22.45 -13.60 40.91
N LEU G 254 21.88 -14.18 41.97
CA LEU G 254 21.55 -15.60 41.97
C LEU G 254 20.35 -15.82 41.06
N LEU G 255 20.61 -16.16 39.80
CA LEU G 255 19.56 -16.28 38.80
C LEU G 255 18.52 -17.31 39.21
N THR G 256 18.93 -18.56 39.36
CA THR G 256 18.04 -19.64 39.74
C THR G 256 18.64 -20.42 40.89
N SER G 257 17.77 -21.01 41.72
CA SER G 257 18.21 -21.78 42.87
C SER G 257 18.95 -23.04 42.41
N SER G 258 19.83 -23.55 43.27
CA SER G 258 20.59 -24.74 42.92
C SER G 258 19.66 -25.94 42.77
N SER G 259 20.00 -26.82 41.83
CA SER G 259 19.24 -28.02 41.55
C SER G 259 20.01 -29.25 41.99
N SER G 260 19.31 -30.18 42.64
CA SER G 260 19.96 -31.39 43.13
C SER G 260 20.37 -32.33 42.00
N GLY G 261 19.87 -32.12 40.79
CA GLY G 261 20.15 -33.01 39.68
C GLY G 261 19.29 -34.25 39.61
N THR G 262 18.36 -34.43 40.56
CA THR G 262 17.46 -35.58 40.56
C THR G 262 16.19 -35.19 41.29
N PRO G 263 15.16 -34.73 40.57
CA PRO G 263 15.07 -34.60 39.11
C PRO G 263 15.89 -33.44 38.55
N PRO G 264 16.26 -33.50 37.28
CA PRO G 264 17.05 -32.43 36.67
C PRO G 264 16.20 -31.20 36.43
N PRO G 265 16.82 -30.05 36.15
CA PRO G 265 16.02 -28.87 35.80
C PRO G 265 15.22 -29.09 34.53
N ILE G 266 13.90 -29.19 34.67
CA ILE G 266 13.00 -29.45 33.55
C ILE G 266 12.17 -28.19 33.36
N VAL G 267 12.42 -27.47 32.26
CA VAL G 267 11.80 -26.19 32.01
C VAL G 267 10.98 -26.33 30.73
N TYR G 268 9.66 -26.39 30.87
CA TYR G 268 8.75 -26.34 29.74
C TYR G 268 8.30 -24.90 29.57
N GLU G 269 8.70 -24.28 28.46
CA GLU G 269 8.29 -22.91 28.16
C GLU G 269 7.26 -22.94 27.04
N PRO G 270 5.97 -22.95 27.37
CA PRO G 270 4.96 -23.05 26.30
C PRO G 270 4.96 -21.87 25.35
N TYR G 271 5.50 -20.73 25.75
CA TYR G 271 5.48 -19.51 24.96
C TYR G 271 6.91 -19.02 24.82
N ALA G 272 7.53 -19.34 23.69
CA ALA G 272 8.97 -19.10 23.49
C ALA G 272 9.24 -17.66 23.09
N THR G 273 8.74 -16.72 23.87
CA THR G 273 9.04 -15.31 23.64
C THR G 273 10.49 -15.02 24.03
N ALA G 274 11.06 -14.00 23.41
CA ALA G 274 12.43 -13.57 23.69
C ALA G 274 12.66 -13.27 25.16
N PRO G 275 11.79 -12.52 25.85
CA PRO G 275 12.04 -12.29 27.29
C PRO G 275 11.95 -13.55 28.13
N ARG G 276 10.90 -14.35 27.94
CA ARG G 276 10.71 -15.54 28.77
C ARG G 276 11.74 -16.62 28.48
N LEU G 277 12.39 -16.59 27.32
CA LEU G 277 13.39 -17.60 27.00
C LEU G 277 14.76 -17.21 27.54
N PHE G 278 15.26 -16.05 27.14
CA PHE G 278 16.62 -15.63 27.43
C PHE G 278 16.72 -14.75 28.66
N GLY G 279 15.62 -14.54 29.38
CA GLY G 279 15.60 -13.57 30.44
C GLY G 279 15.37 -12.18 29.89
N ARG G 280 15.41 -11.20 30.79
CA ARG G 280 15.25 -9.81 30.39
C ARG G 280 16.10 -8.92 31.28
N LEU G 281 16.76 -7.94 30.67
CA LEU G 281 17.56 -6.95 31.39
C LEU G 281 16.67 -5.78 31.74
N ASP G 282 16.09 -5.83 32.95
CA ASP G 282 15.18 -4.78 33.38
C ASP G 282 15.92 -3.46 33.55
N TYR G 283 15.16 -2.37 33.45
CA TYR G 283 15.70 -1.02 33.55
C TYR G 283 14.88 -0.22 34.53
N LEU G 284 15.54 0.76 35.17
CA LEU G 284 14.88 1.71 36.06
C LEU G 284 15.07 3.11 35.52
N VAL G 285 13.99 3.88 35.46
CA VAL G 285 14.02 5.26 35.01
C VAL G 285 13.94 6.15 36.24
N ASP G 286 15.03 6.87 36.52
CA ASP G 286 15.11 7.81 37.63
C ASP G 286 15.22 9.21 37.06
N ARG G 287 14.19 10.03 37.28
CA ARG G 287 14.14 11.41 36.82
C ARG G 287 14.33 11.51 35.31
N GLY G 288 13.88 10.51 34.55
CA GLY G 288 14.05 10.51 33.11
C GLY G 288 15.32 9.86 32.61
N VAL G 289 16.22 9.44 33.50
CA VAL G 289 17.49 8.83 33.12
C VAL G 289 17.38 7.32 33.33
N TRP G 290 17.73 6.56 32.30
CA TRP G 290 17.68 5.11 32.35
C TRP G 290 18.96 4.56 32.96
N SER G 291 18.80 3.65 33.92
CA SER G 291 19.94 2.99 34.56
C SER G 291 19.46 1.68 35.18
N THR G 292 20.37 0.72 35.26
CA THR G 292 20.07 -0.57 35.86
C THR G 292 21.36 -1.22 36.31
N ASN G 293 21.21 -2.26 37.13
CA ASN G 293 22.33 -2.92 37.78
C ASN G 293 22.26 -4.43 37.56
N VAL G 294 23.15 -5.16 38.23
CA VAL G 294 23.22 -6.60 38.08
C VAL G 294 21.96 -7.27 38.66
N SER G 295 21.42 -6.72 39.74
CA SER G 295 20.29 -7.32 40.43
C SER G 295 18.97 -7.15 39.69
N LEU G 296 18.99 -6.58 38.49
CA LEU G 296 17.79 -6.42 37.67
C LEU G 296 17.91 -7.21 36.37
N ILE G 297 18.44 -8.42 36.46
CA ILE G 297 18.49 -9.36 35.34
C ILE G 297 17.54 -10.50 35.67
N ARG G 298 16.43 -10.57 34.96
CA ARG G 298 15.50 -11.65 35.29
C ARG G 298 15.94 -12.96 34.63
N PRO G 299 15.79 -14.08 35.33
CA PRO G 299 16.07 -15.38 34.70
C PRO G 299 14.91 -15.84 33.83
N GLY G 300 15.25 -16.21 32.60
CA GLY G 300 14.23 -16.69 31.67
C GLY G 300 14.07 -18.20 31.72
N ALA G 301 14.06 -18.83 30.55
CA ALA G 301 13.99 -20.28 30.47
C ALA G 301 15.34 -20.94 30.31
N VAL G 302 16.29 -20.26 29.64
CA VAL G 302 17.64 -20.80 29.51
C VAL G 302 18.31 -20.88 30.87
N HIS G 303 18.17 -19.85 31.69
CA HIS G 303 18.78 -19.84 33.02
C HIS G 303 18.20 -20.94 33.90
N ARG G 304 16.89 -21.14 33.87
CA ARG G 304 16.25 -22.13 34.72
C ARG G 304 16.52 -23.56 34.27
N ALA G 305 17.01 -23.76 33.04
CA ALA G 305 17.23 -25.08 32.49
C ALA G 305 18.70 -25.48 32.47
N GLN G 306 19.54 -24.76 33.19
CA GLN G 306 20.97 -25.06 33.19
C GLN G 306 21.22 -26.44 33.77
N GLY G 307 22.06 -27.23 33.08
CA GLY G 307 22.30 -28.60 33.50
C GLY G 307 21.10 -29.49 33.41
N GLY G 308 20.08 -29.09 32.66
CA GLY G 308 18.87 -29.85 32.54
C GLY G 308 18.30 -29.84 31.14
N TYR G 309 16.97 -29.78 31.02
CA TYR G 309 16.30 -29.86 29.73
C TYR G 309 15.36 -28.69 29.57
N LEU G 310 15.36 -28.09 28.38
CA LEU G 310 14.45 -27.01 28.04
C LEU G 310 13.48 -27.53 26.99
N ILE G 311 12.25 -27.82 27.42
CA ILE G 311 11.21 -28.30 26.51
C ILE G 311 10.54 -27.09 25.87
N LEU G 312 10.63 -27.00 24.55
CA LEU G 312 10.07 -25.90 23.79
C LEU G 312 9.06 -26.42 22.78
N ASP G 313 8.35 -25.48 22.16
CA ASP G 313 7.36 -25.79 21.13
C ASP G 313 7.78 -25.10 19.84
N ALA G 314 8.05 -25.88 18.80
CA ALA G 314 8.41 -25.29 17.51
C ALA G 314 7.32 -24.36 17.00
N LEU G 315 6.06 -24.67 17.33
CA LEU G 315 4.98 -23.74 17.03
C LEU G 315 5.23 -22.38 17.64
N SER G 316 5.65 -22.34 18.91
CA SER G 316 6.04 -21.08 19.53
C SER G 316 7.36 -20.56 19.00
N LEU G 317 8.30 -21.45 18.65
CA LEU G 317 9.56 -21.00 18.08
C LEU G 317 9.37 -20.21 16.80
N LYS G 318 8.35 -20.54 16.02
CA LYS G 318 8.08 -19.77 14.80
C LYS G 318 7.00 -18.71 14.99
N ARG G 319 6.13 -18.85 15.98
CA ARG G 319 5.02 -17.91 16.14
C ARG G 319 5.50 -16.54 16.64
N GLU G 320 6.37 -16.51 17.64
CA GLU G 320 6.95 -15.26 18.11
C GLU G 320 8.25 -14.91 17.37
N GLY G 321 8.64 -15.70 16.38
CA GLY G 321 9.77 -15.37 15.54
C GLY G 321 11.10 -15.42 16.27
N THR G 322 11.13 -16.13 17.40
CA THR G 322 12.35 -16.25 18.18
C THR G 322 13.22 -17.41 17.72
N TRP G 323 12.85 -18.09 16.65
CA TRP G 323 13.65 -19.21 16.17
C TRP G 323 15.05 -18.75 15.75
N GLU G 324 15.16 -17.56 15.16
CA GLU G 324 16.48 -17.08 14.74
C GLU G 324 17.36 -16.78 15.94
N ALA G 325 16.84 -16.07 16.93
CA ALA G 325 17.64 -15.75 18.12
C ALA G 325 18.01 -17.01 18.90
N PHE G 326 17.06 -17.92 19.05
CA PHE G 326 17.33 -19.17 19.76
C PHE G 326 18.33 -20.03 19.00
N LYS G 327 18.23 -20.03 17.68
CA LYS G 327 19.23 -20.67 16.83
C LYS G 327 20.61 -20.08 17.05
N ARG G 328 20.71 -18.75 17.10
CA ARG G 328 21.99 -18.11 17.33
C ARG G 328 22.55 -18.49 18.69
N ALA G 329 21.70 -18.51 19.70
CA ALA G 329 22.14 -18.87 21.05
C ALA G 329 22.66 -20.30 21.10
N LEU G 330 21.94 -21.24 20.46
CA LEU G 330 22.38 -22.62 20.46
C LEU G 330 23.68 -22.79 19.67
N ARG G 331 23.79 -22.13 18.52
CA ARG G 331 25.01 -22.28 17.71
C ARG G 331 26.22 -21.67 18.41
N ASN G 332 26.08 -20.51 19.03
CA ASN G 332 27.20 -19.86 19.69
C ASN G 332 27.54 -20.47 21.04
N GLY G 333 26.60 -21.21 21.65
CA GLY G 333 26.83 -21.74 22.98
C GLY G 333 26.74 -20.72 24.08
N GLN G 334 26.32 -19.49 23.76
CA GLN G 334 26.22 -18.42 24.73
C GLN G 334 25.05 -17.54 24.35
N VAL G 335 24.50 -16.83 25.34
CA VAL G 335 23.37 -15.93 25.10
C VAL G 335 23.36 -14.87 26.19
N GLU G 336 22.85 -13.69 25.85
CA GLU G 336 22.68 -12.61 26.79
C GLU G 336 21.20 -12.28 26.95
N PRO G 337 20.78 -11.80 28.12
CA PRO G 337 19.38 -11.40 28.28
C PRO G 337 19.02 -10.28 27.32
N VAL G 338 17.74 -10.25 26.94
CA VAL G 338 17.29 -9.27 25.95
C VAL G 338 17.56 -7.87 26.46
N THR G 339 18.13 -7.04 25.59
CA THR G 339 18.55 -5.68 25.94
C THR G 339 17.69 -4.68 25.18
N GLU G 340 17.12 -3.72 25.91
CA GLU G 340 16.30 -2.69 25.30
C GLU G 340 17.22 -1.60 24.75
N PRO G 341 17.21 -1.34 23.44
CA PRO G 341 18.05 -0.26 22.89
C PRO G 341 17.57 1.14 23.22
N GLN G 342 16.38 1.27 23.82
CA GLN G 342 15.85 2.58 24.17
C GLN G 342 16.55 3.20 25.37
N ALA G 343 17.35 2.43 26.11
CA ALA G 343 18.07 2.95 27.27
C ALA G 343 19.45 3.40 26.85
N PRO G 344 19.79 4.69 27.04
CA PRO G 344 21.13 5.14 26.67
C PRO G 344 22.24 4.43 27.43
N ALA G 345 21.99 4.06 28.69
CA ALA G 345 22.98 3.36 29.48
C ALA G 345 22.94 1.87 29.13
N GLY G 346 23.73 1.08 29.84
CA GLY G 346 23.78 -0.35 29.60
C GLY G 346 24.87 -1.01 30.40
N LEU G 347 24.88 -2.34 30.34
CA LEU G 347 25.83 -3.15 31.08
C LEU G 347 26.55 -4.10 30.13
N GLU G 348 27.83 -4.34 30.43
CA GLU G 348 28.63 -5.29 29.66
C GLU G 348 28.44 -6.69 30.24
N VAL G 349 27.22 -7.19 30.06
CA VAL G 349 26.85 -8.50 30.59
C VAL G 349 27.55 -9.58 29.79
N GLU G 350 28.34 -10.40 30.48
CA GLU G 350 28.97 -11.54 29.82
C GLU G 350 27.89 -12.51 29.36
N PRO G 351 27.99 -13.02 28.12
CA PRO G 351 26.95 -13.93 27.63
C PRO G 351 26.84 -15.18 28.50
N PHE G 352 25.61 -15.56 28.79
CA PHE G 352 25.37 -16.69 29.67
C PHE G 352 25.62 -17.99 28.94
N PRO G 353 26.52 -18.85 29.42
CA PRO G 353 26.77 -20.12 28.74
C PRO G 353 25.55 -21.04 28.81
N ILE G 354 25.42 -21.88 27.78
CA ILE G 354 24.30 -22.81 27.66
C ILE G 354 24.82 -24.21 27.92
N GLN G 355 24.39 -24.81 29.03
CA GLN G 355 24.65 -26.21 29.34
C GLN G 355 23.37 -27.03 29.39
N MET G 356 22.33 -26.61 28.68
CA MET G 356 21.04 -27.30 28.67
C MET G 356 20.92 -28.18 27.42
N GLN G 357 19.93 -29.06 27.47
CA GLN G 357 19.52 -29.83 26.31
C GLN G 357 18.14 -29.36 25.88
N VAL G 358 18.01 -29.00 24.62
CA VAL G 358 16.75 -28.52 24.08
C VAL G 358 15.98 -29.69 23.50
N ILE G 359 14.69 -29.78 23.86
CA ILE G 359 13.81 -30.82 23.36
C ILE G 359 12.59 -30.12 22.78
N LEU G 360 12.63 -29.86 21.47
CA LEU G 360 11.48 -29.27 20.80
C LEU G 360 10.32 -30.25 20.74
N VAL G 361 9.11 -29.74 20.89
CA VAL G 361 7.91 -30.55 20.83
C VAL G 361 6.92 -29.90 19.88
N GLY G 362 6.31 -30.70 19.00
CA GLY G 362 5.32 -30.17 18.10
C GLY G 362 4.78 -31.24 17.19
N THR G 363 3.86 -30.82 16.34
CA THR G 363 3.24 -31.66 15.32
C THR G 363 4.15 -31.77 14.11
N PRO G 364 3.96 -32.79 13.26
CA PRO G 364 4.78 -32.87 12.05
C PRO G 364 4.69 -31.64 11.17
N GLU G 365 3.51 -31.04 11.04
CA GLU G 365 3.39 -29.83 10.23
C GLU G 365 4.02 -28.62 10.92
N ALA G 366 4.23 -28.69 12.24
CA ALA G 366 4.92 -27.61 12.93
C ALA G 366 6.42 -27.58 12.59
N PHE G 367 7.01 -28.74 12.33
CA PHE G 367 8.44 -28.82 12.06
C PHE G 367 8.80 -28.69 10.59
N GLU G 368 7.81 -28.63 9.69
CA GLU G 368 8.11 -28.38 8.28
C GLU G 368 8.81 -27.05 8.09
N GLY G 369 8.35 -26.01 8.79
CA GLY G 369 9.02 -24.72 8.68
C GLY G 369 10.43 -24.73 9.22
N LEU G 370 10.64 -25.43 10.34
CA LEU G 370 11.97 -25.47 10.95
C LEU G 370 12.94 -26.36 10.18
N GLU G 371 12.49 -27.54 9.74
CA GLU G 371 13.42 -28.48 9.11
C GLU G 371 13.86 -28.05 7.73
N GLU G 372 13.23 -27.03 7.14
CA GLU G 372 13.72 -26.49 5.88
C GLU G 372 15.12 -25.91 6.03
N ASP G 373 15.39 -25.26 7.16
CA ASP G 373 16.71 -24.73 7.45
C ASP G 373 17.69 -25.88 7.61
N PRO G 374 18.77 -25.89 6.81
CA PRO G 374 19.76 -26.98 6.93
C PRO G 374 20.51 -26.97 8.25
N ALA G 375 20.47 -25.88 9.00
CA ALA G 375 21.13 -25.84 10.31
C ALA G 375 20.24 -26.29 11.45
N PHE G 376 18.92 -26.38 11.21
CA PHE G 376 18.06 -27.06 12.17
C PHE G 376 18.44 -28.54 12.23
N SER G 377 18.71 -29.14 11.07
CA SER G 377 19.23 -30.49 11.01
C SER G 377 20.69 -30.56 11.43
N GLU G 378 21.25 -29.47 11.94
CA GLU G 378 22.58 -29.45 12.53
C GLU G 378 22.56 -29.46 14.05
N LEU G 379 21.61 -28.75 14.66
CA LEU G 379 21.52 -28.69 16.11
C LEU G 379 20.72 -29.87 16.65
N PHE G 380 19.64 -30.24 15.97
CA PHE G 380 18.74 -31.31 16.41
C PHE G 380 18.92 -32.49 15.48
N ARG G 381 19.84 -33.40 15.85
CA ARG G 381 20.04 -34.60 15.05
C ARG G 381 19.10 -35.73 15.45
N ILE G 382 18.66 -35.77 16.70
CA ILE G 382 17.80 -36.83 17.20
C ILE G 382 16.35 -36.44 16.99
N ARG G 383 15.57 -37.33 16.39
CA ARG G 383 14.15 -37.13 16.14
C ARG G 383 13.38 -38.19 16.90
N ALA G 384 12.57 -37.78 17.86
CA ALA G 384 11.71 -38.69 18.62
C ALA G 384 10.30 -38.55 18.07
N GLU G 385 10.04 -39.27 16.99
CA GLU G 385 8.74 -39.20 16.33
C GLU G 385 7.75 -40.14 17.01
N PHE G 386 6.55 -39.64 17.24
CA PHE G 386 5.50 -40.39 17.93
C PHE G 386 4.58 -41.03 16.90
N SER G 387 4.35 -42.32 17.04
CA SER G 387 3.43 -43.02 16.18
C SER G 387 2.00 -42.55 16.45
N PRO G 388 1.20 -42.31 15.42
CA PRO G 388 -0.21 -41.94 15.63
C PRO G 388 -1.02 -43.05 16.28
N THR G 389 -0.53 -44.29 16.29
CA THR G 389 -1.22 -45.41 16.90
C THR G 389 -0.23 -46.25 17.68
N LEU G 390 -0.76 -47.24 18.40
CA LEU G 390 -0.05 -48.24 19.16
C LEU G 390 -0.51 -49.62 18.73
N PRO G 391 0.35 -50.63 18.81
CA PRO G 391 -0.10 -52.00 18.52
C PRO G 391 -1.23 -52.40 19.47
N ALA G 392 -2.24 -53.08 18.92
CA ALA G 392 -3.36 -53.55 19.72
C ALA G 392 -3.02 -54.92 20.29
N SER G 393 -2.40 -54.91 21.47
CA SER G 393 -1.98 -56.10 22.16
C SER G 393 -2.47 -56.05 23.59
N PRO G 394 -2.61 -57.19 24.26
CA PRO G 394 -3.00 -57.16 25.68
C PRO G 394 -2.03 -56.38 26.54
N GLU G 395 -0.74 -56.38 26.21
CA GLU G 395 0.22 -55.57 26.94
C GLU G 395 -0.12 -54.09 26.83
N ASN G 396 -0.49 -53.64 25.62
CA ASN G 396 -0.90 -52.26 25.44
C ASN G 396 -2.20 -51.95 26.18
N CYS G 397 -3.12 -52.90 26.25
CA CYS G 397 -4.36 -52.69 26.99
C CYS G 397 -4.07 -52.51 28.48
N THR G 398 -3.20 -53.36 29.05
CA THR G 398 -2.85 -53.21 30.46
C THR G 398 -2.05 -51.93 30.70
N ALA G 399 -1.21 -51.53 29.74
CA ALA G 399 -0.50 -50.26 29.87
C ALA G 399 -1.47 -49.09 29.87
N LEU G 400 -2.49 -49.13 29.01
CA LEU G 400 -3.51 -48.09 29.02
C LEU G 400 -4.28 -48.08 30.32
N GLY G 401 -4.59 -49.26 30.86
CA GLY G 401 -5.27 -49.32 32.14
C GLY G 401 -4.45 -48.72 33.27
N GLY G 402 -3.16 -49.05 33.30
CA GLY G 402 -2.29 -48.47 34.30
C GLY G 402 -2.14 -46.96 34.13
N TRP G 403 -2.09 -46.49 32.89
CA TRP G 403 -2.02 -45.06 32.64
C TRP G 403 -3.29 -44.36 33.11
N LEU G 404 -4.46 -44.96 32.87
CA LEU G 404 -5.71 -44.37 33.33
C LEU G 404 -5.78 -44.36 34.85
N LEU G 405 -5.31 -45.44 35.50
CA LEU G 405 -5.25 -45.46 36.95
C LEU G 405 -4.32 -44.38 37.49
N ALA G 406 -3.20 -44.16 36.80
CA ALA G 406 -2.28 -43.10 37.20
C ALA G 406 -2.86 -41.71 37.02
N GLN G 407 -3.92 -41.58 36.23
CA GLN G 407 -4.60 -40.30 36.03
C GLN G 407 -5.71 -40.06 37.04
N GLY G 408 -5.89 -40.97 38.00
CA GLY G 408 -6.92 -40.84 39.01
C GLY G 408 -8.23 -41.53 38.71
N PHE G 409 -8.32 -42.25 37.59
CA PHE G 409 -9.55 -42.93 37.24
C PHE G 409 -9.65 -44.28 37.95
N GLN G 410 -10.87 -44.62 38.34
CA GLN G 410 -11.20 -45.94 38.86
C GLN G 410 -11.99 -46.67 37.79
N LEU G 411 -11.51 -47.83 37.38
CA LEU G 411 -12.13 -48.56 36.27
C LEU G 411 -12.04 -50.05 36.53
N THR G 412 -12.95 -50.79 35.89
CA THR G 412 -13.01 -52.23 35.99
C THR G 412 -12.43 -52.86 34.72
N GLN G 413 -12.44 -54.19 34.67
CA GLN G 413 -11.95 -54.89 33.49
C GLN G 413 -12.81 -54.59 32.27
N GLY G 414 -14.14 -54.58 32.45
CA GLY G 414 -15.01 -54.27 31.34
C GLY G 414 -14.86 -52.85 30.84
N GLY G 415 -14.71 -51.89 31.76
CA GLY G 415 -14.49 -50.52 31.35
C GLY G 415 -13.18 -50.33 30.62
N LEU G 416 -12.12 -51.00 31.09
CA LEU G 416 -10.84 -50.95 30.41
C LEU G 416 -10.94 -51.57 29.02
N THR G 417 -11.64 -52.69 28.90
CA THR G 417 -11.84 -53.32 27.60
C THR G 417 -12.59 -52.41 26.65
N ARG G 418 -13.65 -51.76 27.15
CA ARG G 418 -14.43 -50.86 26.30
C ARG G 418 -13.61 -49.65 25.86
N LEU G 419 -12.83 -49.07 26.78
CA LEU G 419 -11.96 -47.96 26.41
C LEU G 419 -10.89 -48.39 25.40
N TYR G 420 -10.33 -49.58 25.57
CA TYR G 420 -9.36 -50.11 24.62
C TYR G 420 -9.98 -50.31 23.24
N ASP G 421 -11.19 -50.86 23.19
CA ASP G 421 -11.87 -51.04 21.92
C ASP G 421 -12.20 -49.70 21.27
N GLU G 422 -12.62 -48.72 22.06
CA GLU G 422 -12.91 -47.41 21.51
C GLU G 422 -11.63 -46.73 21.00
N ALA G 423 -10.51 -46.93 21.68
CA ALA G 423 -9.24 -46.43 21.16
C ALA G 423 -8.89 -47.09 19.83
N ARG G 424 -9.11 -48.40 19.74
CA ARG G 424 -8.87 -49.09 18.47
C ARG G 424 -9.75 -48.54 17.37
N ARG G 425 -11.03 -48.28 17.68
CA ARG G 425 -11.94 -47.75 16.66
C ARG G 425 -11.60 -46.32 16.28
N MET G 426 -11.14 -45.51 17.24
CA MET G 426 -10.65 -44.17 16.92
C MET G 426 -9.44 -44.24 16.02
N ALA G 427 -8.57 -45.23 16.23
CA ALA G 427 -7.46 -45.45 15.31
C ALA G 427 -7.96 -45.92 13.95
N GLU G 428 -9.22 -46.33 13.84
CA GLU G 428 -9.83 -46.78 12.59
C GLU G 428 -9.07 -48.00 12.05
N GLN G 429 -8.52 -48.80 12.96
CA GLN G 429 -7.78 -50.00 12.59
C GLN G 429 -8.08 -51.10 13.58
N ARG G 430 -8.29 -52.31 13.06
CA ARG G 430 -8.65 -53.43 13.91
C ARG G 430 -7.53 -53.80 14.87
N ASP G 431 -6.28 -53.78 14.39
CA ASP G 431 -5.14 -54.23 15.18
C ASP G 431 -4.24 -53.08 15.62
N ARG G 432 -4.78 -51.87 15.68
CA ARG G 432 -4.06 -50.71 16.18
C ARG G 432 -5.00 -49.88 17.04
N MET G 433 -4.53 -49.44 18.19
CA MET G 433 -5.29 -48.55 19.05
C MET G 433 -4.76 -47.14 18.94
N ASP G 434 -5.61 -46.15 19.20
CA ASP G 434 -5.21 -44.76 19.04
C ASP G 434 -4.14 -44.39 20.06
N ALA G 435 -3.14 -43.63 19.59
CA ALA G 435 -2.09 -43.12 20.46
C ALA G 435 -2.49 -41.84 21.18
N ARG G 436 -3.56 -41.19 20.76
CA ARG G 436 -3.99 -39.92 21.35
C ARG G 436 -4.55 -40.21 22.73
N LEU G 437 -3.68 -40.14 23.74
CA LEU G 437 -4.09 -40.40 25.11
C LEU G 437 -4.93 -39.28 25.70
N VAL G 438 -4.83 -38.07 25.16
CA VAL G 438 -5.68 -36.98 25.61
C VAL G 438 -7.15 -37.26 25.30
N GLU G 439 -7.42 -37.76 24.09
CA GLU G 439 -8.79 -38.07 23.71
C GLU G 439 -9.35 -39.23 24.53
N ILE G 440 -8.55 -40.26 24.76
CA ILE G 440 -8.99 -41.37 25.59
C ILE G 440 -9.22 -40.90 27.02
N ARG G 441 -8.39 -39.99 27.51
CA ARG G 441 -8.58 -39.43 28.85
C ARG G 441 -9.88 -38.63 28.93
N ALA G 442 -10.20 -37.86 27.89
CA ALA G 442 -11.45 -37.13 27.88
C ALA G 442 -12.65 -38.07 27.85
N LEU G 443 -12.57 -39.13 27.04
CA LEU G 443 -13.65 -40.11 27.01
C LEU G 443 -13.80 -40.80 28.36
N ALA G 444 -12.69 -41.10 29.03
CA ALA G 444 -12.75 -41.68 30.36
C ALA G 444 -13.34 -40.69 31.38
N GLU G 445 -13.03 -39.41 31.24
CA GLU G 445 -13.64 -38.40 32.10
C GLU G 445 -15.16 -38.42 31.94
N GLU G 446 -15.63 -38.40 30.70
CA GLU G 446 -17.07 -38.43 30.47
C GLU G 446 -17.70 -39.72 30.98
N ALA G 447 -17.02 -40.86 30.79
CA ALA G 447 -17.54 -42.13 31.32
C ALA G 447 -17.61 -42.13 32.84
N ALA G 448 -16.60 -41.55 33.50
CA ALA G 448 -16.64 -41.45 34.96
C ALA G 448 -17.77 -40.56 35.43
N VAL G 449 -18.01 -39.45 34.72
CA VAL G 449 -19.10 -38.55 35.08
C VAL G 449 -20.44 -39.27 34.91
N LEU G 450 -20.61 -39.99 33.81
CA LEU G 450 -21.86 -40.72 33.58
C LEU G 450 -21.98 -41.98 34.41
N GLY G 451 -20.90 -42.42 35.08
CA GLY G 451 -20.96 -43.62 35.89
C GLY G 451 -20.62 -43.39 37.34
N GLY G 452 -20.52 -42.13 37.75
CA GLY G 452 -20.22 -41.81 39.14
C GLY G 452 -18.77 -42.00 39.53
N GLY G 453 -17.85 -41.79 38.59
CA GLY G 453 -16.44 -41.89 38.86
C GLY G 453 -15.80 -43.21 38.50
N LEU G 454 -16.59 -44.25 38.29
CA LEU G 454 -16.10 -45.58 37.96
C LEU G 454 -16.34 -45.87 36.49
N LEU G 455 -15.31 -46.35 35.81
CA LEU G 455 -15.41 -46.70 34.39
C LEU G 455 -15.72 -48.18 34.27
N THR G 456 -17.01 -48.51 34.26
CA THR G 456 -17.43 -49.85 33.93
C THR G 456 -17.74 -49.92 32.43
N ALA G 457 -18.09 -51.11 31.95
CA ALA G 457 -18.43 -51.25 30.54
C ALA G 457 -19.63 -50.39 30.18
N GLU G 458 -20.64 -50.36 31.06
CA GLU G 458 -21.83 -49.55 30.81
C GLU G 458 -21.50 -48.06 30.78
N SER G 459 -20.61 -47.61 31.68
CA SER G 459 -20.24 -46.20 31.70
C SER G 459 -19.56 -45.78 30.41
N VAL G 460 -18.63 -46.59 29.91
CA VAL G 460 -17.93 -46.25 28.67
C VAL G 460 -18.87 -46.33 27.49
N GLU G 461 -19.76 -47.33 27.46
CA GLU G 461 -20.74 -47.42 26.39
C GLU G 461 -21.64 -46.20 26.38
N GLN G 462 -22.09 -45.76 27.55
CA GLN G 462 -22.93 -44.57 27.64
C GLN G 462 -22.17 -43.32 27.21
N ALA G 463 -20.89 -43.23 27.58
CA ALA G 463 -20.10 -42.07 27.17
C ALA G 463 -19.94 -42.02 25.65
N ILE G 464 -19.68 -43.17 25.02
CA ILE G 464 -19.54 -43.20 23.57
C ILE G 464 -20.86 -42.90 22.89
N ALA G 465 -21.97 -43.44 23.42
CA ALA G 465 -23.28 -43.15 22.86
C ALA G 465 -23.61 -41.67 22.98
N ALA G 466 -23.28 -41.05 24.11
CA ALA G 466 -23.51 -39.63 24.28
C ALA G 466 -22.64 -38.80 23.35
N ARG G 467 -21.39 -39.23 23.12
CA ARG G 467 -20.54 -38.54 22.17
C ARG G 467 -21.13 -38.59 20.76
N GLU G 468 -21.66 -39.75 20.37
CA GLU G 468 -22.33 -39.85 19.08
C GLU G 468 -23.57 -38.97 19.04
N HIS G 469 -24.33 -38.95 20.12
CA HIS G 469 -25.60 -38.23 20.14
C HIS G 469 -25.39 -36.72 20.09
N ARG G 470 -24.35 -36.21 20.74
CA ARG G 470 -24.14 -34.77 20.81
C ARG G 470 -23.84 -34.15 19.46
N SER G 471 -23.38 -34.95 18.49
CA SER G 471 -23.13 -34.47 17.14
C SER G 471 -24.01 -35.17 16.11
N PHE G 472 -25.17 -35.66 16.53
CA PHE G 472 -26.06 -36.45 15.69
C PHE G 472 -27.18 -35.62 15.07
N LEU G 473 -27.16 -34.30 15.25
CA LEU G 473 -28.28 -33.47 14.77
C LEU G 473 -28.41 -33.55 13.25
N SER G 474 -27.30 -33.42 12.53
CA SER G 474 -27.35 -33.47 11.07
C SER G 474 -27.83 -34.84 10.58
N GLU G 475 -27.32 -35.91 11.19
CA GLU G 475 -27.76 -37.24 10.80
C GLU G 475 -29.21 -37.49 11.18
N GLU G 476 -29.66 -36.95 12.31
CA GLU G 476 -31.06 -37.09 12.68
C GLU G 476 -31.96 -36.37 11.69
N GLU G 477 -31.56 -35.16 11.25
CA GLU G 477 -32.32 -34.46 10.23
C GLU G 477 -32.35 -35.24 8.93
N PHE G 478 -31.21 -35.81 8.53
CA PHE G 478 -31.16 -36.61 7.30
C PHE G 478 -32.07 -37.84 7.39
N LEU G 479 -32.04 -38.53 8.53
CA LEU G 479 -32.90 -39.70 8.72
C LEU G 479 -34.37 -39.30 8.73
N ARG G 480 -34.70 -38.16 9.34
CA ARG G 480 -36.07 -37.68 9.31
C ARG G 480 -36.52 -37.38 7.88
N ALA G 481 -35.64 -36.75 7.10
CA ALA G 481 -35.97 -36.47 5.70
C ALA G 481 -36.18 -37.76 4.92
N VAL G 482 -35.33 -38.76 5.17
CA VAL G 482 -35.47 -40.04 4.47
C VAL G 482 -36.78 -40.72 4.85
N GLN G 483 -37.11 -40.71 6.14
CA GLN G 483 -38.33 -41.38 6.59
C GLN G 483 -39.58 -40.67 6.09
N GLU G 484 -39.59 -39.34 6.11
CA GLU G 484 -40.73 -38.60 5.59
C GLU G 484 -40.90 -38.82 4.09
N GLY G 485 -39.79 -38.85 3.36
CA GLY G 485 -39.82 -38.94 1.91
C GLY G 485 -39.18 -37.78 1.20
N VAL G 486 -38.64 -36.79 1.91
CA VAL G 486 -37.97 -35.66 1.26
C VAL G 486 -36.77 -36.16 0.48
N ILE G 487 -35.97 -37.04 1.09
CA ILE G 487 -34.86 -37.71 0.42
C ILE G 487 -35.26 -39.16 0.25
N ARG G 488 -35.45 -39.57 -1.00
CA ARG G 488 -35.91 -40.92 -1.30
C ARG G 488 -34.73 -41.78 -1.75
N LEU G 489 -34.41 -42.77 -0.95
CA LEU G 489 -33.35 -43.73 -1.25
C LEU G 489 -33.96 -45.11 -1.44
N ARG G 490 -33.57 -45.79 -2.51
CA ARG G 490 -34.03 -47.14 -2.78
C ARG G 490 -33.19 -48.11 -1.96
N THR G 491 -33.83 -48.77 -0.99
CA THR G 491 -33.16 -49.75 -0.15
C THR G 491 -33.72 -51.15 -0.40
N THR G 492 -34.69 -51.27 -1.30
CA THR G 492 -35.26 -52.56 -1.67
C THR G 492 -35.42 -52.62 -3.18
N GLY G 493 -35.47 -53.83 -3.70
CA GLY G 493 -35.72 -54.04 -5.12
C GLY G 493 -34.49 -53.78 -5.98
N ARG G 494 -34.72 -53.84 -7.29
CA ARG G 494 -33.68 -53.65 -8.29
C ARG G 494 -33.90 -52.34 -9.04
N ALA G 495 -32.79 -51.80 -9.55
CA ALA G 495 -32.85 -50.57 -10.34
C ALA G 495 -31.71 -50.58 -11.35
N VAL G 496 -31.99 -50.06 -12.54
CA VAL G 496 -31.00 -50.04 -13.62
C VAL G 496 -30.26 -48.72 -13.62
N GLY G 497 -28.94 -48.79 -13.51
CA GLY G 497 -28.11 -47.60 -13.55
C GLY G 497 -28.09 -46.80 -12.27
N GLU G 498 -28.70 -47.29 -11.20
CA GLU G 498 -28.74 -46.59 -9.92
C GLU G 498 -28.09 -47.45 -8.85
N VAL G 499 -27.30 -46.81 -8.01
CA VAL G 499 -26.57 -47.49 -6.94
C VAL G 499 -26.64 -46.63 -5.69
N ASN G 500 -26.43 -47.25 -4.54
CA ASN G 500 -26.39 -46.54 -3.26
C ASN G 500 -24.93 -46.33 -2.88
N SER G 501 -24.35 -45.24 -3.36
CA SER G 501 -23.00 -44.89 -2.94
C SER G 501 -23.00 -44.51 -1.47
N LEU G 502 -21.83 -44.62 -0.85
CA LEU G 502 -21.66 -44.26 0.56
C LEU G 502 -20.69 -43.09 0.65
N VAL G 503 -21.17 -41.95 1.15
CA VAL G 503 -20.37 -40.74 1.17
C VAL G 503 -20.24 -40.24 2.59
N VAL G 504 -19.10 -39.60 2.86
CA VAL G 504 -18.86 -38.91 4.12
C VAL G 504 -19.05 -37.43 3.84
N VAL G 505 -20.05 -36.83 4.48
CA VAL G 505 -20.46 -35.47 4.15
C VAL G 505 -19.49 -34.48 4.77
N GLU G 506 -18.87 -33.65 3.93
CA GLU G 506 -18.04 -32.55 4.38
C GLU G 506 -18.74 -31.20 4.27
N ALA G 507 -19.81 -31.09 3.48
CA ALA G 507 -20.69 -29.93 3.54
C ALA G 507 -21.60 -29.97 4.77
N ALA G 508 -21.38 -30.93 5.66
CA ALA G 508 -22.15 -31.15 6.88
C ALA G 508 -21.18 -31.74 7.91
N PRO G 509 -21.59 -31.95 9.16
CA PRO G 509 -20.72 -32.64 10.10
C PRO G 509 -20.30 -34.02 9.59
N TYR G 510 -19.05 -34.38 9.88
CA TYR G 510 -18.46 -35.62 9.39
C TYR G 510 -19.27 -36.85 9.81
N TRP G 511 -19.91 -37.49 8.85
CA TRP G 511 -20.79 -38.62 9.08
C TRP G 511 -20.97 -39.37 7.78
N GLY G 512 -21.06 -40.69 7.86
CA GLY G 512 -21.31 -41.49 6.66
C GLY G 512 -22.80 -41.62 6.41
N ARG G 513 -23.17 -41.60 5.13
CA ARG G 513 -24.58 -41.73 4.76
C ARG G 513 -24.67 -42.14 3.30
N PRO G 514 -25.73 -42.81 2.90
CA PRO G 514 -25.88 -43.22 1.50
C PRO G 514 -26.34 -42.07 0.62
N ALA G 515 -26.14 -42.26 -0.68
CA ALA G 515 -26.52 -41.30 -1.70
C ALA G 515 -26.88 -42.05 -2.96
N ARG G 516 -28.02 -41.75 -3.55
CA ARG G 516 -28.42 -42.41 -4.79
C ARG G 516 -27.63 -41.83 -5.95
N LEU G 517 -26.69 -42.62 -6.47
CA LEU G 517 -25.88 -42.24 -7.61
C LEU G 517 -26.42 -42.92 -8.86
N THR G 518 -26.72 -42.12 -9.88
CA THR G 518 -27.35 -42.62 -11.09
C THR G 518 -26.40 -42.48 -12.27
N ALA G 519 -26.44 -43.47 -13.15
CA ALA G 519 -25.69 -43.43 -14.40
C ALA G 519 -26.66 -43.62 -15.55
N ARG G 520 -26.60 -42.72 -16.52
CA ARG G 520 -27.42 -42.80 -17.72
C ARG G 520 -26.51 -43.05 -18.91
N ALA G 521 -26.77 -44.13 -19.64
CA ALA G 521 -25.98 -44.51 -20.80
C ALA G 521 -26.76 -44.15 -22.05
N ALA G 522 -26.14 -43.36 -22.92
CA ALA G 522 -26.76 -42.93 -24.16
C ALA G 522 -25.83 -43.19 -25.33
N PRO G 523 -26.36 -43.40 -26.53
CA PRO G 523 -25.47 -43.48 -27.69
C PRO G 523 -24.76 -42.15 -27.90
N GLY G 524 -23.49 -42.24 -28.26
CA GLY G 524 -22.68 -41.04 -28.40
C GLY G 524 -21.19 -41.31 -28.44
N ARG G 525 -20.42 -40.34 -27.98
CA ARG G 525 -18.97 -40.42 -28.02
C ARG G 525 -18.47 -41.38 -26.93
N ASP G 526 -17.16 -41.55 -26.88
CA ASP G 526 -16.51 -42.24 -25.78
C ASP G 526 -16.38 -41.37 -24.54
N HIS G 527 -17.06 -40.23 -24.52
CA HIS G 527 -16.97 -39.28 -23.41
C HIS G 527 -17.71 -39.83 -22.19
N LEU G 528 -17.08 -39.71 -21.03
CA LEU G 528 -17.70 -40.04 -19.76
C LEU G 528 -17.96 -38.73 -19.02
N ILE G 529 -19.23 -38.39 -18.86
CA ILE G 529 -19.64 -37.13 -18.25
C ILE G 529 -19.87 -37.36 -16.77
N SER G 530 -19.25 -36.53 -15.94
CA SER G 530 -19.48 -36.53 -14.50
C SER G 530 -20.15 -35.21 -14.15
N ILE G 531 -21.47 -35.26 -14.00
CA ILE G 531 -22.25 -34.03 -13.81
C ILE G 531 -21.84 -33.32 -12.53
N ASP G 532 -21.54 -34.07 -11.47
CA ASP G 532 -21.13 -33.46 -10.22
C ASP G 532 -19.74 -32.85 -10.29
N ARG G 533 -18.83 -33.42 -11.07
CA ARG G 533 -17.50 -32.85 -11.25
C ARG G 533 -17.44 -31.77 -12.31
N GLU G 534 -18.50 -31.60 -13.09
CA GLU G 534 -18.58 -30.56 -14.12
C GLU G 534 -19.81 -29.70 -13.83
N ALA G 535 -19.64 -28.72 -12.95
CA ALA G 535 -20.65 -27.72 -12.61
C ALA G 535 -20.00 -26.35 -12.54
N GLY G 536 -19.16 -26.05 -13.54
CA GLY G 536 -18.29 -24.90 -13.47
C GLY G 536 -16.91 -25.32 -12.99
N LEU G 537 -15.87 -24.90 -13.71
CA LEU G 537 -14.49 -25.33 -13.43
C LEU G 537 -14.37 -26.85 -13.49
N GLY G 538 -15.05 -27.44 -14.47
CA GLY G 538 -15.01 -28.88 -14.65
C GLY G 538 -14.84 -29.31 -16.10
N GLY G 539 -14.82 -28.33 -17.01
CA GLY G 539 -14.66 -28.63 -18.42
C GLY G 539 -13.22 -28.53 -18.87
N GLN G 540 -12.54 -27.46 -18.45
CA GLN G 540 -11.12 -27.33 -18.77
C GLN G 540 -10.27 -28.23 -17.88
N ILE G 541 -10.85 -28.77 -16.82
CA ILE G 541 -10.13 -29.57 -15.84
C ILE G 541 -10.39 -31.05 -16.11
N PHE G 542 -9.31 -31.81 -16.24
CA PHE G 542 -9.40 -33.26 -16.33
C PHE G 542 -9.39 -33.85 -14.92
N HIS G 543 -10.37 -34.70 -14.65
CA HIS G 543 -10.54 -35.28 -13.32
C HIS G 543 -9.96 -36.68 -13.29
N LYS G 544 -9.18 -36.98 -12.26
CA LYS G 544 -8.54 -38.29 -12.16
C LYS G 544 -9.56 -39.40 -12.06
N ALA G 545 -10.68 -39.17 -11.36
CA ALA G 545 -11.74 -40.18 -11.29
C ALA G 545 -12.35 -40.43 -12.65
N VAL G 546 -12.65 -39.37 -13.40
CA VAL G 546 -13.23 -39.52 -14.73
C VAL G 546 -12.24 -40.21 -15.67
N LEU G 547 -10.96 -39.84 -15.58
CA LEU G 547 -9.94 -40.49 -16.40
C LEU G 547 -9.84 -41.97 -16.07
N THR G 548 -9.88 -42.32 -14.78
CA THR G 548 -9.82 -43.72 -14.38
C THR G 548 -11.02 -44.51 -14.91
N LEU G 549 -12.23 -43.96 -14.74
CA LEU G 549 -13.41 -44.66 -15.23
C LEU G 549 -13.40 -44.81 -16.74
N ALA G 550 -13.00 -43.75 -17.45
CA ALA G 550 -12.92 -43.81 -18.91
C ALA G 550 -11.89 -44.83 -19.35
N GLY G 551 -10.74 -44.88 -18.67
CA GLY G 551 -9.74 -45.87 -19.02
C GLY G 551 -10.24 -47.29 -18.83
N TYR G 552 -10.88 -47.55 -17.69
CA TYR G 552 -11.44 -48.88 -17.46
C TYR G 552 -12.45 -49.25 -18.53
N LEU G 553 -13.40 -48.35 -18.80
CA LEU G 553 -14.46 -48.67 -19.76
C LEU G 553 -13.92 -48.85 -21.16
N ARG G 554 -12.98 -48.00 -21.58
CA ARG G 554 -12.42 -48.10 -22.93
C ARG G 554 -11.59 -49.36 -23.09
N SER G 555 -10.83 -49.73 -22.05
CA SER G 555 -9.88 -50.82 -22.20
C SER G 555 -10.52 -52.19 -21.98
N ARG G 556 -11.47 -52.30 -21.06
CA ARG G 556 -12.05 -53.61 -20.75
C ARG G 556 -12.96 -54.09 -21.87
N TYR G 557 -13.68 -53.16 -22.50
CA TYR G 557 -14.67 -53.49 -23.53
C TYR G 557 -14.06 -53.10 -24.87
N ILE G 558 -13.54 -54.09 -25.59
CA ILE G 558 -12.85 -53.86 -26.86
C ILE G 558 -13.55 -54.72 -27.91
N GLU G 559 -14.57 -54.16 -28.55
CA GLU G 559 -15.17 -54.71 -29.76
C GLU G 559 -15.37 -53.66 -30.82
N HIS G 560 -15.36 -52.38 -30.47
CA HIS G 560 -15.36 -51.28 -31.40
C HIS G 560 -14.17 -50.38 -31.07
N GLY G 561 -13.74 -49.58 -32.04
CA GLY G 561 -12.55 -48.79 -31.88
C GLY G 561 -12.70 -47.60 -30.95
N SER G 562 -13.77 -47.59 -30.17
CA SER G 562 -14.03 -46.57 -29.15
C SER G 562 -15.25 -47.04 -28.36
N LEU G 563 -15.50 -46.38 -27.26
CA LEU G 563 -16.68 -46.68 -26.47
C LEU G 563 -17.90 -46.08 -27.16
N PRO G 564 -18.85 -46.89 -27.63
CA PRO G 564 -19.96 -46.34 -28.43
C PRO G 564 -21.05 -45.73 -27.58
N VAL G 565 -20.77 -45.54 -26.29
CA VAL G 565 -21.74 -45.07 -25.33
C VAL G 565 -21.12 -43.96 -24.49
N THR G 566 -21.92 -42.95 -24.17
CA THR G 566 -21.55 -41.90 -23.24
C THR G 566 -22.35 -42.11 -21.96
N ILE G 567 -21.65 -42.13 -20.82
CA ILE G 567 -22.26 -42.37 -19.52
C ILE G 567 -22.21 -41.07 -18.73
N SER G 568 -23.38 -40.60 -18.33
CA SER G 568 -23.48 -39.42 -17.47
C SER G 568 -23.75 -39.91 -16.04
N LEU G 569 -22.86 -39.55 -15.12
CA LEU G 569 -22.93 -39.97 -13.73
C LEU G 569 -23.30 -38.77 -12.88
N ALA G 570 -24.38 -38.90 -12.11
CA ALA G 570 -24.86 -37.82 -11.27
C ALA G 570 -25.16 -38.33 -9.87
N PHE G 571 -24.70 -37.60 -8.87
CA PHE G 571 -25.13 -37.79 -7.49
C PHE G 571 -26.42 -37.00 -7.28
N GLU G 572 -27.54 -37.70 -7.23
CA GLU G 572 -28.78 -37.12 -6.77
C GLU G 572 -28.61 -36.59 -5.35
N GLN G 573 -29.43 -35.61 -4.99
CA GLN G 573 -29.50 -35.15 -3.60
C GLN G 573 -28.15 -34.62 -3.11
N ASN G 574 -27.74 -33.46 -3.62
CA ASN G 574 -26.53 -32.80 -3.13
C ASN G 574 -26.64 -32.61 -1.62
N TYR G 575 -25.54 -32.22 -0.98
CA TYR G 575 -24.95 -32.68 0.29
C TYR G 575 -23.96 -33.79 0.04
N VAL G 576 -23.78 -34.22 -1.21
CA VAL G 576 -22.76 -35.21 -1.54
C VAL G 576 -21.47 -34.47 -1.85
N SER G 577 -20.48 -34.61 -0.97
CA SER G 577 -19.17 -34.01 -1.16
C SER G 577 -18.31 -34.98 -1.98
N ILE G 578 -18.12 -34.68 -3.24
CA ILE G 578 -17.45 -35.58 -4.17
C ILE G 578 -15.95 -35.44 -4.03
N GLU G 579 -15.25 -36.57 -4.09
CA GLU G 579 -13.80 -36.55 -3.96
C GLU G 579 -13.12 -35.97 -5.18
N GLY G 580 -13.55 -36.38 -6.37
CA GLY G 580 -13.01 -35.88 -7.63
C GLY G 580 -11.71 -36.55 -8.08
N ASP G 581 -10.81 -36.82 -7.15
CA ASP G 581 -9.53 -37.44 -7.46
C ASP G 581 -9.56 -38.96 -7.36
N SER G 582 -10.61 -39.54 -6.78
CA SER G 582 -10.72 -40.99 -6.62
C SER G 582 -11.97 -41.47 -7.36
N ALA G 583 -11.79 -42.47 -8.21
CA ALA G 583 -12.92 -43.06 -8.92
C ALA G 583 -13.60 -44.07 -8.01
N GLY G 584 -14.88 -43.85 -7.73
CA GLY G 584 -15.60 -44.72 -6.84
C GLY G 584 -16.02 -46.02 -7.52
N LEU G 585 -16.14 -47.07 -6.71
CA LEU G 585 -16.66 -48.33 -7.22
C LEU G 585 -18.14 -48.21 -7.56
N ALA G 586 -18.87 -47.38 -6.81
CA ALA G 586 -20.28 -47.16 -7.11
C ALA G 586 -20.46 -46.54 -8.50
N GLU G 587 -19.60 -45.58 -8.85
CA GLU G 587 -19.69 -44.97 -10.18
C GLU G 587 -19.46 -46.01 -11.26
N LEU G 588 -18.46 -46.87 -11.10
CA LEU G 588 -18.17 -47.87 -12.11
C LEU G 588 -19.30 -48.89 -12.24
N VAL G 589 -19.84 -49.38 -11.12
CA VAL G 589 -20.89 -50.37 -11.22
C VAL G 589 -22.16 -49.74 -11.78
N ALA G 590 -22.45 -48.48 -11.43
CA ALA G 590 -23.59 -47.80 -12.02
C ALA G 590 -23.42 -47.62 -13.53
N ALA G 591 -22.21 -47.26 -13.97
CA ALA G 591 -21.94 -47.13 -15.39
C ALA G 591 -22.11 -48.46 -16.12
N LEU G 592 -21.61 -49.54 -15.52
CA LEU G 592 -21.78 -50.86 -16.13
C LEU G 592 -23.24 -51.27 -16.20
N SER G 593 -24.01 -50.99 -15.15
CA SER G 593 -25.44 -51.27 -15.17
C SER G 593 -26.16 -50.47 -16.25
N ALA G 594 -25.81 -49.19 -16.37
CA ALA G 594 -26.43 -48.35 -17.39
C ALA G 594 -26.11 -48.86 -18.79
N ILE G 595 -24.86 -49.26 -19.01
CA ILE G 595 -24.45 -49.76 -20.33
C ILE G 595 -25.16 -51.07 -20.64
N GLY G 596 -25.13 -52.02 -19.70
CA GLY G 596 -25.69 -53.33 -19.94
C GLY G 596 -27.13 -53.53 -19.56
N ASN G 597 -27.81 -52.49 -19.09
CA ASN G 597 -29.20 -52.56 -18.65
C ASN G 597 -29.37 -53.64 -17.57
N LEU G 598 -28.41 -53.67 -16.64
CA LEU G 598 -28.40 -54.66 -15.56
C LEU G 598 -29.08 -54.08 -14.34
N PRO G 599 -30.19 -54.65 -13.88
CA PRO G 599 -30.79 -54.16 -12.63
C PRO G 599 -29.99 -54.55 -11.41
N LEU G 600 -29.29 -53.58 -10.81
CA LEU G 600 -28.53 -53.81 -9.60
C LEU G 600 -29.46 -53.85 -8.39
N ARG G 601 -29.06 -54.62 -7.39
CA ARG G 601 -29.77 -54.65 -6.12
C ARG G 601 -29.62 -53.31 -5.41
N GLN G 602 -30.74 -52.75 -4.97
CA GLN G 602 -30.71 -51.55 -4.15
C GLN G 602 -30.64 -51.87 -2.67
N ASP G 603 -30.67 -53.15 -2.30
CA ASP G 603 -30.45 -53.55 -0.92
C ASP G 603 -29.06 -53.16 -0.45
N LEU G 604 -28.07 -53.34 -1.31
CA LEU G 604 -26.67 -53.20 -0.94
C LEU G 604 -26.15 -51.82 -1.34
N ALA G 605 -25.52 -51.14 -0.39
CA ALA G 605 -24.77 -49.95 -0.71
C ALA G 605 -23.36 -50.31 -1.16
N VAL G 606 -22.80 -49.47 -2.01
CA VAL G 606 -21.50 -49.73 -2.61
C VAL G 606 -20.56 -48.59 -2.25
N THR G 607 -19.43 -48.92 -1.65
CA THR G 607 -18.39 -47.97 -1.28
C THR G 607 -17.04 -48.50 -1.73
N GLY G 608 -16.05 -47.62 -1.67
CA GLY G 608 -14.70 -48.01 -2.04
C GLY G 608 -14.30 -47.40 -3.37
N ALA G 609 -13.04 -47.00 -3.47
CA ALA G 609 -12.50 -46.48 -4.71
C ALA G 609 -12.23 -47.63 -5.67
N VAL G 610 -12.02 -47.29 -6.94
CA VAL G 610 -11.75 -48.29 -7.97
C VAL G 610 -10.54 -47.84 -8.76
N ASP G 611 -9.84 -48.81 -9.34
CA ASP G 611 -8.66 -48.57 -10.17
C ASP G 611 -9.02 -48.80 -11.63
N GLN G 612 -8.21 -48.20 -12.52
CA GLN G 612 -8.48 -48.31 -13.95
C GLN G 612 -8.36 -49.74 -14.47
N THR G 613 -7.75 -50.64 -13.70
CA THR G 613 -7.74 -52.06 -14.02
C THR G 613 -8.92 -52.80 -13.41
N GLY G 614 -9.81 -52.10 -12.73
CA GLY G 614 -10.90 -52.76 -12.03
C GLY G 614 -10.54 -53.24 -10.65
N LYS G 615 -9.57 -52.62 -9.99
CA LYS G 615 -9.14 -52.99 -8.65
C LYS G 615 -9.80 -52.05 -7.65
N VAL G 616 -10.49 -52.64 -6.67
CA VAL G 616 -11.17 -51.86 -5.65
C VAL G 616 -10.16 -51.50 -4.57
N LEU G 617 -9.99 -50.20 -4.33
CA LEU G 617 -9.01 -49.70 -3.38
C LEU G 617 -9.69 -49.28 -2.08
N ALA G 618 -8.88 -49.22 -1.01
CA ALA G 618 -9.39 -48.84 0.30
C ALA G 618 -9.81 -47.37 0.31
N VAL G 619 -10.77 -47.07 1.17
CA VAL G 619 -11.26 -45.71 1.35
C VAL G 619 -11.27 -45.38 2.84
N GLY G 620 -11.23 -44.09 3.13
CA GLY G 620 -11.29 -43.64 4.51
C GLY G 620 -12.70 -43.62 5.05
N ALA G 621 -12.79 -43.68 6.38
CA ALA G 621 -14.06 -43.64 7.09
C ALA G 621 -15.03 -44.72 6.60
N ILE G 622 -14.50 -45.93 6.39
CA ILE G 622 -15.36 -47.04 5.98
C ILE G 622 -16.37 -47.36 7.07
N ASN G 623 -15.97 -47.27 8.33
CA ASN G 623 -16.89 -47.53 9.43
C ASN G 623 -18.04 -46.54 9.42
N ALA G 624 -17.73 -45.26 9.18
CA ALA G 624 -18.78 -44.24 9.13
C ALA G 624 -19.78 -44.53 8.03
N LYS G 625 -19.29 -44.92 6.85
CA LYS G 625 -20.17 -45.18 5.72
C LYS G 625 -21.06 -46.39 5.98
N VAL G 626 -20.46 -47.49 6.46
CA VAL G 626 -21.24 -48.70 6.72
C VAL G 626 -22.27 -48.43 7.81
N GLU G 627 -21.88 -47.74 8.88
CA GLU G 627 -22.82 -47.42 9.94
C GLU G 627 -23.92 -46.48 9.48
N GLY G 628 -23.61 -45.53 8.59
CA GLY G 628 -24.64 -44.66 8.07
C GLY G 628 -25.64 -45.40 7.21
N PHE G 629 -25.17 -46.30 6.36
CA PHE G 629 -26.12 -47.08 5.57
C PHE G 629 -26.96 -47.98 6.46
N PHE G 630 -26.35 -48.59 7.48
CA PHE G 630 -27.14 -49.40 8.41
C PHE G 630 -28.16 -48.55 9.14
N ARG G 631 -27.78 -47.32 9.49
CA ARG G 631 -28.69 -46.40 10.15
C ARG G 631 -29.90 -46.10 9.27
N VAL G 632 -29.65 -45.83 7.99
CA VAL G 632 -30.74 -45.57 7.06
C VAL G 632 -31.62 -46.80 6.87
N CYS G 633 -30.99 -47.97 6.76
CA CYS G 633 -31.76 -49.22 6.61
C CYS G 633 -32.64 -49.49 7.83
N LYS G 634 -32.10 -49.28 9.03
CA LYS G 634 -32.87 -49.52 10.24
C LYS G 634 -33.96 -48.47 10.43
N ALA G 635 -33.73 -47.23 9.96
CA ALA G 635 -34.76 -46.21 10.03
C ALA G 635 -35.97 -46.60 9.19
N LEU G 636 -35.73 -47.17 8.01
CA LEU G 636 -36.80 -47.61 7.13
C LEU G 636 -37.20 -49.06 7.37
N GLY G 637 -36.60 -49.72 8.36
CA GLY G 637 -36.89 -51.12 8.62
C GLY G 637 -35.90 -52.05 7.95
N LEU G 638 -35.32 -52.97 8.72
CA LEU G 638 -34.33 -53.89 8.19
C LEU G 638 -35.01 -54.98 7.39
N SER G 639 -34.72 -55.03 6.08
CA SER G 639 -35.33 -56.03 5.22
C SER G 639 -34.75 -57.42 5.42
N GLY G 640 -33.57 -57.52 6.02
CA GLY G 640 -32.90 -58.79 6.19
C GLY G 640 -31.97 -59.17 5.06
N THR G 641 -32.01 -58.44 3.94
CA THR G 641 -31.11 -58.67 2.82
C THR G 641 -30.24 -57.47 2.52
N GLN G 642 -30.39 -56.37 3.24
CA GLN G 642 -29.58 -55.19 3.00
C GLN G 642 -28.15 -55.42 3.44
N GLY G 643 -27.25 -54.62 2.89
CA GLY G 643 -25.84 -54.77 3.21
C GLY G 643 -25.02 -53.69 2.55
N VAL G 644 -23.71 -53.84 2.69
CA VAL G 644 -22.73 -52.90 2.15
C VAL G 644 -21.66 -53.68 1.42
N ILE G 645 -21.36 -53.25 0.19
CA ILE G 645 -20.26 -53.79 -0.59
C ILE G 645 -19.06 -52.87 -0.39
N LEU G 646 -17.98 -53.39 0.16
CA LEU G 646 -16.79 -52.64 0.53
C LEU G 646 -15.55 -53.41 0.12
N PRO G 647 -14.43 -52.71 -0.06
CA PRO G 647 -13.20 -53.39 -0.48
C PRO G 647 -12.66 -54.33 0.59
N GLU G 648 -12.00 -55.40 0.12
CA GLU G 648 -11.28 -56.26 1.05
C GLU G 648 -10.12 -55.55 1.70
N ALA G 649 -9.66 -54.44 1.13
CA ALA G 649 -8.58 -53.67 1.74
C ALA G 649 -9.03 -53.01 3.05
N ASN G 650 -10.33 -52.84 3.24
CA ASN G 650 -10.85 -52.13 4.41
C ASN G 650 -11.19 -53.02 5.58
N LEU G 651 -11.02 -54.35 5.45
CA LEU G 651 -11.26 -55.22 6.60
C LEU G 651 -10.28 -54.96 7.73
N ALA G 652 -9.11 -54.42 7.42
CA ALA G 652 -8.19 -53.96 8.47
C ALA G 652 -8.70 -52.73 9.19
N ASN G 653 -9.69 -52.03 8.63
CA ASN G 653 -10.26 -50.84 9.23
C ASN G 653 -11.69 -51.04 9.70
N LEU G 654 -12.24 -52.26 9.60
CA LEU G 654 -13.64 -52.51 9.92
C LEU G 654 -13.77 -52.71 11.42
N THR G 655 -14.17 -51.64 12.11
CA THR G 655 -14.40 -51.68 13.55
C THR G 655 -15.85 -51.31 13.83
N LEU G 656 -16.76 -51.94 13.10
CA LEU G 656 -18.18 -51.60 13.15
C LEU G 656 -18.71 -51.58 14.57
N ARG G 657 -19.71 -50.74 14.80
CA ARG G 657 -20.29 -50.58 16.12
C ARG G 657 -21.07 -51.83 16.53
N ALA G 658 -21.58 -51.80 17.76
CA ALA G 658 -22.25 -52.97 18.32
C ALA G 658 -23.52 -53.32 17.56
N GLU G 659 -24.33 -52.32 17.19
CA GLU G 659 -25.60 -52.58 16.53
C GLU G 659 -25.40 -53.21 15.14
N VAL G 660 -24.42 -52.71 14.39
CA VAL G 660 -24.15 -53.28 13.07
C VAL G 660 -23.71 -54.72 13.18
N LEU G 661 -22.85 -55.02 14.16
CA LEU G 661 -22.39 -56.39 14.36
C LEU G 661 -23.53 -57.30 14.82
N GLU G 662 -24.43 -56.77 15.67
CA GLU G 662 -25.59 -57.54 16.08
C GLU G 662 -26.48 -57.88 14.89
N ALA G 663 -26.69 -56.91 13.99
CA ALA G 663 -27.47 -57.17 12.79
C ALA G 663 -26.77 -58.18 11.88
N VAL G 664 -25.45 -58.08 11.77
CA VAL G 664 -24.70 -59.00 10.93
C VAL G 664 -24.80 -60.43 11.45
N ARG G 665 -24.66 -60.60 12.76
CA ARG G 665 -24.82 -61.93 13.34
C ARG G 665 -26.26 -62.43 13.26
N ALA G 666 -27.24 -61.54 13.34
CA ALA G 666 -28.63 -61.93 13.22
C ALA G 666 -29.05 -62.17 11.78
N GLY G 667 -28.19 -61.87 10.81
CA GLY G 667 -28.54 -62.05 9.42
C GLY G 667 -29.36 -60.95 8.81
N GLN G 668 -29.49 -59.81 9.49
CA GLN G 668 -30.27 -58.69 8.99
C GLN G 668 -29.44 -57.68 8.22
N PHE G 669 -28.11 -57.75 8.32
CA PHE G 669 -27.23 -56.86 7.58
C PHE G 669 -26.06 -57.69 7.06
N HIS G 670 -25.68 -57.46 5.80
CA HIS G 670 -24.63 -58.22 5.16
C HIS G 670 -23.48 -57.31 4.77
N ILE G 671 -22.27 -57.86 4.82
CA ILE G 671 -21.06 -57.15 4.40
C ILE G 671 -20.39 -57.98 3.32
N TYR G 672 -20.15 -57.39 2.16
CA TYR G 672 -19.52 -58.07 1.03
C TYR G 672 -18.18 -57.43 0.74
N ALA G 673 -17.10 -58.18 0.96
CA ALA G 673 -15.75 -57.72 0.68
C ALA G 673 -15.40 -58.08 -0.75
N VAL G 674 -15.01 -57.07 -1.54
CA VAL G 674 -14.75 -57.26 -2.95
C VAL G 674 -13.33 -56.83 -3.27
N GLU G 675 -12.68 -57.59 -4.15
CA GLU G 675 -11.36 -57.25 -4.67
C GLU G 675 -11.42 -56.48 -5.98
N THR G 676 -12.31 -56.88 -6.89
CA THR G 676 -12.43 -56.27 -8.20
C THR G 676 -13.85 -55.74 -8.40
N ALA G 677 -13.97 -54.79 -9.33
CA ALA G 677 -15.29 -54.23 -9.64
C ALA G 677 -16.21 -55.28 -10.26
N GLU G 678 -15.63 -56.28 -10.92
CA GLU G 678 -16.44 -57.37 -11.46
C GLU G 678 -17.15 -58.14 -10.35
N GLN G 679 -16.47 -58.36 -9.22
CA GLN G 679 -17.12 -59.01 -8.10
C GLN G 679 -18.26 -58.17 -7.55
N ALA G 680 -18.06 -56.85 -7.44
CA ALA G 680 -19.12 -55.97 -6.96
C ALA G 680 -20.32 -56.01 -7.90
N LEU G 681 -20.08 -55.98 -9.21
CA LEU G 681 -21.17 -56.07 -10.16
C LEU G 681 -21.86 -57.43 -10.09
N GLU G 682 -21.10 -58.50 -9.86
CA GLU G 682 -21.70 -59.82 -9.69
C GLU G 682 -22.63 -59.85 -8.49
N ILE G 683 -22.21 -59.25 -7.38
CA ILE G 683 -23.04 -59.24 -6.17
C ILE G 683 -24.27 -58.37 -6.38
N LEU G 684 -24.09 -57.22 -7.03
CA LEU G 684 -25.22 -56.29 -7.21
C LEU G 684 -26.25 -56.86 -8.16
N ALA G 685 -25.82 -57.37 -9.32
CA ALA G 685 -26.75 -57.89 -10.31
C ALA G 685 -27.16 -59.33 -10.05
N GLY G 686 -26.53 -60.00 -9.09
CA GLY G 686 -26.89 -61.36 -8.77
C GLY G 686 -26.66 -62.35 -9.88
N ALA G 687 -25.63 -62.15 -10.69
CA ALA G 687 -25.31 -63.06 -11.78
C ALA G 687 -23.82 -63.03 -12.04
N ARG G 688 -23.29 -64.16 -12.49
CA ARG G 688 -21.87 -64.28 -12.79
C ARG G 688 -21.54 -63.52 -14.07
N MET G 689 -20.37 -62.88 -14.08
CA MET G 689 -19.96 -62.09 -15.24
C MET G 689 -19.80 -62.96 -16.47
N GLU G 690 -19.02 -64.04 -16.37
CA GLU G 690 -18.75 -64.92 -17.49
C GLU G 690 -19.73 -66.09 -17.50
N GLY G 691 -20.07 -66.56 -18.69
CA GLY G 691 -21.03 -67.61 -18.87
C GLY G 691 -22.19 -67.17 -19.74
N PHE G 692 -23.00 -68.15 -20.14
CA PHE G 692 -24.16 -67.86 -20.97
C PHE G 692 -25.18 -67.04 -20.18
N ARG G 693 -25.68 -65.98 -20.81
CA ARG G 693 -26.58 -65.02 -20.16
C ARG G 693 -25.92 -64.39 -18.92
N GLY G 694 -24.60 -64.25 -18.95
CA GLY G 694 -23.89 -63.60 -17.88
C GLY G 694 -23.86 -62.09 -18.03
N LEU G 695 -23.32 -61.43 -17.01
CA LEU G 695 -23.29 -59.97 -17.02
C LEU G 695 -22.41 -59.44 -18.15
N GLN G 696 -21.29 -60.12 -18.41
CA GLN G 696 -20.39 -59.67 -19.46
C GLN G 696 -21.09 -59.67 -20.82
N GLU G 697 -21.84 -60.73 -21.11
CA GLU G 697 -22.56 -60.83 -22.38
C GLU G 697 -23.64 -59.75 -22.48
N LYS G 698 -24.34 -59.47 -21.38
CA LYS G 698 -25.37 -58.42 -21.41
C LYS G 698 -24.74 -57.05 -21.65
N ILE G 699 -23.62 -56.76 -21.00
CA ILE G 699 -22.95 -55.48 -21.24
C ILE G 699 -22.47 -55.39 -22.68
N ARG G 700 -21.93 -56.49 -23.21
CA ARG G 700 -21.49 -56.50 -24.61
C ARG G 700 -22.66 -56.28 -25.55
N ALA G 701 -23.81 -56.90 -25.27
CA ALA G 701 -25.00 -56.70 -26.10
C ALA G 701 -25.50 -55.26 -26.03
N GLY G 702 -25.47 -54.65 -24.84
CA GLY G 702 -25.85 -53.25 -24.73
C GLY G 702 -24.92 -52.35 -25.52
N LEU G 703 -23.61 -52.62 -25.44
CA LEU G 703 -22.65 -51.86 -26.23
C LEU G 703 -22.88 -52.04 -27.72
N GLU G 704 -23.22 -53.27 -28.14
CA GLU G 704 -23.52 -53.51 -29.55
C GLU G 704 -24.75 -52.73 -29.99
N ALA G 705 -25.78 -52.68 -29.14
CA ALA G 705 -26.98 -51.91 -29.47
C ALA G 705 -26.66 -50.43 -29.59
N PHE G 706 -25.86 -49.90 -28.66
CA PHE G 706 -25.47 -48.49 -28.74
C PHE G 706 -24.65 -48.21 -30.00
N ALA G 707 -23.76 -49.13 -30.36
CA ALA G 707 -22.99 -48.99 -31.59
C ALA G 707 -23.89 -49.02 -32.81
N ARG G 708 -24.92 -49.88 -32.81
CA ARG G 708 -25.86 -49.91 -33.92
C ARG G 708 -26.64 -48.61 -34.02
N LEU G 709 -26.99 -48.02 -32.87
CA LEU G 709 -27.64 -46.71 -32.90
C LEU G 709 -26.70 -45.65 -33.48
N GLU G 710 -25.42 -45.71 -33.13
CA GLU G 710 -24.43 -44.82 -33.74
C GLU G 710 -24.33 -45.02 -35.24
N GLU G 711 -24.32 -46.27 -35.69
CA GLU G 711 -24.30 -46.58 -37.12
C GLU G 711 -25.53 -46.05 -37.82
N GLY G 712 -26.70 -46.15 -37.18
CA GLY G 712 -27.90 -45.59 -37.76
C GLY G 712 -27.85 -44.08 -37.87
N HIS G 713 -27.32 -43.40 -36.85
CA HIS G 713 -27.18 -41.95 -36.92
C HIS G 713 -26.16 -41.55 -37.97
N ASP G 714 -25.08 -42.32 -38.11
CA ASP G 714 -24.11 -42.05 -39.16
C ASP G 714 -24.71 -42.25 -40.54
N LYS G 715 -25.67 -43.17 -40.67
CA LYS G 715 -26.39 -43.30 -41.94
C LYS G 715 -27.11 -42.01 -42.30
N GLU G 716 -27.52 -41.22 -41.31
CA GLU G 716 -28.20 -39.96 -41.60
C GLU G 716 -27.28 -38.97 -42.31
N ASP G 717 -26.00 -38.92 -41.92
CA ASP G 717 -25.06 -38.03 -42.58
C ASP G 717 -24.67 -38.51 -43.96
N ARG G 718 -24.78 -39.82 -44.24
CA ARG G 718 -24.42 -40.33 -45.55
C ARG G 718 -25.34 -39.77 -46.64
N GLU G 719 -26.63 -39.70 -46.38
CA GLU G 719 -27.59 -39.19 -47.34
C GLU G 719 -28.67 -38.35 -46.66
P PO4 H . 36.97 -0.07 -16.31
O1 PO4 H . 37.41 -0.78 -17.57
O2 PO4 H . 38.12 0.71 -15.75
O3 PO4 H . 36.84 -1.26 -15.24
O4 PO4 H . 35.29 0.88 -16.45
P PO4 I . 15.45 24.51 -28.22
O1 PO4 I . 15.83 23.87 -29.52
O2 PO4 I . 15.84 25.96 -28.24
O3 PO4 I . 16.50 23.91 -27.17
O4 PO4 I . 13.64 24.15 -27.61
P PO4 J . -18.78 29.18 -21.04
O1 PO4 J . -19.58 28.71 -22.23
O2 PO4 J . -19.01 30.65 -20.83
O3 PO4 J . -17.27 29.15 -21.60
O4 PO4 J . -18.92 28.07 -19.45
P PO4 K . -39.20 10.88 0.76
O1 PO4 K . -40.45 10.01 0.25
O2 PO4 K . -38.69 11.53 -0.50
O3 PO4 K . -39.89 11.91 1.62
O4 PO4 K . -37.94 9.73 1.68
P PO4 L . -30.64 -17.05 19.97
O1 PO4 L . -31.35 -17.94 18.98
O2 PO4 L . -31.27 -17.20 21.32
O3 PO4 L . -31.12 -15.58 19.54
O4 PO4 L . -28.70 -17.16 19.92
P PO4 M . 30.47 -25.96 6.84
O1 PO4 M . 30.24 -27.35 6.31
O2 PO4 M . 31.72 -25.95 7.69
O3 PO4 M . 29.32 -25.80 7.95
O4 PO4 M . 30.34 -24.53 5.52
P PO4 N . 0.24 -34.08 22.95
O1 PO4 N . 0.38 -35.47 22.40
O2 PO4 N . 0.24 -34.12 24.46
O3 PO4 N . -1.29 -33.71 22.62
O4 PO4 N . 1.42 -32.75 22.14
#